data_8Z59
#
_entry.id   8Z59
#
_cell.length_a   86.636
_cell.length_b   103.389
_cell.length_c   131.906
_cell.angle_alpha   104.86
_cell.angle_beta   103.96
_cell.angle_gamma   98.35
#
_symmetry.space_group_name_H-M   'P 1'
#
loop_
_entity.id
_entity.type
_entity.pdbx_description
1 polymer 'Bilirubin oxidase'
2 non-polymer 'COPPER (II) ION'
3 water water
#
_entity_poly.entity_id   1
_entity_poly.type   'polypeptide(L)'
_entity_poly.pdbx_seq_one_letter_code
;MGSSHHHHHHSSGLVPRGSHMASMTGGQQMGRGSCEKGSDKSVELDKKSDETQKAAQEPPKNIANNKFEPFTQKLKIPKE
IDFEHVAKAKFNAQKSLSALYKEKKTDILTFQGDLPNPTIRIKNGDDFELDFTNSLEKPTIIHWHGLLVPEAMDGHPKDA
IATQMLKEYRYKVNQRAGTFWYHTHPHGRTGEEIYYGLAGLYIIEDDNEKALNLPSGEFELPLIIQDRRFDKEGDLIYKE
TPQDNNGVLGDVVMVNSTVHPYKNVKNTKYRLRILNGSSARTYKLAFEGIEDFMLIGTDGGLLEEPIIVKDILIAVAERI
DIIVDFKDKKVGESVTLKTLGFKEANNFVTNPAYPDSGAKMDIMRFKVTELSTQNSQIPKKLSTIAKMKASDASKSRTIT
MEIIEGGVWTLNKKPYDMHRVDEKVKLGSTEIWEIKNSAHMAHPFHMHGVHFQVLERTSSIDFPTDKGWKDTVLVMPLES
VRIIVKFTIPGLFVHHCHILEHEDHSMMANFLVE
;
_entity_poly.pdbx_strand_id   A,B,C,D,E,F,G,H
#
# COMPACT_ATOMS: atom_id res chain seq x y z
N GLU A 69 -35.88 -29.03 -20.79
CA GLU A 69 -36.70 -27.82 -20.62
C GLU A 69 -35.88 -26.53 -20.77
N PRO A 70 -35.85 -25.98 -21.96
CA PRO A 70 -34.95 -24.86 -22.30
C PRO A 70 -35.42 -23.55 -21.76
N PHE A 71 -34.60 -22.92 -20.94
CA PHE A 71 -34.88 -21.55 -20.45
C PHE A 71 -36.22 -21.54 -19.69
N THR A 72 -36.44 -22.61 -18.92
CA THR A 72 -37.57 -22.71 -17.99
C THR A 72 -37.26 -22.03 -16.67
N GLN A 73 -36.07 -22.25 -16.11
CA GLN A 73 -35.76 -21.80 -14.77
C GLN A 73 -35.21 -20.38 -14.75
N LYS A 74 -35.57 -19.64 -13.71
CA LYS A 74 -35.16 -18.25 -13.54
C LYS A 74 -33.71 -18.17 -13.07
N LEU A 75 -32.95 -17.24 -13.66
CA LEU A 75 -31.56 -17.07 -13.27
C LEU A 75 -31.46 -16.72 -11.79
N LYS A 76 -30.56 -17.42 -11.09
CA LYS A 76 -30.27 -17.14 -9.69
C LYS A 76 -29.32 -15.96 -9.57
N ILE A 77 -29.60 -15.06 -8.64
CA ILE A 77 -28.78 -13.88 -8.39
C ILE A 77 -28.09 -14.04 -7.04
N PRO A 78 -26.77 -14.05 -6.98
CA PRO A 78 -26.11 -14.21 -5.69
C PRO A 78 -26.34 -13.00 -4.80
N LYS A 79 -26.61 -13.29 -3.53
CA LYS A 79 -26.51 -12.36 -2.42
C LYS A 79 -25.17 -11.66 -2.43
N GLU A 80 -25.15 -10.43 -1.91
CA GLU A 80 -23.92 -9.64 -1.91
C GLU A 80 -23.37 -9.54 -0.49
N ILE A 81 -22.06 -9.69 -0.38
CA ILE A 81 -21.32 -9.39 0.85
C ILE A 81 -20.62 -8.07 0.58
N ASP A 82 -21.25 -6.97 1.00
CA ASP A 82 -20.87 -5.64 0.59
C ASP A 82 -20.14 -4.97 1.74
N PHE A 83 -18.88 -4.60 1.52
CA PHE A 83 -18.07 -4.19 2.66
C PHE A 83 -18.34 -2.77 3.10
N GLU A 84 -19.38 -2.16 2.55
CA GLU A 84 -19.95 -0.99 3.17
C GLU A 84 -21.03 -1.33 4.20
N HIS A 85 -21.57 -2.56 4.13
CA HIS A 85 -22.57 -3.03 5.08
C HIS A 85 -22.03 -4.11 5.99
N VAL A 86 -20.85 -4.64 5.67
CA VAL A 86 -20.23 -5.72 6.43
C VAL A 86 -18.80 -5.30 6.75
N ALA A 87 -18.44 -5.33 8.03
CA ALA A 87 -17.03 -5.15 8.37
C ALA A 87 -16.22 -6.46 8.28
N LYS A 88 -16.81 -7.60 8.64
CA LYS A 88 -16.08 -8.85 8.64
C LYS A 88 -17.05 -9.97 8.32
N ALA A 89 -16.76 -10.75 7.29
CA ALA A 89 -17.68 -11.80 6.89
C ALA A 89 -17.14 -13.16 7.31
N LYS A 90 -17.99 -14.17 7.20
CA LYS A 90 -17.67 -15.52 7.61
C LYS A 90 -18.02 -16.49 6.49
N PHE A 91 -17.01 -17.24 6.03
CA PHE A 91 -17.17 -18.30 5.05
C PHE A 91 -16.84 -19.60 5.75
N ASN A 92 -17.58 -20.66 5.42
CA ASN A 92 -17.28 -21.98 5.98
C ASN A 92 -17.50 -23.00 4.88
N ALA A 93 -16.42 -23.54 4.34
CA ALA A 93 -16.50 -24.44 3.19
C ALA A 93 -17.14 -25.75 3.62
N GLN A 94 -18.36 -26.04 3.15
CA GLN A 94 -19.07 -27.18 3.70
C GLN A 94 -19.91 -27.90 2.65
N LYS A 95 -20.18 -29.19 2.92
CA LYS A 95 -21.07 -30.04 2.14
C LYS A 95 -22.51 -29.54 2.15
N SER A 96 -23.16 -29.60 1.02
CA SER A 96 -24.52 -29.10 0.93
C SER A 96 -25.26 -29.88 -0.12
N LEU A 97 -26.52 -29.59 -0.33
CA LEU A 97 -27.31 -30.23 -1.36
C LEU A 97 -28.14 -29.21 -2.10
N SER A 98 -28.19 -29.27 -3.41
CA SER A 98 -29.07 -28.39 -4.18
C SER A 98 -29.57 -29.10 -5.39
N ALA A 99 -30.73 -28.70 -5.86
CA ALA A 99 -31.24 -29.28 -7.07
C ALA A 99 -30.80 -28.53 -8.28
N LEU A 100 -29.58 -28.76 -8.71
CA LEU A 100 -29.11 -28.13 -9.91
C LEU A 100 -29.88 -28.63 -11.11
N TYR A 101 -30.12 -29.93 -11.19
CA TYR A 101 -30.80 -30.49 -12.34
C TYR A 101 -31.70 -31.62 -11.98
N LYS A 102 -32.78 -31.80 -12.74
CA LYS A 102 -33.70 -32.93 -12.55
C LYS A 102 -34.31 -33.01 -11.18
N GLU A 103 -34.39 -31.89 -10.50
CA GLU A 103 -34.93 -31.84 -9.15
C GLU A 103 -34.21 -32.82 -8.26
N LYS A 104 -32.94 -33.02 -8.50
CA LYS A 104 -32.23 -33.97 -7.70
C LYS A 104 -31.35 -33.14 -6.88
N LYS A 105 -31.44 -33.33 -5.60
CA LYS A 105 -30.58 -32.62 -4.76
C LYS A 105 -29.30 -33.36 -4.90
N THR A 106 -28.26 -32.66 -5.32
CA THR A 106 -27.01 -33.30 -5.56
C THR A 106 -26.02 -32.74 -4.60
N ASP A 107 -25.05 -33.52 -4.21
CA ASP A 107 -24.01 -33.07 -3.34
C ASP A 107 -23.15 -31.97 -3.93
N ILE A 108 -23.15 -30.80 -3.31
CA ILE A 108 -22.34 -29.68 -3.74
C ILE A 108 -21.49 -29.22 -2.58
N LEU A 109 -20.65 -28.22 -2.85
CA LEU A 109 -19.85 -27.55 -1.84
C LEU A 109 -20.21 -26.06 -1.87
N THR A 110 -20.50 -25.49 -0.70
CA THR A 110 -20.80 -24.06 -0.64
C THR A 110 -19.95 -23.39 0.42
N PHE A 111 -20.03 -22.06 0.42
CA PHE A 111 -19.34 -21.20 1.36
C PHE A 111 -20.23 -20.69 2.48
N GLN A 112 -21.54 -20.56 2.21
CA GLN A 112 -22.53 -20.10 3.19
C GLN A 112 -23.88 -20.80 3.02
N GLY A 113 -23.90 -22.04 2.49
CA GLY A 113 -25.07 -22.89 2.55
C GLY A 113 -25.76 -23.16 1.23
N ASP A 114 -25.68 -22.24 0.27
CA ASP A 114 -26.28 -22.55 -1.03
C ASP A 114 -25.46 -21.96 -2.18
N LEU A 115 -25.85 -22.34 -3.42
CA LEU A 115 -25.23 -21.87 -4.62
C LEU A 115 -26.23 -21.07 -5.45
N PRO A 116 -25.81 -19.95 -6.06
CA PRO A 116 -24.42 -19.49 -6.16
C PRO A 116 -23.85 -18.90 -4.89
N ASN A 117 -22.52 -18.95 -4.76
CA ASN A 117 -21.85 -18.32 -3.65
C ASN A 117 -21.95 -16.80 -3.77
N PRO A 118 -21.82 -16.06 -2.67
CA PRO A 118 -22.11 -14.63 -2.70
C PRO A 118 -21.04 -13.83 -3.45
N THR A 119 -21.49 -12.74 -4.07
CA THR A 119 -20.60 -11.78 -4.71
C THR A 119 -20.02 -10.85 -3.66
N ILE A 120 -18.71 -10.88 -3.44
CA ILE A 120 -18.13 -9.87 -2.56
C ILE A 120 -18.12 -8.55 -3.31
N ARG A 121 -18.32 -7.43 -2.60
CA ARG A 121 -18.31 -6.13 -3.26
C ARG A 121 -17.68 -5.08 -2.35
N ILE A 122 -16.60 -4.45 -2.79
CA ILE A 122 -15.83 -3.58 -1.90
C ILE A 122 -15.24 -2.41 -2.69
N LYS A 123 -15.12 -1.24 -2.04
CA LYS A 123 -14.48 -0.05 -2.66
C LYS A 123 -12.97 -0.15 -2.55
N ASN A 124 -12.27 0.44 -3.51
CA ASN A 124 -10.83 0.47 -3.41
C ASN A 124 -10.42 1.27 -2.19
N GLY A 125 -9.49 0.74 -1.39
CA GLY A 125 -9.03 1.39 -0.18
C GLY A 125 -9.71 0.95 1.11
N ASP A 126 -10.85 0.25 1.02
CA ASP A 126 -11.54 -0.32 2.18
C ASP A 126 -10.81 -1.54 2.72
N ASP A 127 -11.05 -1.86 3.99
CA ASP A 127 -10.44 -3.05 4.60
C ASP A 127 -11.32 -4.26 4.35
N PHE A 128 -10.74 -5.29 3.73
CA PHE A 128 -11.38 -6.58 3.59
C PHE A 128 -11.04 -7.42 4.81
N GLU A 129 -12.06 -8.02 5.42
CA GLU A 129 -11.91 -8.93 6.56
C GLU A 129 -12.83 -10.12 6.39
N LEU A 130 -12.27 -11.31 6.51
CA LEU A 130 -13.09 -12.50 6.33
C LEU A 130 -12.47 -13.66 7.09
N ASP A 131 -13.29 -14.29 7.91
CA ASP A 131 -12.89 -15.47 8.64
C ASP A 131 -13.35 -16.71 7.88
N PHE A 132 -12.39 -17.49 7.40
CA PHE A 132 -12.65 -18.69 6.62
C PHE A 132 -12.42 -19.92 7.48
N THR A 133 -13.43 -20.77 7.56
CA THR A 133 -13.34 -22.02 8.28
C THR A 133 -13.41 -23.15 7.26
N ASN A 134 -12.62 -24.19 7.47
CA ASN A 134 -12.62 -25.33 6.54
C ASN A 134 -13.30 -26.52 7.22
N SER A 135 -14.56 -26.78 6.84
CA SER A 135 -15.27 -27.95 7.33
C SER A 135 -15.17 -29.11 6.37
N LEU A 136 -14.23 -29.07 5.44
CA LEU A 136 -14.14 -30.09 4.42
C LEU A 136 -13.21 -31.20 4.86
N GLU A 137 -13.48 -32.34 4.28
CA GLU A 137 -12.73 -33.56 4.50
C GLU A 137 -11.18 -33.44 4.30
N LYS A 138 -10.73 -32.64 3.33
CA LYS A 138 -9.28 -32.43 3.08
C LYS A 138 -8.88 -30.95 3.18
N PRO A 139 -7.57 -30.64 3.26
CA PRO A 139 -7.17 -29.24 3.44
C PRO A 139 -7.52 -28.38 2.23
N THR A 140 -7.84 -27.10 2.49
CA THR A 140 -8.01 -26.19 1.37
C THR A 140 -7.71 -24.75 1.81
N ILE A 141 -7.87 -23.81 0.88
CA ILE A 141 -7.56 -22.40 1.11
C ILE A 141 -8.25 -21.61 0.00
N ILE A 142 -8.57 -20.35 0.29
CA ILE A 142 -9.21 -19.49 -0.70
C ILE A 142 -8.16 -18.58 -1.32
N HIS A 143 -8.15 -18.54 -2.66
CA HIS A 143 -7.40 -17.58 -3.43
C HIS A 143 -8.36 -16.52 -3.92
N TRP A 144 -8.00 -15.25 -3.71
CA TRP A 144 -8.78 -14.13 -4.21
C TRP A 144 -8.20 -13.74 -5.58
N HIS A 145 -8.84 -14.23 -6.63
CA HIS A 145 -8.28 -14.23 -7.99
C HIS A 145 -8.38 -12.86 -8.63
N GLY A 146 -7.21 -12.27 -8.89
CA GLY A 146 -7.08 -10.93 -9.40
C GLY A 146 -6.75 -9.88 -8.37
N LEU A 147 -6.68 -10.24 -7.08
CA LEU A 147 -6.40 -9.29 -6.03
C LEU A 147 -4.92 -9.13 -5.75
N LEU A 148 -4.53 -7.91 -5.38
CA LEU A 148 -3.13 -7.57 -5.14
C LEU A 148 -2.96 -7.44 -3.64
N VAL A 149 -2.67 -8.56 -2.98
CA VAL A 149 -2.67 -8.64 -1.52
C VAL A 149 -1.37 -9.25 -1.05
N PRO A 150 -1.05 -9.20 0.24
CA PRO A 150 0.18 -9.86 0.70
C PRO A 150 0.10 -11.35 0.44
N GLU A 151 1.26 -11.97 0.18
CA GLU A 151 1.28 -13.42 -0.06
C GLU A 151 0.57 -14.22 1.04
N ALA A 152 0.61 -13.76 2.30
CA ALA A 152 -0.02 -14.59 3.30
C ALA A 152 -1.54 -14.61 3.19
N MET A 153 -2.13 -13.72 2.40
CA MET A 153 -3.57 -13.74 2.18
C MET A 153 -3.96 -14.15 0.77
N ASP A 154 -2.98 -14.52 -0.08
CA ASP A 154 -3.25 -14.86 -1.46
C ASP A 154 -3.78 -16.28 -1.63
N GLY A 155 -3.65 -17.12 -0.62
CA GLY A 155 -4.15 -18.46 -0.76
C GLY A 155 -3.25 -19.33 -1.63
N HIS A 156 -1.96 -19.29 -1.33
CA HIS A 156 -1.00 -20.17 -1.97
C HIS A 156 -1.29 -21.62 -1.57
N PRO A 157 -1.13 -22.58 -2.48
CA PRO A 157 -1.44 -23.98 -2.12
C PRO A 157 -0.68 -24.50 -0.92
N LYS A 158 0.47 -23.92 -0.59
CA LYS A 158 1.26 -24.34 0.55
C LYS A 158 0.67 -23.84 1.86
N ASP A 159 -0.32 -22.96 1.80
CA ASP A 159 -0.94 -22.43 3.01
C ASP A 159 -2.32 -23.03 3.26
N ALA A 160 -2.61 -24.18 2.67
CA ALA A 160 -3.92 -24.79 2.89
C ALA A 160 -4.09 -25.12 4.38
N ILE A 161 -5.29 -24.89 4.90
CA ILE A 161 -5.58 -25.15 6.30
C ILE A 161 -6.35 -26.46 6.45
N ALA A 162 -6.00 -27.23 7.47
CA ALA A 162 -6.57 -28.56 7.64
C ALA A 162 -8.04 -28.48 8.05
N THR A 163 -8.70 -29.63 8.03
CA THR A 163 -10.11 -29.69 8.42
C THR A 163 -10.31 -29.13 9.84
N GLN A 164 -11.44 -28.45 10.03
CA GLN A 164 -11.74 -27.76 11.29
C GLN A 164 -10.56 -26.88 11.73
N MET A 165 -10.18 -25.96 10.86
CA MET A 165 -9.25 -24.90 11.19
C MET A 165 -9.78 -23.59 10.63
N LEU A 166 -9.20 -22.49 11.11
CA LEU A 166 -9.62 -21.13 10.77
C LEU A 166 -8.46 -20.35 10.15
N LYS A 167 -8.77 -19.54 9.13
CA LYS A 167 -7.82 -18.55 8.61
C LYS A 167 -8.48 -17.18 8.59
N GLU A 168 -7.77 -16.18 9.11
CA GLU A 168 -8.28 -14.82 9.19
C GLU A 168 -7.65 -14.01 8.06
N TYR A 169 -8.45 -13.72 7.04
CA TYR A 169 -8.03 -12.89 5.95
C TYR A 169 -8.24 -11.43 6.32
N ARG A 170 -7.18 -10.64 6.20
CA ARG A 170 -7.25 -9.20 6.40
C ARG A 170 -6.37 -8.54 5.35
N TYR A 171 -6.94 -7.68 4.51
CA TYR A 171 -6.07 -6.84 3.68
C TYR A 171 -6.79 -5.55 3.27
N LYS A 172 -6.00 -4.52 2.99
CA LYS A 172 -6.52 -3.27 2.47
C LYS A 172 -6.51 -3.33 0.94
N VAL A 173 -7.69 -3.32 0.33
CA VAL A 173 -7.76 -3.20 -1.12
C VAL A 173 -7.00 -1.96 -1.55
N ASN A 174 -6.18 -2.12 -2.58
CA ASN A 174 -5.33 -1.09 -3.14
C ASN A 174 -5.15 -1.40 -4.63
N GLN A 175 -6.25 -1.31 -5.38
CA GLN A 175 -6.16 -1.48 -6.82
C GLN A 175 -7.43 -0.92 -7.45
N ARG A 176 -7.36 -0.68 -8.75
CA ARG A 176 -8.47 -0.09 -9.46
C ARG A 176 -9.68 -1.01 -9.52
N ALA A 177 -10.83 -0.41 -9.81
CA ALA A 177 -12.07 -1.16 -9.95
C ALA A 177 -11.92 -2.24 -11.01
N GLY A 178 -12.61 -3.35 -10.80
CA GLY A 178 -12.68 -4.36 -11.84
C GLY A 178 -13.50 -5.55 -11.39
N THR A 179 -13.50 -6.58 -12.25
CA THR A 179 -14.26 -7.81 -12.06
C THR A 179 -13.31 -8.93 -11.72
N PHE A 180 -13.35 -9.41 -10.49
CA PHE A 180 -12.46 -10.42 -9.96
C PHE A 180 -13.28 -11.62 -9.50
N TRP A 181 -12.62 -12.63 -8.95
CA TRP A 181 -13.43 -13.71 -8.38
C TRP A 181 -12.65 -14.39 -7.27
N TYR A 182 -13.17 -15.49 -6.76
CA TYR A 182 -12.50 -16.16 -5.67
C TYR A 182 -12.87 -17.63 -5.71
N HIS A 183 -11.91 -18.46 -5.33
CA HIS A 183 -12.16 -19.91 -5.33
C HIS A 183 -11.17 -20.58 -4.42
N THR A 184 -11.45 -21.83 -4.06
CA THR A 184 -10.41 -22.56 -3.35
C THR A 184 -9.31 -23.02 -4.33
N HIS A 185 -8.15 -23.29 -3.77
CA HIS A 185 -6.93 -23.49 -4.51
C HIS A 185 -6.06 -24.58 -3.89
N PRO A 186 -6.60 -25.73 -3.51
CA PRO A 186 -5.75 -26.79 -2.97
C PRO A 186 -4.99 -27.50 -4.10
N HIS A 187 -3.73 -27.83 -3.82
CA HIS A 187 -2.89 -28.50 -4.79
C HIS A 187 -3.48 -29.83 -5.19
N GLY A 188 -3.59 -30.04 -6.50
CA GLY A 188 -4.10 -31.29 -7.03
C GLY A 188 -5.61 -31.46 -6.96
N ARG A 189 -6.34 -30.55 -6.30
CA ARG A 189 -7.77 -30.76 -6.11
C ARG A 189 -8.61 -29.53 -6.45
N THR A 190 -8.01 -28.51 -7.08
CA THR A 190 -8.74 -27.29 -7.38
C THR A 190 -9.85 -27.53 -8.40
N GLY A 191 -9.59 -28.33 -9.43
CA GLY A 191 -10.62 -28.62 -10.40
C GLY A 191 -11.86 -29.22 -9.77
N GLU A 192 -11.67 -30.11 -8.81
CA GLU A 192 -12.77 -30.78 -8.14
C GLU A 192 -13.58 -29.82 -7.29
N GLU A 193 -12.88 -29.03 -6.46
CA GLU A 193 -13.59 -28.14 -5.54
C GLU A 193 -14.34 -27.07 -6.30
N ILE A 194 -13.77 -26.54 -7.40
CA ILE A 194 -14.52 -25.56 -8.15
C ILE A 194 -15.69 -26.23 -8.86
N TYR A 195 -15.47 -27.42 -9.43
CA TYR A 195 -16.56 -28.14 -10.11
C TYR A 195 -17.75 -28.37 -9.19
N TYR A 196 -17.50 -28.73 -7.92
CA TYR A 196 -18.61 -28.95 -7.00
C TYR A 196 -19.05 -27.68 -6.27
N GLY A 197 -18.49 -26.52 -6.57
CA GLY A 197 -19.16 -25.31 -6.15
C GLY A 197 -18.36 -24.18 -5.56
N LEU A 198 -17.11 -24.39 -5.16
CA LEU A 198 -16.39 -23.42 -4.34
C LEU A 198 -15.76 -22.32 -5.21
N ALA A 199 -16.63 -21.45 -5.71
CA ALA A 199 -16.21 -20.26 -6.44
C ALA A 199 -17.33 -19.21 -6.41
N GLY A 200 -16.91 -17.96 -6.56
CA GLY A 200 -17.88 -16.89 -6.71
C GLY A 200 -17.19 -15.64 -7.21
N LEU A 201 -17.94 -14.56 -7.32
CA LEU A 201 -17.41 -13.32 -7.87
C LEU A 201 -17.05 -12.27 -6.87
N TYR A 202 -16.09 -11.43 -7.19
CA TYR A 202 -15.63 -10.38 -6.33
C TYR A 202 -15.55 -9.09 -7.15
N ILE A 203 -16.21 -8.03 -6.72
CA ILE A 203 -16.22 -6.78 -7.45
C ILE A 203 -15.54 -5.67 -6.71
N ILE A 204 -14.57 -5.02 -7.34
CA ILE A 204 -13.95 -3.87 -6.72
C ILE A 204 -14.46 -2.63 -7.44
N GLU A 205 -14.84 -1.61 -6.66
CA GLU A 205 -15.32 -0.33 -7.16
C GLU A 205 -14.34 0.79 -6.81
N ASP A 206 -14.38 1.85 -7.63
CA ASP A 206 -13.56 3.03 -7.38
C ASP A 206 -14.31 4.24 -7.92
N ASP A 207 -13.76 5.42 -7.64
CA ASP A 207 -14.49 6.64 -7.94
C ASP A 207 -14.60 6.89 -9.44
N ASN A 208 -13.49 6.70 -10.18
CA ASN A 208 -13.51 6.72 -11.64
C ASN A 208 -14.71 5.97 -12.21
N GLU A 209 -14.79 4.68 -11.90
CA GLU A 209 -15.88 3.88 -12.47
C GLU A 209 -17.24 4.44 -12.04
N LYS A 210 -17.37 4.82 -10.75
CA LYS A 210 -18.66 5.34 -10.27
C LYS A 210 -19.07 6.60 -11.03
N ALA A 211 -18.10 7.49 -11.30
CA ALA A 211 -18.38 8.69 -12.05
C ALA A 211 -18.78 8.39 -13.49
N LEU A 212 -18.44 7.21 -14.02
CA LEU A 212 -18.93 6.93 -15.37
C LEU A 212 -20.46 6.85 -15.45
N ASN A 213 -21.15 6.63 -14.35
CA ASN A 213 -22.59 6.34 -14.34
C ASN A 213 -22.98 5.24 -15.34
N LEU A 214 -22.32 4.09 -15.21
CA LEU A 214 -22.67 2.92 -16.02
C LEU A 214 -23.98 2.32 -15.52
N PRO A 215 -24.64 1.53 -16.35
CA PRO A 215 -25.86 0.85 -15.87
C PRO A 215 -25.59 0.11 -14.57
N SER A 216 -26.41 0.40 -13.56
CA SER A 216 -26.20 -0.21 -12.26
C SER A 216 -27.51 -0.74 -11.68
N GLY A 217 -27.48 -1.09 -10.39
CA GLY A 217 -28.68 -1.59 -9.74
C GLY A 217 -29.24 -2.75 -10.51
N GLU A 218 -30.53 -2.68 -10.86
CA GLU A 218 -31.12 -3.79 -11.60
C GLU A 218 -30.47 -3.99 -12.97
N PHE A 219 -29.60 -3.08 -13.41
CA PHE A 219 -29.04 -3.15 -14.75
C PHE A 219 -27.61 -3.65 -14.78
N GLU A 220 -27.06 -4.07 -13.65
CA GLU A 220 -25.80 -4.80 -13.62
C GLU A 220 -26.07 -6.23 -13.19
N LEU A 221 -25.59 -7.20 -13.96
CA LEU A 221 -25.85 -8.61 -13.71
C LEU A 221 -24.56 -9.42 -13.63
N PRO A 222 -24.32 -10.12 -12.53
CA PRO A 222 -23.23 -11.11 -12.51
C PRO A 222 -23.64 -12.34 -13.29
N LEU A 223 -22.74 -12.85 -14.13
CA LEU A 223 -22.99 -14.07 -14.90
C LEU A 223 -21.78 -15.00 -14.76
N ILE A 224 -21.96 -16.12 -14.06
CA ILE A 224 -20.90 -17.13 -13.88
C ILE A 224 -21.21 -18.33 -14.77
N ILE A 225 -20.47 -18.49 -15.86
CA ILE A 225 -20.75 -19.53 -16.86
C ILE A 225 -19.92 -20.76 -16.55
N GLN A 226 -20.58 -21.89 -16.29
CA GLN A 226 -19.85 -23.12 -16.03
C GLN A 226 -20.56 -24.26 -16.75
N ASP A 227 -19.83 -25.02 -17.57
CA ASP A 227 -20.37 -26.19 -18.21
C ASP A 227 -20.20 -27.39 -17.28
N ARG A 228 -21.17 -28.30 -17.33
CA ARG A 228 -21.35 -29.36 -16.35
C ARG A 228 -21.89 -30.60 -17.06
N ARG A 229 -21.69 -31.72 -16.37
CA ARG A 229 -22.18 -32.99 -16.84
C ARG A 229 -23.05 -33.55 -15.72
N PHE A 230 -24.26 -33.96 -16.03
CA PHE A 230 -25.15 -34.52 -15.04
C PHE A 230 -25.59 -35.91 -15.47
N ASP A 231 -25.90 -36.78 -14.52
CA ASP A 231 -26.39 -38.12 -14.84
C ASP A 231 -27.88 -38.22 -14.98
N LYS A 232 -28.37 -39.42 -15.14
CA LYS A 232 -29.79 -39.63 -15.31
C LYS A 232 -30.56 -39.17 -14.11
N GLU A 233 -30.04 -39.44 -12.95
CA GLU A 233 -30.67 -38.97 -11.73
C GLU A 233 -30.66 -37.48 -11.63
N GLY A 234 -29.61 -36.82 -12.10
CA GLY A 234 -29.48 -35.39 -11.93
C GLY A 234 -28.28 -35.04 -11.11
N ASP A 235 -27.53 -36.05 -10.72
CA ASP A 235 -26.33 -35.83 -9.97
C ASP A 235 -25.17 -35.45 -10.84
N LEU A 236 -24.20 -34.77 -10.29
CA LEU A 236 -23.02 -34.35 -11.01
C LEU A 236 -21.98 -35.39 -11.35
N ILE A 237 -21.40 -35.29 -12.55
CA ILE A 237 -20.30 -36.16 -12.91
C ILE A 237 -19.05 -35.39 -13.26
N TYR A 238 -17.94 -35.69 -12.61
CA TYR A 238 -16.69 -35.05 -12.91
C TYR A 238 -15.89 -35.91 -13.86
N LYS A 239 -14.65 -36.26 -13.53
CA LYS A 239 -13.86 -36.98 -14.52
C LYS A 239 -14.37 -38.39 -14.75
N GLU A 240 -14.39 -38.81 -16.00
CA GLU A 240 -14.78 -40.17 -16.32
C GLU A 240 -13.69 -40.98 -17.03
N THR A 241 -12.97 -40.39 -17.99
CA THR A 241 -12.00 -41.11 -18.80
C THR A 241 -10.61 -40.49 -18.65
N PRO A 242 -9.57 -41.21 -19.08
CA PRO A 242 -8.23 -40.61 -19.14
C PRO A 242 -8.17 -39.29 -19.89
N GLN A 243 -8.90 -39.17 -21.00
CA GLN A 243 -8.89 -37.91 -21.74
C GLN A 243 -9.35 -36.74 -20.87
N ASP A 244 -10.09 -37.01 -19.81
CA ASP A 244 -10.55 -35.92 -18.97
C ASP A 244 -9.41 -35.30 -18.17
N ASN A 245 -8.31 -36.05 -17.95
CA ASN A 245 -7.14 -35.39 -17.38
C ASN A 245 -6.68 -34.24 -18.25
N ASN A 246 -7.11 -34.18 -19.51
CA ASN A 246 -6.77 -33.07 -20.38
C ASN A 246 -7.79 -31.95 -20.37
N GLY A 247 -8.84 -32.07 -19.55
CA GLY A 247 -9.84 -31.02 -19.41
C GLY A 247 -11.26 -31.50 -19.55
N VAL A 248 -12.12 -31.17 -18.58
CA VAL A 248 -13.49 -31.69 -18.55
C VAL A 248 -14.39 -30.74 -19.32
N LEU A 249 -14.93 -31.22 -20.42
CA LEU A 249 -15.93 -30.48 -21.16
C LEU A 249 -17.32 -30.99 -20.80
N GLY A 250 -18.30 -30.12 -20.87
CA GLY A 250 -19.62 -30.53 -20.45
C GLY A 250 -20.65 -30.25 -21.51
N ASP A 251 -21.82 -30.88 -21.36
CA ASP A 251 -22.91 -30.73 -22.32
C ASP A 251 -24.08 -29.92 -21.79
N VAL A 252 -24.07 -29.53 -20.51
CA VAL A 252 -25.09 -28.65 -19.96
C VAL A 252 -24.42 -27.38 -19.42
N VAL A 253 -24.98 -26.22 -19.74
CA VAL A 253 -24.36 -24.95 -19.38
C VAL A 253 -25.20 -24.27 -18.30
N MET A 254 -24.54 -23.87 -17.21
CA MET A 254 -25.20 -23.17 -16.13
C MET A 254 -24.70 -21.77 -16.02
N VAL A 255 -25.55 -20.84 -15.67
CA VAL A 255 -25.12 -19.50 -15.41
C VAL A 255 -25.55 -19.25 -13.99
N ASN A 256 -24.64 -18.81 -13.13
CA ASN A 256 -24.92 -18.59 -11.74
C ASN A 256 -25.51 -19.81 -11.13
N SER A 257 -24.98 -20.98 -11.47
CA SER A 257 -25.46 -22.25 -10.96
C SER A 257 -26.91 -22.54 -11.28
N THR A 258 -27.37 -22.09 -12.43
CA THR A 258 -28.72 -22.36 -12.84
C THR A 258 -28.69 -22.97 -14.23
N VAL A 259 -29.31 -24.12 -14.40
CA VAL A 259 -29.27 -24.78 -15.67
C VAL A 259 -30.17 -24.11 -16.65
N HIS A 260 -29.63 -23.76 -17.80
CA HIS A 260 -30.40 -23.12 -18.83
C HIS A 260 -31.28 -22.03 -18.40
N PRO A 261 -30.71 -20.96 -17.88
CA PRO A 261 -31.59 -19.95 -17.31
C PRO A 261 -32.20 -18.85 -18.16
N TYR A 262 -33.20 -18.18 -17.62
CA TYR A 262 -33.79 -17.05 -18.29
C TYR A 262 -33.74 -15.83 -17.38
N LYS A 263 -33.62 -14.64 -17.96
CA LYS A 263 -33.64 -13.43 -17.18
C LYS A 263 -34.70 -12.51 -17.77
N ASN A 264 -35.59 -12.01 -16.92
CA ASN A 264 -36.58 -11.03 -17.36
C ASN A 264 -35.94 -9.66 -17.39
N VAL A 265 -35.92 -9.01 -18.56
CA VAL A 265 -35.24 -7.72 -18.70
C VAL A 265 -36.21 -6.68 -19.25
N LYS A 266 -35.78 -5.42 -19.15
CA LYS A 266 -36.36 -4.29 -19.85
C LYS A 266 -35.54 -4.01 -21.11
N ASN A 267 -36.08 -3.17 -21.98
CA ASN A 267 -35.47 -2.93 -23.28
C ASN A 267 -34.55 -1.70 -23.21
N THR A 268 -33.51 -1.83 -22.40
CA THR A 268 -32.55 -0.75 -22.23
C THR A 268 -31.16 -1.37 -22.17
N LYS A 269 -30.20 -0.63 -21.60
CA LYS A 269 -28.82 -1.10 -21.51
C LYS A 269 -28.62 -1.91 -20.23
N TYR A 270 -27.90 -3.03 -20.36
CA TYR A 270 -27.54 -3.87 -19.22
C TYR A 270 -26.03 -4.07 -19.21
N ARG A 271 -25.43 -3.92 -18.03
CA ARG A 271 -24.01 -4.18 -17.87
C ARG A 271 -23.84 -5.62 -17.37
N LEU A 272 -23.18 -6.45 -18.17
CA LEU A 272 -22.97 -7.86 -17.85
C LEU A 272 -21.55 -8.07 -17.35
N ARG A 273 -21.43 -8.72 -16.19
CA ARG A 273 -20.15 -9.02 -15.57
C ARG A 273 -19.95 -10.53 -15.64
N ILE A 274 -19.11 -10.95 -16.59
CA ILE A 274 -19.06 -12.30 -17.11
C ILE A 274 -17.78 -12.97 -16.64
N LEU A 275 -17.89 -14.09 -15.92
CA LEU A 275 -16.78 -14.93 -15.53
C LEU A 275 -16.97 -16.31 -16.14
N ASN A 276 -15.92 -16.83 -16.79
CA ASN A 276 -15.89 -18.21 -17.21
C ASN A 276 -15.31 -19.03 -16.06
N GLY A 277 -16.17 -19.77 -15.38
CA GLY A 277 -15.70 -20.57 -14.26
C GLY A 277 -15.77 -22.05 -14.57
N SER A 278 -15.46 -22.40 -15.81
CA SER A 278 -15.54 -23.80 -16.22
C SER A 278 -14.24 -24.53 -15.91
N SER A 279 -14.30 -25.86 -15.99
CA SER A 279 -13.06 -26.64 -16.04
C SER A 279 -12.17 -26.23 -17.21
N ALA A 280 -12.70 -26.24 -18.44
CA ALA A 280 -11.78 -26.17 -19.57
C ALA A 280 -12.30 -25.33 -20.72
N ARG A 281 -13.60 -25.40 -20.97
CA ARG A 281 -14.20 -24.88 -22.19
C ARG A 281 -13.91 -23.40 -22.39
N THR A 282 -13.40 -23.05 -23.58
CA THR A 282 -13.27 -21.66 -23.99
C THR A 282 -14.51 -21.27 -24.78
N TYR A 283 -15.08 -20.12 -24.47
CA TYR A 283 -16.37 -19.74 -25.00
C TYR A 283 -16.19 -18.64 -26.04
N LYS A 284 -16.96 -18.70 -27.12
CA LYS A 284 -17.00 -17.67 -28.14
C LYS A 284 -18.43 -17.17 -28.08
N LEU A 285 -18.65 -16.12 -27.29
CA LEU A 285 -19.98 -15.71 -26.89
C LEU A 285 -20.55 -14.75 -27.92
N ALA A 286 -21.79 -15.01 -28.31
CA ALA A 286 -22.54 -14.12 -29.19
C ALA A 286 -23.99 -14.08 -28.72
N PHE A 287 -24.65 -12.96 -29.05
CA PHE A 287 -26.05 -12.76 -28.76
C PHE A 287 -26.85 -12.78 -30.05
N GLU A 288 -27.77 -13.75 -30.14
CA GLU A 288 -28.70 -13.91 -31.25
C GLU A 288 -29.98 -13.13 -30.93
N GLY A 289 -30.12 -11.96 -31.53
CA GLY A 289 -31.16 -11.03 -31.16
C GLY A 289 -30.69 -9.59 -31.31
N ILE A 290 -29.44 -9.31 -30.95
CA ILE A 290 -28.84 -7.98 -31.10
C ILE A 290 -27.71 -8.03 -32.11
N GLU A 291 -27.38 -6.86 -32.63
CA GLU A 291 -26.38 -6.72 -33.68
C GLU A 291 -24.96 -6.56 -33.14
N ASP A 292 -24.83 -5.90 -32.00
CA ASP A 292 -23.56 -5.49 -31.42
C ASP A 292 -23.60 -5.76 -29.92
N PHE A 293 -22.41 -5.82 -29.32
CA PHE A 293 -22.30 -5.47 -27.92
C PHE A 293 -20.96 -4.78 -27.69
N MET A 294 -20.79 -4.23 -26.50
CA MET A 294 -19.67 -3.34 -26.18
C MET A 294 -18.79 -3.98 -25.14
N LEU A 295 -17.52 -4.22 -25.49
CA LEU A 295 -16.53 -4.61 -24.50
C LEU A 295 -16.00 -3.35 -23.82
N ILE A 296 -16.21 -3.27 -22.51
CA ILE A 296 -15.71 -2.14 -21.74
C ILE A 296 -14.73 -2.53 -20.64
N GLY A 297 -14.58 -3.80 -20.33
CA GLY A 297 -13.59 -4.14 -19.32
C GLY A 297 -13.11 -5.56 -19.41
N THR A 298 -11.93 -5.78 -18.84
CA THR A 298 -11.33 -7.09 -18.75
C THR A 298 -10.97 -7.38 -17.30
N ASP A 299 -10.19 -8.44 -17.10
CA ASP A 299 -9.74 -8.93 -15.80
C ASP A 299 -9.43 -7.77 -14.87
N GLY A 300 -8.70 -6.79 -15.37
CA GLY A 300 -8.17 -5.74 -14.51
C GLY A 300 -8.99 -4.46 -14.50
N GLY A 301 -10.25 -4.54 -14.93
CA GLY A 301 -11.10 -3.40 -14.90
C GLY A 301 -11.31 -2.78 -16.26
N LEU A 302 -11.76 -1.53 -16.25
CA LEU A 302 -12.21 -0.87 -17.47
C LEU A 302 -11.12 -0.80 -18.51
N LEU A 303 -11.53 -0.89 -19.78
CA LEU A 303 -10.69 -0.48 -20.90
C LEU A 303 -10.52 1.04 -20.91
N GLU A 304 -9.74 1.55 -21.87
CA GLU A 304 -9.69 2.99 -22.03
C GLU A 304 -10.98 3.49 -22.69
N GLU A 305 -11.39 2.83 -23.77
CA GLU A 305 -12.59 3.17 -24.53
C GLU A 305 -13.31 1.87 -24.85
N PRO A 306 -14.62 1.95 -25.12
CA PRO A 306 -15.36 0.75 -25.54
C PRO A 306 -14.86 0.20 -26.87
N ILE A 307 -15.12 -1.09 -27.06
CA ILE A 307 -14.84 -1.75 -28.32
C ILE A 307 -16.12 -2.44 -28.78
N ILE A 308 -16.60 -2.10 -29.96
CA ILE A 308 -17.77 -2.79 -30.49
C ILE A 308 -17.36 -4.15 -31.01
N VAL A 309 -18.05 -5.20 -30.56
CA VAL A 309 -17.75 -6.56 -31.03
C VAL A 309 -19.05 -7.30 -31.31
N LYS A 310 -18.94 -8.29 -32.19
CA LYS A 310 -20.05 -9.17 -32.52
C LYS A 310 -19.94 -10.51 -31.81
N ASP A 311 -18.72 -10.93 -31.47
CA ASP A 311 -18.49 -12.11 -30.65
C ASP A 311 -17.28 -11.85 -29.77
N ILE A 312 -17.08 -12.70 -28.77
CA ILE A 312 -16.00 -12.45 -27.80
C ILE A 312 -15.51 -13.78 -27.25
N LEU A 313 -14.18 -13.97 -27.25
CA LEU A 313 -13.58 -15.17 -26.67
C LEU A 313 -13.32 -14.93 -25.20
N ILE A 314 -13.59 -15.95 -24.38
CA ILE A 314 -13.30 -15.89 -22.96
C ILE A 314 -12.91 -17.28 -22.49
N ALA A 315 -11.71 -17.41 -21.95
CA ALA A 315 -11.22 -18.69 -21.43
C ALA A 315 -11.45 -18.80 -19.92
N VAL A 316 -11.15 -19.99 -19.39
CA VAL A 316 -11.34 -20.26 -17.98
C VAL A 316 -10.56 -19.24 -17.15
N ALA A 317 -11.22 -18.70 -16.12
CA ALA A 317 -10.73 -17.70 -15.18
C ALA A 317 -10.68 -16.29 -15.78
N GLU A 318 -11.06 -16.10 -17.01
CA GLU A 318 -11.05 -14.78 -17.56
C GLU A 318 -12.34 -14.07 -17.29
N ARG A 319 -12.29 -12.75 -17.27
CA ARG A 319 -13.47 -11.97 -17.02
C ARG A 319 -13.68 -10.85 -17.98
N ILE A 320 -14.92 -10.67 -18.40
CA ILE A 320 -15.27 -9.59 -19.30
C ILE A 320 -16.40 -8.71 -18.79
N ASP A 321 -16.33 -7.43 -19.07
CA ASP A 321 -17.32 -6.46 -18.65
C ASP A 321 -17.90 -5.91 -19.95
N ILE A 322 -19.10 -6.37 -20.32
CA ILE A 322 -19.75 -5.90 -21.54
C ILE A 322 -21.01 -5.10 -21.24
N ILE A 323 -21.44 -4.29 -22.22
CA ILE A 323 -22.73 -3.60 -22.21
C ILE A 323 -23.57 -4.16 -23.37
N VAL A 324 -24.82 -4.55 -23.10
CA VAL A 324 -25.73 -4.96 -24.15
C VAL A 324 -26.90 -3.99 -24.16
N ASP A 325 -27.54 -3.88 -25.31
CA ASP A 325 -28.61 -2.91 -25.53
C ASP A 325 -29.83 -3.60 -26.12
N PHE A 326 -30.94 -3.57 -25.37
CA PHE A 326 -32.19 -4.17 -25.81
C PHE A 326 -33.19 -3.13 -26.32
N LYS A 327 -32.75 -1.89 -26.56
CA LYS A 327 -33.71 -0.80 -26.80
C LYS A 327 -34.63 -1.06 -27.99
N ASP A 328 -34.17 -1.82 -28.97
CA ASP A 328 -34.96 -2.13 -30.16
C ASP A 328 -35.83 -3.37 -30.00
N LYS A 329 -35.82 -3.98 -28.82
CA LYS A 329 -36.58 -5.21 -28.57
C LYS A 329 -38.03 -4.89 -28.21
N LYS A 330 -38.94 -5.67 -28.79
CA LYS A 330 -40.35 -5.63 -28.45
C LYS A 330 -40.61 -6.60 -27.30
N VAL A 331 -41.58 -6.24 -26.45
CA VAL A 331 -42.00 -7.14 -25.39
C VAL A 331 -42.40 -8.47 -26.02
N GLY A 332 -42.04 -9.55 -25.34
CA GLY A 332 -42.27 -10.88 -25.87
C GLY A 332 -41.13 -11.41 -26.71
N GLU A 333 -40.19 -10.55 -27.10
CA GLU A 333 -39.02 -10.97 -27.85
C GLU A 333 -37.91 -11.43 -26.90
N SER A 334 -36.83 -11.96 -27.46
CA SER A 334 -35.76 -12.54 -26.68
C SER A 334 -34.42 -12.30 -27.36
N VAL A 335 -33.36 -12.26 -26.55
CA VAL A 335 -31.99 -12.32 -27.05
C VAL A 335 -31.33 -13.55 -26.42
N THR A 336 -30.75 -14.40 -27.23
CA THR A 336 -30.16 -15.63 -26.68
C THR A 336 -28.64 -15.53 -26.67
N LEU A 337 -28.07 -15.62 -25.47
CA LEU A 337 -26.64 -15.77 -25.33
C LEU A 337 -26.26 -17.20 -25.62
N LYS A 338 -25.27 -17.38 -26.49
CA LYS A 338 -24.81 -18.71 -26.88
C LYS A 338 -23.32 -18.63 -27.19
N THR A 339 -22.67 -19.79 -27.31
CA THR A 339 -21.30 -19.84 -27.77
C THR A 339 -21.23 -20.40 -29.19
N LEU A 340 -20.50 -19.71 -30.06
CA LEU A 340 -20.32 -20.08 -31.47
C LEU A 340 -19.28 -21.17 -31.70
N GLY A 341 -18.68 -21.72 -30.65
CA GLY A 341 -17.65 -22.74 -30.79
C GLY A 341 -16.27 -22.16 -31.01
N PHE A 342 -15.25 -22.93 -30.63
CA PHE A 342 -13.86 -22.52 -30.85
C PHE A 342 -13.02 -23.79 -31.01
N LYS A 343 -13.08 -24.39 -32.21
CA LYS A 343 -12.39 -25.65 -32.44
C LYS A 343 -10.89 -25.50 -32.33
N GLU A 344 -10.37 -24.29 -32.51
CA GLU A 344 -8.93 -24.08 -32.55
C GLU A 344 -8.28 -24.20 -31.18
N ALA A 345 -9.06 -24.16 -30.11
CA ALA A 345 -8.47 -24.24 -28.78
C ALA A 345 -7.97 -25.64 -28.45
N ASN A 346 -8.42 -26.67 -29.15
CA ASN A 346 -8.09 -28.04 -28.75
C ASN A 346 -7.78 -28.91 -29.96
N ASN A 347 -6.54 -29.41 -30.02
CA ASN A 347 -6.11 -30.34 -31.06
C ASN A 347 -6.00 -31.78 -30.57
N PHE A 348 -6.41 -32.06 -29.35
CA PHE A 348 -6.45 -33.43 -28.87
C PHE A 348 -7.86 -33.83 -29.18
N VAL A 349 -8.22 -35.08 -28.96
CA VAL A 349 -9.61 -35.44 -29.15
C VAL A 349 -10.23 -35.53 -27.78
N THR A 350 -11.33 -34.83 -27.57
CA THR A 350 -11.98 -34.79 -26.27
C THR A 350 -12.86 -35.99 -26.04
N ASN A 351 -13.43 -36.09 -24.85
CA ASN A 351 -14.28 -37.21 -24.52
C ASN A 351 -15.38 -37.15 -25.52
N PRO A 352 -15.60 -38.26 -26.20
CA PRO A 352 -16.58 -38.25 -27.27
C PRO A 352 -17.99 -38.04 -26.79
N ALA A 353 -18.26 -38.39 -25.54
CA ALA A 353 -19.59 -38.28 -25.00
C ALA A 353 -20.05 -36.88 -24.80
N TYR A 354 -19.11 -35.96 -24.79
CA TYR A 354 -19.46 -34.61 -24.55
C TYR A 354 -19.03 -33.67 -25.71
N PRO A 355 -19.78 -32.56 -26.02
CA PRO A 355 -19.35 -31.71 -27.15
C PRO A 355 -17.93 -31.19 -27.01
N ASP A 356 -17.30 -30.90 -28.14
CA ASP A 356 -15.91 -30.50 -28.13
C ASP A 356 -15.79 -28.98 -28.27
N SER A 357 -14.56 -28.46 -28.27
CA SER A 357 -14.36 -27.02 -28.24
C SER A 357 -15.05 -26.30 -29.39
N GLY A 358 -15.42 -27.02 -30.45
CA GLY A 358 -16.08 -26.38 -31.57
C GLY A 358 -17.58 -26.33 -31.45
N ALA A 359 -18.12 -26.84 -30.34
CA ALA A 359 -19.56 -27.03 -30.22
C ALA A 359 -20.29 -25.71 -30.21
N LYS A 360 -21.46 -25.67 -30.84
CA LYS A 360 -22.35 -24.55 -30.67
C LYS A 360 -23.31 -24.89 -29.55
N MET A 361 -23.44 -23.98 -28.59
CA MET A 361 -24.19 -24.30 -27.40
C MET A 361 -24.98 -23.07 -26.98
N ASP A 362 -26.28 -23.25 -26.72
CA ASP A 362 -27.04 -22.16 -26.13
C ASP A 362 -26.72 -22.07 -24.64
N ILE A 363 -26.73 -20.85 -24.12
CA ILE A 363 -26.29 -20.61 -22.75
C ILE A 363 -27.41 -20.04 -21.90
N MET A 364 -28.00 -18.93 -22.33
CA MET A 364 -29.14 -18.42 -21.58
C MET A 364 -29.96 -17.50 -22.48
N ARG A 365 -31.12 -17.13 -21.99
CA ARG A 365 -31.99 -16.27 -22.75
C ARG A 365 -32.41 -15.11 -21.94
N PHE A 366 -32.46 -13.96 -22.55
CA PHE A 366 -32.95 -12.80 -21.88
C PHE A 366 -34.31 -12.53 -22.50
N LYS A 367 -35.36 -12.52 -21.69
CA LYS A 367 -36.71 -12.30 -22.16
C LYS A 367 -37.08 -10.86 -21.96
N VAL A 368 -37.58 -10.18 -22.98
CA VAL A 368 -37.85 -8.76 -22.89
C VAL A 368 -39.31 -8.63 -22.46
N THR A 369 -39.55 -8.22 -21.21
CA THR A 369 -40.90 -8.31 -20.64
C THR A 369 -41.53 -6.97 -20.28
N GLU A 370 -40.83 -5.86 -20.42
CA GLU A 370 -41.32 -4.57 -19.95
C GLU A 370 -40.59 -3.47 -20.71
N LEU A 371 -41.28 -2.37 -20.98
CA LEU A 371 -40.68 -1.24 -21.67
C LEU A 371 -40.10 -0.26 -20.66
N SER A 372 -38.98 0.37 -21.03
CA SER A 372 -38.26 1.21 -20.10
C SER A 372 -37.90 2.54 -20.72
N THR A 373 -37.91 3.58 -19.90
CA THR A 373 -37.50 4.91 -20.32
C THR A 373 -36.04 5.20 -19.98
N GLN A 374 -35.29 4.20 -19.47
CA GLN A 374 -33.91 4.42 -19.07
C GLN A 374 -33.06 4.84 -20.26
N ASN A 375 -32.52 6.05 -20.20
CA ASN A 375 -31.50 6.50 -21.13
C ASN A 375 -30.23 6.73 -20.34
N SER A 376 -29.41 5.69 -20.28
CA SER A 376 -28.01 5.83 -19.93
C SER A 376 -27.21 5.71 -21.22
N GLN A 377 -26.04 6.31 -21.21
CA GLN A 377 -25.32 6.68 -22.42
C GLN A 377 -23.85 6.40 -22.10
N ILE A 378 -23.28 5.37 -22.74
CA ILE A 378 -21.98 4.85 -22.30
C ILE A 378 -20.87 5.81 -22.69
N PRO A 379 -20.10 6.32 -21.73
CA PRO A 379 -19.06 7.29 -22.07
C PRO A 379 -18.00 6.70 -22.98
N LYS A 380 -17.29 7.57 -23.68
CA LYS A 380 -16.30 7.12 -24.66
C LYS A 380 -14.91 7.04 -24.06
N LYS A 381 -14.56 7.91 -23.11
CA LYS A 381 -13.38 7.67 -22.28
C LYS A 381 -13.84 6.91 -21.04
N LEU A 382 -13.31 5.69 -20.84
CA LEU A 382 -13.62 4.92 -19.65
C LEU A 382 -12.57 5.11 -18.56
N SER A 383 -11.31 5.07 -18.91
CA SER A 383 -10.21 5.22 -17.97
C SER A 383 -8.97 5.46 -18.81
N THR A 384 -7.87 5.78 -18.13
CA THR A 384 -6.57 5.81 -18.77
C THR A 384 -5.77 4.60 -18.29
N ILE A 385 -5.05 3.98 -19.22
CA ILE A 385 -4.17 2.86 -18.96
C ILE A 385 -2.81 3.27 -19.52
N ALA A 386 -1.82 3.44 -18.64
CA ALA A 386 -0.48 3.75 -19.11
C ALA A 386 0.09 2.50 -19.78
N LYS A 387 0.45 2.63 -21.07
CA LYS A 387 0.83 1.50 -21.90
C LYS A 387 2.32 1.22 -21.69
N MET A 388 2.64 0.18 -20.92
CA MET A 388 4.03 -0.13 -20.62
C MET A 388 4.78 -0.46 -21.91
N LYS A 389 6.05 -0.07 -21.94
CA LYS A 389 6.92 -0.19 -23.11
C LYS A 389 7.95 -1.29 -22.90
N ALA A 390 8.28 -2.00 -23.98
CA ALA A 390 9.25 -3.08 -23.91
C ALA A 390 10.60 -2.61 -23.34
N SER A 391 10.99 -1.38 -23.63
CA SER A 391 12.22 -0.83 -23.07
C SER A 391 12.14 -0.63 -21.55
N ASP A 392 10.92 -0.61 -20.97
CA ASP A 392 10.82 -0.40 -19.54
C ASP A 392 11.23 -1.62 -18.76
N ALA A 393 11.26 -2.79 -19.39
CA ALA A 393 11.66 -4.02 -18.74
C ALA A 393 13.18 -4.15 -18.67
N SER A 394 13.64 -4.82 -17.62
CA SER A 394 15.07 -5.05 -17.40
C SER A 394 15.46 -6.52 -17.50
N LYS A 395 14.54 -7.39 -17.91
CA LYS A 395 14.78 -8.82 -17.95
C LYS A 395 13.67 -9.44 -18.78
N SER A 396 14.03 -10.40 -19.61
CA SER A 396 13.06 -11.25 -20.28
C SER A 396 13.30 -12.68 -19.83
N ARG A 397 12.21 -13.44 -19.76
CA ARG A 397 12.34 -14.86 -19.48
C ARG A 397 11.23 -15.61 -20.21
N THR A 398 11.45 -16.89 -20.39
CA THR A 398 10.62 -17.73 -21.24
C THR A 398 9.97 -18.82 -20.39
N ILE A 399 8.66 -18.97 -20.52
CA ILE A 399 7.92 -20.07 -19.91
C ILE A 399 7.41 -20.93 -21.06
N THR A 400 7.87 -22.18 -21.13
CA THR A 400 7.31 -23.13 -22.08
C THR A 400 6.16 -23.90 -21.44
N MET A 401 5.08 -24.11 -22.19
CA MET A 401 3.89 -24.80 -21.72
C MET A 401 3.80 -26.08 -22.54
N GLU A 402 4.15 -27.21 -21.93
CA GLU A 402 4.19 -28.44 -22.70
C GLU A 402 3.48 -29.54 -21.93
N ILE A 403 3.28 -30.68 -22.58
CA ILE A 403 2.93 -31.92 -21.91
C ILE A 403 4.13 -32.84 -21.95
N ILE A 404 4.57 -33.29 -20.80
CA ILE A 404 5.63 -34.25 -20.73
C ILE A 404 5.00 -35.61 -20.48
N GLU A 405 5.84 -36.62 -20.48
CA GLU A 405 5.36 -37.98 -20.60
C GLU A 405 4.73 -38.47 -19.30
N GLY A 406 3.81 -39.42 -19.44
CA GLY A 406 2.86 -39.73 -18.40
C GLY A 406 1.67 -38.82 -18.45
N GLY A 407 1.54 -38.00 -19.49
CA GLY A 407 0.48 -37.02 -19.55
C GLY A 407 0.54 -35.97 -18.45
N VAL A 408 1.73 -35.58 -18.01
CA VAL A 408 1.83 -34.57 -16.96
C VAL A 408 2.02 -33.21 -17.62
N TRP A 409 1.06 -32.33 -17.40
CA TRP A 409 1.15 -30.99 -17.97
C TRP A 409 2.16 -30.17 -17.20
N THR A 410 3.02 -29.44 -17.90
CA THR A 410 4.09 -28.74 -17.20
C THR A 410 4.31 -27.34 -17.77
N LEU A 411 5.05 -26.58 -16.98
CA LEU A 411 5.69 -25.34 -17.37
C LEU A 411 7.18 -25.57 -17.29
N ASN A 412 7.91 -25.18 -18.33
CA ASN A 412 9.37 -25.32 -18.38
C ASN A 412 9.79 -26.76 -18.09
N LYS A 413 8.94 -27.70 -18.53
CA LYS A 413 9.20 -29.13 -18.52
C LYS A 413 9.41 -29.66 -17.10
N LYS A 414 8.79 -29.00 -16.10
CA LYS A 414 8.89 -29.41 -14.71
C LYS A 414 7.48 -29.52 -14.15
N PRO A 415 7.13 -30.61 -13.47
CA PRO A 415 5.89 -30.62 -12.68
C PRO A 415 6.03 -29.74 -11.44
N TYR A 416 4.88 -29.26 -10.97
CA TYR A 416 4.86 -28.34 -9.82
C TYR A 416 5.42 -29.01 -8.58
N ASP A 417 6.51 -28.44 -8.06
CA ASP A 417 6.96 -28.68 -6.70
C ASP A 417 6.51 -27.50 -5.88
N MET A 418 5.66 -27.75 -4.89
CA MET A 418 5.09 -26.68 -4.07
C MET A 418 6.15 -25.87 -3.32
N HIS A 419 7.36 -26.41 -3.21
CA HIS A 419 8.38 -25.90 -2.30
C HIS A 419 9.61 -25.40 -3.05
N ARG A 420 9.54 -25.28 -4.38
CA ARG A 420 10.67 -24.95 -5.25
C ARG A 420 10.41 -23.62 -5.96
N VAL A 421 11.44 -22.79 -6.05
CA VAL A 421 11.36 -21.47 -6.69
C VAL A 421 11.82 -21.58 -8.14
N ASP A 422 10.88 -21.44 -9.07
CA ASP A 422 11.17 -21.58 -10.48
C ASP A 422 11.55 -20.26 -11.14
N GLU A 423 11.02 -19.15 -10.66
CA GLU A 423 11.52 -17.86 -11.16
C GLU A 423 11.75 -16.96 -9.95
N LYS A 424 12.94 -16.29 -9.87
CA LYS A 424 13.28 -15.30 -8.82
C LYS A 424 13.28 -13.93 -9.48
N VAL A 425 12.53 -13.03 -8.90
CA VAL A 425 12.22 -11.75 -9.51
C VAL A 425 12.40 -10.64 -8.49
N LYS A 426 12.99 -9.53 -8.92
CA LYS A 426 13.22 -8.36 -8.08
C LYS A 426 11.92 -7.55 -7.83
N LEU A 427 11.64 -7.29 -6.54
CA LEU A 427 10.47 -6.49 -6.18
C LEU A 427 10.58 -5.08 -6.74
N GLY A 428 9.56 -4.67 -7.48
CA GLY A 428 9.50 -3.36 -8.07
C GLY A 428 10.02 -3.28 -9.49
N SER A 429 10.51 -4.37 -10.06
CA SER A 429 11.02 -4.38 -11.41
C SER A 429 9.91 -4.70 -12.42
N THR A 430 10.24 -4.53 -13.68
CA THR A 430 9.34 -4.80 -14.79
C THR A 430 10.03 -5.81 -15.68
N GLU A 431 9.30 -6.83 -16.10
CA GLU A 431 9.88 -7.95 -16.84
C GLU A 431 8.99 -8.26 -18.01
N ILE A 432 9.59 -8.90 -19.01
CA ILE A 432 8.87 -9.45 -20.15
C ILE A 432 8.90 -10.97 -20.03
N TRP A 433 7.73 -11.56 -19.87
CA TRP A 433 7.58 -13.00 -19.83
C TRP A 433 7.01 -13.45 -21.17
N GLU A 434 7.76 -14.30 -21.88
CA GLU A 434 7.32 -14.88 -23.12
C GLU A 434 6.79 -16.26 -22.84
N ILE A 435 5.53 -16.48 -23.18
CA ILE A 435 4.80 -17.72 -22.93
C ILE A 435 4.73 -18.47 -24.25
N LYS A 436 5.46 -19.57 -24.35
CA LYS A 436 5.45 -20.39 -25.54
C LYS A 436 4.69 -21.68 -25.36
N ASN A 437 3.81 -21.99 -26.29
CA ASN A 437 2.97 -23.13 -26.17
C ASN A 437 3.22 -24.20 -27.17
N SER A 438 2.88 -25.40 -26.81
CA SER A 438 2.99 -26.49 -27.69
C SER A 438 1.80 -26.59 -28.57
N ALA A 439 1.80 -27.58 -29.42
CA ALA A 439 0.71 -27.82 -30.34
C ALA A 439 -0.61 -28.33 -29.84
N HIS A 440 -0.60 -29.04 -28.75
CA HIS A 440 -1.81 -29.68 -28.29
C HIS A 440 -2.98 -28.86 -27.91
N MET A 441 -2.80 -27.82 -27.11
CA MET A 441 -3.93 -27.07 -26.61
C MET A 441 -3.75 -25.62 -26.22
N ALA A 442 -4.74 -24.79 -26.44
CA ALA A 442 -4.71 -23.44 -25.85
C ALA A 442 -4.70 -23.52 -24.33
N HIS A 443 -3.98 -22.60 -23.71
CA HIS A 443 -3.84 -22.58 -22.25
C HIS A 443 -4.11 -21.17 -21.73
N PRO A 444 -5.02 -21.06 -20.72
CA PRO A 444 -5.13 -19.76 -20.06
C PRO A 444 -4.07 -19.58 -18.97
N PHE A 445 -3.14 -18.70 -19.19
CA PHE A 445 -2.05 -18.51 -18.24
C PHE A 445 -2.30 -17.41 -17.27
N HIS A 446 -2.16 -17.73 -16.00
CA HIS A 446 -2.42 -16.81 -14.97
C HIS A 446 -1.30 -16.66 -14.03
N MET A 447 -1.11 -15.46 -13.53
CA MET A 447 -0.11 -15.21 -12.53
C MET A 447 -0.77 -14.56 -11.33
N HIS A 448 -0.38 -14.96 -10.14
CA HIS A 448 -0.89 -14.37 -8.93
C HIS A 448 -0.05 -13.19 -8.56
N GLY A 449 -0.57 -12.27 -7.76
CA GLY A 449 0.25 -11.20 -7.25
C GLY A 449 0.60 -10.09 -8.21
N VAL A 450 0.00 -10.05 -9.40
CA VAL A 450 0.39 -9.10 -10.43
C VAL A 450 -0.79 -8.89 -11.36
N HIS A 451 -0.83 -7.75 -12.05
CA HIS A 451 -1.56 -7.62 -13.30
C HIS A 451 -0.57 -7.33 -14.41
N PHE A 452 -0.85 -7.79 -15.62
CA PHE A 452 0.10 -7.58 -16.71
C PHE A 452 -0.61 -7.02 -17.94
N GLN A 453 0.20 -6.61 -18.93
CA GLN A 453 -0.30 -6.20 -20.24
C GLN A 453 0.25 -7.12 -21.32
N VAL A 454 -0.50 -7.25 -22.41
CA VAL A 454 -0.10 -8.10 -23.52
C VAL A 454 0.69 -7.23 -24.49
N LEU A 455 2.00 -7.43 -24.53
CA LEU A 455 2.83 -6.76 -25.52
C LEU A 455 2.49 -7.26 -26.92
N GLU A 456 2.56 -8.57 -27.13
CA GLU A 456 2.23 -9.05 -28.48
C GLU A 456 1.97 -10.56 -28.49
N ARG A 457 1.19 -10.96 -29.48
CA ARG A 457 0.91 -12.34 -29.84
C ARG A 457 1.52 -12.62 -31.20
N THR A 458 1.83 -13.89 -31.45
CA THR A 458 2.20 -14.31 -32.80
C THR A 458 1.05 -14.90 -33.58
N SER A 459 0.04 -15.44 -32.92
CA SER A 459 -1.09 -15.92 -33.71
C SER A 459 -1.90 -14.72 -34.21
N SER A 460 -2.86 -15.01 -35.07
CA SER A 460 -3.59 -13.96 -35.76
C SER A 460 -5.01 -13.82 -35.28
N ILE A 461 -5.44 -14.61 -34.29
CA ILE A 461 -6.79 -14.43 -33.78
C ILE A 461 -6.88 -13.08 -33.09
N ASP A 462 -8.00 -12.38 -33.33
CA ASP A 462 -8.17 -11.05 -32.76
C ASP A 462 -8.65 -11.16 -31.32
N PHE A 463 -7.89 -10.57 -30.40
CA PHE A 463 -8.14 -10.63 -28.96
C PHE A 463 -8.29 -9.19 -28.45
N PRO A 464 -9.47 -8.59 -28.58
CA PRO A 464 -9.61 -7.19 -28.13
C PRO A 464 -9.36 -7.04 -26.63
N THR A 465 -9.58 -8.11 -25.85
CA THR A 465 -9.25 -8.12 -24.43
C THR A 465 -7.75 -7.89 -24.17
N ASP A 466 -6.89 -8.06 -25.18
CA ASP A 466 -5.48 -7.68 -25.03
C ASP A 466 -5.34 -6.20 -24.68
N LYS A 467 -6.27 -5.37 -25.16
CA LYS A 467 -6.24 -3.93 -24.97
C LYS A 467 -6.45 -3.50 -23.53
N GLY A 468 -6.64 -4.43 -22.59
CA GLY A 468 -6.91 -4.08 -21.21
C GLY A 468 -5.92 -4.72 -20.26
N TRP A 469 -6.03 -4.34 -19.00
CA TRP A 469 -5.29 -4.97 -17.93
C TRP A 469 -5.77 -6.41 -17.78
N LYS A 470 -4.84 -7.31 -17.48
CA LYS A 470 -5.12 -8.74 -17.50
C LYS A 470 -4.39 -9.43 -16.36
N ASP A 471 -4.95 -10.56 -15.90
CA ASP A 471 -4.22 -11.50 -15.08
C ASP A 471 -4.22 -12.90 -15.64
N THR A 472 -5.16 -13.25 -16.52
CA THR A 472 -5.17 -14.50 -17.26
C THR A 472 -5.22 -14.19 -18.75
N VAL A 473 -4.36 -14.84 -19.53
CA VAL A 473 -4.28 -14.62 -20.98
C VAL A 473 -4.28 -15.95 -21.71
N LEU A 474 -5.10 -16.06 -22.75
CA LEU A 474 -5.18 -17.31 -23.49
C LEU A 474 -4.01 -17.42 -24.46
N VAL A 475 -3.21 -18.47 -24.35
CA VAL A 475 -2.08 -18.73 -25.24
C VAL A 475 -2.45 -19.87 -26.20
N MET A 476 -2.66 -19.54 -27.48
CA MET A 476 -3.08 -20.52 -28.49
C MET A 476 -1.98 -21.54 -28.77
N PRO A 477 -2.33 -22.70 -29.33
CA PRO A 477 -1.30 -23.69 -29.69
C PRO A 477 -0.28 -23.11 -30.65
N LEU A 478 0.99 -23.45 -30.40
CA LEU A 478 2.19 -22.98 -31.08
C LEU A 478 2.35 -21.47 -31.05
N GLU A 479 1.57 -20.75 -30.25
CA GLU A 479 1.68 -19.31 -30.17
C GLU A 479 2.72 -18.93 -29.13
N SER A 480 3.33 -17.77 -29.33
CA SER A 480 4.07 -17.10 -28.28
C SER A 480 3.31 -15.84 -27.93
N VAL A 481 2.93 -15.71 -26.67
CA VAL A 481 2.36 -14.49 -26.13
C VAL A 481 3.41 -13.86 -25.25
N ARG A 482 3.63 -12.58 -25.42
CA ARG A 482 4.72 -11.93 -24.73
C ARG A 482 4.08 -10.82 -23.91
N ILE A 483 4.07 -11.01 -22.58
CA ILE A 483 3.41 -10.10 -21.64
C ILE A 483 4.46 -9.35 -20.85
N ILE A 484 4.04 -8.21 -20.30
CA ILE A 484 4.93 -7.33 -19.57
C ILE A 484 4.30 -7.07 -18.20
N VAL A 485 5.09 -7.25 -17.14
CA VAL A 485 4.54 -7.34 -15.80
C VAL A 485 5.45 -6.61 -14.81
N LYS A 486 4.84 -5.73 -14.01
CA LYS A 486 5.53 -5.08 -12.90
C LYS A 486 5.14 -5.78 -11.59
N PHE A 487 6.15 -6.16 -10.81
CA PHE A 487 5.98 -6.90 -9.57
C PHE A 487 5.98 -5.91 -8.40
N THR A 488 4.81 -5.67 -7.79
CA THR A 488 4.69 -4.68 -6.71
C THR A 488 4.58 -5.27 -5.31
N ILE A 489 4.31 -6.57 -5.16
CA ILE A 489 4.10 -7.20 -3.86
C ILE A 489 5.15 -8.30 -3.69
N PRO A 490 5.88 -8.34 -2.58
CA PRO A 490 6.90 -9.38 -2.39
C PRO A 490 6.28 -10.67 -1.87
N GLY A 491 7.02 -11.75 -2.04
CA GLY A 491 6.58 -13.04 -1.54
C GLY A 491 6.64 -14.12 -2.60
N LEU A 492 6.22 -15.31 -2.19
CA LEU A 492 6.11 -16.47 -3.07
C LEU A 492 4.73 -16.48 -3.70
N PHE A 493 4.68 -16.51 -5.02
CA PHE A 493 3.40 -16.60 -5.73
C PHE A 493 3.46 -17.77 -6.70
N VAL A 494 2.31 -18.08 -7.29
CA VAL A 494 2.26 -19.15 -8.28
C VAL A 494 1.78 -18.57 -9.60
N HIS A 495 2.31 -19.16 -10.69
CA HIS A 495 1.83 -18.98 -12.05
C HIS A 495 1.48 -20.35 -12.63
N HIS A 496 0.42 -20.42 -13.45
CA HIS A 496 -0.06 -21.73 -13.89
C HIS A 496 -1.09 -21.56 -14.99
N CYS A 497 -1.25 -22.61 -15.79
CA CYS A 497 -2.44 -22.71 -16.62
C CYS A 497 -3.63 -22.75 -15.68
N HIS A 498 -4.73 -22.16 -16.11
CA HIS A 498 -5.88 -22.19 -15.24
C HIS A 498 -6.96 -23.14 -15.77
N ILE A 499 -6.70 -23.89 -16.84
CA ILE A 499 -7.42 -25.13 -17.09
C ILE A 499 -7.24 -25.96 -15.83
N LEU A 500 -8.34 -26.20 -15.13
CA LEU A 500 -8.20 -26.75 -13.78
C LEU A 500 -7.57 -28.15 -13.80
N GLU A 501 -7.88 -28.98 -14.77
CA GLU A 501 -7.32 -30.30 -14.77
C GLU A 501 -5.83 -30.31 -15.01
N HIS A 502 -5.33 -29.41 -15.83
CA HIS A 502 -3.90 -29.29 -16.03
C HIS A 502 -3.15 -28.81 -14.85
N GLU A 503 -3.69 -27.85 -14.15
CA GLU A 503 -3.08 -27.31 -12.94
C GLU A 503 -3.03 -28.37 -11.92
N ASP A 504 -4.11 -29.11 -11.83
CA ASP A 504 -4.18 -30.18 -10.87
C ASP A 504 -3.18 -31.25 -11.17
N HIS A 505 -2.96 -31.54 -12.44
CA HIS A 505 -1.93 -32.47 -12.81
C HIS A 505 -0.69 -31.77 -13.14
N SER A 506 -0.25 -30.89 -12.24
CA SER A 506 1.03 -30.20 -12.32
C SER A 506 1.49 -29.06 -13.24
N MET A 507 0.58 -28.41 -13.96
CA MET A 507 0.98 -27.25 -14.77
C MET A 507 0.97 -26.03 -13.91
N MET A 508 1.96 -25.90 -13.04
CA MET A 508 2.02 -24.84 -12.10
C MET A 508 3.43 -24.61 -11.68
N ALA A 509 3.70 -23.45 -11.14
CA ALA A 509 5.06 -23.11 -10.72
C ALA A 509 5.02 -21.95 -9.72
N ASN A 510 6.16 -21.72 -9.05
CA ASN A 510 6.34 -20.63 -8.10
C ASN A 510 7.32 -19.59 -8.62
N PHE A 511 6.97 -18.31 -8.43
CA PHE A 511 7.96 -17.26 -8.54
C PHE A 511 8.06 -16.51 -7.22
N LEU A 512 9.24 -15.98 -6.96
CA LEU A 512 9.58 -15.34 -5.70
C LEU A 512 9.95 -13.89 -5.96
N VAL A 513 9.14 -12.98 -5.43
CA VAL A 513 9.40 -11.54 -5.52
C VAL A 513 10.14 -11.13 -4.25
N GLU A 514 11.29 -10.50 -4.41
CA GLU A 514 12.22 -10.32 -3.29
C GLU A 514 12.87 -8.94 -3.25
N PRO B 70 -28.49 25.18 -41.79
CA PRO B 70 -27.50 26.24 -41.56
C PRO B 70 -28.12 27.56 -41.06
N PHE B 71 -27.40 28.24 -40.16
CA PHE B 71 -27.65 29.65 -39.81
C PHE B 71 -28.97 29.85 -39.04
N THR B 72 -29.30 28.91 -38.16
CA THR B 72 -30.48 28.98 -37.31
C THR B 72 -30.14 29.24 -35.85
N GLN B 73 -29.08 28.60 -35.36
CA GLN B 73 -28.53 28.78 -34.02
C GLN B 73 -28.03 30.21 -33.84
N LYS B 74 -28.54 30.93 -32.85
CA LYS B 74 -28.05 32.26 -32.59
C LYS B 74 -26.64 32.20 -32.01
N LEU B 75 -25.77 33.09 -32.45
CA LEU B 75 -24.38 33.06 -32.00
C LEU B 75 -24.30 33.32 -30.50
N LYS B 76 -23.64 32.39 -29.78
CA LYS B 76 -23.35 32.57 -28.37
C LYS B 76 -22.27 33.63 -28.14
N ILE B 77 -22.43 34.41 -27.09
CA ILE B 77 -21.49 35.48 -26.76
C ILE B 77 -20.81 35.12 -25.43
N PRO B 78 -19.49 34.94 -25.40
CA PRO B 78 -18.82 34.66 -24.12
C PRO B 78 -19.22 35.67 -23.05
N LYS B 79 -19.27 35.23 -21.79
CA LYS B 79 -19.35 36.22 -20.72
C LYS B 79 -18.01 36.92 -20.62
N GLU B 80 -17.95 37.94 -19.78
CA GLU B 80 -16.72 38.72 -19.69
C GLU B 80 -16.22 38.69 -18.26
N ILE B 81 -14.91 38.48 -18.11
CA ILE B 81 -14.27 38.61 -16.83
C ILE B 81 -13.44 39.88 -16.88
N ASP B 82 -14.06 41.02 -16.53
CA ASP B 82 -13.44 42.32 -16.65
C ASP B 82 -12.72 42.67 -15.35
N PHE B 83 -11.41 42.84 -15.41
CA PHE B 83 -10.62 42.97 -14.19
C PHE B 83 -10.69 44.34 -13.53
N GLU B 84 -11.48 45.28 -14.01
CA GLU B 84 -11.84 46.35 -13.09
C GLU B 84 -13.19 46.10 -12.44
N HIS B 85 -13.80 44.95 -12.69
CA HIS B 85 -14.94 44.53 -11.89
C HIS B 85 -14.65 43.24 -11.14
N VAL B 86 -13.52 42.60 -11.41
CA VAL B 86 -13.13 41.37 -10.75
C VAL B 86 -11.70 41.55 -10.28
N ALA B 87 -11.49 41.42 -8.97
CA ALA B 87 -10.13 41.44 -8.47
C ALA B 87 -9.43 40.12 -8.77
N LYS B 88 -10.05 39.00 -8.42
CA LYS B 88 -9.48 37.67 -8.59
C LYS B 88 -10.56 36.72 -9.05
N ALA B 89 -10.23 35.88 -10.04
CA ALA B 89 -11.25 35.03 -10.64
C ALA B 89 -10.92 33.56 -10.41
N LYS B 90 -11.86 32.70 -10.81
CA LYS B 90 -11.76 31.26 -10.55
C LYS B 90 -12.05 30.45 -11.81
N PHE B 91 -11.08 29.64 -12.23
CA PHE B 91 -11.26 28.65 -13.28
C PHE B 91 -11.13 27.27 -12.68
N ASN B 92 -12.04 26.38 -13.07
CA ASN B 92 -11.98 24.98 -12.68
C ASN B 92 -12.11 24.12 -13.93
N ALA B 93 -11.02 23.48 -14.35
CA ALA B 93 -11.05 22.64 -15.54
C ALA B 93 -11.90 21.39 -15.28
N GLN B 94 -13.05 21.34 -15.91
CA GLN B 94 -14.01 20.31 -15.62
C GLN B 94 -14.77 19.69 -16.73
N LYS B 95 -15.30 18.53 -16.45
CA LYS B 95 -16.12 17.87 -17.41
C LYS B 95 -17.52 18.40 -17.41
N SER B 96 -18.06 18.64 -18.58
CA SER B 96 -19.36 19.24 -18.72
C SER B 96 -20.12 18.65 -19.90
N LEU B 97 -21.37 19.01 -20.07
CA LEU B 97 -22.15 18.56 -21.19
C LEU B 97 -22.79 19.72 -21.94
N SER B 98 -22.67 19.79 -23.26
CA SER B 98 -23.36 20.81 -24.03
C SER B 98 -23.91 20.36 -25.34
N ALA B 99 -24.99 20.97 -25.75
CA ALA B 99 -25.60 20.63 -27.01
C ALA B 99 -24.99 21.42 -28.11
N LEU B 100 -23.80 21.04 -28.51
CA LEU B 100 -23.13 21.70 -29.59
C LEU B 100 -23.81 21.47 -30.93
N TYR B 101 -24.18 20.26 -31.22
CA TYR B 101 -24.75 19.96 -32.53
C TYR B 101 -26.01 19.23 -32.27
N LYS B 102 -26.97 19.29 -33.20
CA LYS B 102 -28.29 18.73 -32.99
C LYS B 102 -28.70 19.35 -31.69
N GLU B 103 -29.22 18.55 -30.80
CA GLU B 103 -29.48 19.06 -29.48
C GLU B 103 -28.96 17.97 -28.62
N LYS B 104 -27.82 17.42 -29.02
CA LYS B 104 -27.24 16.35 -28.28
C LYS B 104 -26.20 16.82 -27.35
N LYS B 105 -26.40 16.55 -26.08
CA LYS B 105 -25.43 16.89 -25.10
C LYS B 105 -24.20 16.08 -25.31
N THR B 106 -23.06 16.71 -25.27
CA THR B 106 -21.86 16.02 -25.55
C THR B 106 -20.87 16.34 -24.47
N ASP B 107 -20.03 15.38 -24.11
CA ASP B 107 -19.03 15.60 -23.12
C ASP B 107 -18.03 16.58 -23.59
N ILE B 108 -17.74 17.57 -22.76
CA ILE B 108 -16.85 18.63 -23.11
C ILE B 108 -16.05 19.05 -21.91
N LEU B 109 -15.08 19.94 -22.11
CA LEU B 109 -14.33 20.48 -21.00
C LEU B 109 -14.61 21.97 -20.88
N THR B 110 -14.74 22.47 -19.66
CA THR B 110 -14.99 23.89 -19.43
C THR B 110 -14.09 24.41 -18.33
N PHE B 111 -13.95 25.73 -18.30
CA PHE B 111 -13.29 26.39 -17.17
C PHE B 111 -14.29 26.90 -16.13
N GLN B 112 -15.53 27.24 -16.52
CA GLN B 112 -16.51 27.69 -15.54
C GLN B 112 -17.87 27.08 -15.79
N GLY B 113 -17.95 25.97 -16.51
CA GLY B 113 -19.15 25.17 -16.53
C GLY B 113 -19.88 25.14 -17.86
N ASP B 114 -19.66 26.10 -18.75
CA ASP B 114 -20.20 25.93 -20.10
C ASP B 114 -19.29 26.58 -21.14
N LEU B 115 -19.70 26.42 -22.40
CA LEU B 115 -18.97 26.93 -23.54
C LEU B 115 -19.82 27.91 -24.30
N PRO B 116 -19.24 29.00 -24.83
CA PRO B 116 -17.81 29.31 -24.81
C PRO B 116 -17.28 29.78 -23.45
N ASN B 117 -16.02 29.48 -23.18
CA ASN B 117 -15.40 29.95 -21.95
C ASN B 117 -15.33 31.48 -21.96
N PRO B 118 -15.30 32.11 -20.79
CA PRO B 118 -15.45 33.57 -20.75
C PRO B 118 -14.28 34.25 -21.44
N THR B 119 -14.51 35.49 -21.85
CA THR B 119 -13.48 36.37 -22.39
C THR B 119 -12.89 37.18 -21.26
N ILE B 120 -11.60 37.04 -21.01
CA ILE B 120 -10.94 37.92 -20.06
C ILE B 120 -10.76 39.29 -20.69
N ARG B 121 -10.97 40.36 -19.92
CA ARG B 121 -10.77 41.71 -20.44
C ARG B 121 -10.06 42.54 -19.39
N ILE B 122 -8.99 43.23 -19.76
CA ILE B 122 -8.15 43.85 -18.74
C ILE B 122 -7.36 45.02 -19.33
N LYS B 123 -7.19 46.09 -18.54
CA LYS B 123 -6.40 47.26 -18.94
C LYS B 123 -4.91 47.00 -18.78
N ASN B 124 -4.13 47.60 -19.67
CA ASN B 124 -2.69 47.60 -19.48
C ASN B 124 -2.36 48.31 -18.20
N GLY B 125 -1.62 47.64 -17.33
CA GLY B 125 -1.23 48.19 -16.04
C GLY B 125 -1.97 47.58 -14.87
N ASP B 126 -3.07 46.88 -15.12
CA ASP B 126 -3.86 46.23 -14.08
C ASP B 126 -3.22 44.93 -13.63
N ASP B 127 -3.63 44.45 -12.45
CA ASP B 127 -3.13 43.20 -11.89
C ASP B 127 -4.09 42.05 -12.22
N PHE B 128 -3.59 41.09 -13.01
CA PHE B 128 -4.31 39.86 -13.27
C PHE B 128 -4.11 38.93 -12.09
N GLU B 129 -5.21 38.42 -11.53
CA GLU B 129 -5.16 37.40 -10.50
C GLU B 129 -6.23 36.36 -10.81
N LEU B 130 -5.80 35.10 -10.98
CA LEU B 130 -6.73 34.01 -11.30
C LEU B 130 -6.30 32.71 -10.63
N ASP B 131 -7.25 31.99 -10.05
CA ASP B 131 -7.00 30.73 -9.37
C ASP B 131 -7.50 29.61 -10.26
N PHE B 132 -6.59 28.74 -10.65
CA PHE B 132 -6.91 27.63 -11.54
C PHE B 132 -6.88 26.33 -10.74
N THR B 133 -8.01 25.62 -10.76
CA THR B 133 -8.13 24.30 -10.18
C THR B 133 -8.22 23.30 -11.32
N ASN B 134 -7.53 22.17 -11.17
CA ASN B 134 -7.53 21.12 -12.17
C ASN B 134 -8.33 19.95 -11.63
N SER B 135 -9.59 19.84 -12.05
CA SER B 135 -10.49 18.76 -11.64
C SER B 135 -10.56 17.64 -12.67
N LEU B 136 -9.53 17.51 -13.52
CA LEU B 136 -9.47 16.51 -14.56
C LEU B 136 -8.47 15.43 -14.18
N GLU B 137 -8.56 14.29 -14.88
CA GLU B 137 -7.80 13.11 -14.47
C GLU B 137 -6.29 13.30 -14.65
N LYS B 138 -5.86 13.91 -15.74
CA LYS B 138 -4.43 14.04 -15.99
C LYS B 138 -3.97 15.48 -15.74
N PRO B 139 -2.68 15.68 -15.45
CA PRO B 139 -2.19 17.04 -15.15
C PRO B 139 -2.46 17.98 -16.32
N THR B 140 -2.55 19.28 -16.01
CA THR B 140 -2.62 20.26 -17.09
C THR B 140 -2.35 21.65 -16.49
N ILE B 141 -2.32 22.66 -17.36
CA ILE B 141 -1.91 24.01 -16.98
C ILE B 141 -2.38 24.96 -18.07
N ILE B 142 -2.59 26.23 -17.71
CA ILE B 142 -3.09 27.24 -18.64
C ILE B 142 -1.94 28.10 -19.14
N HIS B 143 -1.89 28.33 -20.44
CA HIS B 143 -0.99 29.27 -21.08
C HIS B 143 -1.79 30.48 -21.55
N TRP B 144 -1.32 31.68 -21.17
CA TRP B 144 -1.96 32.94 -21.57
C TRP B 144 -1.24 33.36 -22.84
N HIS B 145 -1.81 32.96 -23.97
CA HIS B 145 -1.19 33.08 -25.28
C HIS B 145 -1.13 34.54 -25.71
N GLY B 146 0.10 35.03 -25.84
CA GLY B 146 0.41 36.40 -26.19
C GLY B 146 0.94 37.21 -25.03
N LEU B 147 0.82 36.72 -23.80
CA LEU B 147 1.13 37.57 -22.66
C LEU B 147 2.60 37.52 -22.31
N LEU B 148 3.11 38.67 -21.89
CA LEU B 148 4.51 38.83 -21.50
C LEU B 148 4.55 38.79 -19.98
N VAL B 149 4.52 37.58 -19.44
CA VAL B 149 4.42 37.39 -17.99
C VAL B 149 5.66 36.64 -17.54
N PRO B 150 5.95 36.65 -16.24
CA PRO B 150 7.06 35.84 -15.73
C PRO B 150 6.88 34.36 -16.06
N GLU B 151 8.03 33.69 -16.26
CA GLU B 151 8.03 32.28 -16.67
C GLU B 151 7.06 31.45 -15.85
N ALA B 152 7.14 31.58 -14.52
CA ALA B 152 6.30 30.80 -13.61
C ALA B 152 4.82 31.12 -13.74
N MET B 153 4.43 32.07 -14.59
CA MET B 153 3.03 32.33 -14.86
C MET B 153 2.64 32.05 -16.31
N ASP B 154 3.56 31.54 -17.14
CA ASP B 154 3.35 31.30 -18.57
C ASP B 154 2.73 29.94 -18.88
N GLY B 155 2.62 29.04 -17.91
CA GLY B 155 2.04 27.74 -18.20
C GLY B 155 2.91 26.87 -19.09
N HIS B 156 4.22 26.88 -18.86
CA HIS B 156 5.12 25.93 -19.50
C HIS B 156 4.68 24.51 -19.18
N PRO B 157 4.79 23.56 -20.13
CA PRO B 157 4.32 22.19 -19.88
C PRO B 157 4.99 21.52 -18.70
N LYS B 158 6.20 21.92 -18.33
CA LYS B 158 6.84 21.32 -17.17
C LYS B 158 6.15 21.70 -15.86
N ASP B 159 5.34 22.76 -15.86
CA ASP B 159 4.63 23.20 -14.67
C ASP B 159 3.17 22.73 -14.63
N ALA B 160 2.84 21.60 -15.25
CA ALA B 160 1.47 21.12 -15.17
C ALA B 160 1.14 20.67 -13.73
N ILE B 161 -0.10 20.91 -13.29
CA ILE B 161 -0.52 20.60 -11.92
C ILE B 161 -1.46 19.40 -11.93
N ALA B 162 -1.30 18.55 -10.92
CA ALA B 162 -2.03 17.29 -10.88
C ALA B 162 -3.48 17.52 -10.49
N THR B 163 -4.28 16.46 -10.68
CA THR B 163 -5.69 16.53 -10.33
C THR B 163 -5.94 17.02 -8.91
N GLN B 164 -7.02 17.78 -8.77
CA GLN B 164 -7.54 18.34 -7.53
C GLN B 164 -6.67 19.49 -7.01
N MET B 165 -5.60 19.86 -7.70
CA MET B 165 -4.71 20.92 -7.25
C MET B 165 -5.10 22.30 -7.81
N LEU B 166 -4.18 23.27 -7.60
CA LEU B 166 -4.48 24.70 -7.68
C LEU B 166 -3.24 25.54 -7.93
N LYS B 167 -3.31 26.39 -8.97
CA LYS B 167 -2.28 27.37 -9.26
C LYS B 167 -2.81 28.79 -9.13
N GLU B 168 -2.00 29.65 -8.52
CA GLU B 168 -2.33 31.04 -8.29
C GLU B 168 -1.59 31.90 -9.30
N TYR B 169 -2.27 32.27 -10.37
CA TYR B 169 -1.67 33.13 -11.39
C TYR B 169 -1.78 34.58 -10.94
N ARG B 170 -0.64 35.25 -10.82
CA ARG B 170 -0.56 36.66 -10.48
C ARG B 170 0.44 37.33 -11.39
N TYR B 171 0.00 38.31 -12.16
CA TYR B 171 0.99 39.14 -12.84
C TYR B 171 0.40 40.50 -13.17
N LYS B 172 1.29 41.45 -13.40
CA LYS B 172 0.91 42.79 -13.82
C LYS B 172 1.08 42.94 -15.33
N VAL B 173 -0.04 43.07 -16.05
CA VAL B 173 -0.03 43.35 -17.47
C VAL B 173 0.89 44.53 -17.76
N ASN B 174 1.90 44.30 -18.63
CA ASN B 174 2.82 45.33 -19.05
C ASN B 174 3.08 45.18 -20.56
N GLN B 175 2.07 45.51 -21.36
CA GLN B 175 2.17 45.40 -22.80
C GLN B 175 1.02 46.15 -23.44
N ARG B 176 1.19 46.51 -24.72
CA ARG B 176 0.19 47.28 -25.42
C ARG B 176 -1.09 46.46 -25.59
N ALA B 177 -2.14 47.15 -26.05
CA ALA B 177 -3.45 46.51 -26.19
C ALA B 177 -3.46 45.55 -27.37
N GLY B 178 -4.22 44.47 -27.24
CA GLY B 178 -4.45 43.62 -28.40
C GLY B 178 -5.36 42.44 -28.09
N THR B 179 -5.48 41.58 -29.11
CA THR B 179 -6.29 40.36 -29.05
C THR B 179 -5.36 39.19 -28.75
N PHE B 180 -5.60 38.51 -27.64
CA PHE B 180 -4.82 37.35 -27.24
C PHE B 180 -5.78 36.24 -26.87
N TRP B 181 -5.27 35.16 -26.31
CA TRP B 181 -6.24 34.16 -25.88
C TRP B 181 -5.56 33.29 -24.82
N TYR B 182 -6.24 32.21 -24.44
CA TYR B 182 -5.71 31.32 -23.42
C TYR B 182 -6.19 29.91 -23.71
N HIS B 183 -5.37 28.96 -23.28
CA HIS B 183 -5.76 27.57 -23.43
C HIS B 183 -4.87 26.74 -22.54
N THR B 184 -5.28 25.51 -22.29
CA THR B 184 -4.37 24.59 -21.62
C THR B 184 -3.24 24.16 -22.55
N HIS B 185 -2.14 23.76 -21.95
CA HIS B 185 -0.91 23.47 -22.66
C HIS B 185 -0.23 22.19 -22.15
N PRO B 186 -0.96 21.09 -21.93
CA PRO B 186 -0.29 19.87 -21.42
C PRO B 186 0.46 19.15 -22.54
N HIS B 187 1.73 18.84 -22.27
CA HIS B 187 2.58 18.16 -23.24
C HIS B 187 1.96 16.87 -23.71
N GLY B 188 1.79 16.74 -25.03
CA GLY B 188 1.19 15.59 -25.65
C GLY B 188 -0.32 15.61 -25.73
N ARG B 189 -0.97 16.49 -24.98
CA ARG B 189 -2.43 16.45 -24.86
C ARG B 189 -3.10 17.79 -25.17
N THR B 190 -2.37 18.76 -25.74
CA THR B 190 -2.95 20.09 -25.95
C THR B 190 -4.04 20.08 -27.03
N GLY B 191 -3.83 19.33 -28.10
CA GLY B 191 -4.83 19.29 -29.14
C GLY B 191 -6.15 18.75 -28.64
N GLU B 192 -6.11 17.80 -27.72
CA GLU B 192 -7.34 17.21 -27.19
C GLU B 192 -8.08 18.13 -26.27
N GLU B 193 -7.37 18.76 -25.40
CA GLU B 193 -8.01 19.65 -24.48
C GLU B 193 -8.66 20.86 -25.14
N ILE B 194 -8.02 21.46 -26.13
CA ILE B 194 -8.64 22.54 -26.89
C ILE B 194 -9.85 22.06 -27.70
N TYR B 195 -9.75 20.88 -28.26
CA TYR B 195 -10.84 20.33 -29.04
C TYR B 195 -12.07 20.16 -28.23
N TYR B 196 -11.88 19.72 -27.02
CA TYR B 196 -13.01 19.45 -26.18
C TYR B 196 -13.48 20.65 -25.41
N GLY B 197 -12.78 21.76 -25.55
CA GLY B 197 -13.23 22.98 -24.93
C GLY B 197 -12.37 23.91 -24.17
N LEU B 198 -11.17 23.53 -23.87
CA LEU B 198 -10.37 24.34 -23.01
C LEU B 198 -9.63 25.47 -23.62
N ALA B 199 -10.35 26.47 -24.05
CA ALA B 199 -9.77 27.65 -24.65
C ALA B 199 -10.69 28.84 -24.55
N GLY B 200 -10.17 30.04 -24.73
CA GLY B 200 -10.97 31.23 -24.72
C GLY B 200 -10.21 32.47 -25.07
N LEU B 201 -10.90 33.61 -25.11
CA LEU B 201 -10.28 34.87 -25.49
C LEU B 201 -9.76 35.73 -24.38
N TYR B 202 -8.79 36.59 -24.66
CA TYR B 202 -8.10 37.39 -23.66
C TYR B 202 -7.90 38.76 -24.31
N ILE B 203 -8.58 39.82 -23.88
CA ILE B 203 -8.47 41.10 -24.54
C ILE B 203 -7.74 42.08 -23.63
N ILE B 204 -6.66 42.68 -24.14
CA ILE B 204 -5.93 43.71 -23.42
C ILE B 204 -6.24 45.07 -24.03
N GLU B 205 -6.51 46.07 -23.18
CA GLU B 205 -6.82 47.44 -23.59
C GLU B 205 -5.76 48.42 -23.11
N ASP B 206 -5.66 49.54 -23.81
CA ASP B 206 -4.76 50.60 -23.38
C ASP B 206 -5.34 51.95 -23.80
N ASP B 207 -4.68 53.02 -23.32
CA ASP B 207 -5.23 54.37 -23.52
C ASP B 207 -5.21 54.78 -24.99
N ASN B 208 -4.12 54.44 -25.72
CA ASN B 208 -4.06 54.66 -27.15
C ASN B 208 -5.38 54.23 -27.82
N GLU B 209 -5.61 52.93 -27.72
CA GLU B 209 -6.69 52.26 -28.40
C GLU B 209 -8.01 52.88 -28.02
N LYS B 210 -8.21 53.16 -26.71
CA LYS B 210 -9.45 53.80 -26.28
C LYS B 210 -9.62 55.15 -26.96
N ALA B 211 -8.54 55.93 -27.03
CA ALA B 211 -8.61 57.24 -27.69
C ALA B 211 -9.05 57.15 -29.14
N LEU B 212 -8.77 56.05 -29.83
CA LEU B 212 -9.21 55.97 -31.22
C LEU B 212 -10.74 55.99 -31.38
N ASN B 213 -11.51 55.65 -30.35
CA ASN B 213 -12.98 55.55 -30.42
C ASN B 213 -13.44 54.64 -31.56
N LEU B 214 -12.96 53.42 -31.53
CA LEU B 214 -13.37 52.41 -32.49
C LEU B 214 -14.73 51.85 -32.11
N PRO B 215 -15.46 51.22 -33.07
CA PRO B 215 -16.73 50.55 -32.71
C PRO B 215 -16.60 49.66 -31.49
N SER B 216 -17.39 49.91 -30.46
CA SER B 216 -17.26 49.20 -29.20
C SER B 216 -18.66 48.76 -28.75
N GLY B 217 -18.76 48.34 -27.49
CA GLY B 217 -20.01 47.82 -26.95
C GLY B 217 -20.61 46.78 -27.88
N GLU B 218 -21.89 46.93 -28.19
CA GLU B 218 -22.58 45.97 -29.02
C GLU B 218 -21.95 45.84 -30.41
N PHE B 219 -21.01 46.73 -30.76
CA PHE B 219 -20.40 46.76 -32.09
C PHE B 219 -19.02 46.09 -32.16
N GLU B 220 -18.55 45.51 -31.05
CA GLU B 220 -17.35 44.68 -31.03
C GLU B 220 -17.77 43.25 -30.75
N LEU B 221 -17.34 42.30 -31.59
CA LEU B 221 -17.73 40.92 -31.41
C LEU B 221 -16.53 39.99 -31.35
N PRO B 222 -16.44 39.15 -30.31
CA PRO B 222 -15.47 38.05 -30.32
C PRO B 222 -15.96 36.92 -31.21
N LEU B 223 -15.08 36.43 -32.07
CA LEU B 223 -15.37 35.29 -32.94
C LEU B 223 -14.25 34.27 -32.80
N ILE B 224 -14.55 33.12 -32.17
CA ILE B 224 -13.63 32.01 -32.06
C ILE B 224 -14.02 30.97 -33.10
N ILE B 225 -13.19 30.84 -34.14
CA ILE B 225 -13.49 29.93 -35.25
C ILE B 225 -12.82 28.60 -34.98
N GLN B 226 -13.59 27.51 -35.01
CA GLN B 226 -12.97 26.21 -34.77
C GLN B 226 -13.73 25.19 -35.62
N ASP B 227 -13.03 24.38 -36.40
CA ASP B 227 -13.75 23.33 -37.09
C ASP B 227 -13.75 22.02 -36.28
N ARG B 228 -14.81 21.25 -36.47
CA ARG B 228 -15.12 20.10 -35.64
C ARG B 228 -15.77 19.02 -36.49
N ARG B 229 -15.66 17.79 -35.98
CA ARG B 229 -16.24 16.64 -36.62
C ARG B 229 -17.26 16.11 -35.63
N PHE B 230 -18.47 15.85 -36.10
CA PHE B 230 -19.50 15.31 -35.23
C PHE B 230 -20.02 14.04 -35.81
N ASP B 231 -20.55 13.18 -34.97
CA ASP B 231 -21.15 11.94 -35.44
C ASP B 231 -22.62 11.94 -35.74
N LYS B 232 -23.18 10.78 -36.00
CA LYS B 232 -24.59 10.63 -36.32
C LYS B 232 -25.46 11.09 -35.19
N GLU B 233 -25.01 10.84 -33.98
CA GLU B 233 -25.76 11.23 -32.83
C GLU B 233 -25.23 12.46 -32.18
N GLY B 234 -24.48 13.30 -32.86
CA GLY B 234 -24.06 14.56 -32.28
C GLY B 234 -22.87 14.66 -31.37
N ASP B 235 -22.14 13.59 -31.23
CA ASP B 235 -21.02 13.60 -30.37
C ASP B 235 -19.74 13.88 -31.11
N LEU B 236 -18.84 14.58 -30.46
CA LEU B 236 -17.60 14.95 -31.09
C LEU B 236 -16.66 13.85 -31.42
N ILE B 237 -16.04 13.95 -32.59
CA ILE B 237 -15.07 12.99 -32.96
C ILE B 237 -13.78 13.74 -33.09
N TYR B 238 -12.71 13.29 -32.48
CA TYR B 238 -11.42 13.92 -32.67
C TYR B 238 -10.63 13.06 -33.68
N LYS B 239 -9.52 12.50 -33.28
CA LYS B 239 -8.74 11.67 -34.17
C LYS B 239 -9.42 10.38 -34.51
N GLU B 240 -9.38 10.01 -35.77
CA GLU B 240 -10.00 8.79 -36.20
C GLU B 240 -8.98 7.95 -36.92
N THR B 241 -8.20 8.56 -37.79
CA THR B 241 -7.25 7.83 -38.60
C THR B 241 -5.84 8.25 -38.30
N PRO B 242 -4.87 7.45 -38.70
CA PRO B 242 -3.47 7.78 -38.45
C PRO B 242 -2.99 9.08 -39.09
N GLN B 243 -3.59 9.45 -40.20
CA GLN B 243 -3.20 10.67 -40.92
C GLN B 243 -3.64 11.89 -40.17
N ASP B 244 -4.48 11.72 -39.18
CA ASP B 244 -4.97 12.82 -38.38
C ASP B 244 -3.88 13.31 -37.47
N ASN B 245 -2.78 12.60 -37.40
CA ASN B 245 -1.65 13.05 -36.63
C ASN B 245 -0.93 14.13 -37.37
N ASN B 246 -1.34 14.40 -38.58
CA ASN B 246 -0.78 15.48 -39.35
C ASN B 246 -1.74 16.63 -39.29
N GLY B 247 -2.76 16.53 -38.47
CA GLY B 247 -3.74 17.56 -38.33
C GLY B 247 -5.18 17.15 -38.45
N VAL B 248 -6.00 17.65 -37.55
CA VAL B 248 -7.41 17.30 -37.54
C VAL B 248 -8.26 18.35 -38.20
N LEU B 249 -8.83 17.99 -39.33
CA LEU B 249 -9.69 18.90 -40.07
C LEU B 249 -11.11 18.40 -39.97
N GLY B 250 -12.06 19.33 -39.84
CA GLY B 250 -13.45 18.96 -39.70
C GLY B 250 -14.31 19.50 -40.81
N ASP B 251 -15.54 19.00 -40.91
CA ASP B 251 -16.51 19.44 -41.88
C ASP B 251 -17.57 20.38 -41.30
N VAL B 252 -17.65 20.48 -39.98
CA VAL B 252 -18.60 21.37 -39.33
C VAL B 252 -17.82 22.53 -38.71
N VAL B 253 -18.29 23.74 -38.90
CA VAL B 253 -17.55 24.91 -38.45
C VAL B 253 -18.32 25.58 -37.32
N MET B 254 -17.62 25.99 -36.29
CA MET B 254 -18.27 26.63 -35.17
C MET B 254 -17.70 27.98 -34.88
N VAL B 255 -18.52 28.91 -34.45
CA VAL B 255 -18.01 30.18 -34.02
C VAL B 255 -18.47 30.32 -32.59
N ASN B 256 -17.58 30.61 -31.66
CA ASN B 256 -17.92 30.75 -30.26
C ASN B 256 -18.64 29.55 -29.74
N SER B 257 -18.18 28.38 -30.12
CA SER B 257 -18.79 27.13 -29.71
C SER B 257 -20.22 26.97 -30.17
N THR B 258 -20.57 27.58 -31.29
CA THR B 258 -21.92 27.56 -31.79
C THR B 258 -21.85 27.14 -33.24
N VAL B 259 -22.57 26.11 -33.62
CA VAL B 259 -22.47 25.59 -34.96
C VAL B 259 -23.23 26.39 -36.00
N HIS B 260 -22.54 26.83 -37.04
CA HIS B 260 -23.15 27.60 -38.11
C HIS B 260 -24.04 28.68 -37.65
N PRO B 261 -23.50 29.62 -36.91
CA PRO B 261 -24.35 30.62 -36.30
C PRO B 261 -24.83 31.83 -37.06
N TYR B 262 -25.78 32.54 -36.47
CA TYR B 262 -26.22 33.76 -37.06
C TYR B 262 -26.05 34.84 -36.03
N LYS B 263 -25.98 36.09 -36.45
CA LYS B 263 -25.91 37.19 -35.50
C LYS B 263 -26.72 38.35 -36.04
N ASN B 264 -27.66 38.84 -35.25
CA ASN B 264 -28.50 39.94 -35.68
C ASN B 264 -27.72 41.24 -35.53
N VAL B 265 -27.67 42.03 -36.60
CA VAL B 265 -26.78 43.18 -36.69
C VAL B 265 -27.50 44.36 -37.30
N LYS B 266 -27.04 45.56 -36.93
CA LYS B 266 -27.44 46.81 -37.55
C LYS B 266 -26.55 47.11 -38.75
N ASN B 267 -26.96 48.07 -39.58
CA ASN B 267 -26.20 48.40 -40.77
C ASN B 267 -25.18 49.52 -40.48
N THR B 268 -24.25 49.19 -39.58
CA THR B 268 -23.15 50.08 -39.24
C THR B 268 -21.88 49.24 -39.11
N LYS B 269 -20.83 49.85 -38.54
CA LYS B 269 -19.51 49.23 -38.48
C LYS B 269 -19.42 48.35 -37.24
N TYR B 270 -18.99 47.10 -37.46
CA TYR B 270 -18.74 46.13 -36.40
C TYR B 270 -17.26 45.84 -36.34
N ARG B 271 -16.70 45.92 -35.14
CA ARG B 271 -15.32 45.52 -34.92
C ARG B 271 -15.30 44.05 -34.55
N LEU B 272 -14.62 43.22 -35.35
CA LEU B 272 -14.55 41.78 -35.16
C LEU B 272 -13.17 41.40 -34.68
N ARG B 273 -13.12 40.62 -33.61
CA ARG B 273 -11.87 40.10 -33.06
C ARG B 273 -11.87 38.59 -33.28
N ILE B 274 -11.06 38.13 -34.25
CA ILE B 274 -11.09 36.75 -34.73
C ILE B 274 -9.91 35.96 -34.19
N LEU B 275 -10.20 34.79 -33.62
CA LEU B 275 -9.22 33.77 -33.26
C LEU B 275 -9.55 32.50 -34.03
N ASN B 276 -8.54 31.96 -34.70
CA ASN B 276 -8.62 30.62 -35.25
C ASN B 276 -8.19 29.69 -34.13
N GLY B 277 -9.15 29.02 -33.50
CA GLY B 277 -8.83 28.07 -32.44
C GLY B 277 -8.96 26.61 -32.85
N SER B 278 -8.77 26.33 -34.13
CA SER B 278 -8.92 25.00 -34.71
C SER B 278 -7.70 24.13 -34.38
N SER B 279 -7.81 22.82 -34.61
CA SER B 279 -6.62 21.98 -34.54
C SER B 279 -5.57 22.39 -35.57
N ALA B 280 -5.97 22.49 -36.84
CA ALA B 280 -4.97 22.62 -37.90
C ALA B 280 -5.36 23.54 -39.04
N ARG B 281 -6.65 23.65 -39.37
CA ARG B 281 -7.10 24.31 -40.59
C ARG B 281 -6.66 25.77 -40.61
N THR B 282 -6.07 26.18 -41.75
CA THR B 282 -5.83 27.58 -42.06
C THR B 282 -7.01 28.12 -42.85
N TYR B 283 -7.46 29.33 -42.50
CA TYR B 283 -8.66 29.91 -43.10
C TYR B 283 -8.33 31.07 -44.03
N LYS B 284 -9.05 31.14 -45.16
CA LYS B 284 -8.95 32.28 -46.08
C LYS B 284 -10.29 33.00 -46.00
N LEU B 285 -10.40 33.90 -45.03
CA LEU B 285 -11.68 34.49 -44.71
C LEU B 285 -12.07 35.61 -45.67
N ALA B 286 -13.34 35.58 -46.06
CA ALA B 286 -13.94 36.64 -46.87
C ALA B 286 -15.43 36.70 -46.57
N PHE B 287 -16.00 37.86 -46.85
CA PHE B 287 -17.41 38.13 -46.60
C PHE B 287 -18.16 38.22 -47.94
N GLU B 288 -19.20 37.41 -48.08
CA GLU B 288 -20.14 37.54 -49.19
C GLU B 288 -21.20 38.56 -48.78
N GLY B 289 -21.21 39.70 -49.46
CA GLY B 289 -22.17 40.73 -49.15
C GLY B 289 -21.52 42.09 -49.14
N ILE B 290 -20.23 42.15 -48.81
CA ILE B 290 -19.52 43.41 -48.79
C ILE B 290 -18.25 43.30 -49.63
N GLU B 291 -17.82 44.44 -50.19
CA GLU B 291 -16.66 44.45 -51.06
C GLU B 291 -15.35 44.47 -50.27
N ASP B 292 -15.33 45.16 -49.13
CA ASP B 292 -14.10 45.50 -48.42
C ASP B 292 -14.25 45.23 -46.94
N PHE B 293 -13.12 44.95 -46.28
CA PHE B 293 -13.03 45.19 -44.85
C PHE B 293 -11.63 45.72 -44.54
N MET B 294 -11.44 46.08 -43.29
CA MET B 294 -10.28 46.85 -42.85
C MET B 294 -9.54 46.05 -41.79
N LEU B 295 -8.37 45.53 -42.14
CA LEU B 295 -7.49 44.95 -41.14
C LEU B 295 -6.90 46.08 -40.29
N ILE B 296 -7.15 46.07 -38.98
CA ILE B 296 -6.55 47.04 -38.08
C ILE B 296 -5.64 46.41 -37.03
N GLY B 297 -5.65 45.09 -36.86
CA GLY B 297 -4.78 44.58 -35.82
C GLY B 297 -4.45 43.11 -35.99
N THR B 298 -3.32 42.72 -35.40
CA THR B 298 -2.83 41.35 -35.43
C THR B 298 -2.65 40.82 -34.01
N ASP B 299 -2.00 39.65 -33.89
CA ASP B 299 -1.68 39.07 -32.58
C ASP B 299 -1.30 40.14 -31.55
N GLY B 300 -0.35 41.01 -31.90
CA GLY B 300 0.27 41.85 -30.89
C GLY B 300 -0.31 43.25 -30.83
N GLY B 301 -1.48 43.42 -31.45
CA GLY B 301 -2.28 44.62 -31.29
C GLY B 301 -2.48 45.39 -32.59
N LEU B 302 -2.66 46.70 -32.45
CA LEU B 302 -3.07 47.52 -33.58
C LEU B 302 -1.92 47.66 -34.58
N LEU B 303 -2.27 47.69 -35.86
CA LEU B 303 -1.29 48.14 -36.84
C LEU B 303 -1.03 49.66 -36.70
N GLU B 304 -0.18 50.18 -37.57
CA GLU B 304 0.00 51.64 -37.61
C GLU B 304 -1.17 52.32 -38.32
N GLU B 305 -1.68 51.71 -39.38
CA GLU B 305 -2.81 52.19 -40.17
C GLU B 305 -3.63 51.01 -40.61
N PRO B 306 -4.91 51.21 -40.89
CA PRO B 306 -5.71 50.12 -41.48
C PRO B 306 -5.17 49.73 -42.83
N ILE B 307 -5.41 48.48 -43.21
CA ILE B 307 -5.18 48.00 -44.56
C ILE B 307 -6.51 47.51 -45.09
N ILE B 308 -6.81 47.84 -46.33
CA ILE B 308 -8.08 47.40 -46.88
C ILE B 308 -7.82 46.09 -47.61
N VAL B 309 -8.72 45.12 -47.40
CA VAL B 309 -8.54 43.79 -47.96
C VAL B 309 -9.88 43.21 -48.35
N LYS B 310 -9.83 42.22 -49.22
CA LYS B 310 -10.98 41.48 -49.69
C LYS B 310 -10.97 40.04 -49.22
N ASP B 311 -9.88 39.60 -48.59
CA ASP B 311 -9.74 38.28 -48.00
C ASP B 311 -8.50 38.33 -47.13
N ILE B 312 -8.42 37.40 -46.17
CA ILE B 312 -7.37 37.47 -45.16
C ILE B 312 -7.05 36.05 -44.69
N LEU B 313 -5.77 35.72 -44.57
CA LEU B 313 -5.38 34.40 -44.10
C LEU B 313 -5.26 34.41 -42.57
N ILE B 314 -5.67 33.31 -41.95
CA ILE B 314 -5.55 33.19 -40.51
C ILE B 314 -5.23 31.74 -40.14
N ALA B 315 -4.04 31.52 -39.61
CA ALA B 315 -3.64 30.18 -39.23
C ALA B 315 -4.00 29.91 -37.77
N VAL B 316 -3.97 28.63 -37.41
CA VAL B 316 -4.26 28.25 -36.03
C VAL B 316 -3.39 29.08 -35.12
N ALA B 317 -4.01 29.58 -34.03
CA ALA B 317 -3.47 30.44 -32.97
C ALA B 317 -3.28 31.87 -33.42
N GLU B 318 -3.64 32.23 -34.62
CA GLU B 318 -3.52 33.60 -35.02
C GLU B 318 -4.73 34.41 -34.75
N ARG B 319 -4.50 35.67 -34.48
CA ARG B 319 -5.60 36.57 -34.20
C ARG B 319 -5.66 37.80 -35.07
N ILE B 320 -6.81 38.08 -35.64
CA ILE B 320 -7.01 39.31 -36.42
C ILE B 320 -8.05 40.27 -35.86
N ASP B 321 -7.87 41.58 -36.02
CA ASP B 321 -8.77 42.62 -35.57
C ASP B 321 -9.21 43.36 -36.82
N ILE B 322 -10.47 43.17 -37.24
CA ILE B 322 -10.96 43.75 -38.47
C ILE B 322 -12.17 44.64 -38.22
N ILE B 323 -12.49 45.47 -39.22
CA ILE B 323 -13.68 46.33 -39.24
C ILE B 323 -14.51 45.93 -40.44
N VAL B 324 -15.77 45.53 -40.21
CA VAL B 324 -16.71 45.32 -41.29
C VAL B 324 -17.73 46.44 -41.26
N ASP B 325 -18.30 46.76 -42.42
CA ASP B 325 -19.25 47.86 -42.54
C ASP B 325 -20.50 47.39 -43.26
N PHE B 326 -21.63 47.50 -42.58
CA PHE B 326 -22.90 47.07 -43.14
C PHE B 326 -23.73 48.24 -43.61
N LYS B 327 -23.18 49.46 -43.61
CA LYS B 327 -23.97 50.67 -43.84
C LYS B 327 -24.81 50.59 -45.12
N ASP B 328 -24.30 49.93 -46.16
CA ASP B 328 -25.03 49.80 -47.42
C ASP B 328 -26.04 48.66 -47.41
N LYS B 329 -26.21 47.97 -46.29
CA LYS B 329 -27.09 46.83 -46.25
C LYS B 329 -28.51 47.26 -45.90
N LYS B 330 -29.47 46.77 -46.66
CA LYS B 330 -30.87 47.04 -46.41
C LYS B 330 -31.43 45.89 -45.59
N VAL B 331 -32.38 46.22 -44.70
CA VAL B 331 -32.89 45.24 -43.75
C VAL B 331 -33.38 44.00 -44.49
N GLY B 332 -33.08 42.83 -43.94
CA GLY B 332 -33.43 41.57 -44.55
C GLY B 332 -32.32 40.95 -45.38
N GLU B 333 -31.24 41.67 -45.64
CA GLU B 333 -30.14 41.10 -46.41
C GLU B 333 -29.14 40.43 -45.45
N SER B 334 -28.09 39.87 -46.04
CA SER B 334 -27.14 39.03 -45.32
C SER B 334 -25.71 39.42 -45.67
N VAL B 335 -24.81 39.27 -44.71
CA VAL B 335 -23.39 39.18 -45.00
C VAL B 335 -22.90 37.86 -44.45
N THR B 336 -22.25 37.08 -45.28
CA THR B 336 -21.94 35.70 -44.90
C THR B 336 -20.43 35.50 -44.87
N LEU B 337 -19.90 35.21 -43.69
CA LEU B 337 -18.49 34.92 -43.52
C LEU B 337 -18.23 33.49 -43.95
N LYS B 338 -17.21 33.31 -44.79
CA LYS B 338 -16.89 32.02 -45.41
C LYS B 338 -15.39 31.97 -45.65
N THR B 339 -14.88 30.77 -45.84
CA THR B 339 -13.48 30.60 -46.17
C THR B 339 -13.34 30.15 -47.62
N LEU B 340 -12.45 30.81 -48.35
CA LEU B 340 -12.26 30.53 -49.77
C LEU B 340 -11.35 29.33 -50.01
N GLY B 341 -10.89 28.66 -48.96
CA GLY B 341 -9.97 27.56 -49.11
C GLY B 341 -8.54 28.03 -49.24
N PHE B 342 -7.62 27.07 -49.09
CA PHE B 342 -6.20 27.38 -49.15
C PHE B 342 -5.37 26.12 -49.43
N LYS B 343 -5.49 25.54 -50.63
CA LYS B 343 -4.86 24.24 -50.90
C LYS B 343 -3.35 24.27 -50.62
N GLU B 344 -2.69 25.41 -50.83
CA GLU B 344 -1.23 25.46 -50.71
C GLU B 344 -0.69 25.13 -49.32
N ALA B 345 -1.51 25.09 -48.30
CA ALA B 345 -1.03 24.82 -46.95
C ALA B 345 -0.70 23.35 -46.69
N ASN B 346 -1.37 22.46 -47.39
CA ASN B 346 -1.09 21.05 -47.23
C ASN B 346 -0.70 20.30 -48.52
N ASN B 347 0.47 19.71 -48.57
CA ASN B 347 0.84 18.90 -49.72
C ASN B 347 0.79 17.43 -49.38
N PHE B 348 0.39 17.09 -48.17
CA PHE B 348 0.20 15.72 -47.76
C PHE B 348 -1.25 15.50 -47.98
N VAL B 349 -1.72 14.29 -47.77
CA VAL B 349 -3.18 14.08 -47.84
C VAL B 349 -3.76 13.73 -46.47
N THR B 350 -4.89 14.34 -46.11
CA THR B 350 -5.53 14.08 -44.84
C THR B 350 -6.64 13.08 -44.93
N ASN B 351 -7.47 12.99 -43.91
CA ASN B 351 -8.53 12.01 -43.88
C ASN B 351 -9.49 12.37 -44.96
N PRO B 352 -9.79 11.42 -45.83
CA PRO B 352 -10.65 11.73 -46.95
C PRO B 352 -12.09 11.97 -46.57
N ALA B 353 -12.50 11.54 -45.40
CA ALA B 353 -13.86 11.77 -44.92
C ALA B 353 -14.17 13.19 -44.60
N TYR B 354 -13.15 13.97 -44.36
CA TYR B 354 -13.35 15.34 -44.05
C TYR B 354 -12.69 16.20 -45.09
N PRO B 355 -13.21 17.41 -45.28
CA PRO B 355 -12.69 18.32 -46.28
C PRO B 355 -11.24 18.73 -46.13
N ASP B 356 -10.58 19.01 -47.23
CA ASP B 356 -9.17 19.35 -47.23
C ASP B 356 -8.84 20.83 -47.04
N SER B 357 -7.56 21.17 -47.06
CA SER B 357 -7.19 22.58 -46.97
C SER B 357 -7.84 23.42 -48.06
N GLY B 358 -8.29 22.80 -49.14
CA GLY B 358 -8.80 23.56 -50.25
C GLY B 358 -10.21 24.00 -50.12
N ALA B 359 -10.92 23.42 -49.14
CA ALA B 359 -12.36 23.53 -49.08
C ALA B 359 -12.83 24.94 -48.73
N LYS B 360 -13.61 25.52 -49.62
CA LYS B 360 -14.49 26.61 -49.28
C LYS B 360 -15.63 26.11 -48.41
N MET B 361 -15.85 26.78 -47.27
CA MET B 361 -16.87 26.43 -46.29
C MET B 361 -17.55 27.70 -45.80
N ASP B 362 -18.88 27.64 -45.68
CA ASP B 362 -19.59 28.68 -44.97
C ASP B 362 -19.26 28.62 -43.48
N ILE B 363 -19.19 29.81 -42.86
CA ILE B 363 -18.83 29.88 -41.46
C ILE B 363 -20.00 30.46 -40.66
N MET B 364 -20.39 31.69 -40.94
CA MET B 364 -21.53 32.22 -40.19
C MET B 364 -22.25 33.30 -41.00
N ARG B 365 -23.41 33.71 -40.50
CA ARG B 365 -24.23 34.70 -41.21
C ARG B 365 -24.57 35.85 -40.30
N PHE B 366 -24.25 37.06 -40.74
CA PHE B 366 -24.74 38.27 -40.10
C PHE B 366 -26.03 38.65 -40.81
N LYS B 367 -27.14 38.74 -40.04
CA LYS B 367 -28.44 39.10 -40.60
C LYS B 367 -28.79 40.51 -40.16
N VAL B 368 -29.20 41.34 -41.13
CA VAL B 368 -29.30 42.78 -40.97
C VAL B 368 -30.75 43.08 -40.58
N THR B 369 -30.99 43.41 -39.31
CA THR B 369 -32.36 43.44 -38.81
C THR B 369 -32.82 44.79 -38.26
N GLU B 370 -31.93 45.76 -38.10
CA GLU B 370 -32.34 47.08 -37.66
C GLU B 370 -31.57 48.11 -38.46
N LEU B 371 -32.07 49.33 -38.52
CA LEU B 371 -31.29 50.37 -39.15
C LEU B 371 -30.58 51.14 -38.03
N SER B 372 -29.40 51.66 -38.34
CA SER B 372 -28.68 52.47 -37.37
C SER B 372 -28.20 53.73 -38.06
N THR B 373 -28.29 54.86 -37.37
CA THR B 373 -27.67 56.07 -37.88
C THR B 373 -26.19 56.13 -37.56
N GLN B 374 -25.73 55.33 -36.60
CA GLN B 374 -24.43 55.59 -35.97
C GLN B 374 -23.30 55.56 -36.98
N ASN B 375 -22.44 56.55 -36.84
CA ASN B 375 -21.29 56.79 -37.71
C ASN B 375 -20.06 56.79 -36.84
N SER B 376 -19.17 55.85 -37.08
CA SER B 376 -17.85 55.88 -36.47
C SER B 376 -16.81 55.83 -37.59
N GLN B 377 -15.80 56.67 -37.47
CA GLN B 377 -14.78 56.84 -38.49
C GLN B 377 -13.52 56.13 -38.01
N ILE B 378 -13.06 55.16 -38.77
CA ILE B 378 -11.83 54.48 -38.38
C ILE B 378 -10.65 55.41 -38.68
N PRO B 379 -9.89 55.83 -37.67
CA PRO B 379 -8.75 56.74 -37.92
C PRO B 379 -7.67 56.11 -38.79
N LYS B 380 -6.76 56.97 -39.29
CA LYS B 380 -5.51 56.47 -39.86
C LYS B 380 -4.51 56.02 -38.81
N LYS B 381 -4.00 56.98 -38.04
CA LYS B 381 -2.92 56.68 -37.11
C LYS B 381 -3.49 55.88 -35.94
N LEU B 382 -3.47 54.55 -36.08
CA LEU B 382 -3.94 53.65 -35.04
C LEU B 382 -2.97 53.61 -33.88
N SER B 383 -1.67 53.60 -34.18
CA SER B 383 -0.60 53.51 -33.19
C SER B 383 0.72 53.66 -33.93
N THR B 384 1.80 53.79 -33.16
CA THR B 384 3.15 53.81 -33.71
C THR B 384 3.91 52.55 -33.33
N ILE B 385 4.49 51.88 -34.33
CA ILE B 385 5.29 50.68 -34.15
C ILE B 385 6.69 50.98 -34.66
N ALA B 386 7.69 50.90 -33.78
CA ALA B 386 9.08 51.06 -34.20
C ALA B 386 9.52 49.79 -34.91
N LYS B 387 9.70 49.87 -36.24
CA LYS B 387 10.13 48.71 -37.03
C LYS B 387 11.60 48.40 -36.76
N MET B 388 11.87 47.22 -36.21
CA MET B 388 13.23 46.82 -35.91
C MET B 388 14.03 46.60 -37.20
N LYS B 389 15.32 46.89 -37.13
CA LYS B 389 16.23 46.76 -38.25
C LYS B 389 17.12 45.53 -38.05
N ALA B 390 17.53 44.91 -39.16
CA ALA B 390 18.41 43.74 -39.05
C ALA B 390 19.69 44.09 -38.31
N SER B 391 20.22 45.29 -38.55
CA SER B 391 21.43 45.70 -37.85
C SER B 391 21.23 45.74 -36.35
N ASP B 392 19.98 45.88 -35.88
CA ASP B 392 19.73 45.90 -34.44
C ASP B 392 19.95 44.53 -33.80
N ALA B 393 20.01 43.48 -34.60
CA ALA B 393 20.24 42.14 -34.03
C ALA B 393 21.73 41.88 -33.92
N SER B 394 22.09 41.10 -32.90
CA SER B 394 23.48 40.73 -32.64
C SER B 394 23.77 39.25 -32.86
N LYS B 395 22.74 38.44 -33.17
CA LYS B 395 22.93 37.02 -33.43
C LYS B 395 21.79 36.52 -34.29
N SER B 396 22.11 35.62 -35.22
CA SER B 396 21.11 34.92 -36.00
C SER B 396 21.18 33.43 -35.70
N ARG B 397 20.05 32.76 -35.87
CA ARG B 397 20.01 31.30 -35.74
C ARG B 397 18.89 30.78 -36.61
N THR B 398 18.87 29.46 -36.78
CA THR B 398 18.04 28.77 -37.77
C THR B 398 17.24 27.69 -37.07
N ILE B 399 15.92 27.75 -37.22
CA ILE B 399 15.02 26.67 -36.83
C ILE B 399 14.48 26.08 -38.12
N THR B 400 14.74 24.80 -38.34
CA THR B 400 14.11 24.09 -39.44
C THR B 400 12.91 23.33 -38.92
N MET B 401 11.89 23.19 -39.75
CA MET B 401 10.70 22.43 -39.41
C MET B 401 10.57 21.22 -40.34
N GLU B 402 10.54 20.01 -39.81
CA GLU B 402 10.47 18.79 -40.59
C GLU B 402 9.65 17.69 -39.98
N ILE B 403 9.51 16.61 -40.70
CA ILE B 403 8.88 15.44 -40.14
C ILE B 403 9.98 14.43 -40.23
N ILE B 404 10.10 13.63 -39.22
CA ILE B 404 11.11 12.64 -39.20
C ILE B 404 10.45 11.30 -39.17
N GLU B 405 11.23 10.26 -39.04
CA GLU B 405 10.71 8.92 -39.03
C GLU B 405 9.78 8.67 -37.92
N GLY B 406 8.79 7.86 -38.18
CA GLY B 406 7.80 7.61 -37.18
C GLY B 406 6.72 8.63 -37.15
N GLY B 407 6.68 9.49 -38.15
CA GLY B 407 5.70 10.55 -38.17
C GLY B 407 5.82 11.49 -37.03
N VAL B 408 7.04 11.82 -36.69
CA VAL B 408 7.26 12.71 -35.61
C VAL B 408 7.60 14.05 -36.18
N TRP B 409 6.74 15.01 -35.93
CA TRP B 409 6.97 16.34 -36.36
C TRP B 409 8.01 16.90 -35.50
N THR B 410 8.94 17.63 -36.07
CA THR B 410 10.09 18.08 -35.32
C THR B 410 10.60 19.41 -35.67
N LEU B 411 11.42 19.93 -34.80
CA LEU B 411 12.02 21.20 -35.02
C LEU B 411 13.47 20.92 -34.88
N ASN B 412 14.27 21.26 -35.87
CA ASN B 412 15.70 21.00 -35.89
C ASN B 412 16.02 19.53 -35.81
N LYS B 413 15.13 18.69 -36.32
CA LYS B 413 15.31 17.24 -36.32
C LYS B 413 15.38 16.64 -34.94
N LYS B 414 14.80 17.33 -33.98
CA LYS B 414 14.78 16.86 -32.64
C LYS B 414 13.41 16.93 -32.06
N PRO B 415 12.91 15.83 -31.55
CA PRO B 415 11.65 15.88 -30.83
C PRO B 415 11.81 16.52 -29.47
N TYR B 416 10.74 17.02 -28.87
CA TYR B 416 10.80 17.72 -27.58
C TYR B 416 11.25 17.00 -26.34
N ASP B 417 12.01 17.66 -25.51
CA ASP B 417 12.34 17.05 -24.25
C ASP B 417 11.93 18.18 -23.39
N MET B 418 11.19 17.90 -22.35
CA MET B 418 10.67 18.94 -21.52
C MET B 418 11.73 19.79 -20.90
N HIS B 419 12.82 19.18 -20.48
CA HIS B 419 13.82 19.95 -19.84
C HIS B 419 15.02 20.33 -20.65
N ARG B 420 15.10 19.89 -21.90
CA ARG B 420 16.26 20.18 -22.71
C ARG B 420 16.24 21.59 -23.21
N VAL B 421 17.37 22.26 -23.10
CA VAL B 421 17.42 23.67 -23.52
C VAL B 421 17.97 23.74 -24.95
N ASP B 422 17.09 23.97 -25.91
CA ASP B 422 17.54 23.97 -27.30
C ASP B 422 18.17 25.28 -27.72
N GLU B 423 17.81 26.41 -27.13
CA GLU B 423 18.48 27.67 -27.50
C GLU B 423 18.71 28.55 -26.27
N LYS B 424 19.97 28.86 -25.91
CA LYS B 424 20.23 29.91 -24.92
C LYS B 424 20.32 31.24 -25.60
N VAL B 425 19.61 32.24 -25.05
CA VAL B 425 19.62 33.60 -25.57
C VAL B 425 19.97 34.54 -24.42
N LYS B 426 20.71 35.65 -24.68
CA LYS B 426 20.98 36.59 -23.58
C LYS B 426 19.79 37.52 -23.47
N LEU B 427 19.40 37.79 -22.23
CA LEU B 427 18.25 38.62 -21.99
C LEU B 427 18.49 40.06 -22.42
N GLY B 428 17.46 40.64 -23.03
CA GLY B 428 17.53 41.96 -23.60
C GLY B 428 18.12 42.03 -24.99
N SER B 429 18.69 40.95 -25.50
CA SER B 429 19.30 40.97 -26.81
C SER B 429 18.26 40.82 -27.91
N THR B 430 18.62 41.29 -29.09
CA THR B 430 17.80 41.14 -30.28
C THR B 430 18.43 40.09 -31.18
N GLU B 431 17.61 39.21 -31.74
CA GLU B 431 18.08 38.12 -32.58
C GLU B 431 17.22 38.01 -33.82
N ILE B 432 17.81 37.42 -34.86
CA ILE B 432 17.10 37.11 -36.10
C ILE B 432 16.98 35.59 -36.20
N TRP B 433 15.74 35.11 -36.15
CA TRP B 433 15.43 33.70 -36.24
C TRP B 433 14.92 33.40 -37.64
N GLU B 434 15.62 32.51 -38.36
CA GLU B 434 15.22 32.08 -39.69
C GLU B 434 14.53 30.72 -39.58
N ILE B 435 13.26 30.70 -39.93
CA ILE B 435 12.41 29.52 -39.85
C ILE B 435 12.33 28.98 -41.27
N LYS B 436 12.82 27.77 -41.47
CA LYS B 436 12.79 27.16 -42.76
C LYS B 436 11.91 25.95 -42.71
N ASN B 437 11.05 25.80 -43.69
CA ASN B 437 10.12 24.72 -43.72
C ASN B 437 10.38 23.76 -44.82
N SER B 438 9.97 22.52 -44.63
CA SER B 438 10.07 21.51 -45.62
C SER B 438 8.88 21.60 -46.49
N ALA B 439 8.72 20.67 -47.36
CA ALA B 439 7.65 20.70 -48.32
C ALA B 439 6.30 20.17 -47.93
N HIS B 440 6.22 19.49 -46.83
CA HIS B 440 5.00 18.86 -46.44
C HIS B 440 3.82 19.68 -46.11
N MET B 441 4.00 20.71 -45.30
CA MET B 441 2.89 21.49 -44.81
C MET B 441 3.29 22.83 -44.27
N ALA B 442 2.43 23.83 -44.39
CA ALA B 442 2.65 25.09 -43.73
C ALA B 442 2.48 24.92 -42.21
N HIS B 443 3.30 25.66 -41.46
CA HIS B 443 3.33 25.53 -40.01
C HIS B 443 3.24 26.91 -39.39
N PRO B 444 2.28 27.17 -38.51
CA PRO B 444 2.27 28.45 -37.78
C PRO B 444 3.23 28.37 -36.60
N PHE B 445 4.36 29.05 -36.73
CA PHE B 445 5.40 29.07 -35.72
C PHE B 445 5.08 30.06 -34.62
N HIS B 446 5.06 29.59 -33.37
CA HIS B 446 4.73 30.43 -32.21
C HIS B 446 5.83 30.32 -31.15
N MET B 447 6.09 31.44 -30.48
CA MET B 447 7.03 31.51 -29.35
C MET B 447 6.37 32.15 -28.12
N HIS B 448 6.58 31.55 -26.96
CA HIS B 448 6.19 32.15 -25.69
C HIS B 448 7.19 33.25 -25.31
N GLY B 449 6.78 34.08 -24.34
CA GLY B 449 7.64 35.07 -23.70
C GLY B 449 8.08 36.24 -24.56
N VAL B 450 7.62 36.36 -25.80
CA VAL B 450 8.12 37.38 -26.72
C VAL B 450 7.00 37.74 -27.68
N HIS B 451 7.16 38.91 -28.32
CA HIS B 451 6.55 39.24 -29.60
C HIS B 451 7.67 39.55 -30.57
N PHE B 452 7.37 39.41 -31.86
CA PHE B 452 8.39 39.59 -32.88
C PHE B 452 7.79 40.28 -34.09
N GLN B 453 8.66 40.78 -34.96
CA GLN B 453 8.23 41.32 -36.24
C GLN B 453 8.79 40.46 -37.35
N VAL B 454 8.03 40.36 -38.43
CA VAL B 454 8.41 39.65 -39.65
C VAL B 454 9.35 40.54 -40.44
N LEU B 455 10.65 40.21 -40.43
CA LEU B 455 11.60 40.86 -41.32
C LEU B 455 11.27 40.58 -42.78
N GLU B 456 11.13 39.30 -43.14
CA GLU B 456 10.91 38.99 -44.56
C GLU B 456 10.47 37.55 -44.76
N ARG B 457 9.73 37.34 -45.86
CA ARG B 457 9.37 36.03 -46.38
C ARG B 457 10.12 35.73 -47.66
N THR B 458 10.22 34.44 -47.99
CA THR B 458 10.66 34.08 -49.33
C THR B 458 9.50 33.77 -50.27
N SER B 459 8.38 33.25 -49.74
CA SER B 459 7.27 32.94 -50.62
C SER B 459 6.65 34.24 -51.13
N SER B 460 5.73 34.10 -52.08
CA SER B 460 5.13 35.25 -52.73
C SER B 460 3.70 35.50 -52.27
N ILE B 461 3.15 34.64 -51.42
CA ILE B 461 1.83 34.92 -50.87
C ILE B 461 1.85 36.27 -50.18
N ASP B 462 0.74 36.99 -50.27
CA ASP B 462 0.61 38.32 -49.66
C ASP B 462 0.07 38.19 -48.25
N PHE B 463 0.87 38.59 -47.27
CA PHE B 463 0.48 38.52 -45.89
C PHE B 463 0.48 39.89 -45.28
N PRO B 464 -0.66 40.57 -45.27
CA PRO B 464 -0.78 41.90 -44.66
C PRO B 464 -0.55 41.90 -43.19
N THR B 465 -0.76 40.77 -42.54
CA THR B 465 -0.58 40.62 -41.14
C THR B 465 0.88 40.73 -40.69
N ASP B 466 1.81 40.64 -41.62
CA ASP B 466 3.23 40.80 -41.35
C ASP B 466 3.59 42.20 -40.93
N LYS B 467 2.73 43.15 -41.20
CA LYS B 467 2.98 44.53 -40.90
C LYS B 467 2.71 44.89 -39.47
N GLY B 468 2.37 43.91 -38.66
CA GLY B 468 2.14 44.12 -37.27
C GLY B 468 2.88 43.20 -36.36
N TRP B 469 2.86 43.47 -35.08
CA TRP B 469 3.46 42.62 -34.11
C TRP B 469 2.79 41.31 -34.06
N LYS B 470 3.59 40.27 -33.93
CA LYS B 470 3.05 38.96 -33.98
C LYS B 470 3.66 37.98 -33.04
N ASP B 471 2.92 36.96 -32.64
CA ASP B 471 3.55 35.88 -31.89
C ASP B 471 3.40 34.54 -32.57
N THR B 472 2.69 34.46 -33.68
CA THR B 472 2.53 33.25 -34.48
C THR B 472 2.58 33.65 -35.95
N VAL B 473 3.42 32.97 -36.73
CA VAL B 473 3.64 33.35 -38.13
C VAL B 473 3.56 32.11 -38.98
N LEU B 474 2.75 32.15 -40.03
CA LEU B 474 2.54 30.98 -40.85
C LEU B 474 3.70 30.82 -41.83
N VAL B 475 4.33 29.66 -41.84
CA VAL B 475 5.48 29.38 -42.70
C VAL B 475 5.07 28.35 -43.73
N MET B 476 5.02 28.77 -45.00
CA MET B 476 4.56 27.92 -46.10
C MET B 476 5.59 26.85 -46.43
N PRO B 477 5.17 25.76 -47.07
CA PRO B 477 6.13 24.77 -47.56
C PRO B 477 7.29 25.39 -48.34
N LEU B 478 8.51 24.92 -48.04
CA LEU B 478 9.76 25.32 -48.67
C LEU B 478 10.11 26.79 -48.46
N GLU B 479 9.41 27.49 -47.56
CA GLU B 479 9.63 28.91 -47.36
C GLU B 479 10.62 29.16 -46.22
N SER B 480 11.36 30.25 -46.32
CA SER B 480 12.14 30.81 -45.22
C SER B 480 11.46 32.08 -44.76
N VAL B 481 10.99 32.07 -43.52
CA VAL B 481 10.42 33.23 -42.86
C VAL B 481 11.38 33.66 -41.79
N ARG B 482 11.62 34.91 -41.74
CA ARG B 482 12.73 35.42 -41.03
C ARG B 482 12.27 36.61 -40.18
N ILE B 483 12.26 36.38 -38.86
CA ILE B 483 11.59 37.21 -37.87
C ILE B 483 12.64 37.72 -36.90
N ILE B 484 12.48 38.96 -36.43
CA ILE B 484 13.41 39.59 -35.50
C ILE B 484 12.71 39.75 -34.15
N VAL B 485 13.44 39.54 -33.06
CA VAL B 485 12.80 39.30 -31.78
C VAL B 485 13.71 39.74 -30.64
N LYS B 486 13.13 40.44 -29.67
CA LYS B 486 13.83 40.89 -28.48
C LYS B 486 13.25 40.15 -27.27
N PHE B 487 14.13 39.58 -26.43
CA PHE B 487 13.77 38.71 -25.31
C PHE B 487 13.75 39.57 -24.06
N THR B 488 12.57 40.01 -23.63
CA THR B 488 12.51 40.99 -22.53
C THR B 488 12.25 40.36 -21.17
N ILE B 489 12.02 39.06 -21.11
CA ILE B 489 11.68 38.35 -19.88
C ILE B 489 12.58 37.13 -19.74
N PRO B 490 13.19 36.91 -18.58
CA PRO B 490 14.06 35.75 -18.40
C PRO B 490 13.26 34.49 -18.08
N GLY B 491 13.87 33.35 -18.39
CA GLY B 491 13.28 32.08 -18.04
C GLY B 491 13.30 31.09 -19.19
N LEU B 492 12.69 29.93 -18.94
CA LEU B 492 12.53 28.87 -19.92
C LEU B 492 11.18 29.03 -20.63
N PHE B 493 11.20 29.27 -21.93
CA PHE B 493 9.98 29.36 -22.71
C PHE B 493 10.06 28.39 -23.87
N VAL B 494 8.90 28.06 -24.44
CA VAL B 494 8.86 27.08 -25.53
C VAL B 494 8.60 27.79 -26.84
N HIS B 495 9.13 27.22 -27.93
CA HIS B 495 8.70 27.53 -29.28
C HIS B 495 8.19 26.27 -29.96
N HIS B 496 7.30 26.45 -30.94
CA HIS B 496 6.61 25.29 -31.50
C HIS B 496 5.66 25.65 -32.62
N CYS B 497 5.46 24.70 -33.53
CA CYS B 497 4.30 24.77 -34.41
C CYS B 497 3.05 24.82 -33.57
N HIS B 498 2.04 25.56 -34.02
CA HIS B 498 0.87 25.60 -33.19
C HIS B 498 -0.26 24.78 -33.81
N ILE B 499 0.03 24.06 -34.93
CA ILE B 499 -0.84 22.96 -35.33
C ILE B 499 -0.88 21.97 -34.16
N LEU B 500 -2.05 21.80 -33.58
CA LEU B 500 -2.11 21.09 -32.29
C LEU B 500 -1.63 19.65 -32.41
N GLU B 501 -1.96 18.97 -33.51
CA GLU B 501 -1.47 17.60 -33.68
C GLU B 501 0.04 17.56 -33.89
N HIS B 502 0.64 18.57 -34.53
CA HIS B 502 2.08 18.56 -34.67
C HIS B 502 2.75 18.82 -33.34
N GLU B 503 2.27 19.86 -32.64
CA GLU B 503 2.79 20.23 -31.33
C GLU B 503 2.74 19.06 -30.35
N ASP B 504 1.60 18.37 -30.31
CA ASP B 504 1.50 17.19 -29.46
C ASP B 504 2.45 16.09 -29.90
N HIS B 505 2.65 15.91 -31.20
CA HIS B 505 3.61 14.87 -31.56
C HIS B 505 4.98 15.51 -31.76
N SER B 506 5.26 16.40 -30.80
CA SER B 506 6.56 16.84 -30.33
C SER B 506 7.29 17.82 -31.24
N MET B 507 6.58 18.53 -32.11
CA MET B 507 7.18 19.66 -32.85
C MET B 507 7.26 20.86 -31.91
N MET B 508 8.22 20.78 -30.99
CA MET B 508 8.26 21.73 -29.89
C MET B 508 9.69 21.76 -29.36
N ALA B 509 10.07 22.87 -28.75
CA ALA B 509 11.42 23.04 -28.26
C ALA B 509 11.41 24.06 -27.13
N ASN B 510 12.56 24.19 -26.48
CA ASN B 510 12.77 25.14 -25.40
C ASN B 510 13.90 26.09 -25.74
N PHE B 511 13.70 27.36 -25.38
CA PHE B 511 14.79 28.31 -25.29
C PHE B 511 14.83 28.89 -23.88
N LEU B 512 16.01 29.33 -23.49
CA LEU B 512 16.28 29.83 -22.16
C LEU B 512 16.84 31.24 -22.30
N VAL B 513 16.12 32.23 -21.78
CA VAL B 513 16.54 33.62 -21.79
C VAL B 513 17.22 33.89 -20.46
N GLU B 514 18.47 34.37 -20.52
CA GLU B 514 19.30 34.52 -19.31
C GLU B 514 20.34 35.65 -19.40
N PRO C 70 35.80 14.25 26.71
CA PRO C 70 35.24 15.38 25.97
C PRO C 70 35.91 15.85 24.72
N PHE C 71 35.14 16.05 23.69
CA PHE C 71 35.63 16.64 22.44
C PHE C 71 36.76 15.97 21.71
N THR C 72 36.78 14.64 21.72
CA THR C 72 37.82 13.87 21.07
C THR C 72 37.45 13.17 19.75
N GLN C 73 36.20 13.20 19.34
CA GLN C 73 35.76 12.51 18.14
C GLN C 73 35.28 13.46 17.10
N LYS C 74 35.78 13.31 15.90
CA LYS C 74 35.43 14.18 14.82
C LYS C 74 34.00 14.03 14.40
N LEU C 75 33.41 15.14 14.02
CA LEU C 75 32.04 15.13 13.60
C LEU C 75 31.87 14.40 12.33
N LYS C 76 30.89 13.52 12.32
CA LYS C 76 30.55 12.80 11.15
C LYS C 76 29.75 13.69 10.28
N ILE C 77 30.01 13.63 9.00
CA ILE C 77 29.27 14.42 8.09
C ILE C 77 28.38 13.50 7.21
N PRO C 78 27.04 13.75 7.08
CA PRO C 78 26.23 12.84 6.26
C PRO C 78 26.69 12.86 4.82
N LYS C 79 26.65 11.70 4.17
CA LYS C 79 26.71 11.71 2.71
C LYS C 79 25.54 12.51 2.17
N GLU C 80 25.63 12.86 0.91
CA GLU C 80 24.60 13.64 0.27
C GLU C 80 23.92 12.82 -0.83
N ILE C 81 22.60 12.87 -0.86
CA ILE C 81 21.82 12.36 -1.98
C ILE C 81 21.38 13.61 -2.76
N ASP C 82 22.11 13.93 -3.83
CA ASP C 82 21.91 15.18 -4.57
C ASP C 82 21.17 14.89 -5.86
N PHE C 83 20.00 15.51 -6.03
CA PHE C 83 19.09 15.09 -7.10
C PHE C 83 19.42 15.71 -8.44
N GLU C 84 20.53 16.42 -8.51
CA GLU C 84 21.21 16.75 -9.74
C GLU C 84 22.19 15.65 -10.16
N HIS C 85 22.46 14.70 -9.27
CA HIS C 85 23.32 13.55 -9.45
C HIS C 85 22.59 12.23 -9.30
N VAL C 86 21.49 12.20 -8.57
CA VAL C 86 20.70 11.00 -8.41
C VAL C 86 19.34 11.28 -9.01
N ALA C 87 18.87 10.38 -9.88
CA ALA C 87 17.49 10.51 -10.36
C ALA C 87 16.50 9.79 -9.47
N LYS C 88 16.88 8.62 -8.95
CA LYS C 88 16.03 7.82 -8.09
C LYS C 88 16.91 7.17 -7.05
N ALA C 89 16.57 7.39 -5.78
CA ALA C 89 17.35 6.86 -4.67
C ALA C 89 16.61 5.69 -4.04
N LYS C 90 17.29 5.01 -3.13
CA LYS C 90 16.79 3.80 -2.50
C LYS C 90 17.05 3.85 -1.01
N PHE C 91 15.99 3.81 -0.21
CA PHE C 91 16.10 3.70 1.23
C PHE C 91 15.56 2.33 1.63
N ASN C 92 16.21 1.71 2.61
CA ASN C 92 15.74 0.45 3.16
C ASN C 92 15.94 0.51 4.65
N ALA C 93 14.84 0.66 5.39
CA ALA C 93 14.89 0.81 6.84
C ALA C 93 15.25 -0.52 7.46
N GLN C 94 16.34 -0.56 8.23
CA GLN C 94 17.03 -1.80 8.51
C GLN C 94 17.78 -1.74 9.83
N LYS C 95 17.92 -2.91 10.47
CA LYS C 95 18.71 -3.04 11.68
C LYS C 95 20.20 -2.97 11.35
N SER C 96 20.94 -2.21 12.17
CA SER C 96 22.37 -2.01 11.97
C SER C 96 23.03 -1.94 13.32
N LEU C 97 24.34 -1.72 13.27
CA LEU C 97 25.15 -1.62 14.46
C LEU C 97 26.20 -0.54 14.27
N SER C 98 26.42 0.30 15.26
CA SER C 98 27.44 1.32 15.20
C SER C 98 27.98 1.65 16.55
N ALA C 99 29.20 2.15 16.59
CA ALA C 99 29.77 2.56 17.85
C ALA C 99 29.42 3.97 18.18
N LEU C 100 28.20 4.18 18.59
CA LEU C 100 27.78 5.48 18.95
C LEU C 100 28.54 5.95 20.18
N TYR C 101 28.62 5.13 21.20
CA TYR C 101 29.27 5.54 22.42
C TYR C 101 30.24 4.50 22.83
N LYS C 102 31.23 4.89 23.63
CA LYS C 102 32.29 4.00 24.02
C LYS C 102 32.88 3.47 22.75
N GLU C 103 33.13 2.19 22.71
CA GLU C 103 33.61 1.63 21.48
C GLU C 103 32.57 0.61 21.14
N LYS C 104 31.48 0.63 21.88
CA LYS C 104 30.45 -0.37 21.68
C LYS C 104 29.63 -0.26 20.48
N LYS C 105 29.47 -1.38 19.79
CA LYS C 105 28.62 -1.40 18.66
C LYS C 105 27.23 -1.64 19.19
N THR C 106 26.36 -0.67 18.99
CA THR C 106 25.00 -0.77 19.49
C THR C 106 24.03 -1.03 18.33
N ASP C 107 22.91 -1.66 18.68
CA ASP C 107 21.73 -1.81 17.84
C ASP C 107 21.08 -0.49 17.46
N ILE C 108 21.10 -0.17 16.16
CA ILE C 108 20.53 1.05 15.64
C ILE C 108 19.66 0.72 14.44
N LEU C 109 19.00 1.73 13.91
CA LEU C 109 18.24 1.59 12.67
C LEU C 109 18.76 2.63 11.68
N THR C 110 18.98 2.19 10.43
CA THR C 110 19.42 3.11 9.39
C THR C 110 18.55 2.95 8.15
N PHE C 111 18.75 3.89 7.21
CA PHE C 111 18.13 3.87 5.89
C PHE C 111 19.05 3.33 4.80
N GLN C 112 20.37 3.43 4.97
CA GLN C 112 21.29 2.90 3.97
C GLN C 112 22.48 2.21 4.62
N GLY C 113 22.40 1.88 5.90
CA GLY C 113 23.39 1.04 6.53
C GLY C 113 24.20 1.70 7.62
N ASP C 114 24.33 3.01 7.63
CA ASP C 114 25.09 3.65 8.70
C ASP C 114 24.42 4.93 9.13
N LEU C 115 24.89 5.47 10.28
CA LEU C 115 24.50 6.74 10.84
C LEU C 115 25.64 7.72 10.77
N PRO C 116 25.37 9.00 10.48
CA PRO C 116 24.03 9.56 10.27
C PRO C 116 23.48 9.22 8.89
N ASN C 117 22.16 9.09 8.73
CA ASN C 117 21.57 8.90 7.40
C ASN C 117 21.92 10.08 6.50
N PRO C 118 21.81 9.91 5.18
CA PRO C 118 22.25 10.96 4.27
C PRO C 118 21.34 12.17 4.28
N THR C 119 21.95 13.33 4.02
CA THR C 119 21.24 14.56 3.72
C THR C 119 20.73 14.54 2.28
N ILE C 120 19.43 14.75 2.10
CA ILE C 120 18.91 14.90 0.73
C ILE C 120 19.10 16.35 0.30
N ARG C 121 19.47 16.57 -0.95
CA ARG C 121 19.69 17.93 -1.46
C ARG C 121 19.06 18.08 -2.84
N ILE C 122 18.11 19.00 -2.96
CA ILE C 122 17.33 19.07 -4.19
C ILE C 122 16.99 20.53 -4.50
N LYS C 123 17.01 20.88 -5.79
CA LYS C 123 16.57 22.20 -6.29
C LYS C 123 15.05 22.28 -6.31
N ASN C 124 14.53 23.48 -6.09
CA ASN C 124 13.10 23.69 -6.34
C ASN C 124 12.80 23.41 -7.80
N GLY C 125 11.69 22.73 -8.07
CA GLY C 125 11.32 22.38 -9.41
C GLY C 125 11.84 21.05 -9.90
N ASP C 126 12.82 20.46 -9.22
CA ASP C 126 13.32 19.15 -9.60
C ASP C 126 12.38 18.05 -9.13
N ASP C 127 12.59 16.84 -9.64
CA ASP C 127 11.72 15.70 -9.35
C ASP C 127 12.38 14.79 -8.31
N PHE C 128 11.69 14.60 -7.19
CA PHE C 128 12.11 13.70 -6.14
C PHE C 128 11.59 12.30 -6.43
N GLU C 129 12.49 11.32 -6.37
CA GLU C 129 12.14 9.92 -6.57
C GLU C 129 12.93 9.06 -5.58
N LEU C 130 12.22 8.35 -4.72
CA LEU C 130 12.87 7.49 -3.73
C LEU C 130 12.04 6.23 -3.55
N ASP C 131 12.68 5.07 -3.68
CA ASP C 131 12.03 3.78 -3.43
C ASP C 131 12.33 3.39 -1.98
N PHE C 132 11.28 3.34 -1.15
CA PHE C 132 11.42 3.04 0.28
C PHE C 132 10.99 1.60 0.54
N THR C 133 11.89 0.82 1.13
CA THR C 133 11.64 -0.57 1.50
C THR C 133 11.70 -0.70 3.01
N ASN C 134 10.73 -1.38 3.59
CA ASN C 134 10.66 -1.55 5.03
C ASN C 134 11.07 -2.97 5.38
N SER C 135 12.28 -3.13 5.91
CA SER C 135 12.83 -4.43 6.28
C SER C 135 12.74 -4.68 7.78
N LEU C 136 11.85 -3.99 8.47
CA LEU C 136 11.72 -4.13 9.90
C LEU C 136 10.48 -4.96 10.21
N GLU C 137 10.35 -5.33 11.48
CA GLU C 137 9.24 -6.20 11.86
C GLU C 137 7.91 -5.48 11.70
N LYS C 138 7.79 -4.25 12.21
CA LYS C 138 6.47 -3.64 12.24
C LYS C 138 6.31 -2.59 11.16
N PRO C 139 5.07 -2.27 10.76
CA PRO C 139 4.85 -1.29 9.68
C PRO C 139 5.42 0.08 10.00
N THR C 140 5.66 0.86 8.95
CA THR C 140 6.23 2.19 9.11
C THR C 140 6.31 2.86 7.75
N ILE C 141 6.47 4.17 7.77
CA ILE C 141 6.42 5.01 6.59
C ILE C 141 7.27 6.25 6.86
N ILE C 142 7.74 6.87 5.79
CA ILE C 142 8.58 8.04 5.88
C ILE C 142 7.74 9.27 5.65
N HIS C 143 7.96 10.27 6.47
CA HIS C 143 7.37 11.59 6.33
C HIS C 143 8.47 12.58 5.97
N TRP C 144 8.23 13.35 4.91
CA TRP C 144 9.19 14.37 4.46
C TRP C 144 8.83 15.67 5.16
N HIS C 145 9.45 15.87 6.32
CA HIS C 145 9.04 16.91 7.25
C HIS C 145 9.35 18.27 6.67
N GLY C 146 8.27 19.07 6.50
CA GLY C 146 8.32 20.38 5.93
C GLY C 146 8.03 20.46 4.45
N LEU C 147 7.75 19.35 3.79
CA LEU C 147 7.52 19.40 2.36
C LEU C 147 6.05 19.53 2.03
N LEU C 148 5.77 20.27 0.95
CA LEU C 148 4.43 20.46 0.43
C LEU C 148 4.26 19.52 -0.75
N VAL C 149 3.74 18.33 -0.48
CA VAL C 149 3.61 17.24 -1.44
C VAL C 149 2.20 16.68 -1.35
N PRO C 150 1.75 15.98 -2.39
CA PRO C 150 0.43 15.33 -2.31
C PRO C 150 0.35 14.33 -1.16
N GLU C 151 -0.83 14.28 -0.53
CA GLU C 151 -1.02 13.49 0.69
C GLU C 151 -0.51 12.05 0.53
N ALA C 152 -0.67 11.47 -0.65
CA ALA C 152 -0.21 10.09 -0.81
C ALA C 152 1.28 9.96 -0.67
N MET C 153 2.01 11.07 -0.65
CA MET C 153 3.47 11.06 -0.54
C MET C 153 3.95 11.58 0.80
N ASP C 154 3.02 11.98 1.70
CA ASP C 154 3.31 12.72 2.92
C ASP C 154 3.71 11.82 4.08
N GLY C 155 3.54 10.51 3.97
CA GLY C 155 3.86 9.67 5.10
C GLY C 155 2.86 9.71 6.23
N HIS C 156 1.57 9.87 5.94
CA HIS C 156 0.54 9.75 6.95
C HIS C 156 0.65 8.39 7.65
N PRO C 157 0.43 8.34 8.96
CA PRO C 157 0.49 7.04 9.68
C PRO C 157 -0.47 5.99 9.16
N LYS C 158 -1.61 6.37 8.57
CA LYS C 158 -2.55 5.38 8.08
C LYS C 158 -2.03 4.64 6.87
N ASP C 159 -0.89 5.07 6.32
CA ASP C 159 -0.33 4.51 5.11
C ASP C 159 0.99 3.79 5.36
N ALA C 160 1.26 3.38 6.60
CA ALA C 160 2.44 2.56 6.88
C ALA C 160 2.47 1.34 5.96
N ILE C 161 3.67 0.86 5.63
CA ILE C 161 3.79 -0.32 4.77
C ILE C 161 4.37 -1.45 5.60
N ALA C 162 3.73 -2.62 5.51
CA ALA C 162 4.19 -3.75 6.28
C ALA C 162 5.58 -4.18 5.82
N THR C 163 6.20 -5.02 6.65
CA THR C 163 7.49 -5.59 6.35
C THR C 163 7.54 -6.20 4.95
N GLN C 164 8.73 -6.12 4.33
CA GLN C 164 9.03 -6.62 2.98
C GLN C 164 8.59 -5.63 1.89
N MET C 165 7.70 -4.68 2.20
CA MET C 165 6.99 -3.92 1.17
C MET C 165 7.77 -2.70 0.67
N LEU C 166 7.37 -2.22 -0.52
CA LEU C 166 8.03 -1.11 -1.21
C LEU C 166 7.03 0.01 -1.50
N LYS C 167 7.42 1.24 -1.18
CA LYS C 167 6.64 2.43 -1.52
C LYS C 167 7.45 3.32 -2.44
N GLU C 168 6.83 3.81 -3.51
CA GLU C 168 7.55 4.63 -4.49
C GLU C 168 7.15 6.08 -4.27
N TYR C 169 8.05 6.84 -3.67
CA TYR C 169 7.85 8.27 -3.49
C TYR C 169 8.24 9.00 -4.77
N ARG C 170 7.31 9.81 -5.27
CA ARG C 170 7.52 10.62 -6.47
C ARG C 170 6.81 11.94 -6.23
N TYR C 171 7.55 13.04 -6.22
CA TYR C 171 6.84 14.30 -6.22
C TYR C 171 7.76 15.36 -6.79
N LYS C 172 7.16 16.42 -7.32
CA LYS C 172 7.91 17.53 -7.85
C LYS C 172 8.00 18.58 -6.77
N VAL C 173 9.23 18.99 -6.43
CA VAL C 173 9.44 19.99 -5.41
C VAL C 173 8.94 21.34 -5.91
N ASN C 174 8.12 22.01 -5.09
CA ASN C 174 7.48 23.25 -5.45
C ASN C 174 7.30 24.11 -4.19
N GLN C 175 8.43 24.63 -3.70
CA GLN C 175 8.45 25.45 -2.50
C GLN C 175 9.83 26.12 -2.39
N ARG C 176 9.91 27.18 -1.61
CA ARG C 176 11.15 27.94 -1.51
C ARG C 176 12.26 27.14 -0.79
N ALA C 177 13.49 27.64 -0.94
CA ALA C 177 14.64 27.00 -0.31
C ALA C 177 14.45 26.97 1.20
N GLY C 178 14.93 25.91 1.84
CA GLY C 178 14.86 25.82 3.29
C GLY C 178 15.59 24.60 3.85
N THR C 179 15.62 24.57 5.19
CA THR C 179 16.11 23.44 5.98
C THR C 179 14.92 22.60 6.44
N PHE C 180 14.87 21.35 6.02
CA PHE C 180 13.78 20.44 6.34
C PHE C 180 14.39 19.14 6.78
N TRP C 181 13.59 18.10 7.01
CA TRP C 181 14.22 16.85 7.39
C TRP C 181 13.24 15.74 7.09
N TYR C 182 13.59 14.52 7.45
CA TYR C 182 12.75 13.37 7.13
C TYR C 182 12.90 12.33 8.23
N HIS C 183 11.79 11.67 8.53
CA HIS C 183 11.84 10.62 9.54
C HIS C 183 10.67 9.69 9.32
N THR C 184 10.72 8.52 9.97
CA THR C 184 9.56 7.66 9.95
C THR C 184 8.47 8.23 10.86
N HIS C 185 7.25 7.79 10.62
CA HIS C 185 6.10 8.37 11.30
C HIS C 185 5.08 7.30 11.68
N PRO C 186 5.49 6.10 12.14
CA PRO C 186 4.51 5.06 12.44
C PRO C 186 3.75 5.41 13.72
N HIS C 187 2.43 5.21 13.66
CA HIS C 187 1.55 5.56 14.77
C HIS C 187 2.01 4.89 16.05
N GLY C 188 2.27 5.71 17.08
CA GLY C 188 2.64 5.21 18.38
C GLY C 188 4.07 4.75 18.51
N ARG C 189 4.85 4.69 17.43
CA ARG C 189 6.22 4.19 17.55
C ARG C 189 7.26 5.15 16.98
N THR C 190 6.91 6.42 16.79
CA THR C 190 7.81 7.34 16.11
C THR C 190 9.03 7.66 16.97
N GLY C 191 8.82 7.93 18.25
CA GLY C 191 9.92 8.24 19.14
C GLY C 191 11.01 7.19 19.19
N GLU C 192 10.62 5.89 19.21
CA GLU C 192 11.58 4.79 19.05
C GLU C 192 12.38 4.85 17.76
N GLU C 193 11.70 4.84 16.62
CA GLU C 193 12.45 4.74 15.37
C GLU C 193 13.37 5.94 15.20
N ILE C 194 12.91 7.12 15.64
CA ILE C 194 13.79 8.27 15.55
C ILE C 194 14.91 8.14 16.58
N TYR C 195 14.61 7.51 17.72
CA TYR C 195 15.61 7.41 18.77
C TYR C 195 16.76 6.52 18.32
N TYR C 196 16.44 5.41 17.68
CA TYR C 196 17.45 4.46 17.26
C TYR C 196 18.00 4.77 15.88
N GLY C 197 17.57 5.85 15.22
CA GLY C 197 18.29 6.22 14.01
C GLY C 197 17.54 6.76 12.80
N LEU C 198 16.23 6.54 12.66
CA LEU C 198 15.52 6.74 11.40
C LEU C 198 15.15 8.20 11.15
N ALA C 199 16.18 9.03 10.91
CA ALA C 199 15.97 10.44 10.60
C ALA C 199 17.19 11.06 9.92
N GLY C 200 16.94 12.04 9.07
CA GLY C 200 18.05 12.82 8.55
C GLY C 200 17.54 14.10 7.93
N LEU C 201 18.48 14.89 7.38
CA LEU C 201 18.22 16.24 6.91
C LEU C 201 17.77 16.27 5.45
N TYR C 202 17.10 17.36 5.10
CA TYR C 202 16.66 17.54 3.73
C TYR C 202 16.55 19.01 3.34
N ILE C 203 17.39 19.35 2.38
CA ILE C 203 17.77 20.71 2.06
C ILE C 203 17.20 21.02 0.69
N ILE C 204 16.35 22.05 0.64
CA ILE C 204 15.84 22.53 -0.63
C ILE C 204 16.59 23.82 -0.97
N GLU C 205 17.12 23.89 -2.19
CA GLU C 205 17.77 25.07 -2.75
C GLU C 205 16.85 25.80 -3.73
N ASP C 206 17.07 27.11 -3.87
CA ASP C 206 16.44 27.85 -4.97
C ASP C 206 17.37 28.98 -5.42
N ASP C 207 16.97 29.67 -6.50
CA ASP C 207 17.85 30.68 -7.10
C ASP C 207 18.03 31.91 -6.21
N ASN C 208 16.98 32.38 -5.54
CA ASN C 208 17.15 33.49 -4.62
C ASN C 208 18.32 33.24 -3.67
N GLU C 209 18.26 32.11 -2.95
CA GLU C 209 19.28 31.78 -1.96
C GLU C 209 20.66 31.67 -2.61
N LYS C 210 20.75 31.09 -3.81
CA LYS C 210 22.05 31.02 -4.47
C LYS C 210 22.59 32.40 -4.76
N ALA C 211 21.74 33.31 -5.25
CA ALA C 211 22.21 34.65 -5.55
C ALA C 211 22.77 35.33 -4.31
N LEU C 212 22.32 34.94 -3.11
CA LEU C 212 22.90 35.55 -1.90
C LEU C 212 24.40 35.27 -1.74
N ASN C 213 24.96 34.23 -2.34
CA ASN C 213 26.37 33.88 -2.18
C ASN C 213 26.77 33.66 -0.71
N LEU C 214 25.92 32.95 0.04
CA LEU C 214 26.22 32.63 1.45
C LEU C 214 27.40 31.65 1.53
N PRO C 215 28.02 31.52 2.71
CA PRO C 215 29.06 30.50 2.87
C PRO C 215 28.53 29.14 2.43
N SER C 216 29.34 28.41 1.67
CA SER C 216 28.90 27.13 1.11
C SER C 216 30.09 26.17 1.05
N GLY C 217 29.89 25.04 0.38
CA GLY C 217 30.91 24.01 0.32
C GLY C 217 31.36 23.63 1.70
N GLU C 218 32.66 23.71 1.95
CA GLU C 218 33.18 23.36 3.26
C GLU C 218 32.69 24.28 4.36
N PHE C 219 31.97 25.35 4.02
CA PHE C 219 31.54 26.34 5.02
C PHE C 219 30.07 26.26 5.38
N GLU C 220 29.33 25.30 4.82
CA GLU C 220 28.00 24.97 5.29
C GLU C 220 28.08 23.63 6.00
N LEU C 221 27.50 23.57 7.21
CA LEU C 221 27.55 22.35 8.01
C LEU C 221 26.15 21.92 8.43
N PRO C 222 25.79 20.65 8.20
CA PRO C 222 24.57 20.11 8.80
C PRO C 222 24.82 19.67 10.24
N LEU C 223 23.96 20.10 11.17
CA LEU C 223 24.11 19.75 12.58
C LEU C 223 22.79 19.18 13.08
N ILE C 224 22.74 17.87 13.30
CA ILE C 224 21.58 17.21 13.87
C ILE C 224 21.85 16.96 15.34
N ILE C 225 21.20 17.74 16.21
CA ILE C 225 21.43 17.68 17.65
C ILE C 225 20.42 16.70 18.24
N GLN C 226 20.90 15.63 18.88
CA GLN C 226 19.97 14.69 19.53
C GLN C 226 20.58 14.23 20.86
N ASP C 227 19.81 14.31 21.95
CA ASP C 227 20.30 13.83 23.24
C ASP C 227 19.90 12.37 23.43
N ARG C 228 20.76 11.66 24.15
CA ARG C 228 20.60 10.24 24.29
C ARG C 228 21.05 9.70 25.63
N ARG C 229 20.65 8.48 25.92
CA ARG C 229 21.05 7.81 27.15
C ARG C 229 21.80 6.53 26.82
N PHE C 230 22.90 6.30 27.51
CA PHE C 230 23.70 5.09 27.30
C PHE C 230 23.99 4.28 28.58
N ASP C 231 24.08 2.98 28.47
CA ASP C 231 24.44 2.16 29.63
C ASP C 231 25.94 2.05 29.85
N LYS C 232 26.34 1.27 30.83
CA LYS C 232 27.74 1.11 31.14
C LYS C 232 28.47 0.49 29.98
N GLU C 233 27.83 -0.50 29.37
CA GLU C 233 28.40 -1.12 28.21
C GLU C 233 28.51 -0.16 27.03
N GLY C 234 27.59 0.78 26.92
CA GLY C 234 27.60 1.67 25.79
C GLY C 234 26.40 1.50 24.90
N ASP C 235 25.45 0.71 25.32
CA ASP C 235 24.23 0.58 24.58
C ASP C 235 23.20 1.63 24.88
N LEU C 236 22.36 1.92 23.91
CA LEU C 236 21.33 2.90 24.06
C LEU C 236 20.21 2.55 25.00
N ILE C 237 19.78 3.50 25.81
CA ILE C 237 18.67 3.29 26.70
C ILE C 237 17.65 4.29 26.33
N TYR C 238 16.42 3.86 26.18
CA TYR C 238 15.37 4.75 25.86
C TYR C 238 14.43 5.01 27.03
N LYS C 239 13.24 4.45 26.99
CA LYS C 239 12.28 4.66 28.04
C LYS C 239 12.48 3.74 29.22
N GLU C 240 12.54 4.31 30.41
CA GLU C 240 12.78 3.52 31.61
C GLU C 240 11.71 3.67 32.63
N THR C 241 11.37 4.89 32.94
CA THR C 241 10.39 5.15 33.97
C THR C 241 9.09 5.51 33.35
N PRO C 242 8.03 5.46 34.12
CA PRO C 242 6.74 5.89 33.60
C PRO C 242 6.70 7.35 33.20
N GLN C 243 7.58 8.14 33.77
CA GLN C 243 7.60 9.57 33.52
C GLN C 243 8.36 9.86 32.27
N ASP C 244 8.94 8.85 31.67
CA ASP C 244 9.60 9.03 30.41
C ASP C 244 8.55 9.20 29.35
N ASN C 245 7.30 8.88 29.66
CA ASN C 245 6.19 9.10 28.76
C ASN C 245 5.94 10.58 28.55
N ASN C 246 6.39 11.39 29.46
CA ASN C 246 6.25 12.81 29.31
C ASN C 246 7.41 13.41 28.51
N GLY C 247 8.39 12.60 28.19
CA GLY C 247 9.48 13.03 27.36
C GLY C 247 10.76 12.36 27.76
N VAL C 248 11.56 11.95 26.80
CA VAL C 248 12.82 11.32 27.11
C VAL C 248 13.94 12.31 27.06
N LEU C 249 14.43 12.68 28.21
CA LEU C 249 15.58 13.58 28.27
C LEU C 249 16.82 12.77 28.54
N GLY C 250 17.92 13.17 27.91
CA GLY C 250 19.17 12.45 28.01
C GLY C 250 20.26 13.27 28.67
N ASP C 251 21.40 12.62 28.85
CA ASP C 251 22.58 13.23 29.43
C ASP C 251 23.77 13.23 28.50
N VAL C 252 23.69 12.54 27.36
CA VAL C 252 24.76 12.54 26.39
C VAL C 252 24.24 13.18 25.12
N VAL C 253 24.89 14.24 24.66
CA VAL C 253 24.40 14.98 23.50
C VAL C 253 25.20 14.57 22.26
N MET C 254 24.49 14.34 21.17
CA MET C 254 25.10 13.96 19.92
C MET C 254 24.87 15.07 18.90
N VAL C 255 25.80 15.16 17.95
CA VAL C 255 25.60 15.90 16.71
C VAL C 255 25.95 14.96 15.56
N ASN C 256 25.03 14.86 14.59
CA ASN C 256 25.19 13.94 13.47
C ASN C 256 25.61 12.56 13.98
N SER C 257 24.87 12.06 14.96
CA SER C 257 25.11 10.73 15.52
C SER C 257 26.51 10.55 16.04
N THR C 258 27.15 11.63 16.43
CA THR C 258 28.46 11.56 16.99
C THR C 258 28.42 12.16 18.38
N VAL C 259 28.91 11.44 19.36
CA VAL C 259 28.93 11.90 20.73
C VAL C 259 29.99 12.94 21.02
N HIS C 260 29.56 14.09 21.52
CA HIS C 260 30.46 15.17 21.85
C HIS C 260 31.49 15.53 20.86
N PRO C 261 31.06 15.89 19.68
CA PRO C 261 32.06 16.06 18.65
C PRO C 261 32.92 17.29 18.53
N TYR C 262 33.92 17.20 17.67
CA TYR C 262 34.72 18.34 17.41
C TYR C 262 34.71 18.53 15.93
N LYS C 263 34.96 19.75 15.50
CA LYS C 263 35.02 20.05 14.07
C LYS C 263 36.17 21.01 13.85
N ASN C 264 37.07 20.66 12.93
CA ASN C 264 38.16 21.56 12.57
C ASN C 264 37.63 22.60 11.58
N VAL C 265 37.84 23.86 11.92
CA VAL C 265 37.30 24.98 11.16
C VAL C 265 38.43 25.96 10.88
N LYS C 266 38.22 26.79 9.87
CA LYS C 266 39.07 27.93 9.65
C LYS C 266 38.45 29.17 10.32
N ASN C 267 39.21 30.26 10.32
CA ASN C 267 38.77 31.46 11.01
C ASN C 267 37.97 32.36 10.05
N THR C 268 36.86 31.83 9.56
CA THR C 268 35.96 32.59 8.68
C THR C 268 34.52 32.20 9.02
N LYS C 269 33.59 32.58 8.14
CA LYS C 269 32.17 32.41 8.40
C LYS C 269 31.74 30.99 8.08
N TYR C 270 31.00 30.37 8.99
CA TYR C 270 30.37 29.07 8.75
C TYR C 270 28.85 29.20 8.81
N ARG C 271 28.19 28.60 7.83
CA ARG C 271 26.73 28.51 7.78
C ARG C 271 26.31 27.18 8.41
N LEU C 272 25.52 27.25 9.49
CA LEU C 272 25.13 26.07 10.23
C LEU C 272 23.64 25.83 10.07
N ARG C 273 23.29 24.62 9.71
CA ARG C 273 21.93 24.21 9.47
C ARG C 273 21.56 23.20 10.54
N ILE C 274 20.83 23.68 11.57
CA ILE C 274 20.62 22.98 12.83
C ILE C 274 19.23 22.37 12.81
N LEU C 275 19.17 21.05 13.02
CA LEU C 275 17.96 20.35 13.39
C LEU C 275 18.05 19.89 14.85
N ASN C 276 17.00 20.14 15.63
CA ASN C 276 16.84 19.47 16.90
C ASN C 276 16.04 18.19 16.66
N GLY C 277 16.72 17.04 16.69
CA GLY C 277 16.11 15.75 16.43
C GLY C 277 15.95 14.89 17.67
N SER C 278 15.78 15.54 18.81
CA SER C 278 15.70 14.90 20.12
C SER C 278 14.29 14.36 20.37
N SER C 279 14.17 13.52 21.39
CA SER C 279 12.83 13.15 21.84
C SER C 279 12.06 14.35 22.39
N ALA C 280 12.71 15.17 23.24
CA ALA C 280 11.91 16.18 23.94
C ALA C 280 12.66 17.46 24.32
N ARG C 281 13.96 17.38 24.54
CA ARG C 281 14.70 18.52 25.04
C ARG C 281 14.63 19.71 24.09
N THR C 282 14.20 20.86 24.63
CA THR C 282 14.36 22.19 24.00
C THR C 282 15.72 22.77 24.34
N TYR C 283 16.50 23.14 23.33
CA TYR C 283 17.83 23.70 23.53
C TYR C 283 17.79 25.22 23.51
N LYS C 284 18.61 25.84 24.36
CA LYS C 284 18.88 27.27 24.31
C LYS C 284 20.34 27.36 23.89
N LEU C 285 20.57 27.43 22.57
CA LEU C 285 21.90 27.36 22.03
C LEU C 285 22.65 28.67 22.17
N ALA C 286 23.89 28.58 22.67
CA ALA C 286 24.83 29.68 22.71
C ALA C 286 26.23 29.15 22.38
N PHE C 287 27.07 30.07 21.92
CA PHE C 287 28.47 29.78 21.57
C PHE C 287 29.38 30.52 22.52
N GLU C 288 30.20 29.79 23.25
CA GLU C 288 31.28 30.42 24.00
C GLU C 288 32.46 30.54 23.05
N GLY C 289 32.99 31.75 22.92
CA GLY C 289 34.01 31.96 21.91
C GLY C 289 33.65 33.13 21.01
N ILE C 290 32.36 33.27 20.72
CA ILE C 290 31.91 34.42 19.95
C ILE C 290 30.85 35.17 20.74
N GLU C 291 30.60 36.40 20.33
CA GLU C 291 29.63 37.23 21.04
C GLU C 291 28.29 37.30 20.33
N ASP C 292 28.27 37.13 19.00
CA ASP C 292 27.06 37.19 18.19
C ASP C 292 26.96 35.98 17.29
N PHE C 293 25.75 35.69 16.84
CA PHE C 293 25.60 35.03 15.56
C PHE C 293 24.37 35.57 14.85
N MET C 294 24.26 35.24 13.57
CA MET C 294 23.16 35.71 12.76
C MET C 294 22.17 34.58 12.55
N LEU C 295 20.91 34.80 12.96
CA LEU C 295 19.82 33.98 12.47
C LEU C 295 19.45 34.46 11.06
N ILE C 296 19.51 33.55 10.08
CA ILE C 296 19.09 33.86 8.73
C ILE C 296 17.95 32.98 8.24
N GLY C 297 17.64 31.89 8.92
CA GLY C 297 16.52 31.12 8.42
C GLY C 297 15.88 30.24 9.46
N THR C 298 14.62 29.88 9.20
CA THR C 298 13.84 29.03 10.08
C THR C 298 13.32 27.81 9.32
N ASP C 299 12.33 27.10 9.87
CA ASP C 299 11.77 25.93 9.20
C ASP C 299 11.55 26.21 7.72
N GLY C 300 10.96 27.35 7.41
CA GLY C 300 10.37 27.53 6.10
C GLY C 300 11.22 28.33 5.17
N GLY C 301 12.53 28.43 5.47
CA GLY C 301 13.50 29.01 4.57
C GLY C 301 14.13 30.27 5.15
N LEU C 302 14.55 31.17 4.26
CA LEU C 302 15.28 32.36 4.69
C LEU C 302 14.35 33.36 5.37
N LEU C 303 14.87 34.08 6.35
CA LEU C 303 14.17 35.25 6.84
C LEU C 303 14.26 36.37 5.80
N GLU C 304 13.59 37.49 6.07
CA GLU C 304 13.75 38.67 5.21
C GLU C 304 15.13 39.28 5.39
N GLU C 305 15.63 39.28 6.62
CA GLU C 305 16.87 39.92 7.03
C GLU C 305 17.46 39.12 8.18
N PRO C 306 18.78 39.09 8.31
CA PRO C 306 19.37 38.44 9.50
C PRO C 306 18.91 39.14 10.76
N ILE C 307 18.95 38.40 11.87
CA ILE C 307 18.73 38.92 13.20
C ILE C 307 19.94 38.53 14.04
N ILE C 308 20.62 39.51 14.64
CA ILE C 308 21.74 39.18 15.52
C ILE C 308 21.19 38.71 16.86
N VAL C 309 21.75 37.62 17.39
CA VAL C 309 21.35 37.11 18.68
C VAL C 309 22.58 36.57 19.40
N LYS C 310 22.45 36.43 20.72
CA LYS C 310 23.48 35.82 21.54
C LYS C 310 23.10 34.41 21.93
N ASP C 311 21.83 34.05 21.80
CA ASP C 311 21.33 32.74 22.20
C ASP C 311 20.05 32.52 21.38
N ILE C 312 19.65 31.25 21.24
CA ILE C 312 18.56 30.89 20.34
C ILE C 312 17.85 29.64 20.83
N LEU C 313 16.54 29.74 20.99
CA LEU C 313 15.73 28.58 21.38
C LEU C 313 15.39 27.72 20.16
N ILE C 314 15.51 26.41 20.32
CA ILE C 314 15.09 25.46 19.29
C ILE C 314 14.44 24.26 19.97
N ALA C 315 13.16 24.04 19.68
CA ALA C 315 12.43 22.88 20.17
C ALA C 315 12.57 21.72 19.20
N VAL C 316 12.09 20.56 19.63
CA VAL C 316 12.13 19.37 18.82
C VAL C 316 11.49 19.64 17.47
N ALA C 317 12.11 19.11 16.41
CA ALA C 317 11.66 19.19 15.02
C ALA C 317 11.81 20.57 14.40
N GLU C 318 12.27 21.56 15.14
CA GLU C 318 12.47 22.85 14.58
C GLU C 318 13.82 22.93 14.00
N ARG C 319 13.98 23.82 13.05
CA ARG C 319 15.23 23.99 12.41
C ARG C 319 15.69 25.42 12.35
N ILE C 320 16.95 25.66 12.63
CA ILE C 320 17.51 26.99 12.49
C ILE C 320 18.62 27.09 11.45
N ASP C 321 18.83 28.25 10.87
CA ASP C 321 19.82 28.53 9.83
C ASP C 321 20.60 29.72 10.35
N ILE C 322 21.82 29.49 10.81
CA ILE C 322 22.55 30.56 11.48
C ILE C 322 23.92 30.72 10.83
N ILE C 323 24.55 31.85 11.13
CA ILE C 323 25.87 32.20 10.61
C ILE C 323 26.75 32.53 11.79
N VAL C 324 27.83 31.78 11.97
CA VAL C 324 28.79 32.08 13.02
C VAL C 324 30.07 32.54 12.34
N ASP C 325 30.81 33.44 13.01
CA ASP C 325 32.00 34.04 12.42
C ASP C 325 33.18 33.85 13.35
N PHE C 326 34.21 33.16 12.86
CA PHE C 326 35.38 32.86 13.66
C PHE C 326 36.56 33.77 13.33
N LYS C 327 36.34 34.84 12.55
CA LYS C 327 37.45 35.61 11.98
C LYS C 327 38.34 36.25 13.06
N ASP C 328 37.91 36.28 14.31
CA ASP C 328 38.71 36.79 15.42
C ASP C 328 39.35 35.68 16.24
N LYS C 329 39.21 34.42 15.83
CA LYS C 329 39.85 33.32 16.52
C LYS C 329 41.25 33.04 15.99
N LYS C 330 42.18 32.87 16.92
CA LYS C 330 43.58 32.59 16.67
C LYS C 330 43.75 31.08 16.61
N VAL C 331 44.67 30.61 15.76
CA VAL C 331 44.87 29.17 15.64
C VAL C 331 45.08 28.58 17.01
N GLY C 332 44.44 27.43 17.27
CA GLY C 332 44.50 26.79 18.57
C GLY C 332 43.37 27.17 19.51
N GLU C 333 42.66 28.25 19.23
CA GLU C 333 41.51 28.61 20.06
C GLU C 333 40.29 27.79 19.63
N SER C 334 39.25 27.81 20.47
CA SER C 334 38.10 26.96 20.26
C SER C 334 36.82 27.71 20.60
N VAL C 335 35.75 27.36 19.89
CA VAL C 335 34.41 27.86 20.19
C VAL C 335 33.55 26.67 20.57
N THR C 336 32.80 26.78 21.66
CA THR C 336 32.02 25.64 22.14
C THR C 336 30.54 25.96 22.02
N LEU C 337 29.84 25.15 21.23
CA LEU C 337 28.39 25.18 21.20
C LEU C 337 27.84 24.44 22.41
N LYS C 338 27.01 25.12 23.18
CA LYS C 338 26.40 24.59 24.38
C LYS C 338 24.97 25.06 24.45
N THR C 339 24.19 24.38 25.29
CA THR C 339 22.88 24.88 25.69
C THR C 339 22.91 25.47 27.10
N LEU C 340 22.25 26.61 27.25
CA LEU C 340 22.21 27.34 28.51
C LEU C 340 21.12 26.86 29.44
N GLY C 341 20.38 25.82 29.07
CA GLY C 341 19.24 25.38 29.84
C GLY C 341 18.02 26.27 29.63
N PHE C 342 16.86 25.70 29.95
CA PHE C 342 15.58 26.38 29.74
C PHE C 342 14.47 25.75 30.58
N LYS C 343 14.48 25.87 31.91
CA LYS C 343 13.50 25.03 32.59
C LYS C 343 12.14 25.69 32.76
N GLU C 344 11.93 26.88 32.20
CA GLU C 344 10.57 27.35 31.97
C GLU C 344 9.74 26.41 31.09
N ALA C 345 10.36 25.42 30.45
CA ALA C 345 9.67 24.64 29.43
C ALA C 345 8.84 23.50 30.00
N ASN C 346 9.27 23.00 31.16
CA ASN C 346 8.69 21.83 31.78
C ASN C 346 8.29 22.18 33.21
N ASN C 347 7.05 21.91 33.63
CA ASN C 347 6.66 22.02 35.04
C ASN C 347 6.35 20.69 35.73
N PHE C 348 6.44 19.56 35.03
CA PHE C 348 6.56 18.23 35.62
C PHE C 348 7.95 17.98 36.18
N VAL C 349 8.11 16.81 36.79
CA VAL C 349 9.40 16.28 37.21
C VAL C 349 9.79 15.14 36.26
N THR C 350 10.84 15.37 35.48
CA THR C 350 11.33 14.37 34.54
C THR C 350 11.99 13.24 35.32
N ASN C 351 12.53 12.26 34.59
CA ASN C 351 13.24 11.15 35.20
C ASN C 351 14.42 11.70 36.00
N PRO C 352 14.46 11.51 37.32
CA PRO C 352 15.54 12.12 38.11
C PRO C 352 16.94 11.64 37.76
N ALA C 353 17.08 10.60 36.94
CA ALA C 353 18.40 10.09 36.62
C ALA C 353 19.08 10.84 35.48
N TYR C 354 18.39 11.79 34.87
CA TYR C 354 18.96 12.48 33.74
C TYR C 354 18.72 13.94 33.89
N PRO C 355 19.56 14.74 33.24
CA PRO C 355 19.44 16.17 33.38
C PRO C 355 18.12 16.77 32.95
N ASP C 356 17.69 17.80 33.66
CA ASP C 356 16.43 18.45 33.36
C ASP C 356 16.48 19.54 32.33
N SER C 357 15.34 20.15 32.05
CA SER C 357 15.26 21.15 31.04
C SER C 357 16.13 22.32 31.28
N GLY C 358 16.43 22.62 32.52
CA GLY C 358 17.23 23.75 32.86
C GLY C 358 18.69 23.53 32.88
N ALA C 359 19.09 22.33 32.54
CA ALA C 359 20.48 22.01 32.54
C ALA C 359 21.34 22.64 31.51
N LYS C 360 22.49 23.11 31.95
CA LYS C 360 23.44 23.63 31.03
C LYS C 360 24.26 22.46 30.57
N MET C 361 24.41 22.31 29.26
CA MET C 361 25.15 21.18 28.71
C MET C 361 25.99 21.51 27.48
N ASP C 362 27.23 21.07 27.46
CA ASP C 362 28.05 21.21 26.25
C ASP C 362 27.52 20.31 25.13
N ILE C 363 27.69 20.77 23.90
CA ILE C 363 27.16 20.03 22.77
C ILE C 363 28.29 19.62 21.84
N MET C 364 29.05 20.60 21.34
CA MET C 364 30.21 20.26 20.52
C MET C 364 31.17 21.42 20.59
N ARG C 365 32.36 21.24 20.02
CA ARG C 365 33.38 22.27 20.00
C ARG C 365 34.00 22.41 18.62
N PHE C 366 34.19 23.64 18.18
CA PHE C 366 34.77 23.90 16.90
C PHE C 366 36.17 24.35 17.18
N LYS C 367 37.15 23.70 16.60
CA LYS C 367 38.52 24.02 16.87
C LYS C 367 39.16 24.73 15.71
N VAL C 368 39.73 25.90 15.97
CA VAL C 368 40.34 26.69 14.89
C VAL C 368 41.74 26.16 14.61
N THR C 369 41.94 25.65 13.39
CA THR C 369 43.15 24.95 13.00
C THR C 369 43.89 25.55 11.82
N GLU C 370 43.24 26.40 11.04
CA GLU C 370 43.88 27.01 9.89
C GLU C 370 43.42 28.45 9.77
N LEU C 371 44.09 29.23 8.94
CA LEU C 371 43.69 30.59 8.73
C LEU C 371 43.11 30.68 7.37
N SER C 372 42.19 31.60 7.17
CA SER C 372 41.63 31.82 5.85
C SER C 372 41.45 33.27 5.69
N THR C 373 41.54 33.71 4.46
CA THR C 373 41.34 35.09 4.17
C THR C 373 39.96 35.26 3.70
N GLN C 374 39.20 34.18 3.61
CA GLN C 374 37.88 34.29 3.02
C GLN C 374 36.95 35.16 3.81
N ASN C 375 36.32 36.10 3.15
CA ASN C 375 35.32 36.91 3.82
C ASN C 375 34.15 36.81 2.95
N SER C 376 33.02 36.57 3.57
CA SER C 376 31.82 36.46 2.83
C SER C 376 30.98 37.44 3.55
N GLN C 377 30.17 38.17 2.82
CA GLN C 377 29.39 39.18 3.45
C GLN C 377 27.98 38.70 3.45
N ILE C 378 27.35 38.69 4.62
CA ILE C 378 26.02 38.14 4.72
C ILE C 378 25.10 39.25 4.32
N PRO C 379 24.27 38.98 3.34
CA PRO C 379 23.45 40.06 2.85
C PRO C 379 22.36 40.53 3.74
N LYS C 380 21.97 41.78 3.58
CA LYS C 380 20.86 42.32 4.34
C LYS C 380 19.53 41.89 3.76
N LYS C 381 19.28 42.08 2.48
CA LYS C 381 17.98 41.61 1.99
C LYS C 381 18.13 40.13 1.63
N LEU C 382 17.52 39.25 2.44
CA LEU C 382 17.65 37.81 2.24
C LEU C 382 16.55 37.24 1.36
N SER C 383 15.35 37.80 1.42
CA SER C 383 14.19 37.37 0.67
C SER C 383 13.05 38.33 1.01
N THR C 384 11.93 38.15 0.31
CA THR C 384 10.72 38.91 0.59
C THR C 384 9.65 37.91 1.03
N ILE C 385 9.14 38.10 2.25
CA ILE C 385 8.05 37.30 2.81
C ILE C 385 6.87 38.23 2.99
N ALA C 386 5.73 37.87 2.40
CA ALA C 386 4.52 38.64 2.53
C ALA C 386 3.84 38.28 3.86
N LYS C 387 3.70 39.25 4.78
CA LYS C 387 3.01 39.01 6.04
C LYS C 387 1.52 38.81 5.81
N MET C 388 1.02 37.64 6.16
CA MET C 388 -0.42 37.43 6.17
C MET C 388 -1.05 38.25 7.30
N LYS C 389 -2.18 38.88 6.99
CA LYS C 389 -2.96 39.70 7.91
C LYS C 389 -4.12 38.89 8.49
N ALA C 390 -4.47 39.21 9.74
CA ALA C 390 -5.60 38.56 10.38
C ALA C 390 -6.91 38.78 9.61
N SER C 391 -7.03 39.89 8.87
CA SER C 391 -8.23 40.10 8.07
C SER C 391 -8.28 39.20 6.84
N ASP C 392 -7.12 38.72 6.36
CA ASP C 392 -7.08 37.82 5.22
C ASP C 392 -7.69 36.45 5.54
N ALA C 393 -7.79 36.10 6.83
CA ALA C 393 -8.31 34.80 7.22
C ALA C 393 -9.83 34.79 7.22
N SER C 394 -10.40 33.66 6.79
CA SER C 394 -11.85 33.50 6.66
C SER C 394 -12.47 32.61 7.73
N LYS C 395 -11.68 32.07 8.67
CA LYS C 395 -12.22 31.29 9.77
C LYS C 395 -11.15 31.13 10.84
N SER C 396 -11.56 31.22 12.09
CA SER C 396 -10.67 30.89 13.20
C SER C 396 -11.13 29.62 13.89
N ARG C 397 -10.18 28.94 14.52
CA ARG C 397 -10.53 27.78 15.32
C ARG C 397 -9.48 27.61 16.41
N THR C 398 -9.79 26.79 17.40
CA THR C 398 -8.98 26.64 18.60
C THR C 398 -8.55 25.19 18.76
N ILE C 399 -7.27 24.98 19.01
CA ILE C 399 -6.71 23.68 19.35
C ILE C 399 -6.16 23.81 20.77
N THR C 400 -6.74 23.07 21.70
CA THR C 400 -6.22 23.09 23.05
C THR C 400 -5.37 21.85 23.23
N MET C 401 -4.28 22.02 23.94
CA MET C 401 -3.32 20.96 24.18
C MET C 401 -3.36 20.68 25.66
N GLU C 402 -3.64 19.44 26.05
CA GLU C 402 -3.81 19.10 27.46
C GLU C 402 -3.42 17.70 27.79
N ILE C 403 -3.37 17.39 29.07
CA ILE C 403 -3.18 15.99 29.43
C ILE C 403 -4.42 15.46 30.09
N ILE C 404 -4.97 14.42 29.53
CA ILE C 404 -6.12 13.79 30.10
C ILE C 404 -5.74 12.59 30.93
N GLU C 405 -6.70 11.95 31.53
CA GLU C 405 -6.46 10.86 32.42
C GLU C 405 -5.78 9.68 31.84
N GLY C 406 -4.93 9.08 32.64
CA GLY C 406 -4.17 7.96 32.15
C GLY C 406 -2.87 8.36 31.55
N GLY C 407 -2.54 9.63 31.64
CA GLY C 407 -1.33 10.11 31.01
C GLY C 407 -1.41 10.16 29.52
N VAL C 408 -2.60 10.43 29.01
CA VAL C 408 -2.77 10.50 27.60
C VAL C 408 -2.75 11.94 27.15
N TRP C 409 -1.71 12.29 26.41
CA TRP C 409 -1.59 13.62 25.91
C TRP C 409 -2.59 13.81 24.84
N THR C 410 -3.24 14.95 24.81
CA THR C 410 -4.33 15.17 23.90
C THR C 410 -4.43 16.50 23.24
N LEU C 411 -5.11 16.54 22.12
CA LEU C 411 -5.36 17.77 21.45
C LEU C 411 -6.89 17.86 21.46
N ASN C 412 -7.44 18.97 21.95
CA ASN C 412 -8.89 19.11 22.08
C ASN C 412 -9.52 18.01 22.92
N LYS C 413 -8.79 17.48 23.89
CA LYS C 413 -9.25 16.50 24.87
C LYS C 413 -9.64 15.15 24.27
N LYS C 414 -9.21 14.88 23.03
CA LYS C 414 -9.58 13.65 22.34
C LYS C 414 -8.28 13.01 21.84
N PRO C 415 -7.99 11.77 22.25
CA PRO C 415 -6.81 11.07 21.72
C PRO C 415 -6.94 10.86 20.22
N TYR C 416 -5.85 10.38 19.63
CA TYR C 416 -5.78 10.27 18.18
C TYR C 416 -6.55 9.03 17.73
N ASP C 417 -7.61 9.24 16.94
CA ASP C 417 -8.19 8.19 16.13
C ASP C 417 -7.65 8.35 14.72
N MET C 418 -7.24 7.23 14.10
CA MET C 418 -6.46 7.34 12.89
C MET C 418 -7.29 7.65 11.65
N HIS C 419 -8.58 7.30 11.63
CA HIS C 419 -9.43 7.69 10.50
C HIS C 419 -10.55 8.67 10.91
N ARG C 420 -10.45 9.32 12.06
CA ARG C 420 -11.42 10.34 12.44
C ARG C 420 -10.93 11.72 12.00
N VAL C 421 -11.84 12.52 11.43
CA VAL C 421 -11.48 13.83 10.91
C VAL C 421 -11.90 14.91 11.92
N ASP C 422 -10.90 15.53 12.55
CA ASP C 422 -11.11 16.54 13.58
C ASP C 422 -11.31 17.94 13.01
N GLU C 423 -10.75 18.23 11.83
CA GLU C 423 -11.02 19.56 11.26
C GLU C 423 -11.18 19.41 9.75
N LYS C 424 -12.24 19.98 9.18
CA LYS C 424 -12.36 20.13 7.72
C LYS C 424 -12.02 21.56 7.35
N VAL C 425 -11.18 21.72 6.33
CA VAL C 425 -10.68 23.01 5.90
C VAL C 425 -10.96 23.15 4.41
N LYS C 426 -11.28 24.37 3.97
CA LYS C 426 -11.45 24.63 2.54
C LYS C 426 -10.08 24.80 1.88
N LEU C 427 -9.90 24.13 0.73
CA LEU C 427 -8.65 24.23 -0.03
C LEU C 427 -8.48 25.62 -0.60
N GLY C 428 -7.26 26.14 -0.47
CA GLY C 428 -6.98 27.49 -0.89
C GLY C 428 -7.35 28.57 0.12
N SER C 429 -8.14 28.26 1.15
CA SER C 429 -8.53 29.25 2.14
C SER C 429 -7.40 29.51 3.13
N THR C 430 -7.54 30.62 3.87
CA THR C 430 -6.66 31.00 4.96
C THR C 430 -7.41 30.97 6.29
N GLU C 431 -6.81 30.37 7.32
CA GLU C 431 -7.44 30.29 8.64
C GLU C 431 -6.48 30.78 9.71
N ILE C 432 -7.05 31.21 10.84
CA ILE C 432 -6.29 31.44 12.07
C ILE C 432 -6.53 30.29 13.04
N TRP C 433 -5.45 29.65 13.48
CA TRP C 433 -5.49 28.58 14.46
C TRP C 433 -4.90 29.13 15.75
N GLU C 434 -5.68 29.06 16.83
CA GLU C 434 -5.23 29.48 18.16
C GLU C 434 -4.91 28.23 18.96
N ILE C 435 -3.64 28.05 19.28
CA ILE C 435 -3.14 26.89 20.01
C ILE C 435 -3.01 27.34 21.47
N LYS C 436 -3.81 26.73 22.34
CA LYS C 436 -3.80 27.06 23.76
C LYS C 436 -3.22 25.92 24.55
N ASN C 437 -2.33 26.22 25.48
CA ASN C 437 -1.66 25.19 26.24
C ASN C 437 -1.96 25.17 27.72
N SER C 438 -1.84 24.02 28.33
CA SER C 438 -2.01 23.86 29.74
C SER C 438 -0.73 24.20 30.44
N ALA C 439 -0.69 24.01 31.74
CA ALA C 439 0.49 24.38 32.50
C ALA C 439 1.59 23.42 32.61
N HIS C 440 1.37 22.19 32.22
CA HIS C 440 2.37 21.21 32.44
C HIS C 440 3.64 21.32 31.71
N MET C 441 3.60 21.51 30.41
CA MET C 441 4.80 21.49 29.62
C MET C 441 4.68 22.28 28.35
N ALA C 442 5.79 22.66 27.79
CA ALA C 442 5.79 23.30 26.51
C ALA C 442 5.66 22.27 25.44
N HIS C 443 4.99 22.64 24.38
CA HIS C 443 4.69 21.71 23.30
C HIS C 443 5.09 22.32 21.97
N PRO C 444 5.88 21.64 21.15
CA PRO C 444 6.11 22.10 19.78
C PRO C 444 5.01 21.59 18.85
N PHE C 445 4.12 22.49 18.45
CA PHE C 445 2.99 22.17 17.59
C PHE C 445 3.43 22.13 16.14
N HIS C 446 3.11 21.04 15.42
CA HIS C 446 3.49 20.86 14.03
C HIS C 446 2.28 20.46 13.21
N MET C 447 2.15 21.05 12.01
CA MET C 447 1.14 20.66 11.04
C MET C 447 1.81 20.13 9.75
N HIS C 448 1.23 19.06 9.16
CA HIS C 448 1.68 18.60 7.85
C HIS C 448 0.99 19.41 6.75
N GLY C 449 1.52 19.29 5.52
CA GLY C 449 0.90 19.87 4.32
C GLY C 449 0.86 21.38 4.24
N VAL C 450 1.47 22.11 5.18
CA VAL C 450 1.29 23.56 5.25
C VAL C 450 2.56 24.18 5.80
N HIS C 451 2.74 25.47 5.54
CA HIS C 451 3.57 26.35 6.33
C HIS C 451 2.66 27.43 6.87
N PHE C 452 3.04 28.02 8.00
CA PHE C 452 2.22 29.04 8.62
C PHE C 452 3.13 30.14 9.16
N GLN C 453 2.51 31.26 9.58
CA GLN C 453 3.22 32.35 10.23
C GLN C 453 2.63 32.57 11.62
N VAL C 454 3.46 33.10 12.51
CA VAL C 454 3.06 33.39 13.88
C VAL C 454 2.47 34.81 13.93
N LEU C 455 1.14 34.90 14.09
CA LEU C 455 0.51 36.19 14.34
C LEU C 455 0.95 36.76 15.66
N GLU C 456 0.80 36.00 16.74
CA GLU C 456 1.16 36.55 18.03
C GLU C 456 1.28 35.46 19.08
N ARG C 457 2.02 35.76 20.14
CA ARG C 457 2.06 34.97 21.36
C ARG C 457 1.50 35.76 22.53
N THR C 458 1.19 35.04 23.61
CA THR C 458 0.79 35.68 24.85
C THR C 458 1.89 35.66 25.89
N SER C 459 2.82 34.73 25.82
CA SER C 459 3.95 34.80 26.73
C SER C 459 4.89 35.90 26.27
N SER C 460 5.88 36.18 27.11
CA SER C 460 6.81 37.26 26.89
C SER C 460 8.21 36.77 26.50
N ILE C 461 8.43 35.46 26.43
CA ILE C 461 9.70 34.96 25.87
C ILE C 461 9.87 35.59 24.49
N ASP C 462 11.09 35.99 24.17
CA ASP C 462 11.37 36.50 22.83
C ASP C 462 11.72 35.35 21.88
N PHE C 463 11.05 35.31 20.74
CA PHE C 463 11.21 34.24 19.75
C PHE C 463 11.52 34.88 18.40
N PRO C 464 12.78 35.20 18.13
CA PRO C 464 13.11 35.73 16.79
C PRO C 464 12.72 34.78 15.67
N THR C 465 12.70 33.48 15.90
CA THR C 465 12.25 32.58 14.84
C THR C 465 10.79 32.82 14.45
N ASP C 466 10.03 33.56 15.28
CA ASP C 466 8.68 33.95 14.89
C ASP C 466 8.66 34.78 13.61
N LYS C 467 9.78 35.48 13.31
CA LYS C 467 9.83 36.36 12.14
C LYS C 467 9.84 35.61 10.80
N GLY C 468 9.86 34.26 10.81
CA GLY C 468 10.07 33.48 9.62
C GLY C 468 8.93 32.50 9.37
N TRP C 469 9.06 31.79 8.25
CA TRP C 469 8.06 30.78 7.91
C TRP C 469 8.28 29.56 8.80
N LYS C 470 7.19 28.95 9.24
CA LYS C 470 7.29 27.91 10.24
C LYS C 470 6.41 26.73 9.84
N ASP C 471 6.84 25.53 10.25
CA ASP C 471 5.94 24.38 10.32
C ASP C 471 5.86 23.78 11.72
N THR C 472 6.70 24.23 12.64
CA THR C 472 6.66 23.79 14.04
C THR C 472 6.90 25.00 14.92
N VAL C 473 6.09 25.15 15.98
CA VAL C 473 6.14 26.33 16.86
C VAL C 473 6.03 25.88 18.32
N LEU C 474 6.91 26.42 19.16
CA LEU C 474 6.87 26.07 20.58
C LEU C 474 5.81 26.89 21.30
N VAL C 475 4.87 26.20 21.94
CA VAL C 475 3.81 26.80 22.74
C VAL C 475 4.18 26.58 24.19
N MET C 476 4.47 27.67 24.90
CA MET C 476 4.82 27.63 26.33
C MET C 476 3.61 27.22 27.17
N PRO C 477 3.84 26.76 28.41
CA PRO C 477 2.72 26.51 29.32
C PRO C 477 1.85 27.73 29.50
N LEU C 478 0.54 27.51 29.49
CA LEU C 478 -0.48 28.54 29.69
C LEU C 478 -0.50 29.57 28.56
N GLU C 479 0.37 29.43 27.57
CA GLU C 479 0.43 30.37 26.45
C GLU C 479 -0.68 30.10 25.43
N SER C 480 -1.12 31.16 24.80
CA SER C 480 -1.86 31.06 23.55
C SER C 480 -0.93 31.53 22.45
N VAL C 481 -0.62 30.65 21.50
CA VAL C 481 0.10 31.03 20.28
C VAL C 481 -0.92 31.06 19.16
N ARG C 482 -0.82 32.06 18.28
CA ARG C 482 -1.87 32.35 17.32
C ARG C 482 -1.19 32.39 15.96
N ILE C 483 -1.44 31.36 15.12
CA ILE C 483 -0.75 31.16 13.85
C ILE C 483 -1.76 31.25 12.71
N ILE C 484 -1.33 31.79 11.58
CA ILE C 484 -2.18 31.94 10.40
C ILE C 484 -1.61 31.08 9.28
N VAL C 485 -2.50 30.33 8.61
CA VAL C 485 -2.09 29.22 7.77
C VAL C 485 -2.94 29.17 6.51
N LYS C 486 -2.28 28.99 5.37
CA LYS C 486 -2.94 28.81 4.09
C LYS C 486 -2.81 27.36 3.68
N PHE C 487 -3.90 26.77 3.24
CA PHE C 487 -3.97 25.33 2.99
C PHE C 487 -3.96 25.15 1.48
N THR C 488 -2.78 24.92 0.91
CA THR C 488 -2.68 24.95 -0.54
C THR C 488 -2.80 23.58 -1.18
N ILE C 489 -2.78 22.51 -0.39
CA ILE C 489 -2.72 21.15 -0.89
C ILE C 489 -3.86 20.35 -0.29
N PRO C 490 -4.66 19.68 -1.10
CA PRO C 490 -5.81 18.95 -0.58
C PRO C 490 -5.41 17.59 -0.05
N GLY C 491 -6.24 17.06 0.84
CA GLY C 491 -6.04 15.74 1.37
C GLY C 491 -6.19 15.64 2.88
N LEU C 492 -6.00 14.44 3.42
CA LEU C 492 -5.96 14.23 4.85
C LEU C 492 -4.54 14.43 5.36
N PHE C 493 -4.41 15.11 6.51
CA PHE C 493 -3.11 15.40 7.10
C PHE C 493 -3.24 15.33 8.61
N VAL C 494 -2.10 15.40 9.31
CA VAL C 494 -2.10 15.37 10.75
C VAL C 494 -1.45 16.63 11.32
N HIS C 495 -1.96 17.07 12.46
CA HIS C 495 -1.30 18.05 13.29
C HIS C 495 -1.09 17.42 14.67
N HIS C 496 -0.03 17.82 15.36
CA HIS C 496 0.36 17.09 16.57
C HIS C 496 1.50 17.82 17.25
N CYS C 497 1.58 17.62 18.58
CA CYS C 497 2.81 17.94 19.29
C CYS C 497 3.94 17.09 18.72
N HIS C 498 5.15 17.63 18.70
CA HIS C 498 6.22 16.86 18.10
C HIS C 498 7.23 16.41 19.17
N ILE C 499 6.96 16.65 20.47
CA ILE C 499 7.57 15.84 21.51
C ILE C 499 7.17 14.40 21.21
N LEU C 500 8.14 13.54 20.93
CA LEU C 500 7.78 12.27 20.31
C LEU C 500 7.01 11.37 21.27
N GLU C 501 7.33 11.40 22.56
CA GLU C 501 6.56 10.60 23.53
C GLU C 501 5.14 11.12 23.71
N HIS C 502 4.88 12.39 23.44
CA HIS C 502 3.50 12.91 23.48
C HIS C 502 2.72 12.49 22.24
N GLU C 503 3.31 12.58 21.07
CA GLU C 503 2.66 12.19 19.84
C GLU C 503 2.32 10.74 19.86
N ASP C 504 3.22 9.95 20.37
CA ASP C 504 2.98 8.54 20.49
C ASP C 504 1.88 8.20 21.46
N HIS C 505 1.80 8.91 22.58
CA HIS C 505 0.70 8.72 23.48
C HIS C 505 -0.43 9.62 23.15
N SER C 506 -0.85 9.58 21.90
CA SER C 506 -2.03 10.27 21.45
C SER C 506 -2.19 11.76 21.22
N MET C 507 -1.14 12.54 21.25
CA MET C 507 -1.32 13.93 20.94
C MET C 507 -1.17 14.13 19.45
N MET C 508 -2.24 13.88 18.70
CA MET C 508 -2.17 13.95 17.27
C MET C 508 -3.60 14.00 16.81
N ALA C 509 -3.84 14.61 15.67
CA ALA C 509 -5.19 14.76 15.13
C ALA C 509 -5.13 14.89 13.60
N ASN C 510 -6.33 14.81 12.99
CA ASN C 510 -6.49 14.78 11.54
C ASN C 510 -7.28 15.98 11.05
N PHE C 511 -6.75 16.64 10.02
CA PHE C 511 -7.53 17.62 9.28
C PHE C 511 -7.57 17.27 7.79
N LEU C 512 -8.67 17.63 7.15
CA LEU C 512 -8.94 17.29 5.76
C LEU C 512 -9.14 18.57 4.95
N VAL C 513 -8.26 18.79 4.00
CA VAL C 513 -8.34 19.94 3.12
C VAL C 513 -9.10 19.51 1.87
N GLU C 514 -10.20 20.21 1.58
CA GLU C 514 -10.92 20.02 0.32
C GLU C 514 -11.80 21.23 -0.02
N GLU D 69 -54.73 0.30 -6.32
CA GLU D 69 -55.09 -1.03 -6.80
C GLU D 69 -54.51 -2.13 -5.86
N PRO D 70 -55.36 -2.99 -5.33
CA PRO D 70 -54.97 -3.81 -4.17
C PRO D 70 -54.34 -5.14 -4.52
N PHE D 71 -53.34 -5.52 -3.70
CA PHE D 71 -52.71 -6.84 -3.74
C PHE D 71 -51.96 -7.07 -5.04
N THR D 72 -51.32 -6.03 -5.55
CA THR D 72 -50.67 -6.10 -6.86
C THR D 72 -49.17 -6.23 -6.74
N GLN D 73 -48.59 -5.66 -5.70
CA GLN D 73 -47.14 -5.72 -5.51
C GLN D 73 -46.78 -6.91 -4.65
N LYS D 74 -45.71 -7.61 -5.05
CA LYS D 74 -45.16 -8.71 -4.30
C LYS D 74 -44.53 -8.19 -3.01
N LEU D 75 -44.75 -8.92 -1.91
CA LEU D 75 -44.20 -8.52 -0.62
C LEU D 75 -42.66 -8.53 -0.66
N LYS D 76 -42.05 -7.39 -0.35
CA LYS D 76 -40.61 -7.32 -0.14
C LYS D 76 -40.20 -8.19 1.04
N ILE D 77 -39.05 -8.86 0.91
CA ILE D 77 -38.45 -9.64 1.98
C ILE D 77 -37.16 -8.94 2.43
N PRO D 78 -37.02 -8.59 3.69
CA PRO D 78 -35.75 -8.00 4.15
C PRO D 78 -34.56 -8.88 3.80
N LYS D 79 -33.45 -8.27 3.43
CA LYS D 79 -32.20 -9.01 3.43
C LYS D 79 -31.92 -9.46 4.85
N GLU D 80 -31.03 -10.44 4.99
CA GLU D 80 -30.72 -10.98 6.31
C GLU D 80 -29.30 -10.65 6.68
N ILE D 81 -29.10 -10.16 7.90
CA ILE D 81 -27.77 -10.04 8.48
C ILE D 81 -27.66 -11.22 9.44
N ASP D 82 -27.12 -12.32 8.95
CA ASP D 82 -27.04 -13.55 9.72
C ASP D 82 -25.65 -13.62 10.33
N PHE D 83 -25.59 -13.76 11.64
CA PHE D 83 -24.30 -13.73 12.31
C PHE D 83 -23.61 -15.07 12.33
N GLU D 84 -24.17 -16.08 11.68
CA GLU D 84 -23.28 -17.16 11.27
C GLU D 84 -22.49 -16.81 10.01
N HIS D 85 -22.86 -15.73 9.32
CA HIS D 85 -22.22 -15.31 8.08
C HIS D 85 -21.59 -13.92 8.18
N VAL D 86 -21.92 -13.15 9.21
CA VAL D 86 -21.36 -11.83 9.43
C VAL D 86 -20.83 -11.77 10.85
N ALA D 87 -19.58 -11.35 11.01
CA ALA D 87 -19.02 -11.21 12.34
C ALA D 87 -19.17 -9.78 12.87
N LYS D 88 -19.26 -8.78 11.99
CA LYS D 88 -19.48 -7.41 12.39
C LYS D 88 -20.23 -6.73 11.26
N ALA D 89 -21.36 -6.10 11.58
CA ALA D 89 -22.15 -5.46 10.54
C ALA D 89 -21.95 -3.95 10.63
N LYS D 90 -22.56 -3.23 9.68
CA LYS D 90 -22.42 -1.79 9.59
C LYS D 90 -23.77 -1.17 9.26
N PHE D 91 -24.25 -0.30 10.12
CA PHE D 91 -25.46 0.46 9.87
C PHE D 91 -25.10 1.93 9.73
N ASN D 92 -25.83 2.62 8.86
CA ASN D 92 -25.60 4.04 8.63
C ASN D 92 -26.97 4.68 8.45
N ALA D 93 -27.34 5.61 9.33
CA ALA D 93 -28.65 6.23 9.23
C ALA D 93 -28.61 7.32 8.16
N GLN D 94 -29.39 7.11 7.12
CA GLN D 94 -29.30 7.96 6.00
C GLN D 94 -30.52 8.32 5.27
N LYS D 95 -30.47 9.46 4.65
CA LYS D 95 -31.56 9.88 3.84
C LYS D 95 -31.53 9.10 2.56
N SER D 96 -32.69 8.68 2.10
CA SER D 96 -32.74 7.86 0.93
C SER D 96 -34.05 8.09 0.25
N LEU D 97 -34.21 7.51 -0.93
CA LEU D 97 -35.47 7.62 -1.65
C LEU D 97 -35.99 6.29 -2.08
N SER D 98 -37.30 6.11 -1.97
CA SER D 98 -37.90 4.88 -2.45
C SER D 98 -39.33 4.98 -2.86
N ALA D 99 -39.76 4.08 -3.71
CA ALA D 99 -41.13 4.05 -4.14
C ALA D 99 -42.08 3.26 -3.29
N LEU D 100 -42.42 3.75 -2.11
CA LEU D 100 -43.39 3.06 -1.31
C LEU D 100 -44.75 3.00 -1.96
N TYR D 101 -45.22 4.11 -2.48
CA TYR D 101 -46.58 4.16 -3.01
C TYR D 101 -46.60 4.84 -4.33
N LYS D 102 -47.62 4.58 -5.14
CA LYS D 102 -47.69 5.09 -6.50
C LYS D 102 -46.47 4.57 -7.21
N GLU D 103 -45.78 5.44 -7.91
CA GLU D 103 -44.53 5.02 -8.53
C GLU D 103 -43.64 6.14 -8.10
N LYS D 104 -43.89 6.65 -6.93
CA LYS D 104 -43.16 7.82 -6.52
C LYS D 104 -42.08 7.60 -5.51
N LYS D 105 -40.89 8.06 -5.84
CA LYS D 105 -39.84 7.99 -4.88
C LYS D 105 -40.13 9.04 -3.84
N THR D 106 -40.02 8.69 -2.57
CA THR D 106 -40.33 9.59 -1.51
C THR D 106 -39.15 9.57 -0.59
N ASP D 107 -38.92 10.66 0.13
CA ASP D 107 -37.84 10.72 1.08
C ASP D 107 -38.06 9.87 2.31
N ILE D 108 -37.20 8.89 2.49
CA ILE D 108 -37.25 7.93 3.59
C ILE D 108 -35.91 7.96 4.32
N LEU D 109 -35.84 7.22 5.41
CA LEU D 109 -34.58 6.95 6.09
C LEU D 109 -34.31 5.46 6.06
N THR D 110 -33.04 5.08 5.90
CA THR D 110 -32.68 3.67 5.92
C THR D 110 -31.40 3.51 6.73
N PHE D 111 -31.12 2.24 7.05
CA PHE D 111 -29.86 1.83 7.69
C PHE D 111 -28.82 1.31 6.70
N GLN D 112 -29.23 0.76 5.53
CA GLN D 112 -28.25 0.32 4.53
C GLN D 112 -28.64 0.68 3.09
N GLY D 113 -29.49 1.70 2.88
CA GLY D 113 -29.74 2.25 1.57
C GLY D 113 -31.15 2.07 1.07
N ASP D 114 -31.85 1.03 1.52
CA ASP D 114 -33.20 0.80 1.02
C ASP D 114 -34.03 0.16 2.12
N LEU D 115 -35.33 -0.02 1.84
CA LEU D 115 -36.32 -0.50 2.77
C LEU D 115 -37.06 -1.72 2.21
N PRO D 116 -37.41 -2.69 3.07
CA PRO D 116 -37.28 -2.71 4.53
C PRO D 116 -35.84 -2.85 4.92
N ASN D 117 -35.46 -2.39 6.11
CA ASN D 117 -34.12 -2.61 6.59
C ASN D 117 -33.92 -4.12 6.83
N PRO D 118 -32.68 -4.58 6.98
CA PRO D 118 -32.47 -6.02 7.13
C PRO D 118 -32.98 -6.57 8.46
N THR D 119 -33.24 -7.87 8.45
CA THR D 119 -33.50 -8.64 9.64
C THR D 119 -32.20 -9.16 10.23
N ILE D 120 -31.90 -8.78 11.43
CA ILE D 120 -30.77 -9.39 12.10
C ILE D 120 -31.21 -10.77 12.57
N ARG D 121 -30.35 -11.78 12.40
CA ARG D 121 -30.64 -13.11 12.90
C ARG D 121 -29.40 -13.66 13.60
N ILE D 122 -29.55 -14.09 14.86
CA ILE D 122 -28.40 -14.48 15.67
C ILE D 122 -28.76 -15.60 16.64
N LYS D 123 -27.78 -16.44 16.99
CA LYS D 123 -27.96 -17.51 17.98
C LYS D 123 -27.72 -17.01 19.40
N ASN D 124 -28.51 -17.52 20.34
CA ASN D 124 -28.15 -17.29 21.74
C ASN D 124 -26.74 -17.83 21.96
N GLY D 125 -25.88 -17.03 22.57
CA GLY D 125 -24.51 -17.41 22.81
C GLY D 125 -23.52 -16.72 21.90
N ASP D 126 -23.98 -16.19 20.77
CA ASP D 126 -23.12 -15.56 19.76
C ASP D 126 -22.80 -14.12 20.15
N ASP D 127 -21.82 -13.55 19.46
CA ASP D 127 -21.35 -12.19 19.74
C ASP D 127 -21.92 -11.23 18.70
N PHE D 128 -22.89 -10.43 19.10
CA PHE D 128 -23.40 -9.37 18.25
C PHE D 128 -22.37 -8.24 18.18
N GLU D 129 -22.05 -7.82 16.95
CA GLU D 129 -21.15 -6.70 16.70
C GLU D 129 -21.69 -5.88 15.55
N LEU D 130 -21.92 -4.59 15.79
CA LEU D 130 -22.43 -3.70 14.75
C LEU D 130 -21.88 -2.30 14.97
N ASP D 131 -21.37 -1.68 13.90
CA ASP D 131 -20.88 -0.31 13.94
C ASP D 131 -21.95 0.60 13.34
N PHE D 132 -22.52 1.46 14.16
CA PHE D 132 -23.59 2.35 13.73
C PHE D 132 -23.05 3.76 13.54
N THR D 133 -23.30 4.31 12.36
CA THR D 133 -22.97 5.69 12.02
C THR D 133 -24.27 6.49 11.87
N ASN D 134 -24.25 7.72 12.35
CA ASN D 134 -25.37 8.65 12.14
C ASN D 134 -24.96 9.68 11.10
N SER D 135 -25.68 9.71 9.97
CA SER D 135 -25.44 10.70 8.94
C SER D 135 -26.63 11.64 8.75
N LEU D 136 -27.46 11.79 9.78
CA LEU D 136 -28.62 12.68 9.77
C LEU D 136 -28.28 14.00 10.48
N GLU D 137 -29.15 15.02 10.30
CA GLU D 137 -28.89 16.32 10.93
C GLU D 137 -28.61 16.16 12.43
N LYS D 138 -29.57 15.57 13.13
CA LYS D 138 -29.75 15.61 14.58
C LYS D 138 -29.32 14.30 15.20
N PRO D 139 -28.90 14.31 16.48
CA PRO D 139 -28.45 13.07 17.13
C PRO D 139 -29.53 12.00 17.17
N THR D 140 -29.09 10.75 17.18
CA THR D 140 -29.99 9.61 17.32
C THR D 140 -29.16 8.42 17.80
N ILE D 141 -29.84 7.31 18.09
CA ILE D 141 -29.21 6.10 18.61
C ILE D 141 -30.15 4.93 18.37
N ILE D 142 -29.58 3.73 18.26
CA ILE D 142 -30.38 2.53 18.05
C ILE D 142 -30.68 1.87 19.40
N HIS D 143 -31.95 1.56 19.63
CA HIS D 143 -32.38 0.66 20.69
C HIS D 143 -32.70 -0.72 20.10
N TRP D 144 -32.10 -1.76 20.68
CA TRP D 144 -32.42 -3.14 20.31
C TRP D 144 -33.55 -3.58 21.22
N HIS D 145 -34.77 -3.47 20.71
CA HIS D 145 -36.01 -3.64 21.45
C HIS D 145 -36.20 -5.11 21.79
N GLY D 146 -36.10 -5.43 23.08
CA GLY D 146 -36.29 -6.77 23.60
C GLY D 146 -35.01 -7.41 24.08
N LEU D 147 -33.87 -6.77 23.88
CA LEU D 147 -32.62 -7.44 24.19
C LEU D 147 -32.16 -7.12 25.58
N LEU D 148 -31.54 -8.12 26.20
CA LEU D 148 -31.07 -7.99 27.56
C LEU D 148 -29.58 -7.71 27.49
N VAL D 149 -29.26 -6.44 27.34
CA VAL D 149 -27.90 -5.99 27.06
C VAL D 149 -27.50 -4.96 28.10
N PRO D 150 -26.20 -4.76 28.31
CA PRO D 150 -25.74 -3.72 29.23
C PRO D 150 -26.28 -2.35 28.80
N GLU D 151 -26.45 -1.46 29.80
CA GLU D 151 -27.04 -0.14 29.51
C GLU D 151 -26.22 0.62 28.48
N ALA D 152 -24.90 0.40 28.46
CA ALA D 152 -24.04 1.05 27.46
C ALA D 152 -24.46 0.71 26.04
N MET D 153 -25.15 -0.42 25.88
CA MET D 153 -25.58 -0.90 24.58
C MET D 153 -27.09 -0.82 24.38
N ASP D 154 -27.87 -0.39 25.38
CA ASP D 154 -29.33 -0.48 25.27
C ASP D 154 -29.94 0.64 24.43
N GLY D 155 -29.17 1.67 24.08
CA GLY D 155 -29.72 2.76 23.29
C GLY D 155 -30.58 3.73 24.06
N HIS D 156 -30.16 4.12 25.25
CA HIS D 156 -30.90 5.11 26.03
C HIS D 156 -30.89 6.45 25.29
N PRO D 157 -32.00 7.21 25.31
CA PRO D 157 -32.02 8.51 24.60
C PRO D 157 -30.88 9.45 24.95
N LYS D 158 -30.30 9.32 26.14
CA LYS D 158 -29.19 10.17 26.57
C LYS D 158 -27.87 9.79 25.92
N ASP D 159 -27.78 8.61 25.32
CA ASP D 159 -26.56 8.16 24.67
C ASP D 159 -26.59 8.43 23.16
N ALA D 160 -27.47 9.33 22.70
CA ALA D 160 -27.60 9.63 21.29
C ALA D 160 -26.30 10.25 20.75
N ILE D 161 -25.83 9.78 19.60
CA ILE D 161 -24.57 10.25 19.04
C ILE D 161 -24.84 11.30 17.98
N ALA D 162 -23.97 12.30 17.92
CA ALA D 162 -24.20 13.41 17.02
C ALA D 162 -23.86 13.01 15.58
N THR D 163 -24.19 13.89 14.64
CA THR D 163 -23.91 13.63 13.23
C THR D 163 -22.41 13.40 12.96
N GLN D 164 -22.12 12.52 12.01
CA GLN D 164 -20.78 12.08 11.58
C GLN D 164 -20.11 11.12 12.58
N MET D 165 -20.77 10.79 13.70
CA MET D 165 -20.21 10.05 14.81
C MET D 165 -20.55 8.54 14.72
N LEU D 166 -19.82 7.74 15.52
CA LEU D 166 -19.83 6.28 15.41
C LEU D 166 -19.99 5.59 16.77
N LYS D 167 -20.97 4.69 16.88
CA LYS D 167 -21.09 3.80 18.05
C LYS D 167 -20.77 2.35 17.69
N GLU D 168 -19.94 1.72 18.50
CA GLU D 168 -19.56 0.34 18.35
C GLU D 168 -20.40 -0.52 19.29
N TYR D 169 -21.47 -1.09 18.78
CA TYR D 169 -22.30 -1.99 19.55
C TYR D 169 -21.62 -3.35 19.67
N ARG D 170 -21.36 -3.77 20.91
CA ARG D 170 -20.76 -5.08 21.17
C ARG D 170 -21.47 -5.73 22.35
N TYR D 171 -22.08 -6.89 22.14
CA TYR D 171 -22.55 -7.66 23.28
C TYR D 171 -22.75 -9.11 22.89
N LYS D 172 -22.58 -9.99 23.88
CA LYS D 172 -22.84 -11.41 23.77
C LYS D 172 -24.31 -11.69 24.07
N VAL D 173 -25.01 -12.35 23.14
CA VAL D 173 -26.44 -12.62 23.33
C VAL D 173 -26.62 -13.69 24.41
N ASN D 174 -27.49 -13.41 25.41
CA ASN D 174 -27.65 -14.28 26.59
C ASN D 174 -29.13 -14.33 27.01
N GLN D 175 -29.97 -14.99 26.21
CA GLN D 175 -31.41 -15.00 26.40
C GLN D 175 -32.05 -15.96 25.41
N ARG D 176 -33.26 -16.43 25.74
CA ARG D 176 -33.93 -17.43 24.93
C ARG D 176 -34.38 -16.86 23.59
N ALA D 177 -34.77 -17.76 22.69
CA ALA D 177 -35.09 -17.37 21.33
C ALA D 177 -36.32 -16.47 21.34
N GLY D 178 -36.51 -15.74 20.24
CA GLY D 178 -37.71 -14.95 20.14
C GLY D 178 -37.62 -13.93 19.03
N THR D 179 -38.71 -13.19 18.91
CA THR D 179 -38.91 -12.16 17.90
C THR D 179 -38.74 -10.80 18.55
N PHE D 180 -37.73 -10.06 18.14
CA PHE D 180 -37.37 -8.78 18.70
C PHE D 180 -37.29 -7.79 17.57
N TRP D 181 -36.96 -6.55 17.86
CA TRP D 181 -36.82 -5.64 16.73
C TRP D 181 -35.85 -4.55 17.12
N TYR D 182 -35.59 -3.64 16.19
CA TYR D 182 -34.62 -2.60 16.43
C TYR D 182 -35.11 -1.31 15.79
N HIS D 183 -34.91 -0.20 16.49
CA HIS D 183 -35.30 1.10 15.96
C HIS D 183 -34.46 2.16 16.63
N THR D 184 -34.47 3.36 16.06
CA THR D 184 -33.83 4.48 16.73
C THR D 184 -34.73 5.04 17.82
N HIS D 185 -34.09 5.66 18.80
CA HIS D 185 -34.77 6.06 20.04
C HIS D 185 -34.43 7.50 20.44
N PRO D 186 -34.46 8.46 19.51
CA PRO D 186 -34.12 9.83 19.90
C PRO D 186 -35.27 10.48 20.66
N HIS D 187 -34.93 11.19 21.73
CA HIS D 187 -35.95 11.83 22.56
C HIS D 187 -36.75 12.88 21.81
N GLY D 188 -38.06 12.69 21.75
CA GLY D 188 -38.94 13.61 21.09
C GLY D 188 -39.04 13.46 19.59
N ARG D 189 -38.21 12.61 18.97
CA ARG D 189 -38.19 12.45 17.51
C ARG D 189 -38.25 10.97 17.11
N THR D 190 -38.70 10.09 18.00
CA THR D 190 -38.70 8.66 17.66
C THR D 190 -39.82 8.32 16.69
N GLY D 191 -41.03 8.83 16.94
CA GLY D 191 -42.14 8.53 16.05
C GLY D 191 -41.80 8.89 14.62
N GLU D 192 -41.10 10.00 14.42
CA GLU D 192 -40.78 10.49 13.09
C GLU D 192 -39.73 9.62 12.41
N GLU D 193 -38.65 9.30 13.13
CA GLU D 193 -37.61 8.45 12.55
C GLU D 193 -38.15 7.06 12.21
N ILE D 194 -39.01 6.50 13.05
CA ILE D 194 -39.59 5.21 12.68
C ILE D 194 -40.56 5.40 11.53
N TYR D 195 -41.33 6.49 11.54
CA TYR D 195 -42.31 6.72 10.50
C TYR D 195 -41.66 6.74 9.11
N TYR D 196 -40.51 7.42 8.99
CA TYR D 196 -39.85 7.50 7.70
C TYR D 196 -38.93 6.33 7.41
N GLY D 197 -38.78 5.38 8.34
CA GLY D 197 -38.26 4.06 7.99
C GLY D 197 -37.25 3.36 8.89
N LEU D 198 -36.82 3.99 9.98
CA LEU D 198 -35.69 3.45 10.75
C LEU D 198 -36.15 2.37 11.75
N ALA D 199 -36.54 1.21 11.22
CA ALA D 199 -36.77 0.02 12.04
C ALA D 199 -36.56 -1.26 11.24
N GLY D 200 -36.27 -2.34 11.96
CA GLY D 200 -36.37 -3.66 11.35
C GLY D 200 -36.44 -4.77 12.37
N LEU D 201 -36.57 -6.01 11.87
CA LEU D 201 -36.74 -7.15 12.75
C LEU D 201 -35.41 -7.72 13.22
N TYR D 202 -35.50 -8.43 14.35
CA TYR D 202 -34.31 -9.00 14.97
C TYR D 202 -34.65 -10.26 15.74
N ILE D 203 -34.16 -11.37 15.19
CA ILE D 203 -34.57 -12.70 15.56
C ILE D 203 -33.44 -13.35 16.32
N ILE D 204 -33.74 -13.85 17.52
CA ILE D 204 -32.82 -14.72 18.23
C ILE D 204 -33.32 -16.16 18.10
N GLU D 205 -32.38 -17.10 17.91
CA GLU D 205 -32.68 -18.53 17.89
C GLU D 205 -31.96 -19.24 19.04
N ASP D 206 -32.34 -20.50 19.28
CA ASP D 206 -31.69 -21.34 20.28
C ASP D 206 -32.00 -22.80 19.99
N ASP D 207 -31.35 -23.68 20.76
CA ASP D 207 -31.45 -25.11 20.46
C ASP D 207 -32.83 -25.66 20.79
N ASN D 208 -33.40 -25.24 21.92
CA ASN D 208 -34.78 -25.62 22.24
C ASN D 208 -35.70 -25.35 21.07
N GLU D 209 -35.60 -24.16 20.47
CA GLU D 209 -36.47 -23.81 19.36
C GLU D 209 -36.18 -24.65 18.11
N LYS D 210 -34.90 -24.84 17.78
CA LYS D 210 -34.59 -25.61 16.58
C LYS D 210 -35.09 -27.04 16.72
N ALA D 211 -34.92 -27.64 17.90
CA ALA D 211 -35.31 -29.04 18.06
C ALA D 211 -36.83 -29.25 17.92
N LEU D 212 -37.62 -28.19 17.87
CA LEU D 212 -39.04 -28.33 17.58
C LEU D 212 -39.32 -28.55 16.10
N ASN D 213 -38.37 -28.22 15.23
CA ASN D 213 -38.57 -28.30 13.78
C ASN D 213 -39.85 -27.59 13.36
N LEU D 214 -39.93 -26.31 13.74
CA LEU D 214 -41.01 -25.47 13.27
C LEU D 214 -40.79 -25.18 11.79
N PRO D 215 -41.83 -24.74 11.07
CA PRO D 215 -41.62 -24.28 9.70
C PRO D 215 -40.50 -23.24 9.63
N SER D 216 -39.64 -23.41 8.63
CA SER D 216 -38.44 -22.60 8.49
C SER D 216 -38.15 -22.45 6.99
N GLY D 217 -36.98 -21.87 6.69
CA GLY D 217 -36.63 -21.53 5.31
C GLY D 217 -37.70 -20.67 4.68
N GLU D 218 -38.15 -21.06 3.48
CA GLU D 218 -39.23 -20.33 2.82
C GLU D 218 -40.51 -20.30 3.64
N PHE D 219 -40.59 -21.07 4.73
CA PHE D 219 -41.83 -21.20 5.47
C PHE D 219 -41.87 -20.37 6.74
N GLU D 220 -40.82 -19.59 7.02
CA GLU D 220 -40.84 -18.54 8.01
C GLU D 220 -40.85 -17.20 7.29
N LEU D 221 -41.77 -16.30 7.67
CA LEU D 221 -41.89 -14.99 7.02
C LEU D 221 -41.86 -13.85 8.03
N PRO D 222 -40.92 -12.91 7.90
CA PRO D 222 -41.02 -11.67 8.66
C PRO D 222 -42.17 -10.84 8.13
N LEU D 223 -42.91 -10.19 9.04
CA LEU D 223 -44.02 -9.31 8.65
C LEU D 223 -44.05 -8.10 9.57
N ILE D 224 -43.73 -6.93 9.04
CA ILE D 224 -43.71 -5.68 9.78
C ILE D 224 -44.91 -4.87 9.32
N ILE D 225 -45.91 -4.72 10.18
CA ILE D 225 -47.15 -4.03 9.83
C ILE D 225 -47.06 -2.58 10.29
N GLN D 226 -47.17 -1.65 9.33
CA GLN D 226 -47.11 -0.21 9.60
C GLN D 226 -48.13 0.49 8.74
N ASP D 227 -49.04 1.24 9.36
CA ASP D 227 -49.98 2.07 8.61
C ASP D 227 -49.31 3.39 8.26
N ARG D 228 -49.85 4.06 7.24
CA ARG D 228 -49.17 5.18 6.61
C ARG D 228 -50.19 6.04 5.87
N ARG D 229 -49.78 7.27 5.62
CA ARG D 229 -50.61 8.23 4.92
C ARG D 229 -49.84 8.75 3.73
N PHE D 230 -50.52 8.89 2.60
CA PHE D 230 -49.87 9.48 1.44
C PHE D 230 -50.64 10.56 0.73
N ASP D 231 -49.92 11.48 0.09
CA ASP D 231 -50.58 12.49 -0.71
C ASP D 231 -50.86 11.93 -2.09
N LYS D 232 -51.57 12.67 -2.92
CA LYS D 232 -51.97 12.12 -4.21
C LYS D 232 -50.79 11.82 -5.06
N GLU D 233 -49.80 12.67 -4.98
CA GLU D 233 -48.59 12.42 -5.69
C GLU D 233 -47.94 11.13 -5.21
N GLY D 234 -47.98 10.83 -3.92
CA GLY D 234 -47.34 9.65 -3.38
C GLY D 234 -46.36 9.88 -2.26
N ASP D 235 -46.11 11.13 -1.94
CA ASP D 235 -45.25 11.43 -0.83
C ASP D 235 -45.90 11.20 0.54
N LEU D 236 -45.08 11.00 1.55
CA LEU D 236 -45.57 10.72 2.90
C LEU D 236 -46.02 11.90 3.69
N ILE D 237 -47.13 11.75 4.40
CA ILE D 237 -47.57 12.79 5.29
C ILE D 237 -47.57 12.13 6.64
N TYR D 238 -47.00 12.79 7.64
CA TYR D 238 -46.98 12.24 8.97
C TYR D 238 -48.02 12.96 9.82
N LYS D 239 -47.68 14.10 10.37
CA LYS D 239 -48.62 14.78 11.24
C LYS D 239 -49.28 15.98 10.59
N GLU D 240 -50.60 16.02 10.63
CA GLU D 240 -51.34 17.13 10.04
C GLU D 240 -52.03 18.01 11.08
N THR D 241 -52.79 17.39 11.95
CA THR D 241 -53.57 18.10 12.92
C THR D 241 -53.00 18.05 14.31
N PRO D 242 -53.49 18.91 15.21
CA PRO D 242 -53.05 18.79 16.61
C PRO D 242 -53.43 17.47 17.24
N GLN D 243 -54.56 16.91 16.88
CA GLN D 243 -54.98 15.61 17.38
C GLN D 243 -53.99 14.50 17.04
N ASP D 244 -53.23 14.63 15.99
CA ASP D 244 -52.15 13.68 15.68
C ASP D 244 -51.07 13.62 16.75
N ASN D 245 -51.05 14.59 17.68
CA ASN D 245 -50.18 14.48 18.85
C ASN D 245 -50.67 13.41 19.79
N ASN D 246 -51.85 12.85 19.52
CA ASN D 246 -52.41 11.68 20.18
C ASN D 246 -52.16 10.37 19.45
N GLY D 247 -51.51 10.40 18.28
CA GLY D 247 -51.22 9.18 17.56
C GLY D 247 -51.60 9.18 16.09
N VAL D 248 -50.61 9.00 15.23
CA VAL D 248 -50.84 9.02 13.78
C VAL D 248 -51.46 7.70 13.33
N LEU D 249 -52.74 7.73 13.00
CA LEU D 249 -53.43 6.66 12.30
C LEU D 249 -53.46 6.95 10.80
N GLY D 250 -53.44 5.88 10.01
CA GLY D 250 -53.30 6.00 8.57
C GLY D 250 -54.38 5.26 7.82
N ASP D 251 -54.46 5.54 6.51
CA ASP D 251 -55.43 4.89 5.66
C ASP D 251 -54.83 3.81 4.76
N VAL D 252 -53.52 3.81 4.54
CA VAL D 252 -52.85 2.76 3.77
C VAL D 252 -52.07 1.88 4.74
N VAL D 253 -52.05 0.58 4.50
CA VAL D 253 -51.35 -0.37 5.36
C VAL D 253 -50.20 -1.00 4.59
N MET D 254 -49.03 -1.12 5.24
CA MET D 254 -47.86 -1.73 4.62
C MET D 254 -47.37 -2.90 5.47
N VAL D 255 -46.85 -3.91 4.79
CA VAL D 255 -46.09 -4.98 5.43
C VAL D 255 -44.71 -5.00 4.77
N ASN D 256 -43.65 -5.01 5.58
CA ASN D 256 -42.27 -4.85 5.09
C ASN D 256 -42.18 -3.75 4.04
N SER D 257 -42.61 -2.55 4.40
CA SER D 257 -42.55 -1.39 3.51
C SER D 257 -43.16 -1.61 2.14
N THR D 258 -44.20 -2.42 2.05
CA THR D 258 -44.87 -2.67 0.80
C THR D 258 -46.36 -2.46 0.94
N VAL D 259 -46.97 -1.69 0.07
CA VAL D 259 -48.37 -1.37 0.18
C VAL D 259 -49.25 -2.47 -0.32
N HIS D 260 -50.15 -2.95 0.51
CA HIS D 260 -51.09 -4.01 0.13
C HIS D 260 -50.47 -5.14 -0.56
N PRO D 261 -49.52 -5.80 0.09
CA PRO D 261 -48.77 -6.80 -0.64
C PRO D 261 -49.33 -8.19 -0.84
N TYR D 262 -48.78 -8.92 -1.80
CA TYR D 262 -49.20 -10.29 -2.00
C TYR D 262 -48.04 -11.20 -1.72
N LYS D 263 -48.33 -12.43 -1.34
CA LYS D 263 -47.24 -13.37 -1.13
C LYS D 263 -47.66 -14.71 -1.72
N ASN D 264 -46.87 -15.21 -2.67
CA ASN D 264 -47.16 -16.52 -3.23
C ASN D 264 -46.77 -17.59 -2.21
N VAL D 265 -47.61 -18.61 -2.07
CA VAL D 265 -47.41 -19.67 -1.08
C VAL D 265 -47.89 -21.01 -1.63
N LYS D 266 -47.35 -22.07 -1.06
CA LYS D 266 -47.88 -23.41 -1.21
C LYS D 266 -48.93 -23.67 -0.13
N ASN D 267 -49.71 -24.74 -0.30
CA ASN D 267 -50.84 -25.00 0.59
C ASN D 267 -50.32 -25.75 1.82
N THR D 268 -49.78 -24.98 2.76
CA THR D 268 -48.89 -25.54 3.76
C THR D 268 -48.94 -24.69 5.03
N LYS D 269 -48.24 -25.15 6.08
CA LYS D 269 -48.11 -24.37 7.31
C LYS D 269 -46.93 -23.40 7.22
N TYR D 270 -47.21 -22.13 7.48
CA TYR D 270 -46.22 -21.05 7.46
C TYR D 270 -46.15 -20.42 8.84
N ARG D 271 -44.92 -20.18 9.30
CA ARG D 271 -44.69 -19.51 10.58
C ARG D 271 -44.52 -18.03 10.27
N LEU D 272 -45.46 -17.24 10.74
CA LEU D 272 -45.45 -15.79 10.56
C LEU D 272 -44.85 -15.15 11.79
N ARG D 273 -43.95 -14.19 11.56
CA ARG D 273 -43.33 -13.42 12.63
C ARG D 273 -43.74 -11.96 12.46
N ILE D 274 -44.64 -11.50 13.33
CA ILE D 274 -45.40 -10.27 13.14
C ILE D 274 -44.91 -9.23 14.13
N LEU D 275 -44.55 -8.06 13.62
CA LEU D 275 -44.26 -6.88 14.44
C LEU D 275 -45.26 -5.79 14.06
N ASN D 276 -45.77 -5.06 15.04
CA ASN D 276 -46.58 -3.91 14.78
C ASN D 276 -45.61 -2.78 14.88
N GLY D 277 -45.24 -2.24 13.75
CA GLY D 277 -44.30 -1.15 13.70
C GLY D 277 -44.96 0.15 13.42
N SER D 278 -46.25 0.18 13.61
CA SER D 278 -47.01 1.38 13.39
C SER D 278 -46.82 2.43 14.45
N SER D 279 -47.18 3.65 14.16
CA SER D 279 -47.15 4.70 15.16
C SER D 279 -48.15 4.55 16.30
N ALA D 280 -49.38 4.17 15.99
CA ALA D 280 -50.39 4.06 17.01
C ALA D 280 -51.43 2.97 16.92
N ARG D 281 -51.82 2.57 15.73
CA ARG D 281 -52.91 1.63 15.56
C ARG D 281 -52.75 0.24 16.17
N THR D 282 -53.79 -0.24 16.82
CA THR D 282 -53.76 -1.54 17.40
C THR D 282 -54.56 -2.39 16.46
N TYR D 283 -54.11 -3.59 16.23
CA TYR D 283 -54.75 -4.44 15.25
C TYR D 283 -55.39 -5.65 15.83
N LYS D 284 -56.49 -6.09 15.24
CA LYS D 284 -57.15 -7.30 15.65
C LYS D 284 -57.08 -8.09 14.40
N LEU D 285 -56.01 -8.86 14.28
CA LEU D 285 -55.77 -9.61 13.08
C LEU D 285 -56.43 -10.94 12.96
N ALA D 286 -57.12 -11.13 11.86
CA ALA D 286 -57.77 -12.39 11.56
C ALA D 286 -57.53 -12.68 10.12
N PHE D 287 -57.70 -13.93 9.75
CA PHE D 287 -57.42 -14.32 8.40
C PHE D 287 -58.68 -14.74 7.70
N GLU D 288 -58.95 -14.16 6.55
CA GLU D 288 -60.09 -14.54 5.78
C GLU D 288 -59.69 -15.72 4.98
N GLY D 289 -60.42 -16.79 5.12
CA GLY D 289 -60.05 -18.00 4.46
C GLY D 289 -59.56 -19.13 5.32
N ILE D 290 -59.07 -18.86 6.51
CA ILE D 290 -58.72 -19.98 7.34
C ILE D 290 -59.53 -19.96 8.58
N GLU D 291 -59.87 -21.14 9.05
CA GLU D 291 -60.66 -21.27 10.24
C GLU D 291 -60.04 -20.71 11.47
N ASP D 292 -58.75 -20.95 11.63
CA ASP D 292 -58.08 -20.55 12.82
C ASP D 292 -56.61 -20.46 12.64
N PHE D 293 -55.91 -20.05 13.68
CA PHE D 293 -54.46 -20.05 13.66
C PHE D 293 -53.93 -20.37 15.03
N MET D 294 -52.64 -20.58 15.14
CA MET D 294 -52.04 -20.90 16.38
C MET D 294 -51.06 -19.90 16.87
N LEU D 295 -51.15 -19.47 18.14
CA LEU D 295 -50.14 -18.61 18.73
C LEU D 295 -49.10 -19.47 19.40
N ILE D 296 -47.86 -19.39 18.96
CA ILE D 296 -46.81 -20.17 19.55
C ILE D 296 -45.78 -19.29 20.23
N GLY D 297 -45.88 -18.00 20.04
CA GLY D 297 -44.94 -17.09 20.65
C GLY D 297 -45.30 -15.64 20.83
N THR D 298 -44.61 -14.98 21.74
CA THR D 298 -44.86 -13.60 22.06
C THR D 298 -43.59 -12.81 21.98
N ASP D 299 -43.57 -11.63 22.57
CA ASP D 299 -42.42 -10.74 22.53
C ASP D 299 -41.15 -11.34 23.04
N GLY D 300 -41.22 -12.08 24.12
CA GLY D 300 -40.05 -12.63 24.74
C GLY D 300 -39.75 -14.04 24.38
N GLY D 301 -40.51 -14.58 23.46
CA GLY D 301 -40.23 -15.91 23.02
C GLY D 301 -41.38 -16.82 22.83
N LEU D 302 -41.11 -18.09 22.81
CA LEU D 302 -42.13 -19.10 22.66
C LEU D 302 -43.00 -19.29 23.86
N LEU D 303 -44.21 -19.65 23.63
CA LEU D 303 -45.09 -19.95 24.69
C LEU D 303 -44.79 -21.34 25.17
N GLU D 304 -45.36 -21.73 26.28
CA GLU D 304 -45.20 -23.09 26.71
C GLU D 304 -45.83 -24.08 25.77
N GLU D 305 -46.99 -23.75 25.24
CA GLU D 305 -47.73 -24.61 24.38
C GLU D 305 -48.46 -23.72 23.40
N PRO D 306 -48.90 -24.27 22.27
CA PRO D 306 -49.67 -23.49 21.31
C PRO D 306 -51.09 -23.12 21.71
N ILE D 307 -51.65 -22.06 21.17
CA ILE D 307 -53.00 -21.62 21.51
C ILE D 307 -53.83 -21.30 20.26
N ILE D 308 -54.95 -21.99 20.03
CA ILE D 308 -55.74 -21.78 18.81
C ILE D 308 -56.60 -20.55 19.01
N VAL D 309 -56.59 -19.66 18.02
CA VAL D 309 -57.36 -18.43 18.08
C VAL D 309 -57.91 -18.11 16.71
N LYS D 310 -59.03 -17.39 16.69
CA LYS D 310 -59.66 -16.93 15.46
C LYS D 310 -59.30 -15.49 15.12
N ASP D 311 -58.78 -14.74 16.09
CA ASP D 311 -58.32 -13.36 15.92
C ASP D 311 -57.31 -13.08 17.02
N ILE D 312 -56.56 -12.00 16.88
CA ILE D 312 -55.52 -11.72 17.89
C ILE D 312 -55.22 -10.23 17.88
N LEU D 313 -55.12 -9.65 19.08
CA LEU D 313 -54.74 -8.25 19.21
C LEU D 313 -53.23 -8.11 19.21
N ILE D 314 -52.76 -7.00 18.64
CA ILE D 314 -51.34 -6.66 18.62
C ILE D 314 -51.22 -5.13 18.63
N ALA D 315 -50.67 -4.58 19.71
CA ALA D 315 -50.49 -3.14 19.78
C ALA D 315 -49.08 -2.78 19.32
N VAL D 316 -48.83 -1.48 19.19
CA VAL D 316 -47.53 -1.02 18.74
C VAL D 316 -46.42 -1.64 19.60
N ALA D 317 -45.33 -2.06 18.93
CA ALA D 317 -44.12 -2.64 19.50
C ALA D 317 -44.28 -4.09 19.97
N GLU D 318 -45.49 -4.63 19.97
CA GLU D 318 -45.67 -6.03 20.33
C GLU D 318 -45.31 -6.89 19.13
N ARG D 319 -44.88 -8.12 19.42
CA ARG D 319 -44.67 -9.09 18.36
C ARG D 319 -45.44 -10.35 18.71
N ILE D 320 -45.84 -11.08 17.66
CA ILE D 320 -46.43 -12.40 17.84
C ILE D 320 -45.81 -13.36 16.83
N ASP D 321 -45.72 -14.63 17.25
CA ASP D 321 -45.19 -15.76 16.51
C ASP D 321 -46.38 -16.70 16.31
N ILE D 322 -46.90 -16.78 15.08
CA ILE D 322 -48.08 -17.61 14.83
C ILE D 322 -47.80 -18.60 13.70
N ILE D 323 -48.70 -19.58 13.59
CA ILE D 323 -48.66 -20.64 12.57
C ILE D 323 -49.98 -20.62 11.82
N VAL D 324 -49.93 -20.42 10.51
CA VAL D 324 -51.13 -20.52 9.68
C VAL D 324 -51.02 -21.79 8.83
N ASP D 325 -52.17 -22.39 8.52
CA ASP D 325 -52.21 -23.65 7.77
C ASP D 325 -53.03 -23.47 6.50
N PHE D 326 -52.40 -23.76 5.36
CA PHE D 326 -53.05 -23.63 4.07
C PHE D 326 -53.35 -24.97 3.42
N LYS D 327 -53.11 -26.08 4.12
CA LYS D 327 -53.20 -27.42 3.52
C LYS D 327 -54.57 -27.69 2.91
N ASP D 328 -55.59 -26.92 3.26
CA ASP D 328 -56.93 -27.09 2.70
C ASP D 328 -57.21 -26.15 1.52
N LYS D 329 -56.27 -25.28 1.18
CA LYS D 329 -56.46 -24.38 0.06
C LYS D 329 -56.02 -25.03 -1.25
N LYS D 330 -56.82 -24.80 -2.28
CA LYS D 330 -56.61 -25.37 -3.60
C LYS D 330 -55.84 -24.30 -4.38
N VAL D 331 -55.10 -24.69 -5.43
CA VAL D 331 -54.45 -23.67 -6.25
C VAL D 331 -55.48 -22.68 -6.78
N GLY D 332 -55.15 -21.40 -6.73
CA GLY D 332 -56.01 -20.36 -7.21
C GLY D 332 -56.73 -19.58 -6.13
N GLU D 333 -56.93 -20.19 -4.95
CA GLU D 333 -57.62 -19.54 -3.85
C GLU D 333 -56.65 -18.66 -3.06
N SER D 334 -57.21 -17.81 -2.21
CA SER D 334 -56.41 -16.85 -1.46
C SER D 334 -56.82 -16.84 0.01
N VAL D 335 -55.91 -16.37 0.85
CA VAL D 335 -56.24 -16.06 2.24
C VAL D 335 -55.82 -14.62 2.51
N THR D 336 -56.73 -13.82 3.05
CA THR D 336 -56.50 -12.38 3.21
C THR D 336 -56.34 -12.03 4.69
N LEU D 337 -55.16 -11.52 5.04
CA LEU D 337 -54.89 -11.02 6.38
C LEU D 337 -55.47 -9.62 6.54
N LYS D 338 -56.25 -9.43 7.60
CA LYS D 338 -57.03 -8.22 7.79
C LYS D 338 -57.13 -7.91 9.27
N THR D 339 -57.51 -6.67 9.57
CA THR D 339 -57.80 -6.28 10.94
C THR D 339 -59.29 -5.99 11.07
N LEU D 340 -59.89 -6.50 12.14
CA LEU D 340 -61.32 -6.39 12.37
C LEU D 340 -61.73 -5.13 13.15
N GLY D 341 -60.79 -4.23 13.41
CA GLY D 341 -61.10 -3.04 14.16
C GLY D 341 -61.10 -3.26 15.66
N PHE D 342 -60.97 -2.14 16.39
CA PHE D 342 -60.82 -2.14 17.84
C PHE D 342 -61.18 -0.74 18.31
N LYS D 343 -62.49 -0.43 18.29
CA LYS D 343 -62.91 0.91 18.70
C LYS D 343 -62.64 1.11 20.20
N GLU D 344 -62.64 0.05 20.96
CA GLU D 344 -62.39 0.18 22.37
C GLU D 344 -61.05 0.80 22.74
N ALA D 345 -60.11 0.84 21.82
CA ALA D 345 -58.83 1.46 22.10
C ALA D 345 -58.81 2.96 22.31
N ASN D 346 -59.58 3.68 21.54
CA ASN D 346 -59.59 5.12 21.66
C ASN D 346 -60.91 5.70 22.05
N ASN D 347 -60.91 6.51 23.09
CA ASN D 347 -62.13 7.19 23.51
C ASN D 347 -62.05 8.63 23.10
N PHE D 348 -60.92 9.07 22.58
CA PHE D 348 -60.77 10.41 22.05
C PHE D 348 -61.22 10.41 20.63
N VAL D 349 -61.06 11.53 19.94
CA VAL D 349 -61.39 11.59 18.52
C VAL D 349 -60.14 11.79 17.65
N THR D 350 -59.88 10.87 16.74
CA THR D 350 -58.72 10.90 15.86
C THR D 350 -58.91 11.83 14.69
N ASN D 351 -57.87 12.07 13.91
CA ASN D 351 -57.98 12.89 12.73
C ASN D 351 -59.03 12.24 11.88
N PRO D 352 -60.01 13.02 11.45
CA PRO D 352 -61.12 12.43 10.72
C PRO D 352 -60.81 12.01 9.29
N ALA D 353 -59.69 12.45 8.76
CA ALA D 353 -59.35 12.11 7.41
C ALA D 353 -58.86 10.67 7.29
N TYR D 354 -58.58 10.04 8.42
CA TYR D 354 -58.07 8.69 8.39
C TYR D 354 -58.86 7.80 9.34
N PRO D 355 -59.12 6.56 8.94
CA PRO D 355 -60.03 5.70 9.72
C PRO D 355 -59.61 5.58 11.18
N ASP D 356 -60.58 5.34 12.04
CA ASP D 356 -60.32 5.31 13.48
C ASP D 356 -59.99 3.88 13.92
N SER D 357 -59.83 3.71 15.23
CA SER D 357 -59.40 2.42 15.77
C SER D 357 -60.37 1.30 15.46
N GLY D 358 -61.52 1.60 14.87
CA GLY D 358 -62.46 0.52 14.68
C GLY D 358 -62.59 0.07 13.26
N ALA D 359 -61.91 0.76 12.35
CA ALA D 359 -62.02 0.43 10.94
C ALA D 359 -61.59 -1.00 10.66
N LYS D 360 -62.35 -1.69 9.81
CA LYS D 360 -61.82 -2.89 9.20
C LYS D 360 -60.92 -2.45 8.06
N MET D 361 -59.77 -3.12 7.93
CA MET D 361 -58.84 -2.81 6.87
C MET D 361 -58.19 -4.09 6.41
N ASP D 362 -58.16 -4.30 5.10
CA ASP D 362 -57.37 -5.38 4.55
C ASP D 362 -55.91 -5.03 4.65
N ILE D 363 -55.09 -6.02 5.00
CA ILE D 363 -53.65 -5.85 5.14
C ILE D 363 -52.91 -6.49 3.95
N MET D 364 -52.94 -7.81 3.82
CA MET D 364 -52.28 -8.43 2.68
C MET D 364 -53.00 -9.69 2.23
N ARG D 365 -52.54 -10.27 1.12
CA ARG D 365 -53.17 -11.48 0.60
C ARG D 365 -52.12 -12.52 0.22
N PHE D 366 -52.31 -13.74 0.70
CA PHE D 366 -51.48 -14.89 0.33
C PHE D 366 -52.18 -15.63 -0.82
N LYS D 367 -51.53 -15.67 -1.97
CA LYS D 367 -52.02 -16.40 -3.14
C LYS D 367 -51.43 -17.81 -3.14
N VAL D 368 -52.27 -18.83 -3.26
CA VAL D 368 -51.80 -20.22 -3.27
C VAL D 368 -51.50 -20.62 -4.71
N THR D 369 -50.21 -20.76 -5.03
CA THR D 369 -49.76 -20.99 -6.40
C THR D 369 -49.03 -22.31 -6.61
N GLU D 370 -48.95 -23.18 -5.61
CA GLU D 370 -48.33 -24.48 -5.77
C GLU D 370 -48.96 -25.43 -4.77
N LEU D 371 -48.94 -26.70 -5.10
CA LEU D 371 -49.23 -27.74 -4.11
C LEU D 371 -47.91 -28.24 -3.55
N SER D 372 -47.92 -28.65 -2.30
CA SER D 372 -46.71 -29.05 -1.63
C SER D 372 -46.94 -30.35 -0.88
N THR D 373 -45.85 -31.10 -0.72
CA THR D 373 -45.86 -32.34 0.03
C THR D 373 -45.50 -32.13 1.50
N GLN D 374 -45.16 -30.91 1.88
CA GLN D 374 -44.80 -30.52 3.25
C GLN D 374 -45.70 -31.10 4.31
N ASN D 375 -45.10 -31.82 5.25
CA ASN D 375 -45.79 -32.16 6.49
C ASN D 375 -44.77 -32.18 7.61
N SER D 376 -44.85 -31.16 8.47
CA SER D 376 -44.14 -31.13 9.75
C SER D 376 -45.13 -30.62 10.78
N GLN D 377 -45.10 -31.20 11.97
CA GLN D 377 -46.18 -31.07 12.94
C GLN D 377 -45.80 -30.04 13.99
N ILE D 378 -46.74 -29.17 14.33
CA ILE D 378 -46.47 -28.22 15.41
C ILE D 378 -46.44 -28.99 16.72
N PRO D 379 -45.31 -29.00 17.41
CA PRO D 379 -45.19 -29.84 18.60
C PRO D 379 -46.05 -29.34 19.74
N LYS D 380 -46.18 -30.22 20.72
CA LYS D 380 -47.07 -29.92 21.83
C LYS D 380 -46.38 -29.08 22.89
N LYS D 381 -45.24 -29.54 23.38
CA LYS D 381 -44.45 -28.82 24.37
C LYS D 381 -43.48 -27.91 23.63
N LEU D 382 -43.75 -26.59 23.67
CA LEU D 382 -42.88 -25.65 22.97
C LEU D 382 -41.67 -25.29 23.82
N SER D 383 -41.90 -24.98 25.10
CA SER D 383 -40.84 -24.70 26.08
C SER D 383 -41.48 -24.69 27.46
N THR D 384 -40.65 -24.52 28.48
CA THR D 384 -41.13 -24.40 29.86
C THR D 384 -40.84 -22.99 30.35
N ILE D 385 -41.84 -22.38 30.96
CA ILE D 385 -41.75 -21.02 31.48
C ILE D 385 -42.22 -21.07 32.92
N ALA D 386 -41.27 -20.95 33.85
CA ALA D 386 -41.57 -20.79 35.26
C ALA D 386 -42.47 -19.57 35.48
N LYS D 387 -43.72 -19.76 35.93
CA LYS D 387 -44.53 -18.60 36.30
C LYS D 387 -44.03 -18.04 37.61
N MET D 388 -43.75 -16.74 37.62
CA MET D 388 -43.42 -16.07 38.86
C MET D 388 -44.68 -15.94 39.72
N LYS D 389 -44.52 -16.17 41.02
CA LYS D 389 -45.60 -15.97 41.98
C LYS D 389 -45.52 -14.58 42.60
N ALA D 390 -46.68 -13.96 42.84
CA ALA D 390 -46.69 -12.66 43.52
C ALA D 390 -45.89 -12.69 44.82
N SER D 391 -45.85 -13.85 45.50
CA SER D 391 -45.08 -13.96 46.74
C SER D 391 -43.57 -13.90 46.51
N ASP D 392 -43.10 -14.14 45.28
CA ASP D 392 -41.68 -14.03 44.98
C ASP D 392 -41.22 -12.58 44.92
N ALA D 393 -42.14 -11.65 44.67
CA ALA D 393 -41.84 -10.24 44.65
C ALA D 393 -41.57 -9.73 46.06
N SER D 394 -40.69 -8.73 46.17
CA SER D 394 -40.36 -8.12 47.45
C SER D 394 -40.86 -6.70 47.57
N LYS D 395 -41.26 -6.09 46.47
CA LYS D 395 -41.84 -4.75 46.47
C LYS D 395 -42.87 -4.64 45.36
N SER D 396 -43.93 -3.86 45.60
CA SER D 396 -44.77 -3.38 44.52
C SER D 396 -44.59 -1.88 44.33
N ARG D 397 -44.99 -1.39 43.17
CA ARG D 397 -45.10 0.05 42.94
C ARG D 397 -46.11 0.26 41.82
N THR D 398 -46.40 1.53 41.56
CA THR D 398 -47.54 1.87 40.72
C THR D 398 -47.13 2.94 39.73
N ILE D 399 -47.46 2.72 38.46
CA ILE D 399 -47.22 3.67 37.39
C ILE D 399 -48.59 3.99 36.82
N THR D 400 -49.03 5.23 37.01
CA THR D 400 -50.26 5.71 36.41
C THR D 400 -49.93 6.36 35.07
N MET D 401 -50.83 6.21 34.11
CA MET D 401 -50.58 6.67 32.77
C MET D 401 -51.68 7.65 32.47
N GLU D 402 -51.33 8.87 32.08
CA GLU D 402 -52.36 9.89 31.93
C GLU D 402 -51.95 10.95 30.92
N ILE D 403 -52.86 11.90 30.70
CA ILE D 403 -52.60 13.13 29.98
C ILE D 403 -52.75 14.29 30.96
N ILE D 404 -51.81 15.24 30.92
CA ILE D 404 -51.84 16.41 31.78
C ILE D 404 -51.79 17.63 30.89
N GLU D 405 -51.55 18.80 31.48
CA GLU D 405 -51.95 20.04 30.85
C GLU D 405 -50.99 20.57 29.81
N GLY D 406 -51.56 21.17 28.77
CA GLY D 406 -50.88 21.35 27.51
C GLY D 406 -51.03 20.18 26.57
N GLY D 407 -51.84 19.18 26.95
CA GLY D 407 -51.91 17.93 26.24
C GLY D 407 -50.62 17.12 26.26
N VAL D 408 -49.99 16.99 27.42
CA VAL D 408 -48.73 16.25 27.51
C VAL D 408 -49.01 14.90 28.14
N TRP D 409 -48.76 13.83 27.41
CA TRP D 409 -48.90 12.49 27.97
C TRP D 409 -47.75 12.22 28.92
N THR D 410 -48.06 11.58 30.05
CA THR D 410 -47.08 11.40 31.12
C THR D 410 -47.34 10.12 31.90
N LEU D 411 -46.31 9.75 32.68
CA LEU D 411 -46.36 8.62 33.62
C LEU D 411 -46.17 9.26 34.99
N ASN D 412 -47.17 9.09 35.86
CA ASN D 412 -47.18 9.69 37.20
C ASN D 412 -47.21 11.23 37.12
N LYS D 413 -47.89 11.78 36.11
CA LYS D 413 -48.14 13.23 35.94
C LYS D 413 -46.83 14.02 35.89
N LYS D 414 -45.84 13.44 35.24
CA LYS D 414 -44.44 13.68 35.57
C LYS D 414 -43.70 13.46 34.26
N PRO D 415 -43.60 14.50 33.41
CA PRO D 415 -43.09 14.31 32.05
C PRO D 415 -41.62 13.91 32.06
N TYR D 416 -41.15 13.56 30.87
CA TYR D 416 -39.83 12.95 30.79
C TYR D 416 -38.78 14.01 31.07
N ASP D 417 -37.94 13.74 32.06
CA ASP D 417 -36.67 14.42 32.25
C ASP D 417 -35.61 13.38 31.96
N MET D 418 -34.77 13.67 30.96
CA MET D 418 -33.83 12.68 30.45
C MET D 418 -32.79 12.28 31.48
N HIS D 419 -32.57 13.09 32.51
CA HIS D 419 -31.57 12.79 33.51
C HIS D 419 -32.14 12.52 34.90
N ARG D 420 -33.46 12.64 35.08
CA ARG D 420 -34.07 12.39 36.38
C ARG D 420 -34.52 10.95 36.55
N VAL D 421 -34.22 10.39 37.72
CA VAL D 421 -34.47 8.99 38.04
C VAL D 421 -35.83 8.87 38.72
N ASP D 422 -36.80 8.24 38.05
CA ASP D 422 -38.15 8.14 38.60
C ASP D 422 -38.36 6.91 39.47
N GLU D 423 -37.77 5.78 39.11
CA GLU D 423 -37.81 4.62 39.99
C GLU D 423 -36.39 4.18 40.29
N LYS D 424 -36.20 3.57 41.46
CA LYS D 424 -34.88 3.17 41.92
C LYS D 424 -35.01 1.75 42.46
N VAL D 425 -34.47 0.79 41.70
CA VAL D 425 -34.74 -0.63 41.86
C VAL D 425 -33.45 -1.36 42.18
N LYS D 426 -33.58 -2.47 42.93
CA LYS D 426 -32.47 -3.28 43.41
C LYS D 426 -32.17 -4.39 42.42
N LEU D 427 -30.91 -4.47 42.00
CA LEU D 427 -30.49 -5.53 41.08
C LEU D 427 -30.68 -6.90 41.71
N GLY D 428 -31.24 -7.83 40.95
CA GLY D 428 -31.49 -9.17 41.42
C GLY D 428 -32.87 -9.37 42.03
N SER D 429 -33.59 -8.28 42.33
CA SER D 429 -34.88 -8.32 42.99
C SER D 429 -36.02 -8.52 41.98
N THR D 430 -37.16 -9.01 42.50
CA THR D 430 -38.39 -9.15 41.75
C THR D 430 -39.42 -8.18 42.33
N GLU D 431 -40.07 -7.40 41.45
CA GLU D 431 -41.07 -6.43 41.85
C GLU D 431 -42.35 -6.66 41.06
N ILE D 432 -43.43 -6.08 41.57
CA ILE D 432 -44.71 -6.02 40.88
C ILE D 432 -44.94 -4.57 40.50
N TRP D 433 -45.16 -4.30 39.23
CA TRP D 433 -45.53 -2.96 38.79
C TRP D 433 -46.99 -2.98 38.38
N GLU D 434 -47.77 -2.04 38.93
CA GLU D 434 -49.18 -1.89 38.60
C GLU D 434 -49.34 -0.71 37.64
N ILE D 435 -49.58 -1.03 36.38
CA ILE D 435 -49.78 -0.01 35.36
C ILE D 435 -51.27 0.30 35.36
N LYS D 436 -51.60 1.57 35.56
CA LYS D 436 -52.99 2.00 35.63
C LYS D 436 -53.25 3.07 34.61
N ASN D 437 -54.44 3.09 34.02
CA ASN D 437 -54.70 4.01 32.94
C ASN D 437 -55.93 4.87 33.03
N SER D 438 -55.86 6.03 32.42
CA SER D 438 -56.96 6.93 32.33
C SER D 438 -57.90 6.45 31.28
N ALA D 439 -59.02 7.11 31.19
CA ALA D 439 -60.02 6.75 30.21
C ALA D 439 -59.74 7.01 28.77
N HIS D 440 -58.88 7.93 28.47
CA HIS D 440 -58.72 8.31 27.10
C HIS D 440 -58.27 7.36 26.07
N MET D 441 -57.22 6.61 26.33
CA MET D 441 -56.66 5.77 25.28
C MET D 441 -55.97 4.54 25.79
N ALA D 442 -55.78 3.55 24.94
CA ALA D 442 -55.03 2.38 25.31
C ALA D 442 -53.57 2.71 25.19
N HIS D 443 -52.75 2.07 26.00
CA HIS D 443 -51.33 2.43 26.01
C HIS D 443 -50.48 1.17 26.05
N PRO D 444 -49.66 0.91 25.05
CA PRO D 444 -48.69 -0.19 25.15
C PRO D 444 -47.53 0.17 26.06
N PHE D 445 -47.53 -0.38 27.26
CA PHE D 445 -46.51 -0.07 28.25
C PHE D 445 -45.33 -0.98 28.02
N HIS D 446 -44.11 -0.41 28.01
CA HIS D 446 -42.91 -1.14 27.62
C HIS D 446 -41.74 -0.70 28.49
N MET D 447 -40.89 -1.66 28.89
CA MET D 447 -39.70 -1.42 29.70
C MET D 447 -38.45 -1.96 29.00
N HIS D 448 -37.38 -1.15 29.01
CA HIS D 448 -36.07 -1.60 28.62
C HIS D 448 -35.46 -2.47 29.70
N GLY D 449 -34.46 -3.28 29.31
CA GLY D 449 -33.60 -3.96 30.25
C GLY D 449 -34.18 -5.18 30.93
N VAL D 450 -35.43 -5.55 30.63
CA VAL D 450 -36.10 -6.62 31.34
C VAL D 450 -37.12 -7.25 30.42
N HIS D 451 -37.50 -8.49 30.75
CA HIS D 451 -38.72 -9.12 30.31
C HIS D 451 -39.60 -9.32 31.53
N PHE D 452 -40.91 -9.45 31.32
CA PHE D 452 -41.82 -9.51 32.44
C PHE D 452 -43.01 -10.40 32.11
N GLN D 453 -43.71 -10.86 33.16
CA GLN D 453 -44.93 -11.65 33.03
C GLN D 453 -46.13 -10.84 33.48
N VAL D 454 -47.31 -11.26 33.02
CA VAL D 454 -48.57 -10.59 33.34
C VAL D 454 -49.28 -11.42 34.42
N LEU D 455 -49.34 -10.86 35.63
CA LEU D 455 -50.09 -11.48 36.72
C LEU D 455 -51.59 -11.35 36.49
N GLU D 456 -52.06 -10.13 36.27
CA GLU D 456 -53.50 -9.97 36.05
C GLU D 456 -53.87 -8.66 35.37
N ARG D 457 -55.04 -8.71 34.74
CA ARG D 457 -55.75 -7.58 34.15
C ARG D 457 -57.08 -7.39 34.87
N THR D 458 -57.54 -6.14 34.94
CA THR D 458 -58.88 -5.84 35.42
C THR D 458 -59.89 -5.76 34.29
N SER D 459 -59.45 -5.58 33.04
CA SER D 459 -60.42 -5.60 31.97
C SER D 459 -60.77 -7.04 31.65
N SER D 460 -61.82 -7.21 30.85
CA SER D 460 -62.32 -8.51 30.49
C SER D 460 -61.89 -8.96 29.10
N ILE D 461 -61.25 -8.07 28.33
CA ILE D 461 -60.68 -8.47 27.06
C ILE D 461 -59.84 -9.73 27.27
N ASP D 462 -59.94 -10.66 26.33
CA ASP D 462 -59.10 -11.84 26.32
C ASP D 462 -57.78 -11.53 25.61
N PHE D 463 -56.67 -11.76 26.31
CA PHE D 463 -55.31 -11.46 25.83
C PHE D 463 -54.46 -12.71 25.93
N PRO D 464 -54.60 -13.65 24.99
CA PRO D 464 -53.76 -14.87 25.03
C PRO D 464 -52.28 -14.57 25.07
N THR D 465 -51.86 -13.42 24.55
CA THR D 465 -50.46 -13.03 24.65
C THR D 465 -50.01 -12.87 26.09
N ASP D 466 -50.96 -12.69 27.03
CA ASP D 466 -50.63 -12.70 28.45
C ASP D 466 -49.96 -13.97 28.90
N LYS D 467 -50.05 -15.05 28.12
CA LYS D 467 -49.53 -16.33 28.61
C LYS D 467 -48.03 -16.46 28.48
N GLY D 468 -47.34 -15.51 27.83
CA GLY D 468 -45.92 -15.66 27.55
C GLY D 468 -45.10 -14.47 28.06
N TRP D 469 -43.78 -14.62 27.95
CA TRP D 469 -42.87 -13.53 28.29
C TRP D 469 -43.17 -12.32 27.43
N LYS D 470 -43.19 -11.14 28.05
CA LYS D 470 -43.46 -9.92 27.31
C LYS D 470 -42.46 -8.86 27.69
N ASP D 471 -42.32 -7.85 26.81
CA ASP D 471 -41.71 -6.59 27.16
C ASP D 471 -42.62 -5.41 26.89
N THR D 472 -43.74 -5.62 26.21
CA THR D 472 -44.74 -4.60 25.94
C THR D 472 -46.10 -5.22 26.15
N VAL D 473 -46.96 -4.50 26.87
CA VAL D 473 -48.26 -5.02 27.30
C VAL D 473 -49.31 -3.92 27.13
N LEU D 474 -50.43 -4.25 26.49
CA LEU D 474 -51.45 -3.25 26.20
C LEU D 474 -52.29 -3.00 27.46
N VAL D 475 -52.38 -1.74 27.88
CA VAL D 475 -53.18 -1.34 29.03
C VAL D 475 -54.38 -0.56 28.50
N MET D 476 -55.56 -1.15 28.63
CA MET D 476 -56.79 -0.56 28.11
C MET D 476 -57.18 0.71 28.89
N PRO D 477 -58.20 1.43 28.44
CA PRO D 477 -58.72 2.53 29.27
C PRO D 477 -59.28 2.03 30.60
N LEU D 478 -58.97 2.78 31.66
CA LEU D 478 -59.42 2.53 33.04
C LEU D 478 -59.00 1.17 33.56
N GLU D 479 -58.05 0.53 32.91
CA GLU D 479 -57.62 -0.79 33.35
C GLU D 479 -56.40 -0.68 34.26
N SER D 480 -56.29 -1.63 35.18
CA SER D 480 -55.05 -1.91 35.89
C SER D 480 -54.50 -3.24 35.36
N VAL D 481 -53.32 -3.18 34.77
CA VAL D 481 -52.55 -4.34 34.41
C VAL D 481 -51.44 -4.45 35.43
N ARG D 482 -51.23 -5.65 35.92
CA ARG D 482 -50.38 -5.87 37.06
C ARG D 482 -49.36 -6.92 36.64
N ILE D 483 -48.11 -6.47 36.45
CA ILE D 483 -47.02 -7.26 35.89
C ILE D 483 -45.97 -7.53 36.97
N ILE D 484 -45.25 -8.63 36.81
CA ILE D 484 -44.15 -9.00 37.70
C ILE D 484 -42.88 -9.10 36.86
N VAL D 485 -41.79 -8.57 37.40
CA VAL D 485 -40.55 -8.33 36.65
C VAL D 485 -39.35 -8.45 37.56
N LYS D 486 -38.34 -9.20 37.11
CA LYS D 486 -37.09 -9.34 37.82
C LYS D 486 -36.06 -8.57 37.08
N PHE D 487 -35.20 -7.87 37.78
CA PHE D 487 -34.25 -6.99 37.17
C PHE D 487 -32.91 -7.65 37.20
N THR D 488 -32.38 -7.97 36.03
CA THR D 488 -31.17 -8.73 35.95
C THR D 488 -29.96 -7.98 35.44
N ILE D 489 -30.18 -6.85 34.82
CA ILE D 489 -29.09 -6.03 34.29
C ILE D 489 -29.11 -4.69 35.00
N PRO D 490 -27.97 -4.21 35.51
CA PRO D 490 -27.94 -2.91 36.19
C PRO D 490 -27.83 -1.75 35.20
N GLY D 491 -28.03 -0.55 35.72
CA GLY D 491 -27.91 0.67 34.93
C GLY D 491 -29.23 1.43 34.86
N LEU D 492 -29.19 2.53 34.12
CA LEU D 492 -30.37 3.37 33.91
C LEU D 492 -31.09 2.95 32.63
N PHE D 493 -32.36 2.58 32.76
CA PHE D 493 -33.22 2.26 31.63
C PHE D 493 -34.43 3.18 31.64
N VAL D 494 -35.27 3.06 30.60
CA VAL D 494 -36.49 3.85 30.49
C VAL D 494 -37.67 2.91 30.48
N HIS D 495 -38.83 3.46 30.82
CA HIS D 495 -40.11 2.80 30.61
C HIS D 495 -41.06 3.84 30.03
N HIS D 496 -41.99 3.39 29.20
CA HIS D 496 -42.77 4.36 28.46
C HIS D 496 -43.91 3.66 27.74
N CYS D 497 -44.89 4.49 27.37
CA CYS D 497 -45.88 4.12 26.38
C CYS D 497 -45.21 4.01 25.03
N HIS D 498 -45.57 3.00 24.25
CA HIS D 498 -44.82 2.86 23.04
C HIS D 498 -45.63 3.35 21.85
N ILE D 499 -46.87 3.86 22.07
CA ILE D 499 -47.47 4.75 21.09
C ILE D 499 -46.46 5.86 20.84
N LEU D 500 -46.09 6.04 19.59
CA LEU D 500 -44.88 6.80 19.31
C LEU D 500 -45.05 8.28 19.67
N GLU D 501 -46.20 8.87 19.35
CA GLU D 501 -46.42 10.29 19.62
C GLU D 501 -46.56 10.59 21.12
N HIS D 502 -47.17 9.67 21.88
CA HIS D 502 -47.17 9.79 23.34
C HIS D 502 -45.75 9.74 23.89
N GLU D 503 -44.92 8.87 23.40
CA GLU D 503 -43.55 8.77 23.87
C GLU D 503 -42.87 10.08 23.63
N ASP D 504 -43.06 10.61 22.44
CA ASP D 504 -42.44 11.87 22.07
C ASP D 504 -42.95 13.05 22.86
N HIS D 505 -44.24 13.11 23.14
CA HIS D 505 -44.76 14.15 23.98
C HIS D 505 -44.65 13.75 25.39
N SER D 506 -43.47 13.31 25.78
CA SER D 506 -43.15 12.99 27.16
C SER D 506 -43.71 11.85 28.00
N MET D 507 -44.32 10.86 27.40
CA MET D 507 -44.76 9.72 28.18
C MET D 507 -43.63 8.74 28.30
N MET D 508 -42.61 9.08 29.08
CA MET D 508 -41.46 8.26 29.25
C MET D 508 -40.89 8.55 30.61
N ALA D 509 -40.15 7.61 31.19
CA ALA D 509 -39.60 7.78 32.51
C ALA D 509 -38.33 6.96 32.67
N ASN D 510 -37.53 7.24 33.70
CA ASN D 510 -36.30 6.48 33.93
C ASN D 510 -36.41 5.64 35.18
N PHE D 511 -35.84 4.44 35.15
CA PHE D 511 -35.61 3.67 36.36
C PHE D 511 -34.16 3.23 36.40
N LEU D 512 -33.64 3.07 37.61
CA LEU D 512 -32.22 2.77 37.81
C LEU D 512 -32.08 1.49 38.60
N VAL D 513 -31.42 0.49 38.01
CA VAL D 513 -31.13 -0.77 38.68
C VAL D 513 -29.73 -0.69 39.28
N GLU D 514 -29.63 -0.92 40.58
CA GLU D 514 -28.35 -0.99 41.32
C GLU D 514 -28.25 -1.99 42.46
N PRO E 70 26.96 -39.05 43.93
CA PRO E 70 26.62 -37.63 44.05
C PRO E 70 27.44 -36.77 43.13
N PHE E 71 26.86 -36.33 42.01
CA PHE E 71 27.56 -35.54 41.01
C PHE E 71 28.70 -36.29 40.38
N THR E 72 28.50 -37.58 40.19
CA THR E 72 29.51 -38.43 39.58
C THR E 72 29.17 -38.91 38.17
N GLN E 73 27.91 -38.88 37.78
CA GLN E 73 27.48 -39.39 36.47
C GLN E 73 27.11 -38.31 35.50
N LYS E 74 27.61 -38.39 34.29
CA LYS E 74 27.35 -37.39 33.29
C LYS E 74 25.93 -37.30 32.88
N LEU E 75 25.47 -36.09 32.66
CA LEU E 75 24.12 -35.87 32.20
C LEU E 75 23.93 -36.39 30.82
N LYS E 76 22.82 -37.07 30.62
CA LYS E 76 22.50 -37.57 29.33
C LYS E 76 21.88 -36.50 28.49
N ILE E 77 22.21 -36.48 27.23
CA ILE E 77 21.69 -35.49 26.30
C ILE E 77 20.76 -36.21 25.32
N PRO E 78 19.48 -35.88 25.25
CA PRO E 78 18.60 -36.59 24.32
C PRO E 78 19.08 -36.43 22.88
N LYS E 79 18.89 -37.48 22.09
CA LYS E 79 19.03 -37.39 20.66
C LYS E 79 18.00 -36.39 20.13
N GLU E 80 18.20 -35.92 18.90
CA GLU E 80 17.29 -34.92 18.32
C GLU E 80 16.61 -35.45 17.06
N ILE E 81 15.29 -35.29 17.01
CA ILE E 81 14.49 -35.58 15.81
C ILE E 81 14.22 -34.21 15.18
N ASP E 82 15.11 -33.81 14.26
CA ASP E 82 15.08 -32.48 13.67
C ASP E 82 14.44 -32.58 12.30
N PHE E 83 13.39 -31.79 12.07
CA PHE E 83 12.54 -32.00 10.89
C PHE E 83 13.03 -31.26 9.65
N GLU E 84 14.23 -30.68 9.69
CA GLU E 84 14.97 -30.44 8.47
C GLU E 84 15.75 -31.68 8.01
N HIS E 85 15.85 -32.70 8.88
CA HIS E 85 16.58 -33.94 8.64
C HIS E 85 15.70 -35.16 8.64
N VAL E 86 14.52 -35.08 9.21
CA VAL E 86 13.56 -36.17 9.23
C VAL E 86 12.25 -35.63 8.66
N ALA E 87 11.67 -36.36 7.71
CA ALA E 87 10.35 -36.04 7.19
C ALA E 87 9.25 -36.79 7.93
N LYS E 88 9.54 -37.96 8.49
CA LYS E 88 8.52 -38.72 9.19
C LYS E 88 9.23 -39.56 10.22
N ALA E 89 8.89 -39.35 11.50
CA ALA E 89 9.52 -40.04 12.61
C ALA E 89 8.62 -41.16 13.12
N LYS E 90 9.21 -42.05 13.91
CA LYS E 90 8.56 -43.29 14.34
C LYS E 90 8.73 -43.45 15.84
N PHE E 91 7.60 -43.43 16.56
CA PHE E 91 7.55 -43.65 18.01
C PHE E 91 6.81 -44.95 18.25
N ASN E 92 7.30 -45.73 19.20
CA ASN E 92 6.65 -46.96 19.61
C ASN E 92 6.68 -46.97 21.13
N ALA E 93 5.53 -46.82 21.76
CA ALA E 93 5.51 -46.84 23.22
C ALA E 93 5.74 -48.27 23.67
N GLN E 94 6.92 -48.56 24.23
CA GLN E 94 7.20 -49.92 24.62
C GLN E 94 7.88 -49.98 25.99
N LYS E 95 7.88 -51.19 26.54
CA LYS E 95 8.55 -51.44 27.79
C LYS E 95 10.00 -51.70 27.52
N SER E 96 10.85 -51.22 28.38
CA SER E 96 12.25 -51.30 28.17
C SER E 96 12.94 -51.35 29.52
N LEU E 97 14.25 -51.47 29.51
CA LEU E 97 15.02 -51.51 30.74
C LEU E 97 16.13 -50.50 30.75
N SER E 98 16.28 -49.75 31.82
CA SER E 98 17.43 -48.85 31.92
C SER E 98 17.94 -48.77 33.31
N ALA E 99 19.22 -48.54 33.46
CA ALA E 99 19.81 -48.40 34.78
C ALA E 99 19.79 -47.00 35.28
N LEU E 100 18.63 -46.55 35.68
CA LEU E 100 18.51 -45.15 36.19
C LEU E 100 19.35 -45.01 37.47
N TYR E 101 18.95 -45.68 38.55
CA TYR E 101 19.67 -45.54 39.84
C TYR E 101 20.55 -46.76 40.06
N LYS E 102 21.52 -46.64 40.96
CA LYS E 102 22.47 -47.75 41.20
C LYS E 102 22.93 -48.28 39.85
N GLU E 103 22.92 -49.60 39.70
CA GLU E 103 23.26 -50.20 38.39
C GLU E 103 22.09 -51.11 38.05
N LYS E 104 20.95 -50.89 38.70
CA LYS E 104 19.78 -51.78 38.49
C LYS E 104 18.98 -51.33 37.27
N LYS E 105 18.83 -52.22 36.31
CA LYS E 105 18.02 -51.93 35.20
C LYS E 105 16.65 -52.05 35.74
N THR E 106 15.83 -51.05 35.53
CA THR E 106 14.51 -51.05 36.06
C THR E 106 13.58 -50.96 34.90
N ASP E 107 12.38 -51.47 35.04
CA ASP E 107 11.39 -51.37 34.00
C ASP E 107 11.02 -49.95 33.75
N ILE E 108 11.10 -49.53 32.50
CA ILE E 108 10.83 -48.16 32.14
C ILE E 108 10.03 -48.19 30.90
N LEU E 109 9.44 -47.07 30.56
CA LEU E 109 8.68 -46.98 29.34
C LEU E 109 9.35 -46.02 28.37
N THR E 110 9.48 -46.42 27.09
CA THR E 110 10.16 -45.61 26.07
C THR E 110 9.43 -45.44 24.78
N PHE E 111 9.74 -44.38 24.07
CA PHE E 111 9.18 -44.15 22.75
C PHE E 111 10.08 -44.67 21.62
N GLN E 112 11.38 -44.69 21.83
CA GLN E 112 12.33 -45.22 20.84
C GLN E 112 13.38 -46.16 21.44
N GLY E 113 13.05 -46.84 22.53
CA GLY E 113 13.97 -47.77 23.13
C GLY E 113 14.78 -47.34 24.31
N ASP E 114 15.09 -46.07 24.40
CA ASP E 114 15.94 -45.59 25.46
C ASP E 114 15.55 -44.28 26.10
N LEU E 115 16.05 -44.06 27.29
CA LEU E 115 15.77 -42.84 28.00
C LEU E 115 17.04 -41.97 28.18
N PRO E 116 16.97 -40.58 28.04
CA PRO E 116 15.77 -39.77 27.80
C PRO E 116 15.25 -39.89 26.38
N ASN E 117 13.95 -39.72 26.20
CA ASN E 117 13.36 -39.69 24.88
C ASN E 117 13.91 -38.52 24.05
N PRO E 118 13.82 -38.59 22.73
CA PRO E 118 14.49 -37.57 21.90
C PRO E 118 13.75 -36.24 21.94
N THR E 119 14.53 -35.17 21.86
CA THR E 119 13.98 -33.83 21.72
C THR E 119 13.55 -33.59 20.27
N ILE E 120 12.27 -33.29 20.07
CA ILE E 120 11.82 -32.91 18.73
C ILE E 120 12.21 -31.47 18.46
N ARG E 121 12.72 -31.19 17.26
CA ARG E 121 13.14 -29.85 16.90
C ARG E 121 12.60 -29.49 15.52
N ILE E 122 11.87 -28.36 15.44
CA ILE E 122 11.17 -28.03 14.19
C ILE E 122 11.05 -26.52 14.07
N LYS E 123 11.03 -26.02 12.82
CA LYS E 123 10.84 -24.61 12.49
C LYS E 123 9.36 -24.28 12.37
N ASN E 124 9.00 -23.07 12.77
CA ASN E 124 7.68 -22.56 12.42
C ASN E 124 7.52 -22.62 10.89
N GLY E 125 6.42 -23.19 10.42
CA GLY E 125 6.17 -23.38 9.01
C GLY E 125 6.41 -24.79 8.50
N ASP E 126 7.16 -25.61 9.24
CA ASP E 126 7.50 -26.91 8.70
C ASP E 126 6.38 -27.91 8.97
N ASP E 127 6.39 -28.99 8.19
CA ASP E 127 5.40 -30.05 8.34
C ASP E 127 5.95 -31.12 9.28
N PHE E 128 5.14 -31.48 10.28
CA PHE E 128 5.46 -32.47 11.29
C PHE E 128 4.71 -33.74 10.93
N GLU E 129 5.44 -34.85 10.85
CA GLU E 129 4.84 -36.15 10.57
C GLU E 129 5.45 -37.16 11.52
N LEU E 130 4.60 -37.81 12.32
CA LEU E 130 5.05 -38.86 13.24
C LEU E 130 4.04 -39.99 13.28
N ASP E 131 4.53 -41.21 13.06
CA ASP E 131 3.72 -42.41 13.18
C ASP E 131 3.92 -42.98 14.57
N PHE E 132 2.85 -42.99 15.37
CA PHE E 132 2.90 -43.46 16.75
C PHE E 132 2.25 -44.84 16.83
N THR E 133 3.00 -45.82 17.28
CA THR E 133 2.47 -47.15 17.56
C THR E 133 2.43 -47.37 19.08
N ASN E 134 1.30 -47.87 19.57
CA ASN E 134 1.17 -48.20 20.99
C ASN E 134 1.40 -49.69 21.16
N SER E 135 2.55 -50.06 21.76
CA SER E 135 2.87 -51.46 21.99
C SER E 135 2.72 -51.86 23.45
N LEU E 136 1.89 -51.11 24.20
CA LEU E 136 1.63 -51.38 25.60
C LEU E 136 0.28 -52.10 25.75
N GLU E 137 -0.06 -52.40 27.02
CA GLU E 137 -1.28 -53.15 27.28
C GLU E 137 -2.51 -52.25 27.14
N LYS E 138 -2.51 -51.10 27.81
CA LYS E 138 -3.74 -50.35 27.77
C LYS E 138 -3.64 -49.14 26.84
N PRO E 139 -4.78 -48.69 26.30
CA PRO E 139 -4.75 -47.62 25.29
C PRO E 139 -4.07 -46.37 25.80
N THR E 140 -3.48 -45.62 24.88
CA THR E 140 -2.86 -44.35 25.22
C THR E 140 -2.74 -43.54 23.93
N ILE E 141 -2.10 -42.39 24.01
CA ILE E 141 -2.10 -41.38 22.95
C ILE E 141 -1.12 -40.31 23.38
N ILE E 142 -0.56 -39.59 22.43
CA ILE E 142 0.43 -38.58 22.74
C ILE E 142 -0.22 -37.20 22.64
N HIS E 143 0.14 -36.32 23.56
CA HIS E 143 -0.26 -34.93 23.52
C HIS E 143 1.01 -34.12 23.35
N TRP E 144 1.00 -33.26 22.34
CA TRP E 144 2.08 -32.31 22.08
C TRP E 144 1.75 -31.07 22.90
N HIS E 145 2.27 -31.07 24.12
CA HIS E 145 2.00 -30.05 25.13
C HIS E 145 2.54 -28.71 24.68
N GLY E 146 1.63 -27.77 24.45
CA GLY E 146 1.95 -26.43 24.02
C GLY E 146 1.74 -26.18 22.54
N LEU E 147 1.26 -27.14 21.78
CA LEU E 147 1.17 -26.95 20.34
C LEU E 147 -0.22 -26.57 19.92
N LEU E 148 -0.28 -25.65 18.96
CA LEU E 148 -1.55 -25.13 18.46
C LEU E 148 -1.80 -25.87 17.16
N VAL E 149 -2.49 -27.00 17.26
CA VAL E 149 -2.70 -27.92 16.14
C VAL E 149 -4.18 -28.26 16.03
N PRO E 150 -4.62 -28.89 14.94
CA PRO E 150 -6.02 -29.36 14.90
C PRO E 150 -6.30 -30.31 16.05
N GLU E 151 -7.55 -30.27 16.53
CA GLU E 151 -7.96 -31.07 17.68
C GLU E 151 -7.68 -32.55 17.48
N ALA E 152 -7.89 -33.06 16.27
CA ALA E 152 -7.65 -34.47 15.93
C ALA E 152 -6.18 -34.88 16.06
N MET E 153 -5.30 -33.92 16.34
CA MET E 153 -3.89 -34.20 16.51
C MET E 153 -3.38 -33.86 17.91
N ASP E 154 -4.26 -33.33 18.78
CA ASP E 154 -3.91 -32.86 20.12
C ASP E 154 -3.70 -33.98 21.13
N GLY E 155 -4.24 -35.18 20.89
CA GLY E 155 -4.15 -36.21 21.91
C GLY E 155 -5.12 -36.10 23.07
N HIS E 156 -6.33 -35.62 22.83
CA HIS E 156 -7.42 -35.72 23.79
C HIS E 156 -7.52 -37.16 24.30
N PRO E 157 -7.84 -37.37 25.59
CA PRO E 157 -7.89 -38.76 26.10
C PRO E 157 -8.97 -39.63 25.45
N LYS E 158 -10.01 -39.03 24.86
CA LYS E 158 -11.02 -39.80 24.13
C LYS E 158 -10.50 -40.42 22.84
N ASP E 159 -9.30 -40.04 22.39
CA ASP E 159 -8.76 -40.51 21.13
C ASP E 159 -7.61 -41.47 21.35
N ALA E 160 -7.52 -42.06 22.54
CA ALA E 160 -6.50 -43.06 22.81
C ALA E 160 -6.68 -44.26 21.89
N ILE E 161 -5.55 -44.85 21.50
CA ILE E 161 -5.53 -45.97 20.56
C ILE E 161 -5.07 -47.22 21.31
N ALA E 162 -5.70 -48.35 20.98
CA ALA E 162 -5.47 -49.56 21.75
C ALA E 162 -4.17 -50.23 21.34
N THR E 163 -3.87 -51.36 21.97
CA THR E 163 -2.63 -52.06 21.73
C THR E 163 -2.56 -52.51 20.27
N GLN E 164 -1.35 -52.43 19.69
CA GLN E 164 -1.04 -52.82 18.30
C GLN E 164 -1.59 -51.84 17.27
N MET E 165 -1.94 -50.63 17.64
CA MET E 165 -2.50 -49.68 16.69
C MET E 165 -1.52 -48.53 16.42
N LEU E 166 -1.90 -47.76 15.38
CA LEU E 166 -1.10 -46.67 14.82
C LEU E 166 -1.93 -45.40 14.73
N LYS E 167 -1.40 -44.30 15.26
CA LYS E 167 -1.95 -42.99 15.02
C LYS E 167 -0.99 -42.19 14.16
N GLU E 168 -1.53 -41.57 13.12
CA GLU E 168 -0.73 -40.77 12.19
C GLU E 168 -0.87 -39.30 12.56
N TYR E 169 0.15 -38.76 13.20
CA TYR E 169 0.20 -37.34 13.52
C TYR E 169 0.69 -36.58 12.30
N ARG E 170 -0.13 -35.68 11.79
CA ARG E 170 0.26 -34.82 10.67
C ARG E 170 -0.19 -33.39 10.97
N TYR E 171 0.74 -32.46 11.09
CA TYR E 171 0.26 -31.08 11.12
C TYR E 171 1.35 -30.11 10.74
N LYS E 172 0.93 -28.93 10.34
CA LYS E 172 1.86 -27.83 10.08
C LYS E 172 2.03 -27.03 11.37
N VAL E 173 3.28 -26.75 11.69
CA VAL E 173 3.62 -25.89 12.82
C VAL E 173 3.36 -24.45 12.42
N ASN E 174 2.50 -23.74 13.22
CA ASN E 174 2.11 -22.34 12.98
C ASN E 174 2.04 -21.62 14.34
N GLN E 175 3.20 -21.26 14.88
CA GLN E 175 3.25 -20.59 16.18
C GLN E 175 4.69 -20.18 16.42
N ARG E 176 4.88 -19.23 17.32
CA ARG E 176 6.20 -18.68 17.58
C ARG E 176 7.11 -19.72 18.20
N ALA E 177 8.41 -19.42 18.15
CA ALA E 177 9.40 -20.25 18.81
C ALA E 177 9.12 -20.41 20.31
N GLY E 178 9.45 -21.57 20.85
CA GLY E 178 9.32 -21.78 22.28
C GLY E 178 9.79 -23.16 22.70
N THR E 179 9.69 -23.40 24.02
CA THR E 179 10.07 -24.64 24.67
C THR E 179 8.80 -25.35 25.10
N PHE E 180 8.45 -26.42 24.42
CA PHE E 180 7.27 -27.20 24.68
C PHE E 180 7.68 -28.63 25.07
N TRP E 181 6.70 -29.53 25.17
CA TRP E 181 7.14 -30.89 25.47
C TRP E 181 6.06 -31.85 25.01
N TYR E 182 6.32 -33.14 25.18
CA TYR E 182 5.35 -34.12 24.72
C TYR E 182 5.25 -35.24 25.75
N HIS E 183 4.04 -35.76 25.91
CA HIS E 183 3.90 -36.91 26.79
C HIS E 183 2.62 -37.63 26.40
N THR E 184 2.45 -38.85 26.92
CA THR E 184 1.19 -39.56 26.75
C THR E 184 0.12 -38.99 27.70
N HIS E 185 -1.14 -39.17 27.32
CA HIS E 185 -2.25 -38.51 28.03
C HIS E 185 -3.45 -39.41 28.25
N PRO E 186 -3.27 -40.66 28.70
CA PRO E 186 -4.42 -41.55 28.90
C PRO E 186 -5.19 -41.16 30.15
N HIS E 187 -6.51 -41.30 30.09
CA HIS E 187 -7.34 -40.93 31.22
C HIS E 187 -7.03 -41.78 32.44
N GLY E 188 -6.68 -41.11 33.53
CA GLY E 188 -6.41 -41.79 34.77
C GLY E 188 -5.10 -42.53 34.85
N ARG E 189 -4.30 -42.57 33.78
CA ARG E 189 -3.03 -43.26 33.84
C ARG E 189 -1.85 -42.39 33.40
N THR E 190 -2.05 -41.08 33.31
CA THR E 190 -0.99 -40.18 32.84
C THR E 190 0.16 -40.08 33.84
N GLY E 191 -0.14 -40.03 35.13
CA GLY E 191 0.93 -39.98 36.11
C GLY E 191 1.82 -41.20 36.03
N GLU E 192 1.19 -42.37 35.92
CA GLU E 192 1.91 -43.61 35.70
C GLU E 192 2.89 -43.51 34.54
N GLU E 193 2.36 -43.28 33.33
CA GLU E 193 3.19 -43.39 32.14
C GLU E 193 4.28 -42.34 32.10
N ILE E 194 3.97 -41.10 32.51
CA ILE E 194 5.05 -40.12 32.56
C ILE E 194 6.11 -40.59 33.56
N TYR E 195 5.69 -40.99 34.76
CA TYR E 195 6.62 -41.45 35.80
C TYR E 195 7.57 -42.52 35.29
N TYR E 196 7.03 -43.54 34.65
CA TYR E 196 7.90 -44.58 34.12
C TYR E 196 8.53 -44.23 32.77
N GLY E 197 8.32 -43.01 32.26
CA GLY E 197 9.18 -42.54 31.17
C GLY E 197 8.62 -41.79 29.98
N LEU E 198 7.29 -41.79 29.74
CA LEU E 198 6.74 -41.34 28.47
C LEU E 198 6.58 -39.82 28.40
N ALA E 199 7.73 -39.14 28.38
CA ALA E 199 7.81 -37.71 28.07
C ALA E 199 9.12 -37.36 27.37
N GLY E 200 9.14 -36.18 26.75
CA GLY E 200 10.37 -35.56 26.30
C GLY E 200 10.15 -34.13 25.86
N LEU E 201 11.25 -33.49 25.45
CA LEU E 201 11.18 -32.09 25.06
C LEU E 201 10.81 -31.89 23.60
N TYR E 202 10.30 -30.69 23.32
CA TYR E 202 9.97 -30.31 21.95
C TYR E 202 10.07 -28.82 21.71
N ILE E 203 10.93 -28.48 20.77
CA ILE E 203 11.48 -27.14 20.58
C ILE E 203 11.03 -26.62 19.24
N ILE E 204 10.32 -25.48 19.26
CA ILE E 204 9.97 -24.80 18.04
C ILE E 204 10.87 -23.59 17.89
N GLU E 205 11.41 -23.40 16.69
CA GLU E 205 12.29 -22.31 16.33
C GLU E 205 11.58 -21.37 15.35
N ASP E 206 12.06 -20.13 15.29
CA ASP E 206 11.63 -19.20 14.24
C ASP E 206 12.74 -18.20 13.94
N ASP E 207 12.50 -17.39 12.90
CA ASP E 207 13.56 -16.48 12.43
C ASP E 207 13.90 -15.43 13.47
N ASN E 208 12.87 -14.87 14.14
CA ASN E 208 13.10 -13.91 15.22
C ASN E 208 14.14 -14.41 16.22
N GLU E 209 13.89 -15.56 16.83
CA GLU E 209 14.84 -16.15 17.78
C GLU E 209 16.21 -16.41 17.17
N LYS E 210 16.28 -16.93 15.93
CA LYS E 210 17.59 -17.17 15.32
C LYS E 210 18.36 -15.87 15.19
N ALA E 211 17.68 -14.80 14.75
CA ALA E 211 18.35 -13.53 14.53
C ALA E 211 18.95 -12.97 15.82
N LEU E 212 18.42 -13.38 16.98
CA LEU E 212 18.99 -13.00 18.26
C LEU E 212 20.42 -13.52 18.51
N ASN E 213 20.90 -14.50 17.74
CA ASN E 213 22.17 -15.17 18.06
C ASN E 213 22.32 -15.50 19.54
N LEU E 214 21.35 -16.25 20.06
CA LEU E 214 21.47 -16.72 21.44
C LEU E 214 22.53 -17.80 21.54
N PRO E 215 22.95 -18.15 22.76
CA PRO E 215 23.78 -19.35 22.93
C PRO E 215 23.12 -20.56 22.28
N SER E 216 23.90 -21.28 21.48
CA SER E 216 23.38 -22.40 20.71
C SER E 216 24.44 -23.48 20.66
N GLY E 217 24.13 -24.55 19.93
CA GLY E 217 25.06 -25.66 19.80
C GLY E 217 25.36 -26.23 21.16
N GLU E 218 26.64 -26.39 21.46
CA GLU E 218 27.04 -26.93 22.76
C GLU E 218 26.64 -26.03 23.93
N PHE E 219 26.13 -24.82 23.67
CA PHE E 219 25.78 -23.87 24.71
C PHE E 219 24.28 -23.76 24.96
N GLU E 220 23.48 -24.60 24.30
CA GLU E 220 22.07 -24.77 24.60
C GLU E 220 21.89 -26.19 25.10
N LEU E 221 21.36 -26.34 26.32
CA LEU E 221 21.19 -27.65 26.92
C LEU E 221 19.73 -27.85 27.33
N PRO E 222 19.14 -29.00 27.03
CA PRO E 222 17.85 -29.36 27.61
C PRO E 222 18.05 -29.95 29.00
N LEU E 223 17.19 -29.53 29.94
CA LEU E 223 17.20 -30.06 31.32
C LEU E 223 15.79 -30.48 31.71
N ILE E 224 15.49 -31.77 31.63
CA ILE E 224 14.19 -32.29 32.01
C ILE E 224 14.28 -32.73 33.46
N ILE E 225 13.64 -31.97 34.35
CA ILE E 225 13.80 -32.15 35.79
C ILE E 225 12.62 -32.93 36.33
N GLN E 226 12.90 -34.07 36.94
CA GLN E 226 11.80 -34.85 37.49
C GLN E 226 12.31 -35.67 38.66
N ASP E 227 11.53 -35.67 39.74
CA ASP E 227 11.93 -36.31 40.99
C ASP E 227 11.32 -37.70 41.05
N ARG E 228 12.03 -38.62 41.72
CA ARG E 228 11.69 -40.03 41.75
C ARG E 228 11.98 -40.62 43.12
N ARG E 229 11.39 -41.78 43.32
CA ARG E 229 11.62 -42.54 44.50
C ARG E 229 12.15 -43.87 44.01
N PHE E 230 13.28 -44.30 44.53
CA PHE E 230 13.83 -45.59 44.17
C PHE E 230 13.99 -46.49 45.40
N ASP E 231 13.85 -47.80 45.25
CA ASP E 231 14.10 -48.73 46.34
C ASP E 231 15.55 -49.12 46.50
N LYS E 232 15.82 -50.04 47.41
CA LYS E 232 17.20 -50.43 47.70
C LYS E 232 17.83 -51.09 46.54
N GLU E 233 17.05 -51.89 45.85
CA GLU E 233 17.55 -52.52 44.65
C GLU E 233 17.86 -51.50 43.57
N GLY E 234 17.05 -50.45 43.45
CA GLY E 234 17.23 -49.49 42.39
C GLY E 234 16.01 -49.47 41.51
N ASP E 235 15.01 -50.25 41.86
CA ASP E 235 13.79 -50.21 41.13
C ASP E 235 12.93 -49.05 41.56
N LEU E 236 12.05 -48.61 40.68
CA LEU E 236 11.21 -47.46 40.96
C LEU E 236 10.02 -47.71 41.82
N ILE E 237 9.76 -46.79 42.73
CA ILE E 237 8.58 -46.89 43.53
C ILE E 237 7.75 -45.74 43.09
N TYR E 238 6.49 -45.98 42.79
CA TYR E 238 5.61 -44.90 42.47
C TYR E 238 4.72 -44.63 43.67
N LYS E 239 3.43 -44.90 43.58
CA LYS E 239 2.53 -44.57 44.65
C LYS E 239 2.48 -45.63 45.72
N GLU E 240 2.61 -45.21 46.96
CA GLU E 240 2.54 -46.16 48.06
C GLU E 240 1.46 -45.93 49.09
N THR E 241 1.07 -44.69 49.30
CA THR E 241 0.15 -44.38 50.37
C THR E 241 -1.03 -43.67 49.83
N PRO E 242 -2.09 -43.65 50.61
CA PRO E 242 -3.24 -42.88 50.18
C PRO E 242 -2.88 -41.41 50.00
N GLN E 243 -1.96 -40.90 50.78
CA GLN E 243 -1.54 -39.50 50.68
C GLN E 243 -0.92 -39.17 49.34
N ASP E 244 -0.34 -40.16 48.69
CA ASP E 244 0.27 -39.95 47.42
C ASP E 244 -0.74 -39.66 46.31
N ASN E 245 -2.02 -39.91 46.56
CA ASN E 245 -3.04 -39.59 45.60
C ASN E 245 -3.10 -38.08 45.54
N ASN E 246 -2.54 -37.41 46.53
CA ASN E 246 -2.47 -35.97 46.43
C ASN E 246 -1.22 -35.50 45.71
N GLY E 247 -0.29 -36.41 45.38
CA GLY E 247 0.90 -36.06 44.62
C GLY E 247 2.16 -36.79 45.06
N VAL E 248 2.81 -37.47 44.12
CA VAL E 248 4.05 -38.19 44.41
C VAL E 248 5.19 -37.19 44.47
N LEU E 249 5.71 -36.95 45.67
CA LEU E 249 7.00 -36.30 45.83
C LEU E 249 8.07 -37.37 45.98
N GLY E 250 9.31 -37.03 45.70
CA GLY E 250 10.36 -38.01 45.78
C GLY E 250 11.61 -37.54 46.40
N ASP E 251 12.52 -38.46 46.68
CA ASP E 251 13.78 -38.14 47.32
C ASP E 251 14.94 -37.93 46.40
N VAL E 252 14.81 -38.36 45.17
CA VAL E 252 15.92 -38.27 44.23
C VAL E 252 15.57 -37.41 43.02
N VAL E 253 16.40 -36.43 42.70
CA VAL E 253 16.18 -35.63 41.51
C VAL E 253 16.92 -36.12 40.28
N MET E 254 16.21 -36.25 39.17
CA MET E 254 16.80 -36.68 37.93
C MET E 254 16.72 -35.60 36.91
N VAL E 255 17.78 -35.40 36.17
CA VAL E 255 17.72 -34.47 35.08
C VAL E 255 18.07 -35.30 33.89
N ASN E 256 17.25 -35.28 32.86
CA ASN E 256 17.48 -36.04 31.65
C ASN E 256 17.61 -37.49 31.96
N SER E 257 16.77 -37.94 32.88
CA SER E 257 16.76 -39.33 33.30
C SER E 257 18.10 -39.75 33.80
N THR E 258 18.78 -38.85 34.46
CA THR E 258 20.07 -39.15 35.03
C THR E 258 20.07 -38.68 36.49
N VAL E 259 20.51 -39.52 37.42
CA VAL E 259 20.52 -39.18 38.83
C VAL E 259 21.60 -38.23 39.29
N HIS E 260 21.21 -37.12 39.92
CA HIS E 260 22.14 -36.14 40.45
C HIS E 260 23.28 -35.93 39.56
N PRO E 261 23.03 -35.52 38.34
CA PRO E 261 24.10 -35.47 37.36
C PRO E 261 25.07 -34.34 37.27
N TYR E 262 26.08 -34.52 36.44
CA TYR E 262 27.02 -33.45 36.21
C TYR E 262 27.23 -33.08 34.77
N LYS E 263 27.47 -31.80 34.51
CA LYS E 263 27.75 -31.33 33.16
C LYS E 263 28.98 -30.50 33.14
N ASN E 264 29.90 -30.85 32.27
CA ASN E 264 31.10 -30.11 32.13
C ASN E 264 30.84 -28.95 31.23
N VAL E 265 31.39 -27.80 31.57
CA VAL E 265 31.09 -26.56 30.86
C VAL E 265 32.35 -25.71 30.77
N LYS E 266 32.36 -24.86 29.75
CA LYS E 266 33.28 -23.75 29.62
C LYS E 266 32.75 -22.54 30.41
N ASN E 267 33.59 -21.53 30.56
CA ASN E 267 33.21 -20.37 31.38
C ASN E 267 32.66 -19.24 30.50
N THR E 268 31.50 -19.51 29.90
CA THR E 268 30.80 -18.48 29.12
C THR E 268 29.30 -18.67 29.35
N LYS E 269 28.48 -18.08 28.48
CA LYS E 269 27.03 -18.13 28.66
C LYS E 269 26.47 -19.43 28.12
N TYR E 270 25.60 -20.06 28.89
CA TYR E 270 24.87 -21.26 28.47
C TYR E 270 23.38 -20.95 28.50
N ARG E 271 22.67 -21.37 27.45
CA ARG E 271 21.23 -21.26 27.38
C ARG E 271 20.61 -22.55 27.87
N LEU E 272 19.88 -22.48 28.98
CA LEU E 272 19.24 -23.67 29.55
C LEU E 272 17.76 -23.65 29.20
N ARG E 273 17.23 -24.82 28.87
CA ARG E 273 15.81 -24.99 28.55
C ARG E 273 15.26 -26.03 29.50
N ILE E 274 14.59 -25.53 30.55
CA ILE E 274 14.20 -26.32 31.72
C ILE E 274 12.73 -26.70 31.58
N LEU E 275 12.44 -28.00 31.72
CA LEU E 275 11.09 -28.52 31.88
C LEU E 275 10.98 -29.19 33.24
N ASN E 276 9.91 -28.94 33.96
CA ASN E 276 9.63 -29.64 35.17
C ASN E 276 8.69 -30.72 34.72
N GLY E 277 9.18 -31.95 34.65
CA GLY E 277 8.40 -33.07 34.22
C GLY E 277 8.05 -34.02 35.33
N SER E 278 8.13 -33.55 36.54
CA SER E 278 7.78 -34.33 37.67
C SER E 278 6.32 -34.47 37.83
N SER E 279 5.90 -35.37 38.70
CA SER E 279 4.48 -35.47 39.00
C SER E 279 3.87 -34.31 39.76
N ALA E 280 4.56 -33.76 40.76
CA ALA E 280 3.97 -32.70 41.60
C ALA E 280 4.81 -31.58 42.16
N ARG E 281 6.07 -31.81 42.39
CA ARG E 281 6.89 -30.82 43.05
C ARG E 281 7.09 -29.51 42.36
N THR E 282 6.96 -28.44 43.11
CA THR E 282 7.21 -27.15 42.56
C THR E 282 8.59 -26.81 43.02
N TYR E 283 9.43 -26.49 42.06
CA TYR E 283 10.80 -26.18 42.36
C TYR E 283 11.10 -24.71 42.34
N LYS E 284 11.95 -24.27 43.24
CA LYS E 284 12.38 -22.87 43.35
C LYS E 284 13.88 -22.90 43.06
N LEU E 285 14.24 -22.71 41.80
CA LEU E 285 15.59 -23.01 41.35
C LEU E 285 16.52 -21.85 41.60
N ALA E 286 17.69 -22.17 42.16
CA ALA E 286 18.80 -21.25 42.31
C ALA E 286 20.10 -22.01 42.05
N PHE E 287 21.12 -21.25 41.70
CA PHE E 287 22.43 -21.86 41.36
C PHE E 287 23.47 -21.39 42.35
N GLU E 288 23.99 -22.29 43.17
CA GLU E 288 25.08 -21.87 44.08
C GLU E 288 26.37 -21.73 43.27
N GLY E 289 26.91 -20.52 43.20
CA GLY E 289 28.14 -20.27 42.44
C GLY E 289 28.02 -18.94 41.76
N ILE E 290 26.85 -18.63 41.26
CA ILE E 290 26.63 -17.39 40.50
C ILE E 290 25.53 -16.59 41.18
N GLU E 291 25.55 -15.27 40.91
CA GLU E 291 24.64 -14.34 41.55
C GLU E 291 23.30 -14.29 40.84
N ASP E 292 23.34 -14.26 39.50
CA ASP E 292 22.16 -13.96 38.69
C ASP E 292 21.93 -15.06 37.68
N PHE E 293 20.72 -15.06 37.13
CA PHE E 293 20.52 -15.57 35.78
C PHE E 293 19.38 -14.78 35.17
N MET E 294 19.16 -14.99 33.87
CA MET E 294 18.24 -14.19 33.10
C MET E 294 17.11 -15.08 32.60
N LEU E 295 15.87 -14.75 32.96
CA LEU E 295 14.69 -15.36 32.36
C LEU E 295 14.44 -14.69 31.01
N ILE E 296 14.56 -15.47 29.93
CA ILE E 296 14.28 -14.96 28.59
C ILE E 296 13.05 -15.59 27.96
N GLY E 297 12.54 -16.70 28.49
CA GLY E 297 11.40 -17.33 27.85
C GLY E 297 10.58 -18.16 28.80
N THR E 298 9.32 -18.32 28.47
CA THR E 298 8.36 -19.08 29.25
C THR E 298 7.74 -20.14 28.34
N ASP E 299 6.68 -20.79 28.81
CA ASP E 299 5.99 -21.81 28.01
C ASP E 299 5.86 -21.39 26.55
N GLY E 300 5.35 -20.18 26.31
CA GLY E 300 4.98 -19.71 24.99
C GLY E 300 6.08 -19.03 24.20
N GLY E 301 7.32 -19.13 24.63
CA GLY E 301 8.40 -18.56 23.87
C GLY E 301 9.11 -17.44 24.60
N LEU E 302 9.72 -16.52 23.85
CA LEU E 302 10.56 -15.52 24.45
C LEU E 302 9.72 -14.46 25.15
N LEU E 303 10.27 -13.88 26.21
CA LEU E 303 9.69 -12.66 26.75
C LEU E 303 9.99 -11.50 25.82
N GLU E 304 9.56 -10.30 26.24
CA GLU E 304 9.88 -9.11 25.47
C GLU E 304 11.32 -8.69 25.75
N GLU E 305 11.72 -8.73 27.02
CA GLU E 305 13.06 -8.43 27.44
C GLU E 305 13.46 -9.40 28.54
N PRO E 306 14.75 -9.69 28.66
CA PRO E 306 15.21 -10.56 29.75
C PRO E 306 14.89 -9.95 31.12
N ILE E 307 14.69 -10.83 32.10
CA ILE E 307 14.44 -10.45 33.48
C ILE E 307 15.50 -11.09 34.36
N ILE E 308 16.26 -10.29 35.08
CA ILE E 308 17.29 -10.84 35.97
C ILE E 308 16.58 -11.38 37.20
N VAL E 309 16.95 -12.59 37.62
CA VAL E 309 16.41 -13.18 38.83
C VAL E 309 17.52 -13.92 39.57
N LYS E 310 17.27 -14.17 40.85
CA LYS E 310 18.15 -14.94 41.72
C LYS E 310 17.58 -16.31 42.06
N ASP E 311 16.27 -16.48 41.92
CA ASP E 311 15.62 -17.78 41.99
C ASP E 311 14.39 -17.72 41.10
N ILE E 312 13.90 -18.89 40.70
CA ILE E 312 12.81 -18.92 39.73
C ILE E 312 11.91 -20.09 40.06
N LEU E 313 10.61 -19.83 40.08
CA LEU E 313 9.61 -20.86 40.41
C LEU E 313 9.21 -21.59 39.14
N ILE E 314 9.11 -22.91 39.23
CA ILE E 314 8.70 -23.74 38.09
C ILE E 314 7.84 -24.88 38.62
N ALA E 315 6.56 -24.89 38.23
CA ALA E 315 5.64 -25.95 38.56
C ALA E 315 5.65 -27.04 37.49
N VAL E 316 5.05 -28.18 37.84
CA VAL E 316 4.94 -29.30 36.93
C VAL E 316 4.32 -28.84 35.62
N ALA E 317 4.95 -29.22 34.50
CA ALA E 317 4.57 -28.97 33.12
C ALA E 317 4.92 -27.57 32.66
N GLU E 318 5.55 -26.77 33.49
CA GLU E 318 5.94 -25.45 33.08
C GLU E 318 7.32 -25.47 32.53
N ARG E 319 7.62 -24.49 31.70
CA ARG E 319 8.91 -24.41 31.11
C ARG E 319 9.57 -23.06 31.21
N ILE E 320 10.85 -23.04 31.53
CA ILE E 320 11.60 -21.80 31.52
C ILE E 320 12.79 -21.80 30.57
N ASP E 321 13.12 -20.66 29.97
CA ASP E 321 14.25 -20.47 29.07
C ASP E 321 15.12 -19.43 29.73
N ILE E 322 16.30 -19.84 30.22
CA ILE E 322 17.14 -18.99 31.05
C ILE E 322 18.55 -18.96 30.50
N ILE E 323 19.30 -17.90 30.87
CA ILE E 323 20.69 -17.74 30.47
C ILE E 323 21.56 -17.66 31.72
N VAL E 324 22.59 -18.49 31.78
CA VAL E 324 23.50 -18.45 32.93
C VAL E 324 24.89 -18.13 32.41
N ASP E 325 25.70 -17.52 33.27
CA ASP E 325 27.01 -16.98 32.89
C ASP E 325 28.09 -17.56 33.80
N PHE E 326 29.03 -18.29 33.21
CA PHE E 326 30.12 -18.89 33.96
C PHE E 326 31.42 -18.13 33.81
N LYS E 327 31.39 -16.99 33.13
CA LYS E 327 32.59 -16.24 32.77
C LYS E 327 33.46 -15.89 33.97
N ASP E 328 32.91 -15.89 35.19
CA ASP E 328 33.71 -15.55 36.36
C ASP E 328 34.23 -16.76 37.08
N LYS E 329 33.99 -17.92 36.52
CA LYS E 329 34.40 -19.18 37.13
C LYS E 329 35.78 -19.56 36.65
N LYS E 330 36.61 -19.99 37.57
CA LYS E 330 37.92 -20.56 37.31
C LYS E 330 37.77 -22.06 37.11
N VAL E 331 38.69 -22.67 36.34
CA VAL E 331 38.71 -24.12 36.18
C VAL E 331 38.68 -24.83 37.53
N GLY E 332 37.93 -25.93 37.61
CA GLY E 332 37.79 -26.68 38.83
C GLY E 332 36.68 -26.21 39.73
N GLU E 333 36.30 -24.94 39.67
CA GLU E 333 35.15 -24.46 40.42
C GLU E 333 33.87 -25.08 39.85
N SER E 334 32.82 -25.08 40.67
CA SER E 334 31.54 -25.67 40.28
C SER E 334 30.41 -24.68 40.56
N VAL E 335 29.27 -24.90 39.89
CA VAL E 335 28.02 -24.23 40.23
C VAL E 335 26.94 -25.30 40.34
N THR E 336 26.13 -25.22 41.40
CA THR E 336 25.18 -26.29 41.66
C THR E 336 23.75 -25.78 41.53
N LEU E 337 23.01 -26.34 40.59
CA LEU E 337 21.60 -26.05 40.48
C LEU E 337 20.85 -26.83 41.55
N LYS E 338 19.97 -26.15 42.26
CA LYS E 338 19.22 -26.75 43.35
C LYS E 338 17.89 -26.04 43.47
N THR E 339 17.00 -26.61 44.29
CA THR E 339 15.77 -25.95 44.70
C THR E 339 15.85 -25.46 46.15
N LEU E 340 15.27 -24.29 46.38
CA LEU E 340 15.28 -23.62 47.68
C LEU E 340 14.09 -23.98 48.56
N GLY E 341 13.22 -24.89 48.11
CA GLY E 341 11.99 -25.19 48.81
C GLY E 341 10.92 -24.14 48.54
N PHE E 342 9.67 -24.58 48.69
CA PHE E 342 8.55 -23.67 48.48
C PHE E 342 7.36 -24.15 49.31
N LYS E 343 7.39 -23.88 50.63
CA LYS E 343 6.48 -24.59 51.53
C LYS E 343 5.03 -24.18 51.27
N GLU E 344 4.83 -22.97 50.76
CA GLU E 344 3.53 -22.38 50.50
C GLU E 344 2.73 -23.11 49.45
N ALA E 345 3.32 -24.09 48.76
CA ALA E 345 2.63 -24.72 47.64
C ALA E 345 1.66 -25.80 48.10
N ASN E 346 1.83 -26.29 49.33
CA ASN E 346 1.02 -27.42 49.81
C ASN E 346 0.76 -27.25 51.29
N ASN E 347 -0.53 -27.24 51.66
CA ASN E 347 -0.98 -27.16 53.04
C ASN E 347 -1.52 -28.47 53.61
N PHE E 348 -1.48 -29.56 52.87
CA PHE E 348 -1.86 -30.86 53.39
C PHE E 348 -0.60 -31.36 53.96
N VAL E 349 -0.65 -32.47 54.66
CA VAL E 349 0.61 -33.04 55.09
C VAL E 349 0.89 -34.18 54.12
N THR E 350 2.04 -34.17 53.48
CA THR E 350 2.33 -35.16 52.44
C THR E 350 2.88 -36.45 53.02
N ASN E 351 3.38 -37.36 52.19
CA ASN E 351 3.95 -38.59 52.68
C ASN E 351 5.16 -38.20 53.47
N PRO E 352 5.25 -38.71 54.69
CA PRO E 352 6.37 -38.41 55.54
C PRO E 352 7.65 -39.01 55.04
N ALA E 353 7.57 -40.08 54.26
CA ALA E 353 8.77 -40.77 53.81
C ALA E 353 9.67 -39.97 52.95
N TYR E 354 9.11 -39.07 52.18
CA TYR E 354 9.89 -38.35 51.23
C TYR E 354 9.78 -36.90 51.55
N PRO E 355 10.73 -36.12 51.07
CA PRO E 355 10.71 -34.72 51.48
C PRO E 355 9.50 -33.90 51.08
N ASP E 356 9.19 -32.87 51.84
CA ASP E 356 8.06 -31.98 51.56
C ASP E 356 8.33 -30.86 50.58
N SER E 357 7.31 -30.07 50.26
CA SER E 357 7.47 -28.96 49.32
C SER E 357 8.48 -27.94 49.79
N GLY E 358 9.03 -28.14 50.99
CA GLY E 358 9.87 -27.13 51.57
C GLY E 358 11.32 -27.53 51.57
N ALA E 359 11.62 -28.71 51.04
CA ALA E 359 12.97 -29.24 51.10
C ALA E 359 13.97 -28.39 50.34
N LYS E 360 15.15 -28.24 50.93
CA LYS E 360 16.37 -28.04 50.17
C LYS E 360 16.71 -29.33 49.41
N MET E 361 17.07 -29.21 48.13
CA MET E 361 17.47 -30.39 47.36
C MET E 361 18.46 -29.92 46.29
N ASP E 362 19.64 -30.53 46.25
CA ASP E 362 20.54 -30.30 45.13
C ASP E 362 20.04 -31.04 43.90
N ILE E 363 20.25 -30.45 42.72
CA ILE E 363 19.70 -31.03 41.50
C ILE E 363 20.82 -31.50 40.56
N MET E 364 21.71 -30.60 40.18
CA MET E 364 22.82 -31.03 39.33
C MET E 364 24.00 -30.08 39.53
N ARG E 365 25.14 -30.44 38.94
CA ARG E 365 26.37 -29.67 39.12
C ARG E 365 27.00 -29.41 37.76
N PHE E 366 27.24 -28.14 37.46
CA PHE E 366 28.00 -27.71 36.29
C PHE E 366 29.45 -27.57 36.75
N LYS E 367 30.33 -28.40 36.20
CA LYS E 367 31.75 -28.36 36.56
C LYS E 367 32.46 -27.55 35.48
N VAL E 368 33.12 -26.47 35.89
CA VAL E 368 33.86 -25.63 34.95
C VAL E 368 35.18 -26.31 34.67
N THR E 369 35.44 -26.60 33.39
CA THR E 369 36.55 -27.48 33.06
C THR E 369 37.40 -27.00 31.90
N GLU E 370 36.90 -26.09 31.07
CA GLU E 370 37.61 -25.45 29.96
C GLU E 370 37.67 -23.97 30.28
N LEU E 371 38.49 -23.23 29.54
CA LEU E 371 38.22 -21.82 29.41
C LEU E 371 37.85 -21.57 27.97
N SER E 372 37.05 -20.53 27.72
CA SER E 372 36.58 -20.34 26.37
C SER E 372 36.57 -18.85 26.09
N THR E 373 36.71 -18.52 24.81
CA THR E 373 36.88 -17.15 24.38
C THR E 373 35.59 -16.53 23.89
N GLN E 374 34.48 -17.29 23.93
CA GLN E 374 33.27 -16.89 23.25
C GLN E 374 32.63 -15.67 23.94
N ASN E 375 32.28 -14.69 23.12
CA ASN E 375 31.53 -13.52 23.57
C ASN E 375 30.20 -13.61 22.85
N SER E 376 29.18 -14.01 23.61
CA SER E 376 27.80 -13.83 23.24
C SER E 376 27.20 -12.80 24.19
N GLN E 377 26.39 -11.91 23.63
CA GLN E 377 25.73 -10.87 24.42
C GLN E 377 24.23 -11.04 24.25
N ILE E 378 23.52 -11.19 25.36
CA ILE E 378 22.09 -11.42 25.34
C ILE E 378 21.44 -10.11 24.97
N PRO E 379 20.69 -10.04 23.87
CA PRO E 379 20.08 -8.78 23.45
C PRO E 379 19.10 -8.23 24.47
N LYS E 380 18.77 -6.95 24.30
CA LYS E 380 17.80 -6.29 25.16
C LYS E 380 16.38 -6.52 24.67
N LYS E 381 16.15 -6.44 23.36
CA LYS E 381 14.85 -6.76 22.77
C LYS E 381 14.89 -8.20 22.25
N LEU E 382 14.08 -9.06 22.85
CA LEU E 382 13.92 -10.44 22.42
C LEU E 382 12.78 -10.60 21.45
N SER E 383 11.67 -9.92 21.69
CA SER E 383 10.49 -10.04 20.85
C SER E 383 9.49 -8.99 21.31
N THR E 384 8.42 -8.87 20.55
CA THR E 384 7.27 -8.04 20.90
C THR E 384 6.11 -8.97 21.24
N ILE E 385 5.40 -8.67 22.32
CA ILE E 385 4.19 -9.37 22.71
C ILE E 385 3.12 -8.30 22.84
N ALA E 386 2.03 -8.46 22.08
CA ALA E 386 0.88 -7.57 22.19
C ALA E 386 0.07 -8.03 23.39
N LYS E 387 0.01 -7.19 24.43
CA LYS E 387 -0.77 -7.52 25.62
C LYS E 387 -2.26 -7.31 25.32
N MET E 388 -3.07 -8.34 25.56
CA MET E 388 -4.50 -8.22 25.33
C MET E 388 -5.14 -7.45 26.48
N LYS E 389 -6.15 -6.65 26.15
CA LYS E 389 -6.84 -5.90 27.18
C LYS E 389 -8.03 -6.70 27.70
N ALA E 390 -8.30 -6.54 29.00
CA ALA E 390 -9.54 -7.07 29.55
C ALA E 390 -10.75 -6.55 28.80
N SER E 391 -10.66 -5.34 28.23
CA SER E 391 -11.76 -4.79 27.42
C SER E 391 -11.99 -5.58 26.14
N ASP E 392 -10.97 -6.31 25.67
CA ASP E 392 -11.04 -7.05 24.41
C ASP E 392 -11.90 -8.30 24.54
N ALA E 393 -11.98 -8.86 25.75
CA ALA E 393 -12.73 -10.08 25.97
C ALA E 393 -14.23 -9.79 25.96
N SER E 394 -15.00 -10.78 25.49
CA SER E 394 -16.45 -10.68 25.41
C SER E 394 -17.18 -11.50 26.47
N LYS E 395 -16.46 -12.23 27.32
CA LYS E 395 -17.10 -13.00 28.39
C LYS E 395 -16.07 -13.33 29.45
N SER E 396 -16.50 -13.30 30.71
CA SER E 396 -15.73 -13.86 31.82
C SER E 396 -16.40 -15.14 32.29
N ARG E 397 -15.58 -16.04 32.83
CA ARG E 397 -16.12 -17.25 33.42
C ARG E 397 -15.17 -17.71 34.51
N THR E 398 -15.70 -18.50 35.43
CA THR E 398 -15.01 -18.86 36.64
C THR E 398 -14.85 -20.37 36.71
N ILE E 399 -13.62 -20.82 36.92
CA ILE E 399 -13.31 -22.22 37.10
C ILE E 399 -12.80 -22.32 38.51
N THR E 400 -13.42 -23.16 39.31
CA THR E 400 -12.94 -23.35 40.66
C THR E 400 -12.30 -24.72 40.78
N MET E 401 -11.23 -24.76 41.57
CA MET E 401 -10.44 -25.93 41.92
C MET E 401 -10.75 -26.39 43.33
N GLU E 402 -11.21 -27.65 43.46
CA GLU E 402 -11.56 -28.15 44.79
C GLU E 402 -11.15 -29.61 44.95
N ILE E 403 -11.31 -30.08 46.17
CA ILE E 403 -11.37 -31.51 46.48
C ILE E 403 -12.75 -31.80 47.04
N ILE E 404 -13.31 -32.96 46.69
CA ILE E 404 -14.64 -33.32 47.13
C ILE E 404 -14.62 -34.74 47.69
N GLU E 405 -15.77 -35.14 48.26
CA GLU E 405 -15.96 -36.39 48.99
C GLU E 405 -15.23 -37.55 48.31
N GLY E 406 -14.57 -38.36 49.13
CA GLY E 406 -13.78 -39.47 48.61
C GLY E 406 -12.41 -39.07 48.12
N GLY E 407 -11.97 -37.84 48.40
CA GLY E 407 -10.68 -37.37 47.96
C GLY E 407 -10.56 -37.21 46.46
N VAL E 408 -11.60 -36.75 45.79
CA VAL E 408 -11.58 -36.62 44.33
C VAL E 408 -11.33 -35.16 43.99
N TRP E 409 -10.26 -34.90 43.26
CA TRP E 409 -9.94 -33.56 42.84
C TRP E 409 -10.85 -33.15 41.68
N THR E 410 -11.33 -31.90 41.69
CA THR E 410 -12.32 -31.49 40.70
C THR E 410 -12.10 -30.04 40.26
N LEU E 411 -12.76 -29.72 39.15
CA LEU E 411 -12.86 -28.38 38.60
C LEU E 411 -14.34 -28.06 38.53
N ASN E 412 -14.73 -26.94 39.15
CA ASN E 412 -16.15 -26.58 39.28
C ASN E 412 -16.95 -27.71 39.95
N LYS E 413 -16.32 -28.43 40.88
CA LYS E 413 -16.98 -29.44 41.71
C LYS E 413 -17.51 -30.63 40.91
N LYS E 414 -17.09 -30.78 39.66
CA LYS E 414 -17.50 -31.89 38.84
C LYS E 414 -16.27 -32.75 38.55
N PRO E 415 -16.33 -34.07 38.75
CA PRO E 415 -15.27 -34.94 38.24
C PRO E 415 -15.28 -34.98 36.72
N TYR E 416 -14.15 -35.43 36.16
CA TYR E 416 -14.01 -35.43 34.71
C TYR E 416 -14.90 -36.51 34.09
N ASP E 417 -15.90 -36.08 33.32
CA ASP E 417 -16.60 -36.96 32.39
C ASP E 417 -15.97 -36.75 31.02
N MET E 418 -15.44 -37.81 30.44
CA MET E 418 -14.64 -37.69 29.22
C MET E 418 -15.44 -37.14 28.04
N HIS E 419 -16.73 -37.41 27.97
CA HIS E 419 -17.53 -37.03 26.82
C HIS E 419 -18.44 -35.84 27.08
N ARG E 420 -18.38 -35.24 28.27
CA ARG E 420 -19.23 -34.12 28.63
C ARG E 420 -18.51 -32.79 28.40
N VAL E 421 -19.26 -31.81 27.90
CA VAL E 421 -18.74 -30.48 27.61
C VAL E 421 -19.06 -29.58 28.79
N ASP E 422 -18.03 -29.03 29.43
CA ASP E 422 -18.20 -28.17 30.60
C ASP E 422 -18.20 -26.69 30.26
N GLU E 423 -17.39 -26.25 29.29
CA GLU E 423 -17.51 -24.89 28.80
C GLU E 423 -17.68 -24.93 27.28
N LYS E 424 -18.63 -24.13 26.76
CA LYS E 424 -18.89 -24.01 25.32
C LYS E 424 -18.52 -22.58 24.93
N VAL E 425 -17.47 -22.43 24.12
CA VAL E 425 -16.84 -21.14 23.91
C VAL E 425 -16.83 -20.85 22.43
N LYS E 426 -16.88 -19.59 22.09
CA LYS E 426 -17.01 -19.38 20.67
C LYS E 426 -15.64 -19.17 20.00
N LEU E 427 -15.46 -19.81 18.84
CA LEU E 427 -14.23 -19.70 18.08
C LEU E 427 -13.94 -18.27 17.61
N GLY E 428 -12.74 -17.81 17.95
CA GLY E 428 -12.25 -16.52 17.54
C GLY E 428 -12.43 -15.46 18.59
N SER E 429 -13.26 -15.73 19.60
CA SER E 429 -13.50 -14.81 20.69
C SER E 429 -12.31 -14.81 21.64
N THR E 430 -12.32 -13.84 22.54
CA THR E 430 -11.39 -13.74 23.63
C THR E 430 -12.17 -13.76 24.94
N GLU E 431 -11.71 -14.56 25.91
CA GLU E 431 -12.40 -14.72 27.18
C GLU E 431 -11.43 -14.46 28.33
N ILE E 432 -12.00 -14.07 29.47
CA ILE E 432 -11.26 -14.02 30.73
C ILE E 432 -11.74 -15.18 31.61
N TRP E 433 -10.81 -16.08 31.92
CA TRP E 433 -11.05 -17.23 32.79
C TRP E 433 -10.40 -16.95 34.13
N GLU E 434 -11.21 -16.98 35.18
CA GLU E 434 -10.78 -16.74 36.55
C GLU E 434 -10.70 -18.08 37.26
N ILE E 435 -9.48 -18.46 37.64
CA ILE E 435 -9.19 -19.77 38.22
C ILE E 435 -9.03 -19.59 39.72
N LYS E 436 -10.04 -20.05 40.45
CA LYS E 436 -10.08 -19.93 41.91
C LYS E 436 -9.67 -21.18 42.63
N ASN E 437 -8.78 -21.04 43.58
CA ASN E 437 -8.27 -22.19 44.26
C ASN E 437 -8.68 -22.28 45.69
N SER E 438 -8.76 -23.49 46.17
CA SER E 438 -9.05 -23.72 47.55
C SER E 438 -7.83 -23.63 48.39
N ALA E 439 -8.00 -23.88 49.65
CA ALA E 439 -6.93 -23.86 50.60
C ALA E 439 -5.88 -24.87 50.55
N HIS E 440 -6.27 -26.05 50.14
CA HIS E 440 -5.37 -27.15 50.19
C HIS E 440 -4.05 -27.10 49.52
N MET E 441 -4.04 -26.95 48.21
CA MET E 441 -2.78 -27.05 47.50
C MET E 441 -2.70 -26.15 46.30
N ALA E 442 -1.49 -25.84 45.87
CA ALA E 442 -1.31 -25.06 44.68
C ALA E 442 -1.48 -25.92 43.46
N HIS E 443 -1.93 -25.33 42.37
CA HIS E 443 -2.28 -26.14 41.20
C HIS E 443 -1.72 -25.48 39.94
N PRO E 444 -0.86 -26.18 39.17
CA PRO E 444 -0.57 -25.73 37.80
C PRO E 444 -1.77 -25.98 36.88
N PHE E 445 -2.43 -24.91 36.44
CA PHE E 445 -3.61 -25.02 35.57
C PHE E 445 -3.19 -24.89 34.11
N HIS E 446 -3.56 -25.89 33.29
CA HIS E 446 -3.14 -25.98 31.90
C HIS E 446 -4.37 -26.10 31.00
N MET E 447 -4.31 -25.41 29.86
CA MET E 447 -5.34 -25.49 28.83
C MET E 447 -4.74 -26.06 27.53
N HIS E 448 -5.52 -26.89 26.85
CA HIS E 448 -5.16 -27.34 25.51
C HIS E 448 -5.73 -26.35 24.49
N GLY E 449 -5.12 -26.34 23.30
CA GLY E 449 -5.71 -25.62 22.18
C GLY E 449 -5.53 -24.13 22.20
N VAL E 450 -4.79 -23.59 23.17
CA VAL E 450 -4.66 -22.16 23.32
C VAL E 450 -3.31 -21.86 23.93
N HIS E 451 -2.86 -20.62 23.74
CA HIS E 451 -1.92 -19.95 24.63
C HIS E 451 -2.66 -18.81 25.30
N PHE E 452 -2.27 -18.47 26.53
CA PHE E 452 -2.94 -17.39 27.23
C PHE E 452 -1.93 -16.46 27.91
N GLN E 453 -2.42 -15.29 28.35
CA GLN E 453 -1.65 -14.35 29.17
C GLN E 453 -2.31 -14.23 30.54
N VAL E 454 -1.50 -13.81 31.54
CA VAL E 454 -1.96 -13.64 32.92
C VAL E 454 -2.33 -12.17 33.12
N LEU E 455 -3.65 -11.90 33.15
CA LEU E 455 -4.12 -10.55 33.51
C LEU E 455 -3.71 -10.16 34.92
N GLU E 456 -4.12 -10.94 35.92
CA GLU E 456 -3.67 -10.60 37.27
C GLU E 456 -3.70 -11.81 38.19
N ARG E 457 -2.99 -11.66 39.31
CA ARG E 457 -3.08 -12.55 40.45
C ARG E 457 -3.66 -11.82 41.65
N THR E 458 -4.25 -12.59 42.57
CA THR E 458 -4.53 -12.03 43.88
C THR E 458 -3.45 -12.33 44.91
N SER E 459 -2.62 -13.36 44.72
CA SER E 459 -1.62 -13.52 45.76
C SER E 459 -0.49 -12.54 45.50
N SER E 460 0.55 -12.66 46.30
CA SER E 460 1.62 -11.69 46.28
C SER E 460 2.99 -12.30 46.08
N ILE E 461 3.12 -13.62 45.89
CA ILE E 461 4.40 -14.11 45.39
C ILE E 461 4.63 -13.48 44.03
N ASP E 462 5.85 -13.03 43.80
CA ASP E 462 6.24 -12.53 42.49
C ASP E 462 6.49 -13.70 41.53
N PHE E 463 5.86 -13.63 40.35
CA PHE E 463 5.96 -14.63 39.29
C PHE E 463 6.39 -13.91 38.02
N PRO E 464 7.70 -13.69 37.82
CA PRO E 464 8.11 -13.07 36.55
C PRO E 464 7.69 -13.89 35.34
N THR E 465 7.40 -15.18 35.51
CA THR E 465 6.87 -15.95 34.38
C THR E 465 5.51 -15.42 33.93
N ASP E 466 4.76 -14.76 34.82
CA ASP E 466 3.53 -14.07 34.41
C ASP E 466 3.77 -13.12 33.24
N LYS E 467 5.00 -12.66 33.06
CA LYS E 467 5.34 -11.59 32.15
C LYS E 467 5.51 -12.07 30.69
N GLY E 468 5.12 -13.31 30.37
CA GLY E 468 5.17 -13.84 29.01
C GLY E 468 4.02 -14.77 28.63
N TRP E 469 4.11 -15.41 27.47
CA TRP E 469 3.07 -16.32 27.01
C TRP E 469 3.14 -17.62 27.80
N LYS E 470 1.97 -18.17 28.14
CA LYS E 470 1.90 -19.31 29.04
C LYS E 470 0.87 -20.30 28.52
N ASP E 471 1.07 -21.58 28.86
CA ASP E 471 -0.01 -22.54 28.75
C ASP E 471 -0.28 -23.26 30.06
N THR E 472 0.58 -23.11 31.06
CA THR E 472 0.38 -23.61 32.41
C THR E 472 0.67 -22.47 33.38
N VAL E 473 -0.22 -22.26 34.36
CA VAL E 473 -0.06 -21.17 35.33
C VAL E 473 -0.32 -21.71 36.73
N LEU E 474 0.61 -21.45 37.66
CA LEU E 474 0.48 -21.92 39.03
C LEU E 474 -0.49 -21.03 39.82
N VAL E 475 -1.54 -21.63 40.36
CA VAL E 475 -2.55 -20.96 41.16
C VAL E 475 -2.29 -21.33 42.62
N MET E 476 -1.88 -20.35 43.43
CA MET E 476 -1.62 -20.58 44.86
C MET E 476 -2.91 -20.86 45.62
N PRO E 477 -2.81 -21.47 46.80
CA PRO E 477 -4.00 -21.69 47.62
C PRO E 477 -4.71 -20.39 47.94
N LEU E 478 -6.04 -20.44 47.86
CA LEU E 478 -6.99 -19.38 48.09
C LEU E 478 -6.88 -18.28 47.05
N GLU E 479 -5.97 -18.43 46.07
CA GLU E 479 -5.71 -17.38 45.10
C GLU E 479 -6.74 -17.44 43.98
N SER E 480 -6.93 -16.30 43.33
CA SER E 480 -7.60 -16.23 42.04
C SER E 480 -6.58 -15.77 41.04
N VAL E 481 -6.31 -16.59 40.05
CA VAL E 481 -5.53 -16.15 38.91
C VAL E 481 -6.49 -15.91 37.78
N ARG E 482 -6.24 -14.87 37.03
CA ARG E 482 -7.21 -14.37 36.08
C ARG E 482 -6.47 -14.18 34.75
N ILE E 483 -6.76 -15.06 33.79
CA ILE E 483 -6.03 -15.20 32.53
C ILE E 483 -6.94 -14.81 31.38
N ILE E 484 -6.35 -14.29 30.32
CA ILE E 484 -7.09 -13.85 29.13
C ILE E 484 -6.60 -14.70 27.96
N VAL E 485 -7.55 -15.25 27.19
CA VAL E 485 -7.25 -16.31 26.22
C VAL E 485 -8.08 -16.10 24.96
N LYS E 486 -7.43 -16.22 23.80
CA LYS E 486 -8.12 -16.18 22.51
C LYS E 486 -8.12 -17.57 21.89
N PHE E 487 -9.30 -18.04 21.49
CA PHE E 487 -9.48 -19.40 20.99
C PHE E 487 -9.36 -19.39 19.46
N THR E 488 -8.22 -19.82 18.94
CA THR E 488 -7.99 -19.83 17.50
C THR E 488 -8.21 -21.19 16.85
N ILE E 489 -8.47 -22.24 17.64
CA ILE E 489 -8.61 -23.56 17.05
C ILE E 489 -9.90 -24.18 17.56
N PRO E 490 -10.77 -24.65 16.67
CA PRO E 490 -12.03 -25.25 17.09
C PRO E 490 -11.89 -26.72 17.45
N GLY E 491 -12.75 -27.17 18.37
CA GLY E 491 -12.87 -28.57 18.68
C GLY E 491 -12.97 -28.77 20.17
N LEU E 492 -12.90 -30.03 20.58
CA LEU E 492 -13.01 -30.37 21.99
C LEU E 492 -11.61 -30.50 22.59
N PHE E 493 -11.32 -29.66 23.58
CA PHE E 493 -10.05 -29.70 24.29
C PHE E 493 -10.32 -29.89 25.77
N VAL E 494 -9.25 -30.07 26.53
CA VAL E 494 -9.37 -30.24 27.96
C VAL E 494 -8.62 -29.12 28.68
N HIS E 495 -9.04 -28.84 29.90
CA HIS E 495 -8.27 -28.05 30.85
C HIS E 495 -8.18 -28.84 32.13
N HIS E 496 -7.03 -28.74 32.79
CA HIS E 496 -6.86 -29.57 33.97
C HIS E 496 -5.70 -29.04 34.77
N CYS E 497 -5.73 -29.34 36.06
CA CYS E 497 -4.51 -29.30 36.83
C CYS E 497 -3.48 -30.22 36.16
N HIS E 498 -2.20 -29.89 36.32
CA HIS E 498 -1.16 -30.75 35.76
C HIS E 498 -0.32 -31.45 36.82
N ILE E 499 -0.65 -31.30 38.10
CA ILE E 499 -0.24 -32.29 39.12
C ILE E 499 -0.80 -33.63 38.65
N LEU E 500 0.07 -34.59 38.32
CA LEU E 500 -0.39 -35.76 37.58
C LEU E 500 -1.39 -36.59 38.38
N GLU E 501 -1.27 -36.62 39.68
CA GLU E 501 -2.15 -37.44 40.50
C GLU E 501 -3.52 -36.85 40.57
N HIS E 502 -3.61 -35.53 40.60
CA HIS E 502 -4.90 -34.90 40.59
C HIS E 502 -5.67 -35.09 39.35
N GLU E 503 -5.02 -34.98 38.21
CA GLU E 503 -5.64 -35.13 36.91
C GLU E 503 -6.17 -36.51 36.75
N ASP E 504 -5.40 -37.47 37.20
CA ASP E 504 -5.82 -38.83 37.14
C ASP E 504 -7.01 -39.10 38.02
N HIS E 505 -7.07 -38.49 39.20
CA HIS E 505 -8.25 -38.60 40.05
C HIS E 505 -9.18 -37.49 39.75
N SER E 506 -9.49 -37.29 38.49
CA SER E 506 -10.46 -36.34 38.02
C SER E 506 -10.35 -34.82 37.96
N MET E 507 -9.19 -34.23 38.15
CA MET E 507 -9.15 -32.78 38.07
C MET E 507 -9.00 -32.36 36.65
N MET E 508 -10.09 -32.39 35.90
CA MET E 508 -10.03 -32.15 34.49
C MET E 508 -11.41 -31.84 33.96
N ALA E 509 -11.47 -31.17 32.81
CA ALA E 509 -12.74 -30.76 32.22
C ALA E 509 -12.56 -30.55 30.71
N ASN E 510 -13.69 -30.47 30.00
CA ASN E 510 -13.70 -30.27 28.56
C ASN E 510 -14.31 -28.91 28.20
N PHE E 511 -13.68 -28.25 27.23
CA PHE E 511 -14.30 -27.10 26.59
C PHE E 511 -14.32 -27.28 25.08
N LEU E 512 -15.39 -26.79 24.48
CA LEU E 512 -15.68 -26.98 23.08
C LEU E 512 -15.63 -25.62 22.41
N VAL E 513 -14.63 -25.42 21.55
CA VAL E 513 -14.52 -24.21 20.74
C VAL E 513 -15.29 -24.47 19.46
N GLU E 514 -16.23 -23.58 19.13
CA GLU E 514 -16.96 -23.78 17.87
C GLU E 514 -17.39 -22.52 17.15
N PRO F 70 48.47 -33.87 18.33
CA PRO F 70 48.72 -35.30 18.47
C PRO F 70 47.80 -35.98 19.42
N PHE F 71 46.71 -36.55 18.92
CA PHE F 71 45.72 -37.25 19.75
C PHE F 71 45.08 -36.42 20.87
N THR F 72 44.78 -35.18 20.54
CA THR F 72 44.15 -34.29 21.49
C THR F 72 42.67 -34.07 21.23
N GLN F 73 42.16 -34.52 20.11
CA GLN F 73 40.77 -34.24 19.79
C GLN F 73 39.97 -35.50 19.82
N LYS F 74 38.84 -35.49 20.50
CA LYS F 74 38.01 -36.65 20.59
C LYS F 74 37.32 -37.00 19.31
N LEU F 75 37.23 -38.28 19.02
CA LEU F 75 36.61 -38.74 17.81
C LEU F 75 35.17 -38.42 17.78
N LYS F 76 34.74 -37.88 16.67
CA LYS F 76 33.36 -37.57 16.52
C LYS F 76 32.64 -38.83 16.10
N ILE F 77 31.48 -39.05 16.66
CA ILE F 77 30.71 -40.25 16.32
C ILE F 77 29.52 -39.83 15.47
N PRO F 78 29.36 -40.35 14.26
CA PRO F 78 28.22 -39.94 13.45
C PRO F 78 26.89 -40.20 14.15
N LYS F 79 25.97 -39.24 14.03
CA LYS F 79 24.57 -39.48 14.32
C LYS F 79 24.06 -40.64 13.46
N GLU F 80 23.02 -41.31 13.92
CA GLU F 80 22.46 -42.43 13.17
C GLU F 80 21.08 -42.09 12.67
N ILE F 81 20.86 -42.27 11.38
CA ILE F 81 19.52 -42.25 10.80
C ILE F 81 19.08 -43.71 10.81
N ASP F 82 18.39 -44.11 11.86
CA ASP F 82 17.95 -45.49 12.03
C ASP F 82 16.52 -45.62 11.55
N PHE F 83 16.29 -46.60 10.68
CA PHE F 83 15.02 -46.68 9.98
C PHE F 83 13.96 -47.47 10.73
N GLU F 84 14.24 -47.94 11.93
CA GLU F 84 13.15 -48.34 12.79
C GLU F 84 12.61 -47.17 13.61
N HIS F 85 13.29 -46.01 13.59
CA HIS F 85 12.84 -44.77 14.22
C HIS F 85 12.50 -43.69 13.20
N VAL F 86 13.03 -43.80 11.99
CA VAL F 86 12.84 -42.83 10.92
C VAL F 86 12.15 -43.54 9.78
N ALA F 87 11.01 -42.99 9.33
CA ALA F 87 10.34 -43.55 8.16
C ALA F 87 10.88 -42.98 6.87
N LYS F 88 11.16 -41.67 6.83
CA LYS F 88 11.68 -40.97 5.65
C LYS F 88 12.69 -39.94 6.12
N ALA F 89 13.92 -40.00 5.59
CA ALA F 89 14.94 -39.03 5.96
C ALA F 89 15.04 -37.93 4.89
N LYS F 90 15.80 -36.89 5.20
CA LYS F 90 16.02 -35.84 4.23
C LYS F 90 17.48 -35.44 4.24
N PHE F 91 18.09 -35.51 3.05
CA PHE F 91 19.43 -35.02 2.81
C PHE F 91 19.36 -33.74 1.96
N ASN F 92 20.28 -32.82 2.24
CA ASN F 92 20.38 -31.59 1.46
C ASN F 92 21.85 -31.28 1.25
N ALA F 93 22.33 -31.47 0.02
CA ALA F 93 23.74 -31.27 -0.29
C ALA F 93 24.02 -29.77 -0.27
N GLN F 94 24.94 -29.37 0.61
CA GLN F 94 24.97 -27.96 0.99
C GLN F 94 26.38 -27.57 1.39
N LYS F 95 26.67 -26.27 1.23
CA LYS F 95 27.93 -25.70 1.68
C LYS F 95 27.85 -25.41 3.16
N SER F 96 28.97 -25.57 3.85
CA SER F 96 28.99 -25.44 5.29
C SER F 96 30.38 -24.97 5.69
N LEU F 97 30.55 -24.80 7.00
CA LEU F 97 31.83 -24.41 7.52
C LEU F 97 32.04 -25.25 8.74
N SER F 98 33.24 -25.78 8.92
CA SER F 98 33.57 -26.57 10.11
C SER F 98 35.03 -26.46 10.43
N ALA F 99 35.37 -26.62 11.69
CA ALA F 99 36.76 -26.60 12.08
C ALA F 99 37.43 -27.93 12.08
N LEU F 100 37.78 -28.44 10.92
CA LEU F 100 38.43 -29.71 10.83
C LEU F 100 39.76 -29.63 11.48
N TYR F 101 40.47 -28.56 11.19
CA TYR F 101 41.82 -28.44 11.70
C TYR F 101 42.03 -27.07 12.21
N LYS F 102 43.07 -26.88 13.02
CA LYS F 102 43.39 -25.59 13.60
C LYS F 102 42.18 -25.16 14.34
N GLU F 103 41.77 -23.95 14.13
CA GLU F 103 40.52 -23.53 14.73
C GLU F 103 39.74 -23.01 13.58
N LYS F 104 40.10 -23.41 12.38
CA LYS F 104 39.45 -22.79 11.25
C LYS F 104 38.30 -23.38 10.62
N LYS F 105 37.28 -22.58 10.51
CA LYS F 105 36.14 -23.03 9.82
C LYS F 105 36.56 -23.08 8.38
N THR F 106 36.26 -24.17 7.73
CA THR F 106 36.69 -24.34 6.39
C THR F 106 35.49 -24.67 5.55
N ASP F 107 35.46 -24.18 4.32
CA ASP F 107 34.40 -24.51 3.41
C ASP F 107 34.33 -26.00 3.13
N ILE F 108 33.27 -26.65 3.57
CA ILE F 108 33.07 -28.08 3.38
C ILE F 108 31.71 -28.30 2.75
N LEU F 109 31.40 -29.54 2.42
CA LEU F 109 30.09 -29.92 1.93
C LEU F 109 29.48 -30.96 2.87
N THR F 110 28.20 -30.79 3.18
CA THR F 110 27.51 -31.76 4.02
C THR F 110 26.16 -32.11 3.42
N PHE F 111 25.52 -33.10 4.05
CA PHE F 111 24.19 -33.55 3.69
C PHE F 111 23.13 -33.06 4.64
N GLN F 112 23.52 -32.74 5.87
CA GLN F 112 22.59 -32.32 6.91
C GLN F 112 23.12 -31.20 7.79
N GLY F 113 24.19 -30.52 7.41
CA GLY F 113 24.71 -29.37 8.13
C GLY F 113 26.11 -29.55 8.67
N ASP F 114 26.50 -30.76 9.03
CA ASP F 114 27.80 -30.86 9.69
C ASP F 114 28.47 -32.20 9.33
N LEU F 115 29.79 -32.33 9.67
CA LEU F 115 30.61 -33.53 9.44
C LEU F 115 31.04 -34.16 10.77
N PRO F 116 31.03 -35.50 10.88
CA PRO F 116 30.73 -36.47 9.82
C PRO F 116 29.26 -36.53 9.48
N ASN F 117 28.97 -36.96 8.26
CA ASN F 117 27.59 -37.15 7.86
C ASN F 117 27.02 -38.34 8.62
N PRO F 118 25.69 -38.50 8.63
CA PRO F 118 25.08 -39.50 9.51
C PRO F 118 25.40 -40.90 9.01
N THR F 119 25.26 -41.87 9.91
CA THR F 119 25.34 -43.27 9.54
C THR F 119 23.94 -43.80 9.31
N ILE F 120 23.65 -44.20 8.09
CA ILE F 120 22.36 -44.83 7.84
C ILE F 120 22.38 -46.24 8.42
N ARG F 121 21.32 -46.64 9.13
CA ARG F 121 21.26 -47.99 9.71
C ARG F 121 19.88 -48.59 9.49
N ILE F 122 19.81 -49.67 8.72
CA ILE F 122 18.51 -50.23 8.30
C ILE F 122 18.55 -51.75 8.34
N LYS F 123 17.40 -52.36 8.66
CA LYS F 123 17.23 -53.82 8.60
C LYS F 123 17.09 -54.30 7.17
N ASN F 124 17.65 -55.47 6.88
CA ASN F 124 17.29 -56.18 5.66
C ASN F 124 15.78 -56.38 5.63
N GLY F 125 15.16 -56.13 4.47
CA GLY F 125 13.72 -56.19 4.34
C GLY F 125 12.97 -54.90 4.67
N ASP F 126 13.63 -53.92 5.30
CA ASP F 126 13.02 -52.63 5.61
C ASP F 126 13.03 -51.72 4.38
N ASP F 127 12.12 -50.74 4.38
CA ASP F 127 11.98 -49.81 3.25
C ASP F 127 12.80 -48.56 3.49
N PHE F 128 13.73 -48.26 2.59
CA PHE F 128 14.52 -47.04 2.62
C PHE F 128 13.76 -45.96 1.86
N GLU F 129 13.51 -44.84 2.55
CA GLU F 129 12.93 -43.63 1.97
C GLU F 129 13.80 -42.45 2.37
N LEU F 130 14.38 -41.79 1.38
CA LEU F 130 15.14 -40.58 1.66
C LEU F 130 14.99 -39.59 0.51
N ASP F 131 14.61 -38.33 0.85
CA ASP F 131 14.49 -37.25 -0.14
C ASP F 131 15.78 -36.46 -0.18
N PHE F 132 16.43 -36.48 -1.35
CA PHE F 132 17.70 -35.79 -1.53
C PHE F 132 17.48 -34.50 -2.32
N THR F 133 17.97 -33.40 -1.77
CA THR F 133 17.90 -32.11 -2.42
C THR F 133 19.31 -31.65 -2.76
N ASN F 134 19.48 -31.08 -3.96
CA ASN F 134 20.76 -30.55 -4.39
C ASN F 134 20.70 -29.04 -4.28
N SER F 135 21.41 -28.49 -3.30
CA SER F 135 21.49 -27.04 -3.13
C SER F 135 22.86 -26.52 -3.51
N LEU F 136 23.61 -27.31 -4.26
CA LEU F 136 24.91 -26.90 -4.77
C LEU F 136 24.73 -26.41 -6.22
N GLU F 137 25.77 -25.81 -6.76
CA GLU F 137 25.60 -25.07 -7.99
C GLU F 137 25.74 -25.92 -9.24
N LYS F 138 26.50 -27.06 -9.21
CA LYS F 138 26.51 -28.00 -10.32
C LYS F 138 25.66 -29.22 -10.01
N PRO F 139 25.25 -29.98 -11.02
CA PRO F 139 24.39 -31.16 -10.74
C PRO F 139 25.16 -32.27 -10.04
N THR F 140 24.43 -33.03 -9.23
CA THR F 140 25.02 -34.15 -8.50
C THR F 140 23.91 -35.13 -8.13
N ILE F 141 24.30 -36.22 -7.49
CA ILE F 141 23.41 -37.35 -7.21
C ILE F 141 24.13 -38.21 -6.19
N ILE F 142 23.37 -39.03 -5.47
CA ILE F 142 23.91 -39.86 -4.41
C ILE F 142 23.95 -41.30 -4.88
N HIS F 143 25.10 -41.95 -4.69
CA HIS F 143 25.25 -43.37 -4.96
C HIS F 143 25.38 -44.10 -3.64
N TRP F 144 24.55 -45.13 -3.48
CA TRP F 144 24.53 -45.98 -2.29
C TRP F 144 25.48 -47.14 -2.53
N HIS F 145 26.72 -46.93 -2.11
CA HIS F 145 27.83 -47.82 -2.43
C HIS F 145 27.69 -49.17 -1.73
N GLY F 146 27.57 -50.21 -2.56
CA GLY F 146 27.36 -51.59 -2.16
C GLY F 146 25.91 -52.06 -2.19
N LEU F 147 24.96 -51.18 -2.48
CA LEU F 147 23.55 -51.58 -2.39
C LEU F 147 22.99 -52.09 -3.69
N LEU F 148 22.12 -53.09 -3.57
CA LEU F 148 21.58 -53.81 -4.71
C LEU F 148 20.16 -53.30 -4.92
N VAL F 149 20.08 -52.19 -5.65
CA VAL F 149 18.86 -51.40 -5.83
C VAL F 149 18.63 -51.26 -7.33
N PRO F 150 17.39 -50.93 -7.75
CA PRO F 150 17.12 -50.67 -9.19
C PRO F 150 17.98 -49.50 -9.64
N GLU F 151 18.30 -49.47 -10.94
CA GLU F 151 19.25 -48.44 -11.31
C GLU F 151 18.66 -47.07 -11.10
N ALA F 152 17.35 -46.85 -11.31
CA ALA F 152 16.81 -45.54 -11.03
C ALA F 152 17.19 -45.02 -9.64
N MET F 153 17.55 -45.89 -8.70
CA MET F 153 18.02 -45.52 -7.37
C MET F 153 19.54 -45.65 -7.17
N ASP F 154 20.29 -46.13 -8.16
CA ASP F 154 21.71 -46.41 -7.96
C ASP F 154 22.59 -45.17 -8.01
N GLY F 155 22.04 -44.02 -8.41
CA GLY F 155 22.86 -42.84 -8.56
C GLY F 155 23.86 -42.92 -9.69
N HIS F 156 23.41 -43.36 -10.87
CA HIS F 156 24.26 -43.34 -12.06
C HIS F 156 24.57 -41.89 -12.42
N PRO F 157 25.79 -41.59 -12.88
CA PRO F 157 26.14 -40.18 -13.17
C PRO F 157 25.21 -39.51 -14.17
N LYS F 158 24.55 -40.29 -15.04
CA LYS F 158 23.60 -39.71 -16.00
C LYS F 158 22.34 -39.24 -15.31
N ASP F 159 22.09 -39.72 -14.09
CA ASP F 159 20.89 -39.39 -13.36
C ASP F 159 21.11 -38.28 -12.33
N ALA F 160 22.14 -37.45 -12.52
CA ALA F 160 22.39 -36.35 -11.59
C ALA F 160 21.35 -35.24 -11.75
N ILE F 161 20.94 -34.62 -10.62
CA ILE F 161 19.85 -33.66 -10.60
C ILE F 161 20.39 -32.25 -10.41
N ALA F 162 19.77 -31.28 -11.09
CA ALA F 162 20.25 -29.92 -11.08
C ALA F 162 19.93 -29.24 -9.75
N THR F 163 20.43 -28.01 -9.61
CA THR F 163 20.27 -27.27 -8.37
C THR F 163 18.80 -27.10 -8.01
N GLN F 164 18.51 -27.19 -6.72
CA GLN F 164 17.21 -26.87 -6.14
C GLN F 164 16.22 -28.02 -6.40
N MET F 165 16.64 -29.08 -7.07
CA MET F 165 15.77 -30.18 -7.45
C MET F 165 15.84 -31.31 -6.43
N LEU F 166 14.90 -32.24 -6.55
CA LEU F 166 14.77 -33.29 -5.57
C LEU F 166 14.69 -34.67 -6.21
N LYS F 167 15.38 -35.63 -5.61
CA LYS F 167 15.22 -37.04 -5.96
C LYS F 167 14.65 -37.82 -4.78
N GLU F 168 13.64 -38.62 -5.05
CA GLU F 168 12.94 -39.39 -4.03
C GLU F 168 13.46 -40.82 -4.04
N TYR F 169 14.54 -41.07 -3.30
CA TYR F 169 15.09 -42.42 -3.18
C TYR F 169 14.11 -43.33 -2.45
N ARG F 170 13.69 -44.40 -3.11
CA ARG F 170 12.80 -45.41 -2.51
C ARG F 170 13.28 -46.78 -2.91
N TYR F 171 13.59 -47.64 -1.93
CA TYR F 171 13.84 -49.04 -2.27
C TYR F 171 13.79 -49.91 -1.03
N LYS F 172 13.30 -51.13 -1.22
CA LYS F 172 13.29 -52.14 -0.17
C LYS F 172 14.64 -52.84 -0.13
N VAL F 173 15.29 -52.84 1.04
CA VAL F 173 16.59 -53.48 1.21
C VAL F 173 16.42 -54.99 1.10
N ASN F 174 17.17 -55.61 0.15
CA ASN F 174 17.10 -57.04 -0.14
C ASN F 174 18.52 -57.61 -0.32
N GLN F 175 19.26 -57.75 0.78
CA GLN F 175 20.62 -58.26 0.77
C GLN F 175 21.07 -58.54 2.20
N ARG F 176 22.13 -59.33 2.33
CA ARG F 176 22.70 -59.64 3.63
C ARG F 176 23.32 -58.45 4.34
N ALA F 177 23.47 -58.62 5.66
CA ALA F 177 24.03 -57.57 6.50
C ALA F 177 25.42 -57.21 6.04
N GLY F 178 25.78 -55.94 6.19
CA GLY F 178 27.14 -55.57 5.87
C GLY F 178 27.42 -54.10 6.13
N THR F 179 28.66 -53.73 5.86
CA THR F 179 29.17 -52.38 6.03
C THR F 179 29.34 -51.73 4.66
N PHE F 180 28.45 -50.81 4.33
CA PHE F 180 28.42 -50.08 3.08
C PHE F 180 28.62 -48.59 3.32
N TRP F 181 28.45 -47.78 2.28
CA TRP F 181 28.62 -46.35 2.48
C TRP F 181 27.91 -45.62 1.35
N TYR F 182 27.91 -44.28 1.44
CA TYR F 182 27.22 -43.48 0.44
C TYR F 182 28.05 -42.26 0.13
N HIS F 183 27.87 -41.76 -1.09
CA HIS F 183 28.59 -40.58 -1.50
C HIS F 183 27.98 -40.07 -2.79
N THR F 184 28.26 -38.82 -3.13
CA THR F 184 27.77 -38.36 -4.41
C THR F 184 28.67 -38.92 -5.52
N HIS F 185 28.12 -38.96 -6.73
CA HIS F 185 28.79 -39.59 -7.85
C HIS F 185 28.77 -38.72 -9.12
N PRO F 186 29.02 -37.41 -9.04
CA PRO F 186 28.93 -36.59 -10.26
C PRO F 186 30.11 -36.87 -11.20
N HIS F 187 29.80 -37.11 -12.48
CA HIS F 187 30.83 -37.31 -13.50
C HIS F 187 31.88 -36.21 -13.48
N GLY F 188 33.12 -36.58 -13.20
CA GLY F 188 34.23 -35.66 -13.25
C GLY F 188 34.49 -34.91 -11.96
N ARG F 189 33.50 -34.86 -11.05
CA ARG F 189 33.63 -34.07 -9.84
C ARG F 189 33.51 -34.90 -8.56
N THR F 190 33.55 -36.24 -8.65
CA THR F 190 33.36 -37.06 -7.46
C THR F 190 34.49 -36.88 -6.45
N GLY F 191 35.71 -36.84 -6.92
CA GLY F 191 36.83 -36.66 -6.01
C GLY F 191 36.71 -35.38 -5.23
N GLU F 192 36.27 -34.31 -5.88
CA GLU F 192 36.10 -33.02 -5.20
C GLU F 192 35.01 -33.10 -4.13
N GLU F 193 33.83 -33.61 -4.51
CA GLU F 193 32.71 -33.63 -3.58
C GLU F 193 32.96 -34.58 -2.42
N ILE F 194 33.70 -35.66 -2.63
CA ILE F 194 34.03 -36.49 -1.48
C ILE F 194 35.12 -35.81 -0.66
N TYR F 195 36.04 -35.10 -1.31
CA TYR F 195 37.11 -34.44 -0.58
C TYR F 195 36.55 -33.41 0.40
N TYR F 196 35.55 -32.63 -0.01
CA TYR F 196 35.04 -31.61 0.90
C TYR F 196 33.92 -32.12 1.80
N GLY F 197 33.53 -33.39 1.66
CA GLY F 197 32.80 -34.02 2.75
C GLY F 197 31.61 -34.88 2.43
N LEU F 198 31.23 -35.03 1.17
CA LEU F 198 29.96 -35.70 0.84
C LEU F 198 30.15 -37.22 0.82
N ALA F 199 30.25 -37.80 2.02
CA ALA F 199 30.21 -39.25 2.18
C ALA F 199 29.86 -39.63 3.63
N GLY F 200 29.24 -40.79 3.79
CA GLY F 200 29.08 -41.34 5.14
C GLY F 200 28.82 -42.82 5.10
N LEU F 201 28.82 -43.44 6.28
CA LEU F 201 28.59 -44.88 6.36
C LEU F 201 27.12 -45.28 6.24
N TYR F 202 26.93 -46.53 5.79
CA TYR F 202 25.62 -47.13 5.70
C TYR F 202 25.62 -48.63 5.97
N ILE F 203 24.87 -48.98 7.02
CA ILE F 203 24.98 -50.25 7.73
C ILE F 203 23.68 -51.02 7.55
N ILE F 204 23.79 -52.27 7.07
CA ILE F 204 22.65 -53.16 6.94
C ILE F 204 22.73 -54.27 7.98
N GLU F 205 21.60 -54.51 8.66
CA GLU F 205 21.41 -55.51 9.70
C GLU F 205 20.63 -56.69 9.11
N ASP F 206 20.87 -57.90 9.64
CA ASP F 206 19.96 -59.03 9.40
C ASP F 206 19.90 -59.89 10.66
N ASP F 207 19.00 -60.87 10.62
CA ASP F 207 18.81 -61.73 11.78
C ASP F 207 20.08 -62.54 12.09
N ASN F 208 20.73 -63.10 11.05
CA ASN F 208 21.95 -63.88 11.22
C ASN F 208 23.01 -63.10 11.98
N GLU F 209 23.28 -61.87 11.57
CA GLU F 209 24.28 -61.08 12.27
C GLU F 209 23.86 -60.81 13.71
N LYS F 210 22.56 -60.54 13.94
CA LYS F 210 22.09 -60.34 15.31
C LYS F 210 22.39 -61.55 16.18
N ALA F 211 22.13 -62.76 15.64
CA ALA F 211 22.23 -63.97 16.45
C ALA F 211 23.65 -64.22 16.98
N LEU F 212 24.68 -63.70 16.31
CA LEU F 212 26.06 -63.94 16.76
C LEU F 212 26.40 -63.24 18.08
N ASN F 213 25.68 -62.17 18.43
CA ASN F 213 26.01 -61.33 19.57
C ASN F 213 27.46 -60.85 19.50
N LEU F 214 27.78 -60.17 18.41
CA LEU F 214 29.06 -59.50 18.36
C LEU F 214 29.03 -58.28 19.28
N PRO F 215 30.19 -57.75 19.65
CA PRO F 215 30.20 -56.50 20.43
C PRO F 215 29.36 -55.42 19.76
N SER F 216 28.52 -54.75 20.57
CA SER F 216 27.52 -53.83 20.04
C SER F 216 27.35 -52.64 20.98
N GLY F 217 26.45 -51.73 20.60
CA GLY F 217 26.19 -50.54 21.39
C GLY F 217 27.44 -49.69 21.50
N GLU F 218 27.91 -49.49 22.73
CA GLU F 218 29.11 -48.68 22.86
C GLU F 218 30.33 -49.35 22.26
N PHE F 219 30.25 -50.66 21.98
CA PHE F 219 31.40 -51.46 21.56
C PHE F 219 31.49 -51.66 20.06
N GLU F 220 30.66 -50.96 19.28
CA GLU F 220 30.74 -50.91 17.84
C GLU F 220 31.07 -49.47 17.44
N LEU F 221 32.14 -49.29 16.69
CA LEU F 221 32.58 -47.96 16.28
C LEU F 221 32.68 -47.89 14.77
N PRO F 222 32.02 -46.94 14.12
CA PRO F 222 32.35 -46.62 12.72
C PRO F 222 33.63 -45.82 12.69
N LEU F 223 34.44 -46.06 11.65
CA LEU F 223 35.73 -45.38 11.49
C LEU F 223 35.93 -45.11 10.01
N ILE F 224 35.79 -43.85 9.61
CA ILE F 224 35.99 -43.44 8.23
C ILE F 224 37.37 -42.82 8.13
N ILE F 225 38.30 -43.52 7.51
CA ILE F 225 39.66 -43.02 7.39
C ILE F 225 39.78 -42.22 6.10
N GLN F 226 40.29 -41.00 6.23
CA GLN F 226 40.47 -40.12 5.08
C GLN F 226 41.72 -39.29 5.30
N ASP F 227 42.64 -39.27 4.35
CA ASP F 227 43.74 -38.34 4.50
C ASP F 227 43.44 -37.04 3.73
N ARG F 228 44.13 -35.97 4.12
CA ARG F 228 43.80 -34.60 3.75
C ARG F 228 45.06 -33.76 3.74
N ARG F 229 44.98 -32.63 3.03
CA ARG F 229 46.00 -31.58 2.99
C ARG F 229 45.45 -30.29 3.59
N PHE F 230 46.23 -29.63 4.44
CA PHE F 230 45.83 -28.36 5.05
C PHE F 230 46.92 -27.30 4.92
N ASP F 231 46.52 -26.09 4.51
CA ASP F 231 47.45 -24.96 4.41
C ASP F 231 47.72 -24.36 5.79
N LYS F 232 48.36 -23.17 5.82
CA LYS F 232 48.73 -22.55 7.09
C LYS F 232 47.54 -22.40 8.01
N GLU F 233 46.40 -22.02 7.46
CA GLU F 233 45.27 -21.57 8.27
C GLU F 233 44.23 -22.66 8.53
N GLY F 234 44.37 -23.83 7.93
CA GLY F 234 43.41 -24.90 8.15
C GLY F 234 42.33 -24.94 7.10
N ASP F 235 42.62 -24.44 5.92
CA ASP F 235 41.72 -24.57 4.78
C ASP F 235 42.15 -25.78 3.96
N LEU F 236 41.20 -26.63 3.63
CA LEU F 236 41.48 -27.77 2.79
C LEU F 236 42.20 -27.34 1.51
N ILE F 237 43.25 -28.08 1.15
CA ILE F 237 43.84 -28.01 -0.17
C ILE F 237 43.50 -29.31 -0.86
N TYR F 238 42.85 -29.21 -2.01
CA TYR F 238 42.64 -30.37 -2.88
C TYR F 238 43.79 -30.43 -3.90
N LYS F 239 43.47 -30.49 -5.20
CA LYS F 239 44.48 -30.72 -6.22
C LYS F 239 45.43 -29.52 -6.32
N GLU F 240 46.70 -29.84 -6.52
CA GLU F 240 47.80 -28.89 -6.51
C GLU F 240 48.57 -28.86 -7.83
N THR F 241 49.09 -30.00 -8.28
CA THR F 241 49.97 -30.12 -9.41
C THR F 241 49.34 -31.12 -10.40
N PRO F 242 49.93 -31.23 -11.63
CA PRO F 242 49.44 -32.33 -12.53
C PRO F 242 49.58 -33.72 -11.95
N GLN F 243 50.55 -33.95 -11.05
CA GLN F 243 50.75 -35.28 -10.48
C GLN F 243 49.53 -35.73 -9.67
N ASP F 244 48.87 -34.79 -9.01
CA ASP F 244 47.65 -35.12 -8.28
C ASP F 244 46.56 -35.64 -9.20
N ASN F 245 46.73 -35.53 -10.52
CA ASN F 245 45.75 -36.14 -11.42
C ASN F 245 45.74 -37.65 -11.20
N ASN F 246 46.81 -38.17 -10.60
CA ASN F 246 47.02 -39.59 -10.41
C ASN F 246 46.64 -40.06 -9.03
N GLY F 247 46.23 -39.15 -8.15
CA GLY F 247 45.87 -39.51 -6.79
C GLY F 247 46.30 -38.47 -5.80
N VAL F 248 45.33 -37.93 -5.05
CA VAL F 248 45.60 -36.94 -4.01
C VAL F 248 45.96 -37.66 -2.72
N LEU F 249 47.24 -37.62 -2.36
CA LEU F 249 47.74 -38.19 -1.13
C LEU F 249 47.93 -37.06 -0.13
N GLY F 250 47.56 -37.32 1.11
CA GLY F 250 47.65 -36.29 2.13
C GLY F 250 48.60 -36.62 3.26
N ASP F 251 48.99 -35.59 4.00
CA ASP F 251 49.88 -35.75 5.14
C ASP F 251 49.15 -35.78 6.46
N VAL F 252 47.88 -35.36 6.50
CA VAL F 252 47.10 -35.37 7.74
C VAL F 252 45.99 -36.40 7.57
N VAL F 253 45.73 -37.20 8.60
CA VAL F 253 44.71 -38.23 8.52
C VAL F 253 43.58 -37.89 9.47
N MET F 254 42.35 -38.19 9.04
CA MET F 254 41.17 -37.94 9.84
C MET F 254 40.37 -39.20 9.97
N VAL F 255 39.82 -39.44 11.14
CA VAL F 255 38.92 -40.54 11.29
C VAL F 255 37.65 -39.85 11.64
N ASN F 256 36.57 -40.16 10.93
CA ASN F 256 35.28 -39.57 11.17
C ASN F 256 35.35 -38.08 11.15
N SER F 257 36.08 -37.55 10.19
CA SER F 257 36.26 -36.11 10.04
C SER F 257 36.87 -35.42 11.23
N THR F 258 37.75 -36.11 11.93
CA THR F 258 38.44 -35.52 13.05
C THR F 258 39.91 -35.75 12.85
N VAL F 259 40.70 -34.70 12.82
CA VAL F 259 42.14 -34.83 12.68
C VAL F 259 42.78 -35.51 13.87
N HIS F 260 43.54 -36.56 13.62
CA HIS F 260 44.26 -37.27 14.68
C HIS F 260 43.56 -37.54 15.94
N PRO F 261 42.47 -38.28 15.87
CA PRO F 261 41.64 -38.45 17.04
C PRO F 261 41.98 -39.39 18.17
N TYR F 262 41.31 -39.22 19.30
CA TYR F 262 41.48 -40.17 20.40
C TYR F 262 40.13 -40.78 20.73
N LYS F 263 40.12 -42.02 21.19
CA LYS F 263 38.84 -42.60 21.61
C LYS F 263 39.05 -43.24 22.98
N ASN F 264 38.28 -42.83 23.97
CA ASN F 264 38.36 -43.46 25.27
C ASN F 264 37.66 -44.81 25.22
N VAL F 265 38.34 -45.85 25.69
CA VAL F 265 37.85 -47.22 25.58
C VAL F 265 37.96 -47.92 26.92
N LYS F 266 37.16 -48.97 27.06
CA LYS F 266 37.33 -49.95 28.11
C LYS F 266 38.26 -51.08 27.63
N ASN F 267 38.63 -51.95 28.56
CA ASN F 267 39.55 -53.05 28.21
C ASN F 267 38.76 -54.33 27.89
N THR F 268 37.96 -54.22 26.84
CA THR F 268 37.17 -55.35 26.34
C THR F 268 37.29 -55.38 24.82
N LYS F 269 36.40 -56.14 24.16
CA LYS F 269 36.36 -56.27 22.71
C LYS F 269 35.56 -55.13 22.07
N TYR F 270 36.15 -54.52 21.05
CA TYR F 270 35.47 -53.50 20.25
C TYR F 270 35.40 -53.96 18.80
N ARG F 271 34.21 -53.91 18.24
CA ARG F 271 33.97 -54.21 16.83
C ARG F 271 34.11 -52.92 16.03
N LEU F 272 35.03 -52.89 15.07
CA LEU F 272 35.31 -51.72 14.27
C LEU F 272 34.82 -51.91 12.85
N ARG F 273 34.23 -50.86 12.31
CA ARG F 273 33.72 -50.86 10.94
C ARG F 273 34.50 -49.79 10.18
N ILE F 274 35.54 -50.21 9.47
CA ILE F 274 36.50 -49.30 8.85
C ILE F 274 36.08 -49.11 7.39
N LEU F 275 35.97 -47.85 6.96
CA LEU F 275 35.86 -47.48 5.55
C LEU F 275 37.04 -46.60 5.20
N ASN F 276 37.72 -46.95 4.12
CA ASN F 276 38.77 -46.10 3.59
C ASN F 276 38.12 -45.10 2.65
N GLY F 277 37.81 -43.91 3.16
CA GLY F 277 37.16 -42.88 2.39
C GLY F 277 38.11 -41.86 1.76
N SER F 278 39.34 -42.28 1.48
CA SER F 278 40.33 -41.34 0.96
C SER F 278 40.16 -41.17 -0.54
N SER F 279 40.95 -40.27 -1.13
CA SER F 279 40.97 -40.15 -2.59
C SER F 279 41.84 -41.23 -3.23
N ALA F 280 42.95 -41.57 -2.60
CA ALA F 280 43.88 -42.45 -3.28
C ALA F 280 44.54 -43.46 -2.33
N ARG F 281 44.94 -43.02 -1.14
CA ARG F 281 45.85 -43.80 -0.32
C ARG F 281 45.26 -45.15 0.03
N THR F 282 46.04 -46.20 -0.27
CA THR F 282 45.81 -47.52 0.28
C THR F 282 46.51 -47.61 1.63
N TYR F 283 45.81 -48.19 2.60
CA TYR F 283 46.30 -48.28 3.97
C TYR F 283 46.70 -49.71 4.29
N LYS F 284 47.79 -49.84 5.03
CA LYS F 284 48.24 -51.09 5.64
C LYS F 284 48.09 -50.87 7.13
N LEU F 285 46.91 -51.21 7.64
CA LEU F 285 46.52 -50.89 9.00
C LEU F 285 47.08 -51.90 9.99
N ALA F 286 47.59 -51.38 11.11
CA ALA F 286 48.05 -52.22 12.20
C ALA F 286 47.99 -51.44 13.50
N PHE F 287 47.88 -52.18 14.59
CA PHE F 287 47.76 -51.63 15.93
C PHE F 287 49.06 -51.83 16.70
N GLU F 288 49.66 -50.74 17.14
CA GLU F 288 50.69 -50.82 18.16
C GLU F 288 50.03 -50.93 19.53
N GLY F 289 50.26 -52.05 20.20
CA GLY F 289 49.66 -52.24 21.51
C GLY F 289 48.93 -53.55 21.64
N ILE F 290 48.44 -54.03 20.52
CA ILE F 290 47.79 -55.30 20.52
C ILE F 290 48.57 -56.18 19.57
N GLU F 291 48.60 -57.44 19.86
CA GLU F 291 49.29 -58.40 19.01
C GLU F 291 48.68 -58.65 17.67
N ASP F 292 47.37 -58.73 17.63
CA ASP F 292 46.71 -59.07 16.41
C ASP F 292 45.26 -58.69 16.46
N PHE F 293 44.54 -58.75 15.34
CA PHE F 293 43.11 -58.49 15.38
C PHE F 293 42.42 -59.51 14.50
N MET F 294 41.10 -59.41 14.46
CA MET F 294 40.24 -60.47 13.96
C MET F 294 39.40 -59.91 12.83
N LEU F 295 39.65 -60.35 11.60
CA LEU F 295 38.80 -59.97 10.49
C LEU F 295 37.54 -60.82 10.53
N ILE F 296 36.39 -60.19 10.55
CA ILE F 296 35.14 -60.92 10.54
C ILE F 296 34.27 -60.51 9.38
N GLY F 297 34.67 -59.49 8.68
CA GLY F 297 33.91 -59.01 7.57
C GLY F 297 34.59 -58.21 6.52
N THR F 298 34.01 -58.20 5.36
CA THR F 298 34.61 -57.54 4.23
C THR F 298 33.50 -56.78 3.67
N ASP F 299 33.72 -55.97 2.69
CA ASP F 299 32.70 -55.06 2.22
C ASP F 299 31.30 -55.57 1.88
N GLY F 300 31.15 -56.80 1.48
CA GLY F 300 29.83 -57.33 1.24
C GLY F 300 29.23 -58.09 2.40
N GLY F 301 29.89 -58.08 3.53
CA GLY F 301 29.38 -58.73 4.68
C GLY F 301 30.34 -59.52 5.51
N LEU F 302 29.79 -60.33 6.37
CA LEU F 302 30.61 -61.18 7.18
C LEU F 302 31.28 -62.31 6.47
N LEU F 303 32.49 -62.60 6.85
CA LEU F 303 33.18 -63.79 6.36
C LEU F 303 32.45 -65.04 6.84
N GLU F 304 32.94 -66.21 6.43
CA GLU F 304 32.38 -67.45 6.98
C GLU F 304 32.88 -67.73 8.39
N GLU F 305 34.10 -67.26 8.70
CA GLU F 305 34.73 -67.44 9.99
C GLU F 305 35.69 -66.29 10.19
N PRO F 306 36.08 -65.99 11.42
CA PRO F 306 37.10 -64.98 11.64
C PRO F 306 38.42 -65.40 11.03
N ILE F 307 39.34 -64.45 10.90
CA ILE F 307 40.69 -64.71 10.43
C ILE F 307 41.62 -63.83 11.25
N ILE F 308 42.63 -64.41 11.87
CA ILE F 308 43.53 -63.59 12.68
C ILE F 308 44.54 -62.93 11.76
N VAL F 309 44.85 -61.66 12.01
CA VAL F 309 45.79 -60.93 11.18
C VAL F 309 46.61 -60.01 12.08
N LYS F 310 47.74 -59.55 11.55
CA LYS F 310 48.58 -58.56 12.22
C LYS F 310 48.60 -57.24 11.49
N ASP F 311 48.21 -57.23 10.22
CA ASP F 311 47.96 -56.00 9.49
C ASP F 311 46.91 -56.31 8.45
N ILE F 312 46.40 -55.27 7.82
CA ILE F 312 45.31 -55.48 6.86
C ILE F 312 45.39 -54.40 5.79
N LEU F 313 45.24 -54.81 4.54
CA LEU F 313 45.22 -53.88 3.44
C LEU F 313 43.78 -53.39 3.27
N ILE F 314 43.62 -52.08 3.12
CA ILE F 314 42.31 -51.50 2.83
C ILE F 314 42.52 -50.37 1.82
N ALA F 315 41.93 -50.52 0.65
CA ALA F 315 42.08 -49.52 -0.39
C ALA F 315 40.85 -48.62 -0.42
N VAL F 316 40.92 -47.57 -1.23
CA VAL F 316 39.81 -46.64 -1.33
C VAL F 316 38.54 -47.38 -1.73
N ALA F 317 37.45 -47.08 -1.03
CA ALA F 317 36.09 -47.62 -1.13
C ALA F 317 35.94 -48.99 -0.48
N GLU F 318 37.00 -49.57 0.08
CA GLU F 318 36.86 -50.86 0.75
C GLU F 318 36.41 -50.68 2.18
N ARG F 319 35.78 -51.72 2.72
CA ARG F 319 35.36 -51.74 4.12
C ARG F 319 35.84 -53.03 4.77
N ILE F 320 36.38 -52.92 5.97
CA ILE F 320 36.64 -54.10 6.77
C ILE F 320 35.82 -54.03 8.06
N ASP F 321 35.51 -55.20 8.56
CA ASP F 321 34.79 -55.43 9.80
C ASP F 321 35.75 -56.23 10.66
N ILE F 322 36.28 -55.61 11.73
CA ILE F 322 37.27 -56.27 12.57
C ILE F 322 36.85 -56.25 14.04
N ILE F 323 37.54 -57.07 14.83
CA ILE F 323 37.36 -57.15 16.28
C ILE F 323 38.72 -56.96 16.94
N VAL F 324 38.88 -55.87 17.68
CA VAL F 324 40.09 -55.67 18.49
C VAL F 324 39.74 -55.94 19.95
N ASP F 325 40.76 -56.24 20.74
CA ASP F 325 40.59 -56.69 22.11
C ASP F 325 41.62 -56.02 23.00
N PHE F 326 41.13 -55.27 23.98
CA PHE F 326 41.99 -54.52 24.90
C PHE F 326 42.08 -55.19 26.26
N LYS F 327 41.63 -56.46 26.38
CA LYS F 327 41.43 -57.11 27.68
C LYS F 327 42.73 -57.11 28.49
N ASP F 328 43.88 -57.10 27.83
CA ASP F 328 45.19 -57.18 28.51
C ASP F 328 45.83 -55.80 28.72
N LYS F 329 45.07 -54.72 28.63
CA LYS F 329 45.61 -53.38 28.75
C LYS F 329 45.34 -52.81 30.13
N LYS F 330 46.34 -52.11 30.66
CA LYS F 330 46.17 -51.37 31.90
C LYS F 330 45.49 -50.03 31.62
N VAL F 331 44.83 -49.48 32.64
CA VAL F 331 44.35 -48.11 32.56
C VAL F 331 45.56 -47.19 32.46
N GLY F 332 45.45 -46.19 31.57
CA GLY F 332 46.53 -45.26 31.30
C GLY F 332 47.33 -45.60 30.07
N GLU F 333 47.27 -46.84 29.62
CA GLU F 333 47.95 -47.27 28.42
C GLU F 333 47.16 -46.83 27.18
N SER F 334 47.77 -46.99 26.01
CA SER F 334 47.07 -46.63 24.78
C SER F 334 47.49 -47.54 23.64
N VAL F 335 46.53 -47.84 22.77
CA VAL F 335 46.78 -48.60 21.55
C VAL F 335 46.64 -47.64 20.37
N THR F 336 47.62 -47.66 19.46
CA THR F 336 47.64 -46.71 18.36
C THR F 336 47.43 -47.42 17.02
N LEU F 337 46.32 -47.08 16.36
CA LEU F 337 46.06 -47.50 15.00
C LEU F 337 46.88 -46.65 14.04
N LYS F 338 47.58 -47.31 13.13
CA LYS F 338 48.54 -46.65 12.25
C LYS F 338 48.61 -47.39 10.91
N THR F 339 49.21 -46.75 9.92
CA THR F 339 49.48 -47.41 8.64
C THR F 339 50.97 -47.69 8.48
N LEU F 340 51.30 -48.89 8.03
CA LEU F 340 52.70 -49.27 7.86
C LEU F 340 53.26 -48.97 6.49
N GLY F 341 52.39 -48.70 5.53
CA GLY F 341 52.82 -48.35 4.20
C GLY F 341 52.72 -49.41 3.15
N PHE F 342 52.52 -48.98 1.92
CA PHE F 342 52.40 -49.90 0.82
C PHE F 342 52.98 -49.28 -0.42
N LYS F 343 54.29 -49.27 -0.54
CA LYS F 343 54.98 -48.70 -1.70
C LYS F 343 54.68 -49.41 -2.97
N GLU F 344 54.39 -50.67 -2.86
CA GLU F 344 54.14 -51.50 -3.99
C GLU F 344 52.95 -51.02 -4.77
N ALA F 345 52.06 -50.29 -4.12
CA ALA F 345 50.91 -49.75 -4.79
C ALA F 345 51.21 -48.77 -5.88
N ASN F 346 52.21 -47.94 -5.69
CA ASN F 346 52.48 -46.92 -6.69
C ASN F 346 53.86 -46.98 -7.27
N ASN F 347 53.97 -47.13 -8.59
CA ASN F 347 55.27 -47.20 -9.25
C ASN F 347 55.43 -45.99 -10.11
N PHE F 348 54.80 -44.90 -9.72
CA PHE F 348 54.81 -43.68 -10.48
C PHE F 348 55.18 -42.72 -9.40
N VAL F 349 55.45 -41.49 -9.74
CA VAL F 349 55.68 -40.50 -8.70
C VAL F 349 54.44 -39.73 -8.27
N THR F 350 54.51 -39.18 -7.07
CA THR F 350 53.39 -38.47 -6.51
C THR F 350 53.85 -37.08 -6.19
N ASN F 351 52.96 -36.24 -5.67
CA ASN F 351 53.36 -34.94 -5.25
C ASN F 351 54.36 -35.18 -4.16
N PRO F 352 55.48 -34.51 -4.26
CA PRO F 352 56.52 -34.80 -3.28
C PRO F 352 56.24 -34.16 -1.96
N ALA F 353 55.51 -33.07 -1.94
CA ALA F 353 55.16 -32.39 -0.73
C ALA F 353 54.44 -33.24 0.23
N TYR F 354 53.73 -34.20 -0.29
CA TYR F 354 52.99 -35.07 0.55
C TYR F 354 53.59 -36.44 0.56
N PRO F 355 53.44 -37.13 1.67
CA PRO F 355 54.05 -38.43 1.81
C PRO F 355 53.61 -39.46 0.80
N ASP F 356 54.49 -40.41 0.48
CA ASP F 356 54.20 -41.42 -0.53
C ASP F 356 53.41 -42.58 -0.09
N SER F 357 53.27 -43.56 -0.96
CA SER F 357 52.48 -44.73 -0.64
C SER F 357 53.08 -45.54 0.48
N GLY F 358 54.38 -45.46 0.63
CA GLY F 358 55.07 -46.21 1.65
C GLY F 358 55.20 -45.54 2.97
N ALA F 359 54.62 -44.38 3.06
CA ALA F 359 54.69 -43.62 4.28
C ALA F 359 54.04 -44.27 5.44
N LYS F 360 54.67 -44.17 6.58
CA LYS F 360 54.15 -44.77 7.77
C LYS F 360 53.51 -43.66 8.53
N MET F 361 52.23 -43.78 8.79
CA MET F 361 51.52 -42.73 9.43
C MET F 361 50.61 -43.16 10.55
N ASP F 362 50.65 -42.48 11.68
CA ASP F 362 49.74 -42.70 12.78
C ASP F 362 48.35 -42.21 12.37
N ILE F 363 47.35 -42.98 12.75
CA ILE F 363 45.97 -42.67 12.44
C ILE F 363 45.22 -42.19 13.67
N MET F 364 45.04 -43.07 14.66
CA MET F 364 44.35 -42.62 15.87
C MET F 364 44.90 -43.35 17.09
N ARG F 365 44.59 -42.81 18.27
CA ARG F 365 44.93 -43.46 19.54
C ARG F 365 43.66 -43.79 20.32
N PHE F 366 43.59 -45.02 20.84
CA PHE F 366 42.59 -45.48 21.78
C PHE F 366 43.21 -45.37 23.16
N LYS F 367 42.65 -44.52 24.03
CA LYS F 367 43.14 -44.37 25.40
C LYS F 367 42.30 -45.27 26.31
N VAL F 368 42.93 -46.26 26.93
CA VAL F 368 42.25 -47.17 27.85
C VAL F 368 42.01 -46.39 29.14
N THR F 369 40.74 -46.11 29.46
CA THR F 369 40.45 -45.27 30.61
C THR F 369 39.69 -45.95 31.72
N GLU F 370 39.00 -47.05 31.46
CA GLU F 370 38.24 -47.74 32.50
C GLU F 370 38.42 -49.24 32.36
N LEU F 371 38.12 -49.94 33.44
CA LEU F 371 38.11 -51.40 33.46
C LEU F 371 36.70 -51.86 33.19
N SER F 372 36.55 -53.10 32.77
CA SER F 372 35.21 -53.54 32.42
C SER F 372 35.10 -55.05 32.58
N THR F 373 33.88 -55.50 32.87
CA THR F 373 33.58 -56.91 33.04
C THR F 373 32.86 -57.50 31.84
N GLN F 374 32.80 -56.79 30.71
CA GLN F 374 32.07 -57.29 29.55
C GLN F 374 32.85 -58.43 28.89
N ASN F 375 32.17 -59.53 28.62
CA ASN F 375 32.78 -60.69 27.99
C ASN F 375 31.92 -61.09 26.80
N SER F 376 32.43 -60.85 25.60
CA SER F 376 31.75 -61.27 24.39
C SER F 376 32.60 -62.35 23.72
N GLN F 377 31.94 -63.44 23.31
CA GLN F 377 32.58 -64.53 22.59
C GLN F 377 32.34 -64.36 21.09
N ILE F 378 33.42 -64.35 20.30
CA ILE F 378 33.29 -64.32 18.85
C ILE F 378 32.99 -65.72 18.32
N PRO F 379 31.82 -65.95 17.71
CA PRO F 379 31.44 -67.31 17.30
C PRO F 379 32.25 -67.81 16.11
N LYS F 380 32.28 -69.15 16.00
CA LYS F 380 32.95 -69.81 14.89
C LYS F 380 32.28 -69.54 13.57
N LYS F 381 31.02 -69.97 13.42
CA LYS F 381 30.30 -69.91 12.14
C LYS F 381 29.52 -68.58 12.07
N LEU F 382 30.14 -67.56 11.43
CA LEU F 382 29.52 -66.24 11.30
C LEU F 382 28.42 -66.22 10.26
N SER F 383 28.59 -66.96 9.16
CA SER F 383 27.67 -66.98 8.03
C SER F 383 28.15 -68.08 7.09
N THR F 384 27.33 -68.40 6.10
CA THR F 384 27.66 -69.40 5.08
C THR F 384 27.71 -68.68 3.74
N ILE F 385 28.83 -68.79 3.03
CA ILE F 385 28.98 -68.10 1.75
C ILE F 385 29.12 -69.17 0.67
N ALA F 386 28.10 -69.31 -0.16
CA ALA F 386 28.16 -70.28 -1.25
C ALA F 386 29.26 -69.89 -2.22
N LYS F 387 30.40 -70.58 -2.13
CA LYS F 387 31.58 -70.30 -2.94
C LYS F 387 31.30 -70.64 -4.40
N MET F 388 31.34 -69.64 -5.27
CA MET F 388 31.16 -69.87 -6.70
C MET F 388 32.41 -70.52 -7.29
N LYS F 389 32.21 -71.32 -8.34
CA LYS F 389 33.28 -72.03 -9.02
C LYS F 389 33.36 -71.53 -10.47
N ALA F 390 34.56 -71.61 -11.05
CA ALA F 390 34.74 -71.13 -12.43
C ALA F 390 33.77 -71.80 -13.38
N SER F 391 33.41 -73.05 -13.10
CA SER F 391 32.46 -73.72 -13.98
C SER F 391 31.07 -73.12 -13.92
N ASP F 392 30.74 -72.20 -12.99
CA ASP F 392 29.33 -71.87 -13.09
C ASP F 392 29.11 -70.66 -13.96
N ALA F 393 30.19 -70.00 -14.37
CA ALA F 393 30.16 -68.92 -15.31
C ALA F 393 29.88 -69.45 -16.70
N SER F 394 29.21 -68.60 -17.49
CA SER F 394 28.89 -68.88 -18.88
C SER F 394 29.74 -68.10 -19.86
N LYS F 395 30.48 -67.07 -19.41
CA LYS F 395 31.29 -66.22 -20.27
C LYS F 395 32.45 -65.70 -19.46
N SER F 396 33.61 -65.56 -20.08
CA SER F 396 34.64 -64.70 -19.52
C SER F 396 34.73 -63.41 -20.33
N ARG F 397 35.38 -62.42 -19.73
CA ARG F 397 35.71 -61.20 -20.46
C ARG F 397 36.75 -60.42 -19.68
N THR F 398 37.39 -59.47 -20.38
CA THR F 398 38.61 -58.82 -19.89
C THR F 398 38.43 -57.31 -19.78
N ILE F 399 38.80 -56.77 -18.62
CA ILE F 399 38.89 -55.33 -18.42
C ILE F 399 40.36 -55.03 -18.16
N THR F 400 40.99 -54.37 -19.10
CA THR F 400 42.33 -53.86 -18.93
C THR F 400 42.22 -52.48 -18.32
N MET F 401 43.14 -52.15 -17.44
CA MET F 401 43.15 -50.87 -16.77
C MET F 401 44.50 -50.27 -17.09
N GLU F 402 44.57 -49.01 -17.52
CA GLU F 402 45.83 -48.40 -17.93
C GLU F 402 45.76 -46.90 -18.02
N ILE F 403 46.85 -46.24 -18.34
CA ILE F 403 46.81 -44.80 -18.59
C ILE F 403 47.12 -44.55 -20.07
N ILE F 404 46.20 -43.94 -20.79
CA ILE F 404 46.45 -43.62 -22.17
C ILE F 404 47.06 -42.25 -22.27
N GLU F 405 47.38 -41.82 -23.47
CA GLU F 405 48.06 -40.55 -23.65
C GLU F 405 47.29 -39.32 -23.26
N GLY F 406 48.01 -38.33 -22.75
CA GLY F 406 47.36 -37.14 -22.28
C GLY F 406 47.03 -37.24 -20.82
N GLY F 407 47.44 -38.33 -20.20
CA GLY F 407 47.17 -38.51 -18.79
C GLY F 407 45.83 -39.04 -18.41
N VAL F 408 45.14 -39.63 -19.36
CA VAL F 408 43.83 -40.12 -19.08
C VAL F 408 43.85 -41.56 -18.63
N TRP F 409 43.49 -41.81 -17.39
CA TRP F 409 43.40 -43.15 -16.88
C TRP F 409 42.22 -43.79 -17.53
N THR F 410 42.35 -45.04 -17.94
CA THR F 410 41.30 -45.66 -18.73
C THR F 410 41.02 -47.10 -18.49
N LEU F 411 39.90 -47.55 -19.01
CA LEU F 411 39.55 -48.95 -18.94
C LEU F 411 39.38 -49.42 -20.38
N ASN F 412 40.09 -50.46 -20.80
CA ASN F 412 40.05 -50.96 -22.18
C ASN F 412 40.37 -49.85 -23.19
N LYS F 413 41.20 -48.88 -22.78
CA LYS F 413 41.62 -47.74 -23.60
C LYS F 413 40.50 -46.82 -24.07
N LYS F 414 39.26 -47.08 -23.65
CA LYS F 414 38.15 -46.19 -23.94
C LYS F 414 37.97 -45.24 -22.77
N PRO F 415 38.10 -43.91 -22.95
CA PRO F 415 37.66 -42.99 -21.89
C PRO F 415 36.17 -43.12 -21.69
N TYR F 416 35.68 -42.63 -20.54
CA TYR F 416 34.28 -42.81 -20.20
C TYR F 416 33.43 -41.92 -21.08
N ASP F 417 32.67 -42.54 -21.98
CA ASP F 417 31.52 -41.91 -22.61
C ASP F 417 30.30 -42.27 -21.78
N MET F 418 29.59 -41.25 -21.30
CA MET F 418 28.54 -41.47 -20.32
C MET F 418 27.30 -42.14 -20.91
N HIS F 419 27.17 -42.23 -22.23
CA HIS F 419 25.99 -42.85 -22.81
C HIS F 419 26.27 -44.02 -23.75
N ARG F 420 27.51 -44.53 -23.86
CA ARG F 420 27.71 -45.74 -24.66
C ARG F 420 27.98 -46.94 -23.76
N VAL F 421 27.35 -48.06 -24.14
CA VAL F 421 27.43 -49.30 -23.38
C VAL F 421 28.73 -49.99 -23.74
N ASP F 422 29.56 -50.28 -22.74
CA ASP F 422 30.79 -51.01 -22.97
C ASP F 422 30.64 -52.50 -22.81
N GLU F 423 29.68 -52.96 -21.99
CA GLU F 423 29.44 -54.40 -21.93
C GLU F 423 27.93 -54.69 -21.90
N LYS F 424 27.50 -55.66 -22.70
CA LYS F 424 26.17 -56.24 -22.67
C LYS F 424 26.21 -57.53 -21.86
N VAL F 425 25.41 -57.62 -20.78
CA VAL F 425 25.41 -58.79 -19.91
C VAL F 425 23.97 -59.27 -19.71
N LYS F 426 23.76 -60.58 -19.69
CA LYS F 426 22.41 -61.13 -19.66
C LYS F 426 21.97 -61.31 -18.22
N LEU F 427 20.84 -60.69 -17.87
CA LEU F 427 20.35 -60.69 -16.50
C LEU F 427 20.22 -62.10 -15.96
N GLY F 428 20.91 -62.37 -14.84
CA GLY F 428 20.88 -63.66 -14.19
C GLY F 428 22.02 -64.58 -14.59
N SER F 429 22.88 -64.15 -15.49
CA SER F 429 24.03 -64.95 -15.86
C SER F 429 25.17 -64.68 -14.91
N THR F 430 26.00 -65.70 -14.76
CA THR F 430 27.26 -65.60 -14.01
C THR F 430 28.40 -65.47 -15.00
N GLU F 431 29.22 -64.44 -14.81
CA GLU F 431 30.31 -64.16 -15.70
C GLU F 431 31.58 -64.08 -14.89
N ILE F 432 32.69 -64.33 -15.58
CA ILE F 432 34.00 -64.15 -15.00
C ILE F 432 34.57 -62.88 -15.62
N TRP F 433 34.93 -61.91 -14.79
CA TRP F 433 35.59 -60.71 -15.25
C TRP F 433 37.04 -60.80 -14.80
N GLU F 434 37.94 -60.62 -15.74
CA GLU F 434 39.37 -60.69 -15.49
C GLU F 434 39.93 -59.29 -15.67
N ILE F 435 40.44 -58.73 -14.59
CA ILE F 435 40.89 -57.35 -14.51
C ILE F 435 42.41 -57.38 -14.59
N LYS F 436 42.97 -56.77 -15.63
CA LYS F 436 44.41 -56.72 -15.79
C LYS F 436 44.97 -55.34 -15.61
N ASN F 437 46.17 -55.25 -15.05
CA ASN F 437 46.75 -53.97 -14.75
C ASN F 437 48.09 -53.62 -15.33
N SER F 438 48.31 -52.35 -15.57
CA SER F 438 49.56 -51.82 -16.05
C SER F 438 50.53 -51.74 -14.91
N ALA F 439 51.77 -51.43 -15.19
CA ALA F 439 52.77 -51.29 -14.16
C ALA F 439 52.72 -50.08 -13.32
N HIS F 440 51.97 -49.09 -13.75
CA HIS F 440 52.01 -47.84 -13.05
C HIS F 440 51.52 -47.72 -11.67
N MET F 441 50.34 -48.21 -11.40
CA MET F 441 49.74 -48.06 -10.08
C MET F 441 48.72 -49.13 -9.88
N ALA F 442 48.39 -49.43 -8.63
CA ALA F 442 47.35 -50.38 -8.34
C ALA F 442 46.00 -49.71 -8.52
N HIS F 443 44.91 -50.43 -8.45
CA HIS F 443 43.62 -49.81 -8.72
C HIS F 443 42.53 -50.55 -7.97
N PRO F 444 41.72 -49.87 -7.16
CA PRO F 444 40.58 -50.55 -6.56
C PRO F 444 39.41 -50.57 -7.54
N PHE F 445 39.15 -51.75 -8.14
CA PHE F 445 38.09 -51.89 -9.13
C PHE F 445 36.76 -52.17 -8.44
N HIS F 446 35.73 -51.40 -8.82
CA HIS F 446 34.41 -51.44 -8.20
C HIS F 446 33.33 -51.53 -9.26
N MET F 447 32.28 -52.31 -8.96
CA MET F 447 31.09 -52.40 -9.80
C MET F 447 29.82 -52.04 -9.02
N HIS F 448 28.92 -51.30 -9.66
CA HIS F 448 27.59 -51.08 -9.11
C HIS F 448 26.68 -52.26 -9.44
N GLY F 449 25.59 -52.40 -8.69
CA GLY F 449 24.56 -53.35 -9.05
C GLY F 449 24.88 -54.82 -8.85
N VAL F 450 26.01 -55.13 -8.23
CA VAL F 450 26.45 -56.52 -8.07
C VAL F 450 27.26 -56.65 -6.78
N HIS F 451 27.40 -57.90 -6.32
CA HIS F 451 28.51 -58.29 -5.46
C HIS F 451 29.22 -59.41 -6.19
N PHE F 452 30.50 -59.59 -5.90
CA PHE F 452 31.28 -60.58 -6.59
C PHE F 452 32.24 -61.25 -5.61
N GLN F 453 32.91 -62.30 -6.08
CA GLN F 453 33.92 -63.01 -5.29
C GLN F 453 35.22 -63.04 -6.08
N VAL F 454 36.33 -63.06 -5.34
CA VAL F 454 37.65 -63.20 -5.94
C VAL F 454 37.93 -64.68 -6.19
N LEU F 455 37.93 -65.07 -7.48
CA LEU F 455 38.39 -66.41 -7.85
C LEU F 455 39.87 -66.57 -7.61
N GLU F 456 40.67 -65.64 -8.11
CA GLU F 456 42.11 -65.78 -7.91
C GLU F 456 42.84 -64.49 -8.29
N ARG F 457 44.04 -64.34 -7.73
CA ARG F 457 44.97 -63.26 -8.04
C ARG F 457 46.24 -63.84 -8.65
N THR F 458 46.96 -63.05 -9.45
CA THR F 458 48.29 -63.46 -9.86
C THR F 458 49.40 -62.91 -8.98
N SER F 459 49.15 -61.84 -8.23
CA SER F 459 50.21 -61.39 -7.36
C SER F 459 50.31 -62.30 -6.15
N SER F 460 51.40 -62.16 -5.41
CA SER F 460 51.66 -63.00 -4.26
C SER F 460 51.36 -62.32 -2.94
N ILE F 461 50.91 -61.06 -2.95
CA ILE F 461 50.42 -60.43 -1.73
C ILE F 461 49.30 -61.28 -1.17
N ASP F 462 49.21 -61.35 0.16
CA ASP F 462 48.14 -62.06 0.84
C ASP F 462 46.95 -61.14 1.14
N PHE F 463 45.77 -61.51 0.64
CA PHE F 463 44.56 -60.68 0.73
C PHE F 463 43.46 -61.48 1.42
N PRO F 464 43.46 -61.55 2.76
CA PRO F 464 42.40 -62.30 3.46
C PRO F 464 41.00 -61.75 3.19
N THR F 465 40.88 -60.47 2.78
CA THR F 465 39.59 -59.95 2.33
C THR F 465 39.08 -60.68 1.10
N ASP F 466 39.96 -61.35 0.35
CA ASP F 466 39.52 -62.16 -0.78
C ASP F 466 38.52 -63.21 -0.35
N LYS F 467 38.57 -63.60 0.92
CA LYS F 467 37.72 -64.69 1.38
C LYS F 467 36.27 -64.28 1.60
N GLY F 468 35.90 -63.01 1.37
CA GLY F 468 34.54 -62.56 1.56
C GLY F 468 33.90 -62.01 0.31
N TRP F 469 32.62 -61.63 0.44
CA TRP F 469 31.89 -60.95 -0.63
C TRP F 469 32.49 -59.58 -0.86
N LYS F 470 32.56 -59.17 -2.13
CA LYS F 470 33.24 -57.91 -2.42
C LYS F 470 32.47 -57.14 -3.48
N ASP F 471 32.60 -55.81 -3.41
CA ASP F 471 32.26 -54.91 -4.51
C ASP F 471 33.45 -54.07 -4.94
N THR F 472 34.57 -54.13 -4.24
CA THR F 472 35.77 -53.36 -4.60
C THR F 472 36.99 -54.20 -4.27
N VAL F 473 37.79 -54.53 -5.29
CA VAL F 473 38.98 -55.37 -5.12
C VAL F 473 40.22 -54.63 -5.62
N LEU F 474 41.30 -54.70 -4.85
CA LEU F 474 42.52 -54.01 -5.22
C LEU F 474 43.32 -54.86 -6.22
N VAL F 475 43.67 -54.28 -7.36
CA VAL F 475 44.41 -54.92 -8.44
C VAL F 475 45.79 -54.27 -8.49
N MET F 476 46.82 -55.02 -8.08
CA MET F 476 48.17 -54.48 -8.03
C MET F 476 48.74 -54.24 -9.43
N PRO F 477 49.87 -53.55 -9.54
CA PRO F 477 50.48 -53.40 -10.86
C PRO F 477 50.92 -54.75 -11.45
N LEU F 478 50.70 -54.88 -12.75
CA LEU F 478 51.03 -56.05 -13.57
C LEU F 478 50.32 -57.33 -13.15
N GLU F 479 49.33 -57.23 -12.26
CA GLU F 479 48.58 -58.37 -11.76
C GLU F 479 47.28 -58.55 -12.55
N SER F 480 46.83 -59.79 -12.66
CA SER F 480 45.48 -60.09 -13.08
C SER F 480 44.71 -60.61 -11.89
N VAL F 481 43.61 -59.95 -11.59
CA VAL F 481 42.68 -60.43 -10.59
C VAL F 481 41.49 -60.93 -11.37
N ARG F 482 40.98 -62.10 -11.00
CA ARG F 482 39.83 -62.63 -11.71
C ARG F 482 38.72 -62.94 -10.71
N ILE F 483 37.57 -62.30 -10.95
CA ILE F 483 36.42 -62.29 -10.06
C ILE F 483 35.23 -62.86 -10.81
N ILE F 484 34.33 -63.47 -10.06
CA ILE F 484 33.16 -64.13 -10.60
C ILE F 484 31.93 -63.48 -9.99
N VAL F 485 30.98 -63.11 -10.85
CA VAL F 485 29.88 -62.23 -10.48
C VAL F 485 28.60 -62.69 -11.15
N LYS F 486 27.49 -62.66 -10.42
CA LYS F 486 26.17 -62.88 -10.98
C LYS F 486 25.45 -61.55 -11.05
N PHE F 487 24.71 -61.32 -12.12
CA PHE F 487 24.04 -60.05 -12.36
C PHE F 487 22.57 -60.25 -12.05
N THR F 488 22.13 -59.80 -10.86
CA THR F 488 20.76 -60.03 -10.44
C THR F 488 19.83 -58.85 -10.68
N ILE F 489 20.36 -57.64 -10.84
CA ILE F 489 19.56 -56.43 -11.04
C ILE F 489 19.70 -56.00 -12.49
N PRO F 490 18.61 -55.71 -13.20
CA PRO F 490 18.72 -55.20 -14.57
C PRO F 490 18.96 -53.70 -14.62
N GLY F 491 19.48 -53.23 -15.76
CA GLY F 491 19.63 -51.81 -15.96
C GLY F 491 21.05 -51.45 -16.36
N LEU F 492 21.32 -50.14 -16.45
CA LEU F 492 22.64 -49.63 -16.81
C LEU F 492 23.39 -49.24 -15.54
N PHE F 493 24.56 -49.83 -15.33
CA PHE F 493 25.40 -49.59 -14.16
C PHE F 493 26.79 -49.20 -14.64
N VAL F 494 27.65 -48.77 -13.72
CA VAL F 494 29.01 -48.40 -14.11
C VAL F 494 29.96 -49.34 -13.38
N HIS F 495 31.18 -49.43 -13.93
CA HIS F 495 32.32 -50.00 -13.23
C HIS F 495 33.51 -49.06 -13.40
N HIS F 496 34.34 -48.97 -12.37
CA HIS F 496 35.42 -48.00 -12.42
C HIS F 496 36.45 -48.30 -11.37
N CYS F 497 37.62 -47.71 -11.55
CA CYS F 497 38.54 -47.53 -10.45
C CYS F 497 37.91 -46.58 -9.44
N HIS F 498 38.19 -46.81 -8.17
CA HIS F 498 37.62 -45.95 -7.16
C HIS F 498 38.64 -44.97 -6.61
N ILE F 499 39.90 -45.04 -7.07
CA ILE F 499 40.78 -43.89 -6.93
C ILE F 499 40.04 -42.74 -7.56
N LEU F 500 39.69 -41.73 -6.77
CA LEU F 500 38.70 -40.76 -7.22
C LEU F 500 39.21 -39.95 -8.41
N GLU F 501 40.46 -39.49 -8.38
CA GLU F 501 41.03 -38.73 -9.50
C GLU F 501 41.14 -39.56 -10.77
N HIS F 502 41.37 -40.87 -10.65
CA HIS F 502 41.28 -41.73 -11.82
C HIS F 502 39.86 -41.76 -12.38
N GLU F 503 38.88 -42.03 -11.51
CA GLU F 503 37.48 -42.12 -11.93
C GLU F 503 37.00 -40.83 -12.59
N ASP F 504 37.49 -39.68 -12.11
CA ASP F 504 37.03 -38.39 -12.61
C ASP F 504 37.55 -38.12 -14.01
N HIS F 505 38.86 -38.25 -14.19
CA HIS F 505 39.48 -38.18 -15.52
C HIS F 505 39.34 -39.54 -16.23
N SER F 506 38.13 -40.09 -16.08
CA SER F 506 37.43 -41.04 -16.94
C SER F 506 37.93 -42.48 -16.94
N MET F 507 38.41 -42.96 -15.79
CA MET F 507 38.65 -44.40 -15.64
C MET F 507 37.36 -45.09 -15.20
N MET F 508 36.39 -45.11 -16.12
CA MET F 508 35.03 -45.53 -15.82
C MET F 508 34.39 -46.05 -17.10
N ALA F 509 33.38 -46.92 -16.95
CA ALA F 509 32.72 -47.54 -18.11
C ALA F 509 31.30 -48.00 -17.71
N ASN F 510 30.47 -48.31 -18.71
CA ASN F 510 29.08 -48.70 -18.51
C ASN F 510 28.84 -50.17 -18.90
N PHE F 511 28.12 -50.90 -18.04
CA PHE F 511 27.57 -52.18 -18.47
C PHE F 511 26.05 -52.16 -18.35
N LEU F 512 25.41 -52.95 -19.21
CA LEU F 512 23.95 -53.02 -19.32
C LEU F 512 23.51 -54.45 -19.06
N VAL F 513 22.87 -54.66 -17.91
CA VAL F 513 22.29 -55.95 -17.55
C VAL F 513 20.90 -56.00 -18.18
N GLU F 514 20.66 -57.02 -18.99
CA GLU F 514 19.49 -56.99 -19.86
C GLU F 514 18.96 -58.37 -20.25
N PRO G 70 56.65 18.06 -2.25
CA PRO G 70 56.00 16.76 -2.46
C PRO G 70 55.28 16.25 -1.21
N PHE G 71 54.22 15.47 -1.42
CA PHE G 71 53.49 14.77 -0.35
C PHE G 71 52.95 15.74 0.69
N THR G 72 52.32 16.81 0.21
CA THR G 72 51.70 17.79 1.09
C THR G 72 50.19 17.74 1.08
N GLN G 73 49.59 17.46 -0.06
CA GLN G 73 48.15 17.42 -0.24
C GLN G 73 47.60 16.04 0.14
N LYS G 74 46.49 16.03 0.87
CA LYS G 74 45.87 14.76 1.24
C LYS G 74 45.20 14.14 0.01
N LEU G 75 45.28 12.80 -0.08
CA LEU G 75 44.69 12.09 -1.21
C LEU G 75 43.17 12.23 -1.19
N LYS G 76 42.60 12.66 -2.30
CA LYS G 76 41.16 12.72 -2.44
C LYS G 76 40.58 11.31 -2.61
N ILE G 77 39.36 11.12 -2.11
CA ILE G 77 38.68 9.84 -2.21
C ILE G 77 37.38 10.06 -2.98
N PRO G 78 37.18 9.38 -4.12
CA PRO G 78 35.91 9.56 -4.84
C PRO G 78 34.72 9.26 -3.96
N LYS G 79 33.67 10.06 -4.09
CA LYS G 79 32.37 9.65 -3.62
C LYS G 79 32.02 8.31 -4.28
N GLU G 80 31.00 7.64 -3.76
CA GLU G 80 30.58 6.39 -4.39
C GLU G 80 29.15 6.55 -4.88
N ILE G 81 28.87 6.06 -6.07
CA ILE G 81 27.51 5.85 -6.54
C ILE G 81 27.26 4.36 -6.37
N ASP G 82 26.60 4.01 -5.28
CA ASP G 82 26.39 2.62 -4.90
C ASP G 82 24.99 2.20 -5.33
N PHE G 83 24.89 1.16 -6.16
CA PHE G 83 23.60 0.84 -6.76
C PHE G 83 22.73 -0.01 -5.88
N GLU G 84 23.17 -0.24 -4.66
CA GLU G 84 22.32 -0.72 -3.60
C GLU G 84 21.64 0.44 -2.88
N HIS G 85 22.15 1.68 -3.05
CA HIS G 85 21.58 2.90 -2.52
C HIS G 85 21.05 3.83 -3.59
N VAL G 86 21.46 3.64 -4.84
CA VAL G 86 21.04 4.48 -5.94
C VAL G 86 20.33 3.58 -6.94
N ALA G 87 19.12 3.95 -7.31
CA ALA G 87 18.43 3.22 -8.37
C ALA G 87 18.95 3.64 -9.74
N LYS G 88 19.02 4.95 -9.99
CA LYS G 88 19.36 5.54 -11.27
C LYS G 88 20.19 6.78 -11.00
N ALA G 89 21.37 6.84 -11.60
CA ALA G 89 22.27 7.95 -11.40
C ALA G 89 22.23 8.90 -12.60
N LYS G 90 22.91 10.03 -12.47
CA LYS G 90 22.93 11.03 -13.52
C LYS G 90 24.35 11.52 -13.65
N PHE G 91 24.87 11.43 -14.87
CA PHE G 91 26.14 12.05 -15.26
C PHE G 91 25.87 13.18 -16.22
N ASN G 92 26.59 14.28 -16.07
CA ASN G 92 26.57 15.36 -17.06
C ASN G 92 28.01 15.75 -17.37
N ALA G 93 28.44 15.54 -18.61
CA ALA G 93 29.80 15.90 -19.01
C ALA G 93 29.90 17.41 -19.21
N GLN G 94 30.49 18.14 -18.24
CA GLN G 94 30.55 19.58 -18.37
C GLN G 94 31.95 20.10 -18.01
N LYS G 95 32.19 21.33 -18.41
CA LYS G 95 33.43 21.98 -18.10
C LYS G 95 33.35 22.49 -16.69
N SER G 96 34.45 22.41 -15.98
CA SER G 96 34.47 22.78 -14.59
C SER G 96 35.81 23.36 -14.29
N LEU G 97 35.98 23.89 -13.10
CA LEU G 97 37.25 24.43 -12.68
C LEU G 97 37.71 23.81 -11.37
N SER G 98 38.96 23.43 -11.26
CA SER G 98 39.49 22.92 -10.00
C SER G 98 40.92 23.23 -9.81
N ALA G 99 41.35 23.32 -8.58
CA ALA G 99 42.74 23.53 -8.33
C ALA G 99 43.56 22.27 -8.25
N LEU G 100 43.93 21.71 -9.38
CA LEU G 100 44.76 20.53 -9.37
C LEU G 100 46.16 20.73 -8.86
N TYR G 101 46.83 21.79 -9.31
CA TYR G 101 48.21 22.02 -8.96
C TYR G 101 48.34 23.47 -8.65
N LYS G 102 49.40 23.84 -7.95
CA LYS G 102 49.59 25.21 -7.52
C LYS G 102 48.38 25.60 -6.73
N GLU G 103 47.83 26.77 -7.01
CA GLU G 103 46.61 27.15 -6.36
C GLU G 103 45.73 27.51 -7.49
N LYS G 104 45.98 26.95 -8.66
CA LYS G 104 45.24 27.39 -9.82
C LYS G 104 44.15 26.53 -10.31
N LYS G 105 43.05 27.16 -10.59
CA LYS G 105 41.93 26.44 -11.07
C LYS G 105 41.98 26.35 -12.54
N THR G 106 42.25 25.18 -13.04
CA THR G 106 42.35 24.94 -14.46
C THR G 106 41.05 24.45 -14.99
N ASP G 107 40.85 24.58 -16.26
CA ASP G 107 39.68 24.04 -16.87
C ASP G 107 39.80 22.55 -16.90
N ILE G 108 38.77 21.86 -16.45
CA ILE G 108 38.79 20.43 -16.40
C ILE G 108 37.43 20.00 -16.88
N LEU G 109 37.28 18.73 -17.19
CA LEU G 109 36.01 18.20 -17.61
C LEU G 109 35.51 17.23 -16.56
N THR G 110 34.25 17.36 -16.16
CA THR G 110 33.68 16.50 -15.13
C THR G 110 32.37 15.82 -15.43
N PHE G 111 32.07 14.74 -14.71
CA PHE G 111 30.81 14.06 -14.86
C PHE G 111 29.77 14.53 -13.87
N GLN G 112 30.20 15.01 -12.70
CA GLN G 112 29.26 15.49 -11.70
C GLN G 112 29.72 16.76 -10.99
N GLY G 113 30.67 17.50 -11.56
CA GLY G 113 31.01 18.83 -11.10
C GLY G 113 32.46 18.99 -10.67
N ASP G 114 33.10 17.92 -10.20
CA ASP G 114 34.49 18.04 -9.74
C ASP G 114 35.21 16.70 -9.80
N LEU G 115 36.49 16.73 -9.45
CA LEU G 115 37.34 15.57 -9.65
C LEU G 115 37.97 15.15 -8.33
N PRO G 116 38.17 13.84 -8.09
CA PRO G 116 37.91 12.71 -8.99
C PRO G 116 36.42 12.46 -9.26
N ASN G 117 36.09 11.77 -10.33
CA ASN G 117 34.70 11.42 -10.54
C ASN G 117 34.31 10.28 -9.59
N PRO G 118 33.00 10.05 -9.39
CA PRO G 118 32.58 9.03 -8.44
C PRO G 118 32.91 7.61 -8.90
N THR G 119 33.16 6.76 -7.91
CA THR G 119 33.33 5.34 -8.14
C THR G 119 31.97 4.69 -8.19
N ILE G 120 31.68 3.98 -9.25
CA ILE G 120 30.45 3.20 -9.28
C ILE G 120 30.70 1.87 -8.60
N ARG G 121 29.78 1.46 -7.72
CA ARG G 121 29.88 0.19 -7.03
C ARG G 121 28.56 -0.57 -7.16
N ILE G 122 28.62 -1.85 -7.51
CA ILE G 122 27.39 -2.59 -7.82
C ILE G 122 27.63 -4.11 -7.66
N LYS G 123 26.65 -4.79 -7.04
CA LYS G 123 26.66 -6.26 -6.94
C LYS G 123 26.47 -6.88 -8.32
N ASN G 124 27.07 -8.05 -8.52
CA ASN G 124 26.71 -8.81 -9.70
C ASN G 124 25.26 -9.28 -9.57
N GLY G 125 24.48 -9.10 -10.65
CA GLY G 125 23.06 -9.36 -10.65
C GLY G 125 22.17 -8.12 -10.55
N ASP G 126 22.71 -7.00 -10.06
CA ASP G 126 21.94 -5.78 -9.85
C ASP G 126 21.77 -5.00 -11.16
N ASP G 127 20.80 -4.09 -11.18
CA ASP G 127 20.45 -3.34 -12.39
C ASP G 127 21.11 -1.97 -12.37
N PHE G 128 21.91 -1.68 -13.39
CA PHE G 128 22.64 -0.43 -13.49
C PHE G 128 21.85 0.49 -14.42
N GLU G 129 21.46 1.65 -13.89
CA GLU G 129 20.73 2.66 -14.65
C GLU G 129 21.43 4.00 -14.46
N LEU G 130 21.82 4.63 -15.57
CA LEU G 130 22.45 5.93 -15.50
C LEU G 130 22.03 6.75 -16.71
N ASP G 131 21.58 7.98 -16.47
CA ASP G 131 21.25 8.90 -17.55
C ASP G 131 22.46 9.83 -17.77
N PHE G 132 22.96 9.84 -19.01
CA PHE G 132 24.17 10.59 -19.37
C PHE G 132 23.79 11.73 -20.31
N THR G 133 24.18 12.94 -19.94
CA THR G 133 23.92 14.13 -20.72
C THR G 133 25.24 14.71 -21.19
N ASN G 134 25.30 15.12 -22.46
CA ASN G 134 26.49 15.71 -23.06
C ASN G 134 26.35 17.22 -23.08
N SER G 135 27.13 17.92 -22.26
CA SER G 135 27.07 19.37 -22.19
C SER G 135 28.30 20.00 -22.81
N LEU G 136 29.18 19.20 -23.37
CA LEU G 136 30.31 19.68 -24.14
C LEU G 136 29.85 19.99 -25.56
N GLU G 137 30.76 20.55 -26.35
CA GLU G 137 30.35 21.02 -27.66
C GLU G 137 30.42 19.91 -28.70
N LYS G 138 31.45 19.08 -28.65
CA LYS G 138 31.52 17.99 -29.62
C LYS G 138 30.89 16.72 -29.05
N PRO G 139 30.41 15.84 -29.93
CA PRO G 139 29.73 14.63 -29.45
C PRO G 139 30.65 13.76 -28.61
N THR G 140 30.07 13.06 -27.64
CA THR G 140 30.82 12.06 -26.90
C THR G 140 29.86 10.98 -26.43
N ILE G 141 30.42 10.00 -25.70
CA ILE G 141 29.69 8.82 -25.23
C ILE G 141 30.53 8.20 -24.13
N ILE G 142 29.90 7.38 -23.27
CA ILE G 142 30.62 6.72 -22.18
C ILE G 142 30.79 5.25 -22.52
N HIS G 143 32.00 4.75 -22.31
CA HIS G 143 32.29 3.33 -22.38
C HIS G 143 32.59 2.84 -20.98
N TRP G 144 31.89 1.79 -20.58
CA TRP G 144 32.13 1.11 -19.31
C TRP G 144 33.19 0.05 -19.59
N HIS G 145 34.44 0.42 -19.33
CA HIS G 145 35.60 -0.38 -19.67
C HIS G 145 35.67 -1.61 -18.78
N GLY G 146 35.50 -2.77 -19.42
CA GLY G 146 35.50 -4.05 -18.77
C GLY G 146 34.15 -4.72 -18.70
N LEU G 147 33.09 -4.04 -19.11
CA LEU G 147 31.75 -4.52 -18.80
C LEU G 147 31.12 -5.29 -19.94
N LEU G 148 30.39 -6.34 -19.57
CA LEU G 148 29.84 -7.28 -20.54
C LEU G 148 28.36 -6.95 -20.76
N VAL G 149 28.13 -6.02 -21.68
CA VAL G 149 26.83 -5.38 -21.85
C VAL G 149 26.44 -5.37 -23.33
N PRO G 150 25.15 -5.36 -23.64
CA PRO G 150 24.72 -5.22 -25.06
C PRO G 150 25.46 -4.11 -25.77
N GLU G 151 25.64 -4.26 -27.10
CA GLU G 151 26.46 -3.31 -27.85
C GLU G 151 25.94 -1.89 -27.61
N ALA G 152 24.61 -1.76 -27.51
CA ALA G 152 23.97 -0.46 -27.51
C ALA G 152 24.14 0.25 -26.19
N MET G 153 24.79 -0.41 -25.22
CA MET G 153 25.22 0.22 -23.98
C MET G 153 26.74 0.22 -23.84
N ASP G 154 27.48 -0.21 -24.87
CA ASP G 154 28.93 -0.34 -24.74
C ASP G 154 29.68 0.96 -24.99
N GLY G 155 29.02 2.01 -25.47
CA GLY G 155 29.74 3.23 -25.85
C GLY G 155 30.63 3.08 -27.06
N HIS G 156 30.16 2.38 -28.10
CA HIS G 156 30.85 2.39 -29.38
C HIS G 156 30.98 3.82 -29.89
N PRO G 157 32.10 4.20 -30.51
CA PRO G 157 32.26 5.60 -30.93
C PRO G 157 31.25 6.06 -31.96
N LYS G 158 30.63 5.13 -32.69
CA LYS G 158 29.60 5.50 -33.65
C LYS G 158 28.32 5.96 -32.97
N ASP G 159 28.14 5.62 -31.69
CA ASP G 159 26.93 5.95 -30.96
C ASP G 159 27.05 7.23 -30.16
N ALA G 160 28.09 8.05 -30.39
CA ALA G 160 28.26 9.26 -29.62
C ALA G 160 27.02 10.14 -29.74
N ILE G 161 26.66 10.81 -28.66
CA ILE G 161 25.48 11.66 -28.66
C ILE G 161 25.91 13.11 -28.80
N ALA G 162 25.08 13.88 -29.51
CA ALA G 162 25.37 15.29 -29.76
C ALA G 162 25.20 16.11 -28.50
N THR G 163 25.71 17.35 -28.58
CA THR G 163 25.62 18.28 -27.47
C THR G 163 24.16 18.41 -27.01
N GLN G 164 23.97 18.49 -25.70
CA GLN G 164 22.68 18.67 -25.03
C GLN G 164 21.75 17.46 -25.09
N MET G 165 22.24 16.30 -25.47
CA MET G 165 21.36 15.15 -25.69
C MET G 165 21.60 14.11 -24.60
N LEU G 166 20.79 13.05 -24.62
CA LEU G 166 20.76 12.12 -23.51
C LEU G 166 20.92 10.69 -23.99
N LYS G 167 21.63 9.89 -23.20
CA LYS G 167 21.64 8.45 -23.38
C LYS G 167 21.28 7.78 -22.08
N GLU G 168 20.24 6.94 -22.14
CA GLU G 168 19.77 6.20 -20.99
C GLU G 168 20.47 4.85 -20.98
N TYR G 169 21.57 4.75 -20.24
CA TYR G 169 22.23 3.45 -20.04
C TYR G 169 21.41 2.58 -19.09
N ARG G 170 21.05 1.37 -19.55
CA ARG G 170 20.32 0.41 -18.73
C ARG G 170 20.90 -0.96 -19.02
N TYR G 171 21.35 -1.67 -17.98
CA TYR G 171 21.72 -3.08 -18.21
C TYR G 171 21.86 -3.81 -16.88
N LYS G 172 21.66 -5.12 -16.93
CA LYS G 172 21.76 -5.97 -15.77
C LYS G 172 23.18 -6.52 -15.69
N VAL G 173 23.88 -6.23 -14.60
CA VAL G 173 25.25 -6.71 -14.47
C VAL G 173 25.24 -8.23 -14.34
N ASN G 174 26.04 -8.90 -15.18
CA ASN G 174 26.11 -10.35 -15.25
C ASN G 174 27.56 -10.73 -15.61
N GLN G 175 28.42 -10.78 -14.59
CA GLN G 175 29.84 -11.09 -14.73
C GLN G 175 30.43 -11.09 -13.32
N ARG G 176 31.61 -11.67 -13.20
CA ARG G 176 32.28 -11.78 -11.91
C ARG G 176 32.78 -10.44 -11.37
N ALA G 177 32.99 -10.43 -10.06
CA ALA G 177 33.46 -9.26 -9.35
C ALA G 177 34.82 -8.84 -9.89
N GLY G 178 35.07 -7.54 -9.87
CA GLY G 178 36.40 -7.07 -10.26
C GLY G 178 36.50 -5.55 -10.24
N THR G 179 37.63 -5.10 -10.78
CA THR G 179 38.00 -3.69 -10.83
C THR G 179 37.96 -3.24 -12.28
N PHE G 180 37.01 -2.38 -12.61
CA PHE G 180 36.71 -1.90 -13.94
C PHE G 180 36.76 -0.38 -13.92
N TRP G 181 36.47 0.27 -15.05
CA TRP G 181 36.43 1.73 -14.98
C TRP G 181 35.55 2.26 -16.10
N TYR G 182 35.49 3.58 -16.21
CA TYR G 182 34.57 4.18 -17.16
C TYR G 182 35.20 5.46 -17.68
N HIS G 183 34.98 5.72 -18.97
CA HIS G 183 35.52 6.93 -19.55
C HIS G 183 34.73 7.25 -20.80
N THR G 184 34.84 8.49 -21.26
CA THR G 184 34.34 8.78 -22.59
C THR G 184 35.19 8.10 -23.66
N HIS G 185 34.57 7.86 -24.81
CA HIS G 185 35.22 7.16 -25.92
C HIS G 185 34.95 7.79 -27.27
N PRO G 186 35.01 9.13 -27.43
CA PRO G 186 34.78 9.71 -28.75
C PRO G 186 35.95 9.43 -29.67
N HIS G 187 35.65 9.26 -30.97
CA HIS G 187 36.67 8.92 -31.94
C HIS G 187 37.60 10.11 -32.18
N GLY G 188 38.90 9.90 -31.97
CA GLY G 188 39.87 10.92 -32.23
C GLY G 188 40.03 11.95 -31.14
N ARG G 189 39.21 11.89 -30.09
CA ARG G 189 39.29 12.86 -29.01
C ARG G 189 39.32 12.21 -27.63
N THR G 190 39.49 10.88 -27.55
CA THR G 190 39.42 10.19 -26.27
C THR G 190 40.56 10.57 -25.36
N GLY G 191 41.78 10.65 -25.88
CA GLY G 191 42.91 11.04 -25.05
C GLY G 191 42.71 12.39 -24.41
N GLU G 192 42.12 13.32 -25.14
CA GLU G 192 41.86 14.65 -24.62
C GLU G 192 40.81 14.63 -23.51
N GLU G 193 39.67 13.97 -23.74
CA GLU G 193 38.60 13.95 -22.75
C GLU G 193 39.03 13.22 -21.48
N ILE G 194 39.73 12.09 -21.61
CA ILE G 194 40.26 11.46 -20.40
C ILE G 194 41.28 12.37 -19.72
N TYR G 195 42.17 12.97 -20.52
CA TYR G 195 43.22 13.82 -19.97
C TYR G 195 42.65 14.92 -19.11
N TYR G 196 41.57 15.56 -19.56
CA TYR G 196 40.98 16.66 -18.81
C TYR G 196 39.99 16.19 -17.76
N GLY G 197 39.71 14.89 -17.64
CA GLY G 197 39.09 14.41 -16.44
C GLY G 197 38.00 13.38 -16.56
N LEU G 198 37.55 13.07 -17.77
CA LEU G 198 36.39 12.19 -17.94
C LEU G 198 36.81 10.73 -17.80
N ALA G 199 36.94 10.30 -16.54
CA ALA G 199 37.26 8.92 -16.22
C ALA G 199 37.07 8.68 -14.72
N GLY G 200 36.71 7.46 -14.36
CA GLY G 200 36.51 7.10 -12.95
C GLY G 200 36.50 5.60 -12.77
N LEU G 201 36.33 5.11 -11.55
CA LEU G 201 36.42 3.65 -11.27
C LEU G 201 35.04 2.99 -11.21
N TYR G 202 34.98 1.71 -11.56
CA TYR G 202 33.73 0.92 -11.54
C TYR G 202 34.04 -0.41 -10.85
N ILE G 203 33.44 -0.63 -9.69
CA ILE G 203 33.73 -1.86 -8.89
C ILE G 203 32.52 -2.81 -8.89
N ILE G 204 32.71 -4.04 -9.35
CA ILE G 204 31.68 -5.07 -9.29
C ILE G 204 32.00 -6.01 -8.14
N GLU G 205 30.99 -6.36 -7.34
CA GLU G 205 31.14 -7.28 -6.23
C GLU G 205 30.28 -8.53 -6.45
N ASP G 206 30.63 -9.60 -5.72
CA ASP G 206 29.87 -10.85 -5.73
C ASP G 206 30.10 -11.60 -4.44
N ASP G 207 29.36 -12.69 -4.27
CA ASP G 207 29.35 -13.34 -2.96
C ASP G 207 30.68 -14.04 -2.68
N ASN G 208 31.34 -14.59 -3.71
CA ASN G 208 32.64 -15.26 -3.56
C ASN G 208 33.68 -14.31 -2.96
N GLU G 209 33.81 -13.13 -3.58
CA GLU G 209 34.68 -12.10 -3.06
C GLU G 209 34.27 -11.66 -1.66
N LYS G 210 32.97 -11.41 -1.44
CA LYS G 210 32.55 -10.99 -0.09
C LYS G 210 32.95 -12.04 0.94
N ALA G 211 32.75 -13.32 0.61
CA ALA G 211 33.07 -14.42 1.53
C ALA G 211 34.55 -14.47 1.85
N LEU G 212 35.39 -13.90 0.99
CA LEU G 212 36.81 -13.87 1.33
C LEU G 212 37.15 -12.96 2.53
N ASN G 213 36.26 -12.08 2.95
CA ASN G 213 36.54 -11.11 4.02
C ASN G 213 37.89 -10.42 3.83
N LEU G 214 38.09 -9.86 2.65
CA LEU G 214 39.29 -9.08 2.39
C LEU G 214 39.20 -7.76 3.16
N PRO G 215 40.32 -7.04 3.30
CA PRO G 215 40.25 -5.71 3.93
C PRO G 215 39.23 -4.83 3.24
N SER G 216 38.25 -4.32 3.99
CA SER G 216 37.21 -3.50 3.39
C SER G 216 37.05 -2.18 4.14
N GLY G 217 35.98 -1.45 3.84
CA GLY G 217 35.80 -0.16 4.47
C GLY G 217 36.98 0.74 4.24
N GLU G 218 37.47 1.33 5.33
CA GLU G 218 38.59 2.26 5.29
C GLU G 218 39.89 1.58 4.86
N PHE G 219 39.85 0.26 4.69
CA PHE G 219 41.03 -0.49 4.33
C PHE G 219 41.11 -0.88 2.86
N GLU G 220 40.09 -0.59 2.07
CA GLU G 220 40.20 -0.61 0.62
C GLU G 220 40.26 0.83 0.11
N LEU G 221 41.15 1.09 -0.85
CA LEU G 221 41.38 2.44 -1.36
C LEU G 221 41.46 2.44 -2.87
N PRO G 222 40.67 3.27 -3.54
CA PRO G 222 40.83 3.45 -4.99
C PRO G 222 42.06 4.30 -5.28
N LEU G 223 42.90 3.82 -6.21
CA LEU G 223 44.07 4.61 -6.64
C LEU G 223 44.03 4.68 -8.16
N ILE G 224 43.62 5.83 -8.67
CA ILE G 224 43.67 6.11 -10.10
C ILE G 224 44.93 6.91 -10.35
N ILE G 225 45.89 6.29 -11.03
CA ILE G 225 47.22 6.86 -11.24
C ILE G 225 47.29 7.42 -12.66
N GLN G 226 47.55 8.73 -12.78
CA GLN G 226 47.70 9.31 -14.09
C GLN G 226 48.69 10.47 -14.02
N ASP G 227 49.53 10.58 -15.05
CA ASP G 227 50.58 11.59 -15.09
C ASP G 227 50.16 12.76 -15.98
N ARG G 228 50.56 13.96 -15.57
CA ARG G 228 50.13 15.22 -16.15
C ARG G 228 51.32 16.17 -16.30
N ARG G 229 51.10 17.19 -17.11
CA ARG G 229 52.08 18.21 -17.34
C ARG G 229 51.33 19.47 -17.02
N PHE G 230 51.95 20.40 -16.31
CA PHE G 230 51.33 21.64 -15.96
C PHE G 230 52.25 22.81 -16.28
N ASP G 231 51.69 23.98 -16.54
CA ASP G 231 52.50 25.15 -16.77
C ASP G 231 52.89 25.85 -15.49
N LYS G 232 53.58 26.97 -15.60
CA LYS G 232 54.03 27.71 -14.43
C LYS G 232 52.84 28.14 -13.62
N GLU G 233 51.80 28.57 -14.29
CA GLU G 233 50.58 28.95 -13.62
C GLU G 233 49.88 27.82 -12.90
N GLY G 234 49.92 26.62 -13.46
CA GLY G 234 49.18 25.49 -12.89
C GLY G 234 48.13 24.98 -13.84
N ASP G 235 48.07 25.55 -15.03
CA ASP G 235 47.17 25.05 -16.04
C ASP G 235 47.71 23.84 -16.74
N LEU G 236 46.82 22.96 -17.14
CA LEU G 236 47.23 21.73 -17.77
C LEU G 236 47.78 21.92 -19.13
N ILE G 237 48.74 21.08 -19.49
CA ILE G 237 49.28 21.11 -20.82
C ILE G 237 49.06 19.74 -21.36
N TYR G 238 48.29 19.62 -22.44
CA TYR G 238 48.14 18.33 -23.10
C TYR G 238 49.21 18.18 -24.18
N LYS G 239 48.82 17.88 -25.42
CA LYS G 239 49.77 17.57 -26.48
C LYS G 239 50.61 18.78 -26.80
N GLU G 240 51.86 18.57 -27.15
CA GLU G 240 52.53 19.85 -27.35
C GLU G 240 53.50 19.89 -28.53
N THR G 241 54.08 18.77 -28.96
CA THR G 241 54.90 18.63 -30.15
C THR G 241 54.46 17.38 -30.91
N PRO G 242 54.89 17.22 -32.17
CA PRO G 242 54.45 16.03 -32.95
C PRO G 242 54.72 14.70 -32.26
N GLN G 243 55.84 14.58 -31.55
CA GLN G 243 56.19 13.37 -30.80
C GLN G 243 55.01 12.91 -29.96
N ASP G 244 54.22 13.88 -29.52
CA ASP G 244 53.12 13.58 -28.63
C ASP G 244 51.97 12.84 -29.30
N ASN G 245 52.04 12.49 -30.60
CA ASN G 245 51.29 11.33 -31.06
C ASN G 245 51.71 10.09 -30.30
N ASN G 246 53.00 9.97 -30.04
CA ASN G 246 53.49 8.67 -29.64
C ASN G 246 53.21 8.39 -28.18
N GLY G 247 52.74 9.40 -27.47
CA GLY G 247 52.25 9.25 -26.12
C GLY G 247 52.57 10.50 -25.33
N VAL G 248 51.57 11.09 -24.69
CA VAL G 248 51.83 12.22 -23.81
C VAL G 248 52.31 11.63 -22.48
N LEU G 249 53.60 11.79 -22.20
CA LEU G 249 54.15 11.47 -20.91
C LEU G 249 54.21 12.73 -20.08
N GLY G 250 54.06 12.56 -18.78
CA GLY G 250 54.05 13.72 -17.91
C GLY G 250 55.14 13.66 -16.87
N ASP G 251 55.39 14.80 -16.23
CA ASP G 251 56.41 14.89 -15.20
C ASP G 251 55.82 14.98 -13.80
N VAL G 252 54.52 15.15 -13.64
CA VAL G 252 53.89 15.18 -12.33
C VAL G 252 52.84 14.09 -12.26
N VAL G 253 52.87 13.27 -11.23
CA VAL G 253 51.95 12.15 -11.12
C VAL G 253 50.82 12.39 -10.14
N MET G 254 49.59 12.15 -10.57
CA MET G 254 48.44 12.35 -9.72
C MET G 254 47.73 11.07 -9.36
N VAL G 255 47.33 10.93 -8.11
CA VAL G 255 46.53 9.79 -7.71
C VAL G 255 45.21 10.36 -7.33
N ASN G 256 44.14 9.86 -7.91
CA ASN G 256 42.79 10.35 -7.65
C ASN G 256 42.69 11.83 -7.86
N SER G 257 43.30 12.32 -8.93
CA SER G 257 43.31 13.73 -9.24
C SER G 257 43.93 14.60 -8.16
N THR G 258 44.94 14.07 -7.50
CA THR G 258 45.59 14.79 -6.45
C THR G 258 47.06 14.72 -6.73
N VAL G 259 47.76 15.84 -6.70
CA VAL G 259 49.16 15.87 -7.08
C VAL G 259 50.08 15.42 -5.99
N HIS G 260 50.83 14.36 -6.27
CA HIS G 260 51.77 13.81 -5.30
C HIS G 260 51.22 13.71 -3.94
N PRO G 261 50.20 12.88 -3.77
CA PRO G 261 49.51 12.84 -2.50
C PRO G 261 49.99 12.01 -1.33
N TYR G 262 49.36 12.19 -0.18
CA TYR G 262 49.66 11.37 0.98
C TYR G 262 48.41 10.77 1.55
N LYS G 263 48.54 9.63 2.22
CA LYS G 263 47.40 9.04 2.87
C LYS G 263 47.73 8.56 4.26
N ASN G 264 47.03 9.03 5.28
CA ASN G 264 47.22 8.50 6.62
C ASN G 264 46.66 7.08 6.73
N VAL G 265 47.48 6.15 7.22
CA VAL G 265 47.06 4.76 7.35
C VAL G 265 47.35 4.27 8.76
N LYS G 266 46.68 3.17 9.11
CA LYS G 266 46.99 2.36 10.28
C LYS G 266 48.00 1.29 9.88
N ASN G 267 48.63 0.66 10.87
CA ASN G 267 49.69 -0.29 10.59
C ASN G 267 49.14 -1.71 10.38
N THR G 268 48.29 -1.83 9.37
CA THR G 268 47.63 -3.11 9.10
C THR G 268 47.62 -3.33 7.58
N LYS G 269 46.75 -4.25 7.15
CA LYS G 269 46.63 -4.63 5.75
C LYS G 269 45.65 -3.69 5.05
N TYR G 270 46.03 -3.24 3.84
CA TYR G 270 45.20 -2.41 2.99
C TYR G 270 45.03 -3.08 1.64
N ARG G 271 43.83 -2.98 1.09
CA ARG G 271 43.56 -3.46 -0.25
C ARG G 271 43.51 -2.28 -1.21
N LEU G 272 44.42 -2.27 -2.18
CA LEU G 272 44.55 -1.18 -3.14
C LEU G 272 43.99 -1.61 -4.49
N ARG G 273 43.15 -0.76 -5.06
CA ARG G 273 42.52 -1.02 -6.34
C ARG G 273 43.09 0.01 -7.30
N ILE G 274 44.09 -0.41 -8.07
CA ILE G 274 44.93 0.47 -8.86
C ILE G 274 44.45 0.44 -10.28
N LEU G 275 44.30 1.64 -10.88
CA LEU G 275 44.06 1.80 -12.31
C LEU G 275 45.09 2.75 -12.90
N ASN G 276 45.66 2.39 -14.05
CA ASN G 276 46.53 3.31 -14.77
C ASN G 276 45.70 4.06 -15.80
N GLY G 277 45.25 5.26 -15.44
CA GLY G 277 44.46 6.10 -16.31
C GLY G 277 45.25 7.22 -16.95
N SER G 278 46.54 6.96 -17.22
CA SER G 278 47.40 7.92 -17.89
C SER G 278 47.11 7.92 -19.37
N SER G 279 47.83 8.74 -20.13
CA SER G 279 47.74 8.67 -21.59
C SER G 279 48.56 7.50 -22.16
N ALA G 280 49.75 7.27 -21.62
CA ALA G 280 50.64 6.35 -22.32
C ALA G 280 51.56 5.62 -21.33
N ARG G 281 52.02 6.33 -20.32
CA ARG G 281 53.07 5.82 -19.45
C ARG G 281 52.69 4.48 -18.85
N THR G 282 53.62 3.53 -18.93
CA THR G 282 53.51 2.22 -18.29
C THR G 282 54.32 2.23 -17.00
N TYR G 283 53.68 1.89 -15.89
CA TYR G 283 54.31 2.01 -14.58
C TYR G 283 54.87 0.67 -14.11
N LYS G 284 56.05 0.70 -13.50
CA LYS G 284 56.56 -0.45 -12.77
C LYS G 284 56.54 -0.04 -11.31
N LEU G 285 55.44 -0.40 -10.65
CA LEU G 285 55.16 0.10 -9.31
C LEU G 285 55.91 -0.71 -8.27
N ALA G 286 56.31 -0.04 -7.23
CA ALA G 286 56.94 -0.70 -6.13
C ALA G 286 56.75 0.16 -4.93
N PHE G 287 56.83 -0.44 -3.78
CA PHE G 287 56.64 0.30 -2.57
C PHE G 287 57.93 0.31 -1.79
N GLU G 288 58.36 1.49 -1.35
CA GLU G 288 59.55 1.57 -0.58
C GLU G 288 59.12 1.61 0.84
N GLY G 289 59.64 0.71 1.64
CA GLY G 289 59.22 0.60 3.00
C GLY G 289 58.63 -0.75 3.22
N ILE G 290 58.11 -1.38 2.19
CA ILE G 290 57.65 -2.72 2.40
C ILE G 290 58.46 -3.66 1.56
N GLU G 291 58.77 -4.80 2.13
CA GLU G 291 59.46 -5.82 1.39
C GLU G 291 58.70 -6.50 0.28
N ASP G 292 57.43 -6.82 0.51
CA ASP G 292 56.68 -7.59 -0.47
C ASP G 292 55.26 -7.16 -0.58
N PHE G 293 54.63 -7.41 -1.72
CA PHE G 293 53.20 -7.17 -1.83
C PHE G 293 52.46 -8.33 -2.44
N MET G 294 51.15 -8.26 -2.53
CA MET G 294 50.39 -9.43 -2.93
C MET G 294 49.43 -9.06 -4.04
N LEU G 295 49.55 -9.66 -5.21
CA LEU G 295 48.58 -9.43 -6.26
C LEU G 295 47.49 -10.42 -6.02
N ILE G 296 46.27 -9.95 -5.90
CA ILE G 296 45.15 -10.85 -5.75
C ILE G 296 44.21 -10.74 -6.92
N GLY G 297 44.39 -9.74 -7.72
CA GLY G 297 43.48 -9.51 -8.80
C GLY G 297 43.89 -8.76 -10.02
N THR G 298 43.21 -9.01 -11.10
CA THR G 298 43.54 -8.41 -12.37
C THR G 298 42.37 -7.65 -12.93
N ASP G 299 42.44 -7.29 -14.20
CA ASP G 299 41.39 -6.51 -14.83
C ASP G 299 40.07 -7.20 -14.73
N GLY G 300 40.05 -8.50 -14.87
CA GLY G 300 38.83 -9.26 -14.83
C GLY G 300 38.48 -9.90 -13.52
N GLY G 301 39.20 -9.57 -12.49
CA GLY G 301 38.83 -10.08 -11.22
C GLY G 301 39.90 -10.70 -10.40
N LEU G 302 39.51 -11.47 -9.42
CA LEU G 302 40.45 -12.16 -8.58
C LEU G 302 41.20 -13.27 -9.24
N LEU G 303 42.44 -13.47 -8.87
CA LEU G 303 43.20 -14.57 -9.36
C LEU G 303 42.79 -15.76 -8.57
N GLU G 304 43.20 -16.94 -8.98
CA GLU G 304 42.90 -18.09 -8.17
C GLU G 304 43.56 -18.04 -6.83
N GLU G 305 44.79 -17.58 -6.80
CA GLU G 305 45.55 -17.55 -5.59
C GLU G 305 46.33 -16.28 -5.54
N PRO G 306 46.74 -15.88 -4.35
CA PRO G 306 47.58 -14.71 -4.30
C PRO G 306 48.98 -14.94 -4.81
N ILE G 307 49.63 -13.89 -5.27
CA ILE G 307 50.96 -14.02 -5.80
C ILE G 307 51.86 -12.93 -5.22
N ILE G 308 52.89 -13.31 -4.47
CA ILE G 308 53.82 -12.34 -3.88
C ILE G 308 54.70 -11.76 -4.97
N VAL G 309 54.83 -10.44 -4.99
CA VAL G 309 55.71 -9.76 -5.93
C VAL G 309 56.42 -8.63 -5.20
N LYS G 310 57.54 -8.20 -5.78
CA LYS G 310 58.26 -7.04 -5.26
C LYS G 310 58.04 -5.78 -6.08
N ASP G 311 57.71 -5.93 -7.36
CA ASP G 311 57.24 -4.83 -8.20
C ASP G 311 56.13 -5.38 -9.09
N ILE G 312 55.45 -4.50 -9.81
CA ILE G 312 54.38 -4.95 -10.70
C ILE G 312 54.27 -3.99 -11.88
N LEU G 313 54.05 -4.53 -13.07
CA LEU G 313 53.87 -3.71 -14.27
C LEU G 313 52.39 -3.41 -14.48
N ILE G 314 52.09 -2.17 -14.87
CA ILE G 314 50.72 -1.77 -15.15
C ILE G 314 50.70 -0.76 -16.29
N ALA G 315 50.11 -1.16 -17.42
CA ALA G 315 49.99 -0.30 -18.59
C ALA G 315 48.69 0.51 -18.52
N VAL G 316 48.54 1.43 -19.46
CA VAL G 316 47.34 2.24 -19.52
C VAL G 316 46.13 1.33 -19.74
N ALA G 317 45.07 1.54 -18.95
CA ALA G 317 43.78 0.87 -18.94
C ALA G 317 43.81 -0.44 -18.17
N GLU G 318 44.93 -0.77 -17.59
CA GLU G 318 45.01 -1.98 -16.83
C GLU G 318 44.75 -1.78 -15.38
N ARG G 319 44.28 -2.83 -14.74
CA ARG G 319 43.96 -2.74 -13.35
C ARG G 319 44.55 -3.83 -12.52
N ILE G 320 45.03 -3.47 -11.33
CA ILE G 320 45.56 -4.43 -10.41
C ILE G 320 44.89 -4.32 -9.05
N ASP G 321 44.72 -5.43 -8.35
CA ASP G 321 44.09 -5.52 -7.06
C ASP G 321 45.14 -6.12 -6.14
N ILE G 322 45.73 -5.29 -5.27
CA ILE G 322 46.86 -5.72 -4.46
C ILE G 322 46.54 -5.55 -2.97
N ILE G 323 47.31 -6.26 -2.15
CA ILE G 323 47.25 -6.21 -0.69
C ILE G 323 48.63 -5.76 -0.21
N VAL G 324 48.65 -4.72 0.63
CA VAL G 324 49.90 -4.32 1.28
C VAL G 324 49.69 -4.45 2.78
N ASP G 325 50.80 -4.63 3.51
CA ASP G 325 50.76 -4.88 4.95
C ASP G 325 51.71 -3.95 5.67
N PHE G 326 51.17 -3.04 6.47
CA PHE G 326 51.96 -2.06 7.18
C PHE G 326 52.24 -2.45 8.64
N LYS G 327 52.09 -3.74 8.98
CA LYS G 327 52.10 -4.13 10.40
C LYS G 327 53.44 -3.86 11.05
N ASP G 328 54.54 -4.14 10.34
CA ASP G 328 55.86 -3.86 10.87
C ASP G 328 56.22 -2.39 10.86
N LYS G 329 55.34 -1.54 10.35
CA LYS G 329 55.62 -0.12 10.35
C LYS G 329 55.21 0.50 11.68
N LYS G 330 55.89 1.57 12.05
CA LYS G 330 55.59 2.30 13.26
C LYS G 330 55.16 3.71 12.92
N VAL G 331 54.45 4.34 13.88
CA VAL G 331 53.99 5.71 13.70
C VAL G 331 55.18 6.62 13.46
N GLY G 332 55.01 7.59 12.56
CA GLY G 332 56.09 8.44 12.10
C GLY G 332 56.79 7.95 10.85
N GLU G 333 56.70 6.65 10.55
CA GLU G 333 57.33 6.11 9.36
C GLU G 333 56.43 6.29 8.15
N SER G 334 56.92 5.87 6.99
CA SER G 334 56.25 6.13 5.73
C SER G 334 56.60 5.04 4.72
N VAL G 335 55.65 4.74 3.86
CA VAL G 335 55.88 3.87 2.71
C VAL G 335 55.58 4.67 1.47
N THR G 336 56.49 4.64 0.51
CA THR G 336 56.41 5.47 -0.69
C THR G 336 56.14 4.60 -1.92
N LEU G 337 54.99 4.80 -2.54
CA LEU G 337 54.68 4.17 -3.81
C LEU G 337 55.34 4.95 -4.94
N LYS G 338 56.02 4.22 -5.83
CA LYS G 338 56.84 4.84 -6.85
C LYS G 338 56.87 3.95 -8.08
N THR G 339 57.35 4.52 -9.19
CA THR G 339 57.65 3.72 -10.38
C THR G 339 59.15 3.64 -10.56
N LEU G 340 59.64 2.43 -10.83
CA LEU G 340 61.05 2.18 -11.08
C LEU G 340 61.43 2.36 -12.55
N GLY G 341 60.54 2.92 -13.36
CA GLY G 341 60.86 3.10 -14.76
C GLY G 341 60.87 1.81 -15.53
N PHE G 342 60.76 1.92 -16.86
CA PHE G 342 60.64 0.74 -17.70
C PHE G 342 61.03 1.14 -19.12
N LYS G 343 62.36 1.18 -19.40
CA LYS G 343 62.86 1.63 -20.71
C LYS G 343 62.18 0.89 -21.86
N GLU G 344 62.17 -0.42 -21.74
CA GLU G 344 61.70 -1.26 -22.80
C GLU G 344 60.37 -1.01 -23.42
N ALA G 345 59.56 -0.22 -22.76
CA ALA G 345 58.28 0.12 -23.32
C ALA G 345 58.35 0.95 -24.58
N ASN G 346 59.25 1.90 -24.64
CA ASN G 346 59.35 2.77 -25.80
C ASN G 346 60.72 2.70 -26.38
N ASN G 347 60.80 2.44 -27.67
CA ASN G 347 62.08 2.44 -28.33
C ASN G 347 62.25 3.64 -29.24
N PHE G 348 61.39 4.64 -29.15
CA PHE G 348 61.57 5.87 -29.91
C PHE G 348 61.45 7.22 -29.24
N VAL G 349 61.61 8.29 -29.98
CA VAL G 349 61.63 9.63 -29.39
C VAL G 349 60.39 10.12 -28.64
N THR G 350 60.62 10.78 -27.51
CA THR G 350 59.52 11.29 -26.72
C THR G 350 59.90 12.71 -26.40
N ASN G 351 58.94 13.55 -26.03
CA ASN G 351 59.21 14.95 -25.76
C ASN G 351 60.26 15.00 -24.72
N PRO G 352 61.31 15.76 -24.99
CA PRO G 352 62.43 15.82 -24.06
C PRO G 352 62.23 16.59 -22.77
N ALA G 353 61.19 17.39 -22.67
CA ALA G 353 60.99 18.20 -21.49
C ALA G 353 60.36 17.39 -20.40
N TYR G 354 59.75 16.29 -20.77
CA TYR G 354 59.09 15.47 -19.80
C TYR G 354 59.76 14.13 -19.77
N PRO G 355 59.76 13.47 -18.63
CA PRO G 355 60.48 12.22 -18.48
C PRO G 355 60.12 11.04 -19.36
N ASP G 356 61.10 10.20 -19.66
CA ASP G 356 60.90 9.02 -20.50
C ASP G 356 60.40 7.78 -19.79
N SER G 357 60.12 6.74 -20.54
CA SER G 357 59.66 5.51 -19.96
C SER G 357 60.55 4.94 -18.88
N GLY G 358 61.85 5.12 -19.00
CA GLY G 358 62.75 4.64 -17.99
C GLY G 358 62.78 5.46 -16.72
N ALA G 359 62.01 6.54 -16.62
CA ALA G 359 62.17 7.47 -15.52
C ALA G 359 61.69 6.88 -14.20
N LYS G 360 62.49 7.10 -13.16
CA LYS G 360 62.13 6.83 -11.78
C LYS G 360 61.23 7.96 -11.31
N MET G 361 60.06 7.62 -10.77
CA MET G 361 59.17 8.66 -10.27
C MET G 361 58.50 8.23 -8.98
N ASP G 362 58.56 9.10 -7.97
CA ASP G 362 57.71 8.94 -6.81
C ASP G 362 56.27 9.25 -7.18
N ILE G 363 55.34 8.55 -6.53
CA ILE G 363 53.93 8.64 -6.86
C ILE G 363 53.14 9.13 -5.65
N MET G 364 53.23 8.43 -4.52
CA MET G 364 52.52 8.92 -3.35
C MET G 364 53.16 8.33 -2.10
N ARG G 365 52.64 8.75 -0.95
CA ARG G 365 53.20 8.27 0.31
C ARG G 365 52.10 7.94 1.31
N PHE G 366 52.19 6.75 1.88
CA PHE G 366 51.34 6.32 2.97
C PHE G 366 52.06 6.65 4.28
N LYS G 367 51.45 7.52 5.09
CA LYS G 367 52.04 7.93 6.37
C LYS G 367 51.40 7.11 7.47
N VAL G 368 52.22 6.39 8.26
CA VAL G 368 51.67 5.50 9.28
C VAL G 368 51.40 6.36 10.51
N THR G 369 50.12 6.54 10.85
CA THR G 369 49.77 7.45 11.94
C THR G 369 49.09 6.79 13.15
N GLU G 370 48.59 5.57 13.01
CA GLU G 370 47.99 4.88 14.14
C GLU G 370 48.46 3.44 14.19
N LEU G 371 48.40 2.88 15.38
CA LEU G 371 48.52 1.45 15.54
C LEU G 371 47.12 0.88 15.42
N SER G 372 47.02 -0.38 14.99
CA SER G 372 45.70 -1.00 14.93
C SER G 372 45.79 -2.46 15.36
N THR G 373 44.69 -2.93 15.93
CA THR G 373 44.52 -4.32 16.33
C THR G 373 43.90 -5.19 15.23
N GLN G 374 43.48 -4.57 14.13
CA GLN G 374 42.81 -5.27 13.04
C GLN G 374 43.74 -6.31 12.43
N ASN G 375 43.30 -7.58 12.47
CA ASN G 375 44.02 -8.72 11.92
C ASN G 375 43.15 -9.38 10.86
N SER G 376 43.61 -9.35 9.61
CA SER G 376 42.92 -9.98 8.49
C SER G 376 43.86 -10.97 7.84
N GLN G 377 43.35 -12.18 7.55
CA GLN G 377 44.12 -13.18 6.81
C GLN G 377 43.63 -13.23 5.37
N ILE G 378 44.57 -13.08 4.43
CA ILE G 378 44.24 -13.15 3.01
C ILE G 378 44.06 -14.60 2.59
N PRO G 379 42.82 -15.06 2.34
CA PRO G 379 42.59 -16.49 2.10
C PRO G 379 43.41 -16.97 0.91
N LYS G 380 43.66 -18.28 0.87
CA LYS G 380 44.56 -18.76 -0.17
C LYS G 380 43.83 -19.15 -1.45
N LYS G 381 42.61 -19.68 -1.35
CA LYS G 381 41.76 -19.85 -2.52
C LYS G 381 40.83 -18.63 -2.61
N LEU G 382 41.08 -17.77 -3.60
CA LEU G 382 40.27 -16.58 -3.84
C LEU G 382 39.12 -16.84 -4.79
N SER G 383 39.39 -17.59 -5.86
CA SER G 383 38.39 -17.87 -6.87
C SER G 383 38.87 -19.07 -7.66
N THR G 384 38.01 -19.54 -8.56
CA THR G 384 38.34 -20.60 -9.52
C THR G 384 38.22 -20.05 -10.94
N ILE G 385 39.29 -20.20 -11.72
CA ILE G 385 39.32 -19.73 -13.09
C ILE G 385 39.57 -20.93 -13.99
N ALA G 386 38.55 -21.33 -14.75
CA ALA G 386 38.68 -22.42 -15.71
C ALA G 386 39.58 -21.97 -16.86
N LYS G 387 40.83 -22.47 -16.88
CA LYS G 387 41.81 -22.07 -17.89
C LYS G 387 41.50 -22.73 -19.22
N MET G 388 41.32 -21.92 -20.25
CA MET G 388 40.92 -22.42 -21.56
C MET G 388 42.11 -23.05 -22.26
N LYS G 389 41.86 -24.16 -22.98
CA LYS G 389 42.91 -24.83 -23.75
C LYS G 389 42.93 -24.30 -25.17
N ALA G 390 44.11 -24.29 -25.78
CA ALA G 390 44.21 -23.89 -27.17
C ALA G 390 43.34 -24.75 -28.07
N SER G 391 43.10 -26.01 -27.71
CA SER G 391 42.25 -26.88 -28.51
C SER G 391 40.78 -26.50 -28.44
N ASP G 392 40.34 -25.77 -27.38
CA ASP G 392 38.97 -25.30 -27.29
C ASP G 392 38.65 -24.24 -28.33
N ALA G 393 39.68 -23.63 -28.92
CA ALA G 393 39.44 -22.68 -29.99
C ALA G 393 39.03 -23.41 -31.26
N SER G 394 38.24 -22.73 -32.09
CA SER G 394 37.91 -23.22 -33.41
C SER G 394 38.54 -22.42 -34.54
N LYS G 395 39.12 -21.26 -34.24
CA LYS G 395 39.83 -20.46 -35.23
C LYS G 395 40.99 -19.74 -34.54
N SER G 396 41.95 -19.33 -35.34
CA SER G 396 42.95 -18.35 -34.95
C SER G 396 42.95 -17.22 -35.98
N ARG G 397 43.42 -16.05 -35.57
CA ARG G 397 43.71 -15.01 -36.53
C ARG G 397 44.76 -14.09 -35.95
N THR G 398 45.21 -13.14 -36.75
CA THR G 398 46.38 -12.35 -36.43
C THR G 398 46.09 -10.87 -36.61
N ILE G 399 46.31 -10.10 -35.54
CA ILE G 399 46.26 -8.64 -35.57
C ILE G 399 47.69 -8.16 -35.42
N THR G 400 48.11 -7.27 -36.30
CA THR G 400 49.44 -6.68 -36.24
C THR G 400 49.31 -5.23 -35.81
N MET G 401 50.23 -4.78 -34.96
CA MET G 401 50.22 -3.42 -34.49
C MET G 401 51.44 -2.72 -35.05
N GLU G 402 51.25 -1.60 -35.72
CA GLU G 402 52.34 -0.93 -36.37
C GLU G 402 52.10 0.53 -36.58
N ILE G 403 53.09 1.23 -37.11
CA ILE G 403 52.90 2.62 -37.47
C ILE G 403 53.10 2.69 -38.97
N ILE G 404 52.30 3.50 -39.63
CA ILE G 404 52.37 3.60 -41.05
C ILE G 404 52.69 5.03 -41.40
N GLU G 405 52.64 5.36 -42.67
CA GLU G 405 52.98 6.70 -43.13
C GLU G 405 52.14 7.80 -42.58
N GLY G 406 52.79 8.91 -42.26
CA GLY G 406 52.10 10.04 -41.71
C GLY G 406 52.08 9.99 -40.22
N GLY G 407 52.69 8.96 -39.67
CA GLY G 407 52.69 8.80 -38.24
C GLY G 407 51.38 8.26 -37.75
N VAL G 408 50.74 7.41 -38.52
CA VAL G 408 49.45 6.90 -38.14
C VAL G 408 49.57 5.50 -37.62
N TRP G 409 49.15 5.29 -36.40
CA TRP G 409 49.22 4.00 -35.82
C TRP G 409 48.05 3.24 -36.28
N THR G 410 48.22 1.96 -36.58
CA THR G 410 47.18 1.13 -37.14
C THR G 410 47.27 -0.28 -36.57
N LEU G 411 46.21 -1.01 -36.87
CA LEU G 411 46.13 -2.46 -36.69
C LEU G 411 45.86 -3.06 -38.05
N ASN G 412 46.69 -4.03 -38.46
CA ASN G 412 46.61 -4.66 -39.79
C ASN G 412 46.73 -3.64 -40.93
N LYS G 413 47.54 -2.58 -40.73
CA LYS G 413 47.89 -1.55 -41.71
C LYS G 413 46.70 -0.74 -42.21
N LYS G 414 45.55 -0.89 -41.58
CA LYS G 414 44.37 -0.14 -42.02
C LYS G 414 43.90 0.76 -40.88
N PRO G 415 43.93 2.08 -41.06
CA PRO G 415 43.42 2.97 -40.03
C PRO G 415 41.93 2.78 -39.80
N TYR G 416 41.44 3.31 -38.69
CA TYR G 416 40.08 3.04 -38.22
C TYR G 416 39.06 3.66 -39.16
N ASP G 417 38.24 2.82 -39.79
CA ASP G 417 36.98 3.24 -40.42
C ASP G 417 35.85 2.88 -39.46
N MET G 418 35.09 3.90 -39.02
CA MET G 418 34.19 3.73 -37.88
C MET G 418 33.05 2.76 -38.15
N HIS G 419 32.74 2.46 -39.41
CA HIS G 419 31.61 1.60 -39.69
C HIS G 419 31.93 0.29 -40.41
N ARG G 420 33.15 0.10 -40.95
CA ARG G 420 33.47 -1.15 -41.64
C ARG G 420 33.90 -2.23 -40.65
N VAL G 421 33.53 -3.47 -40.96
CA VAL G 421 33.80 -4.62 -40.13
C VAL G 421 35.15 -5.21 -40.50
N ASP G 422 36.06 -5.29 -39.54
CA ASP G 422 37.36 -5.92 -39.77
C ASP G 422 37.40 -7.40 -39.40
N GLU G 423 36.57 -7.87 -38.48
CA GLU G 423 36.58 -9.30 -38.18
C GLU G 423 35.13 -9.76 -37.97
N LYS G 424 34.65 -10.72 -38.75
CA LYS G 424 33.50 -11.51 -38.36
C LYS G 424 33.84 -12.71 -37.49
N VAL G 425 33.04 -12.85 -36.44
CA VAL G 425 33.17 -13.86 -35.41
C VAL G 425 31.79 -14.43 -35.11
N LYS G 426 31.71 -15.74 -34.89
CA LYS G 426 30.41 -16.33 -34.52
C LYS G 426 30.21 -16.23 -33.00
N LEU G 427 29.00 -15.84 -32.62
CA LEU G 427 28.62 -15.77 -31.22
C LEU G 427 28.63 -17.17 -30.58
N GLY G 428 29.26 -17.29 -29.41
CA GLY G 428 29.39 -18.54 -28.69
C GLY G 428 30.70 -19.27 -28.90
N SER G 429 31.51 -18.85 -29.86
CA SER G 429 32.73 -19.56 -30.17
C SER G 429 33.90 -19.05 -29.35
N THR G 430 34.95 -19.86 -29.29
CA THR G 430 36.23 -19.50 -28.71
C THR G 430 37.26 -19.39 -29.83
N GLU G 431 38.19 -18.43 -29.70
CA GLU G 431 39.17 -18.18 -30.73
C GLU G 431 40.51 -17.79 -30.11
N ILE G 432 41.56 -17.87 -30.91
CA ILE G 432 42.87 -17.40 -30.49
C ILE G 432 43.22 -16.19 -31.35
N TRP G 433 43.47 -15.06 -30.72
CA TRP G 433 43.94 -13.87 -31.40
C TRP G 433 45.41 -13.72 -31.07
N GLU G 434 46.23 -13.57 -32.13
CA GLU G 434 47.67 -13.40 -32.03
C GLU G 434 47.98 -11.95 -32.37
N ILE G 435 48.42 -11.21 -31.37
CA ILE G 435 48.74 -9.81 -31.48
C ILE G 435 50.25 -9.72 -31.68
N LYS G 436 50.67 -9.31 -32.85
CA LYS G 436 52.08 -9.15 -33.13
C LYS G 436 52.46 -7.70 -33.17
N ASN G 437 53.58 -7.35 -32.58
CA ASN G 437 53.96 -5.96 -32.49
C ASN G 437 55.21 -5.57 -33.21
N SER G 438 55.30 -4.31 -33.60
CA SER G 438 56.48 -3.81 -34.25
C SER G 438 57.53 -3.42 -33.26
N ALA G 439 58.64 -2.90 -33.75
CA ALA G 439 59.74 -2.45 -32.91
C ALA G 439 59.58 -1.25 -32.06
N HIS G 440 58.79 -0.29 -32.50
CA HIS G 440 58.70 0.97 -31.82
C HIS G 440 58.24 1.06 -30.44
N MET G 441 57.14 0.42 -30.12
CA MET G 441 56.57 0.62 -28.82
C MET G 441 55.74 -0.50 -28.31
N ALA G 442 55.58 -0.54 -27.01
CA ALA G 442 54.72 -1.51 -26.42
C ALA G 442 53.32 -1.00 -26.53
N HIS G 443 52.34 -1.88 -26.52
CA HIS G 443 50.99 -1.44 -26.76
C HIS G 443 50.04 -2.21 -25.83
N PRO G 444 49.19 -1.51 -25.06
CA PRO G 444 48.13 -2.22 -24.33
C PRO G 444 46.94 -2.47 -25.24
N PHE G 445 46.77 -3.74 -25.63
CA PHE G 445 45.70 -4.14 -26.54
C PHE G 445 44.45 -4.44 -25.72
N HIS G 446 43.31 -3.94 -26.20
CA HIS G 446 42.06 -4.04 -25.46
C HIS G 446 40.91 -4.39 -26.40
N MET G 447 40.03 -5.27 -25.93
CA MET G 447 38.82 -5.63 -26.64
C MET G 447 37.57 -5.21 -25.83
N HIS G 448 36.57 -4.70 -26.54
CA HIS G 448 35.26 -4.52 -25.96
C HIS G 448 34.51 -5.86 -26.00
N GLY G 449 33.39 -5.92 -25.29
CA GLY G 449 32.52 -7.08 -25.40
C GLY G 449 33.02 -8.38 -24.81
N VAL G 450 34.28 -8.47 -24.37
CA VAL G 450 34.84 -9.77 -23.98
C VAL G 450 35.86 -9.62 -22.86
N HIS G 451 36.04 -10.71 -22.13
CA HIS G 451 37.23 -10.97 -21.34
C HIS G 451 38.01 -12.12 -21.99
N PHE G 452 39.32 -12.13 -21.80
CA PHE G 452 40.14 -13.16 -22.43
C PHE G 452 41.23 -13.65 -21.47
N GLN G 453 41.86 -14.76 -21.85
CA GLN G 453 42.99 -15.32 -21.13
C GLN G 453 44.24 -15.22 -21.99
N VAL G 454 45.39 -15.18 -21.32
CA VAL G 454 46.67 -15.15 -22.01
C VAL G 454 47.18 -16.59 -22.10
N LEU G 455 47.15 -17.14 -23.33
CA LEU G 455 47.85 -18.40 -23.65
C LEU G 455 49.36 -18.25 -23.54
N GLU G 456 49.94 -17.31 -24.26
CA GLU G 456 51.38 -17.25 -24.16
C GLU G 456 51.89 -15.97 -24.78
N ARG G 457 53.09 -15.59 -24.36
CA ARG G 457 53.79 -14.43 -24.89
C ARG G 457 55.21 -14.82 -25.29
N THR G 458 55.74 -14.16 -26.32
CA THR G 458 57.06 -14.50 -26.81
C THR G 458 58.18 -13.71 -26.13
N SER G 459 57.86 -12.58 -25.48
CA SER G 459 58.89 -11.87 -24.73
C SER G 459 59.12 -12.57 -23.39
N SER G 460 60.08 -12.05 -22.65
CA SER G 460 60.62 -12.74 -21.49
C SER G 460 60.37 -12.03 -20.18
N ILE G 461 59.78 -10.83 -20.20
CA ILE G 461 59.46 -10.16 -18.95
C ILE G 461 58.41 -10.99 -18.21
N ASP G 462 58.58 -11.11 -16.89
CA ASP G 462 57.56 -11.79 -16.10
C ASP G 462 56.33 -10.90 -15.92
N PHE G 463 55.16 -11.44 -16.33
CA PHE G 463 53.87 -10.76 -16.24
C PHE G 463 52.96 -11.61 -15.37
N PRO G 464 52.99 -11.44 -14.06
CA PRO G 464 52.10 -12.28 -13.22
C PRO G 464 50.62 -12.04 -13.50
N THR G 465 50.26 -10.84 -13.97
CA THR G 465 48.87 -10.55 -14.34
C THR G 465 48.35 -11.45 -15.46
N ASP G 466 49.25 -12.13 -16.20
CA ASP G 466 48.84 -13.10 -17.22
C ASP G 466 47.99 -14.21 -16.63
N LYS G 467 48.18 -14.50 -15.32
CA LYS G 467 47.53 -15.56 -14.55
C LYS G 467 46.06 -15.25 -14.23
N GLY G 468 45.43 -14.21 -14.77
CA GLY G 468 44.05 -13.91 -14.44
C GLY G 468 43.30 -13.41 -15.65
N TRP G 469 41.98 -13.28 -15.48
CA TRP G 469 41.16 -12.73 -16.53
C TRP G 469 41.64 -11.33 -16.87
N LYS G 470 41.57 -10.99 -18.16
CA LYS G 470 42.07 -9.72 -18.64
C LYS G 470 41.09 -9.19 -19.66
N ASP G 471 41.15 -7.88 -19.87
CA ASP G 471 40.59 -7.29 -21.07
C ASP G 471 41.58 -6.40 -21.77
N THR G 472 42.74 -6.15 -21.17
CA THR G 472 43.81 -5.33 -21.74
C THR G 472 45.14 -5.98 -21.40
N VAL G 473 45.98 -6.17 -22.41
CA VAL G 473 47.22 -6.92 -22.27
C VAL G 473 48.34 -6.18 -23.00
N LEU G 474 49.49 -6.05 -22.33
CA LEU G 474 50.59 -5.26 -22.87
C LEU G 474 51.46 -6.13 -23.80
N VAL G 475 51.57 -5.70 -25.05
CA VAL G 475 52.39 -6.41 -26.04
C VAL G 475 53.67 -5.61 -26.21
N MET G 476 54.80 -6.21 -25.83
CA MET G 476 56.10 -5.55 -25.96
C MET G 476 56.53 -5.46 -27.44
N PRO G 477 57.50 -4.60 -27.75
CA PRO G 477 58.04 -4.58 -29.12
C PRO G 477 58.62 -5.91 -29.58
N LEU G 478 58.51 -6.16 -30.88
CA LEU G 478 58.78 -7.45 -31.52
C LEU G 478 58.09 -8.63 -30.87
N GLU G 479 57.15 -8.37 -29.98
CA GLU G 479 56.55 -9.48 -29.26
C GLU G 479 55.27 -9.96 -29.95
N SER G 480 54.94 -11.21 -29.71
CA SER G 480 53.65 -11.78 -30.01
C SER G 480 53.03 -12.19 -28.68
N VAL G 481 51.92 -11.59 -28.37
CA VAL G 481 51.03 -12.08 -27.33
C VAL G 481 49.90 -12.79 -28.07
N ARG G 482 49.54 -13.97 -27.58
CA ARG G 482 48.32 -14.64 -27.98
C ARG G 482 47.41 -15.14 -26.84
N ILE G 483 46.13 -14.80 -27.06
CA ILE G 483 45.06 -14.76 -26.08
C ILE G 483 43.90 -15.57 -26.63
N ILE G 484 43.21 -16.25 -25.74
CA ILE G 484 42.06 -17.05 -26.08
C ILE G 484 40.85 -16.28 -25.59
N VAL G 485 39.83 -16.19 -26.43
CA VAL G 485 38.70 -15.31 -26.14
C VAL G 485 37.41 -15.98 -26.62
N LYS G 486 36.42 -16.03 -25.75
CA LYS G 486 35.10 -16.50 -26.10
C LYS G 486 34.13 -15.33 -26.18
N PHE G 487 33.45 -15.20 -27.30
CA PHE G 487 32.58 -14.05 -27.60
C PHE G 487 31.17 -14.39 -27.17
N THR G 488 30.74 -13.89 -26.02
CA THR G 488 29.42 -14.19 -25.49
C THR G 488 28.36 -13.14 -25.81
N ILE G 489 28.74 -11.98 -26.34
CA ILE G 489 27.77 -10.94 -26.62
C ILE G 489 27.79 -10.62 -28.10
N PRO G 490 26.65 -10.69 -28.79
CA PRO G 490 26.59 -10.27 -30.20
C PRO G 490 26.78 -8.77 -30.32
N GLY G 491 27.11 -8.34 -31.53
CA GLY G 491 27.10 -6.92 -31.85
C GLY G 491 28.44 -6.42 -32.35
N LEU G 492 28.44 -5.14 -32.74
CA LEU G 492 29.64 -4.46 -33.21
C LEU G 492 30.43 -3.89 -32.04
N PHE G 493 31.67 -4.32 -31.91
CA PHE G 493 32.58 -3.86 -30.88
C PHE G 493 33.84 -3.34 -31.54
N VAL G 494 34.69 -2.68 -30.76
CA VAL G 494 35.98 -2.24 -31.26
C VAL G 494 37.09 -2.90 -30.46
N HIS G 495 38.25 -3.08 -31.10
CA HIS G 495 39.47 -3.41 -30.38
C HIS G 495 40.54 -2.40 -30.75
N HIS G 496 41.45 -2.13 -29.81
CA HIS G 496 42.41 -1.06 -30.08
C HIS G 496 43.55 -1.12 -29.07
N CYS G 497 44.62 -0.43 -29.41
CA CYS G 497 45.59 -0.05 -28.40
C CYS G 497 44.94 0.95 -27.46
N HIS G 498 45.34 0.93 -26.19
CA HIS G 498 44.66 1.83 -25.30
C HIS G 498 45.58 2.97 -24.86
N ILE G 499 46.82 3.04 -25.38
CA ILE G 499 47.59 4.28 -25.42
C ILE G 499 46.66 5.27 -26.10
N LEU G 500 46.29 6.32 -25.43
CA LEU G 500 45.27 7.20 -25.97
C LEU G 500 45.56 7.92 -27.26
N GLU G 501 46.79 8.35 -27.44
CA GLU G 501 47.13 9.10 -28.61
C GLU G 501 47.23 8.21 -29.83
N HIS G 502 47.61 6.95 -29.64
CA HIS G 502 47.59 6.02 -30.74
C HIS G 502 46.20 5.72 -31.15
N GLU G 503 45.31 5.57 -30.20
CA GLU G 503 43.94 5.25 -30.47
C GLU G 503 43.27 6.36 -31.21
N ASP G 504 43.60 7.57 -30.83
CA ASP G 504 43.06 8.70 -31.52
C ASP G 504 43.52 8.78 -32.94
N HIS G 505 44.77 8.43 -33.21
CA HIS G 505 45.22 8.36 -34.58
C HIS G 505 45.01 7.01 -35.15
N SER G 506 43.81 6.51 -35.06
CA SER G 506 43.41 5.26 -35.66
C SER G 506 44.00 3.91 -35.36
N MET G 507 44.56 3.70 -34.19
CA MET G 507 45.01 2.37 -33.90
C MET G 507 43.82 1.68 -33.34
N MET G 508 42.82 1.44 -34.16
CA MET G 508 41.59 0.89 -33.69
C MET G 508 40.94 0.15 -34.80
N ALA G 509 40.04 -0.76 -34.46
CA ALA G 509 39.35 -1.56 -35.43
C ALA G 509 38.00 -2.03 -34.94
N ASN G 510 37.22 -2.71 -35.77
CA ASN G 510 35.93 -3.28 -35.40
C ASN G 510 35.88 -4.80 -35.59
N PHE G 511 35.30 -5.48 -34.60
CA PHE G 511 34.83 -6.83 -34.85
C PHE G 511 33.31 -6.90 -34.69
N LEU G 512 32.72 -7.89 -35.34
CA LEU G 512 31.28 -8.12 -35.34
C LEU G 512 31.00 -9.55 -34.90
N VAL G 513 30.30 -9.69 -33.78
CA VAL G 513 29.89 -10.99 -33.27
C VAL G 513 28.47 -11.27 -33.75
N GLU G 514 28.28 -12.41 -34.42
CA GLU G 514 27.02 -12.73 -35.06
C GLU G 514 26.75 -14.24 -35.11
N GLU H 69 -44.47 53.67 -24.94
CA GLU H 69 -45.10 52.52 -25.52
C GLU H 69 -44.94 51.37 -24.57
N PRO H 70 -46.04 50.84 -24.07
CA PRO H 70 -45.89 49.78 -23.08
C PRO H 70 -45.38 48.49 -23.65
N PHE H 71 -44.52 47.80 -22.91
CA PHE H 71 -44.03 46.49 -23.33
C PHE H 71 -43.34 46.42 -24.67
N THR H 72 -42.52 47.42 -24.98
CA THR H 72 -41.78 47.39 -26.23
C THR H 72 -40.30 47.17 -25.99
N GLN H 73 -39.83 47.40 -24.77
CA GLN H 73 -38.41 47.26 -24.48
C GLN H 73 -38.23 45.94 -23.75
N LYS H 74 -37.23 45.18 -24.16
CA LYS H 74 -37.03 43.87 -23.56
C LYS H 74 -36.48 44.01 -22.17
N LEU H 75 -36.86 43.07 -21.33
CA LEU H 75 -36.43 43.10 -19.93
C LEU H 75 -34.93 42.88 -19.81
N LYS H 76 -34.24 43.81 -19.15
CA LYS H 76 -32.82 43.66 -18.86
C LYS H 76 -32.59 42.57 -17.80
N ILE H 77 -31.51 41.79 -17.97
CA ILE H 77 -31.19 40.70 -17.05
C ILE H 77 -29.83 41.02 -16.42
N PRO H 78 -29.72 41.22 -15.11
CA PRO H 78 -28.41 41.55 -14.53
C PRO H 78 -27.38 40.47 -14.81
N LYS H 79 -26.16 40.91 -15.09
CA LYS H 79 -24.99 40.05 -14.99
C LYS H 79 -24.92 39.42 -13.61
N GLU H 80 -24.28 38.25 -13.50
CA GLU H 80 -24.15 37.56 -12.22
C GLU H 80 -22.71 37.64 -11.72
N ILE H 81 -22.54 38.00 -10.46
CA ILE H 81 -21.24 37.88 -9.79
C ILE H 81 -21.31 36.61 -8.96
N ASP H 82 -20.81 35.52 -9.54
CA ASP H 82 -20.94 34.20 -8.94
C ASP H 82 -19.66 33.87 -8.19
N PHE H 83 -19.78 33.56 -6.90
CA PHE H 83 -18.58 33.42 -6.09
C PHE H 83 -17.98 32.04 -6.18
N GLU H 84 -18.60 31.17 -6.93
CA GLU H 84 -17.94 29.95 -7.33
C GLU H 84 -17.07 30.19 -8.58
N HIS H 85 -17.21 31.37 -9.23
CA HIS H 85 -16.42 31.82 -10.38
C HIS H 85 -15.56 33.04 -10.11
N VAL H 86 -15.80 33.75 -9.01
CA VAL H 86 -15.09 34.96 -8.66
C VAL H 86 -14.68 34.83 -7.19
N ALA H 87 -13.40 35.05 -6.91
CA ALA H 87 -12.98 35.01 -5.51
C ALA H 87 -13.14 36.38 -4.83
N LYS H 88 -12.89 37.47 -5.55
CA LYS H 88 -12.99 38.82 -5.02
C LYS H 88 -13.65 39.69 -6.08
N ALA H 89 -14.72 40.41 -5.71
CA ALA H 89 -15.36 41.30 -6.69
C ALA H 89 -14.93 42.73 -6.44
N LYS H 90 -15.38 43.63 -7.30
CA LYS H 90 -14.95 45.02 -7.28
C LYS H 90 -16.13 45.93 -7.63
N PHE H 91 -16.54 46.75 -6.66
CA PHE H 91 -17.56 47.76 -6.88
C PHE H 91 -16.97 49.16 -6.80
N ASN H 92 -17.48 50.04 -7.65
CA ASN H 92 -17.16 51.47 -7.59
C ASN H 92 -18.46 52.26 -7.66
N ALA H 93 -18.75 53.06 -6.64
CA ALA H 93 -19.93 53.91 -6.69
C ALA H 93 -19.66 55.07 -7.64
N GLN H 94 -20.19 55.02 -8.86
CA GLN H 94 -19.87 56.09 -9.79
C GLN H 94 -21.12 56.59 -10.52
N LYS H 95 -20.99 57.78 -11.12
CA LYS H 95 -22.06 58.36 -11.89
C LYS H 95 -21.97 57.84 -13.29
N SER H 96 -23.11 57.67 -13.92
CA SER H 96 -23.14 57.10 -15.23
C SER H 96 -24.32 57.69 -15.95
N LEU H 97 -24.46 57.42 -17.23
CA LEU H 97 -25.59 57.90 -17.99
C LEU H 97 -26.31 56.76 -18.66
N SER H 98 -27.62 56.72 -18.57
CA SER H 98 -28.36 55.70 -19.31
C SER H 98 -29.73 56.07 -19.77
N ALA H 99 -30.18 55.39 -20.80
CA ALA H 99 -31.50 55.60 -21.31
C ALA H 99 -32.53 54.78 -20.63
N LEU H 100 -32.90 55.15 -19.42
CA LEU H 100 -33.96 54.47 -18.74
C LEU H 100 -35.25 54.76 -19.46
N TYR H 101 -35.45 56.01 -19.85
CA TYR H 101 -36.67 56.39 -20.51
C TYR H 101 -36.30 57.14 -21.75
N LYS H 102 -37.17 57.10 -22.75
CA LYS H 102 -36.88 57.73 -24.03
C LYS H 102 -35.55 57.22 -24.53
N GLU H 103 -34.71 58.10 -25.01
CA GLU H 103 -33.40 57.69 -25.41
C GLU H 103 -32.54 58.54 -24.60
N LYS H 104 -33.13 59.18 -23.61
CA LYS H 104 -32.35 60.12 -22.86
C LYS H 104 -31.46 59.49 -21.89
N LYS H 105 -30.20 59.86 -21.98
CA LYS H 105 -29.24 59.37 -21.07
C LYS H 105 -29.41 60.26 -19.90
N THR H 106 -29.86 59.69 -18.80
CA THR H 106 -30.10 60.44 -17.62
C THR H 106 -29.01 60.11 -16.70
N ASP H 107 -28.61 61.04 -15.87
CA ASP H 107 -27.59 60.75 -14.89
C ASP H 107 -28.06 59.73 -13.87
N ILE H 108 -27.26 58.68 -13.65
CA ILE H 108 -27.63 57.59 -12.76
C ILE H 108 -26.41 57.22 -11.99
N LEU H 109 -26.54 56.38 -11.00
CA LEU H 109 -25.39 55.90 -10.26
C LEU H 109 -25.32 54.38 -10.36
N THR H 110 -24.14 53.84 -10.64
CA THR H 110 -23.96 52.40 -10.80
C THR H 110 -22.79 51.92 -9.95
N PHE H 111 -22.76 50.60 -9.75
CA PHE H 111 -21.65 49.92 -9.10
C PHE H 111 -20.59 49.42 -10.07
N GLN H 112 -20.99 49.04 -11.31
CA GLN H 112 -20.02 48.54 -12.29
C GLN H 112 -20.19 49.17 -13.67
N GLY H 113 -20.76 50.36 -13.78
CA GLY H 113 -20.82 51.08 -15.03
C GLY H 113 -22.20 51.19 -15.64
N ASP H 114 -23.10 50.23 -15.36
CA ASP H 114 -24.43 50.29 -15.94
C ASP H 114 -25.47 49.70 -14.98
N LEU H 115 -26.76 49.82 -15.37
CA LEU H 115 -27.94 49.37 -14.66
C LEU H 115 -28.74 48.36 -15.48
N PRO H 116 -29.25 47.28 -14.87
CA PRO H 116 -29.25 46.98 -13.44
C PRO H 116 -27.87 46.59 -12.93
N ASN H 117 -27.62 46.77 -11.63
CA ASN H 117 -26.37 46.31 -11.06
C ASN H 117 -26.38 44.79 -10.96
N PRO H 118 -25.22 44.16 -10.80
CA PRO H 118 -25.18 42.70 -10.95
C PRO H 118 -25.83 41.98 -9.79
N THR H 119 -26.37 40.82 -10.08
CA THR H 119 -26.83 39.94 -9.02
C THR H 119 -25.64 39.22 -8.42
N ILE H 120 -25.44 39.37 -7.14
CA ILE H 120 -24.47 38.53 -6.46
C ILE H 120 -25.11 37.17 -6.20
N ARG H 121 -24.36 36.09 -6.42
CA ARG H 121 -24.87 34.73 -6.18
C ARG H 121 -23.80 33.92 -5.48
N ILE H 122 -24.18 33.24 -4.39
CA ILE H 122 -23.19 32.56 -3.55
C ILE H 122 -23.81 31.36 -2.83
N LYS H 123 -22.99 30.33 -2.60
CA LYS H 123 -23.35 29.19 -1.76
C LYS H 123 -23.19 29.55 -0.29
N ASN H 124 -24.10 29.05 0.55
CA ASN H 124 -23.83 29.09 1.98
C ASN H 124 -22.49 28.41 2.27
N GLY H 125 -21.71 29.04 3.14
CA GLY H 125 -20.42 28.52 3.47
C GLY H 125 -19.29 29.09 2.65
N ASP H 126 -19.58 29.62 1.46
CA ASP H 126 -18.49 30.16 0.66
C ASP H 126 -18.07 31.52 1.21
N ASP H 127 -16.89 31.98 0.82
CA ASP H 127 -16.34 33.23 1.32
C ASP H 127 -16.64 34.35 0.34
N PHE H 128 -17.31 35.40 0.83
CA PHE H 128 -17.61 36.60 0.06
C PHE H 128 -16.49 37.59 0.30
N GLU H 129 -15.85 38.03 -0.77
CA GLU H 129 -14.88 39.11 -0.74
C GLU H 129 -15.26 40.14 -1.79
N LEU H 130 -15.21 41.41 -1.41
CA LEU H 130 -15.59 42.46 -2.35
C LEU H 130 -14.94 43.77 -1.94
N ASP H 131 -14.30 44.43 -2.88
CA ASP H 131 -13.65 45.70 -2.62
C ASP H 131 -14.51 46.84 -3.17
N PHE H 132 -15.04 47.65 -2.26
CA PHE H 132 -15.92 48.77 -2.58
C PHE H 132 -15.11 50.06 -2.55
N THR H 133 -15.14 50.80 -3.66
CA THR H 133 -14.56 52.13 -3.75
C THR H 133 -15.68 53.14 -3.94
N ASN H 134 -15.59 54.26 -3.21
CA ASN H 134 -16.57 55.34 -3.31
C ASN H 134 -16.02 56.45 -4.18
N SER H 135 -16.57 56.61 -5.38
CA SER H 135 -16.14 57.65 -6.30
C SER H 135 -17.19 58.73 -6.46
N LEU H 136 -18.00 58.93 -5.41
CA LEU H 136 -19.03 59.94 -5.37
C LEU H 136 -18.61 61.10 -4.48
N GLU H 137 -19.37 62.19 -4.58
CA GLU H 137 -19.11 63.42 -3.84
C GLU H 137 -19.06 63.18 -2.32
N LYS H 138 -20.10 62.58 -1.76
CA LYS H 138 -20.26 62.49 -0.32
C LYS H 138 -20.05 61.06 0.18
N PRO H 139 -19.80 60.89 1.47
CA PRO H 139 -19.54 59.53 1.99
C PRO H 139 -20.73 58.61 1.78
N THR H 140 -20.45 57.30 1.84
CA THR H 140 -21.47 56.27 1.65
C THR H 140 -20.85 54.93 2.03
N ILE H 141 -21.67 53.87 1.97
CA ILE H 141 -21.31 52.54 2.41
C ILE H 141 -22.35 51.58 1.86
N ILE H 142 -21.98 50.31 1.72
CA ILE H 142 -22.89 49.29 1.22
C ILE H 142 -23.41 48.49 2.39
N HIS H 143 -24.70 48.17 2.36
CA HIS H 143 -25.35 47.31 3.33
C HIS H 143 -25.90 46.12 2.57
N TRP H 144 -25.53 44.93 3.04
CA TRP H 144 -26.01 43.67 2.47
C TRP H 144 -27.29 43.31 3.20
N HIS H 145 -28.42 43.71 2.59
CA HIS H 145 -29.73 43.61 3.18
C HIS H 145 -30.15 42.16 3.31
N GLY H 146 -30.35 41.74 4.56
CA GLY H 146 -30.72 40.39 4.91
C GLY H 146 -29.58 39.54 5.41
N LEU H 147 -28.35 40.01 5.32
CA LEU H 147 -27.23 39.13 5.61
C LEU H 147 -26.81 39.18 7.06
N LEU H 148 -26.29 38.06 7.52
CA LEU H 148 -25.92 37.81 8.91
C LEU H 148 -24.39 37.82 8.98
N VAL H 149 -23.83 39.01 9.14
CA VAL H 149 -22.39 39.25 9.03
C VAL H 149 -21.93 40.08 10.23
N PRO H 150 -20.64 40.04 10.54
CA PRO H 150 -20.10 40.87 11.61
C PRO H 150 -20.42 42.34 11.40
N GLU H 151 -20.51 43.07 12.53
CA GLU H 151 -20.85 44.49 12.51
C GLU H 151 -20.03 45.27 11.49
N ALA H 152 -18.71 45.05 11.48
CA ALA H 152 -17.87 45.84 10.60
C ALA H 152 -18.13 45.58 9.13
N MET H 153 -18.99 44.61 8.80
CA MET H 153 -19.34 44.31 7.42
C MET H 153 -20.78 44.68 7.10
N ASP H 154 -21.56 45.14 8.07
CA ASP H 154 -22.99 45.38 7.92
C ASP H 154 -23.30 46.70 7.25
N GLY H 155 -22.31 47.54 6.98
CA GLY H 155 -22.57 48.84 6.39
C GLY H 155 -23.42 49.77 7.23
N HIS H 156 -23.19 49.79 8.55
CA HIS H 156 -23.83 50.78 9.40
C HIS H 156 -23.54 52.19 8.86
N PRO H 157 -24.50 53.13 8.94
CA PRO H 157 -24.24 54.48 8.37
C PRO H 157 -23.07 55.20 9.01
N LYS H 158 -22.67 54.84 10.23
CA LYS H 158 -21.49 55.45 10.85
C LYS H 158 -20.19 55.02 10.16
N ASP H 159 -20.20 53.92 9.43
CA ASP H 159 -19.00 53.41 8.79
C ASP H 159 -18.85 53.90 7.35
N ALA H 160 -19.61 54.92 6.94
CA ALA H 160 -19.52 55.42 5.57
C ALA H 160 -18.11 55.92 5.29
N ILE H 161 -17.60 55.57 4.09
CA ILE H 161 -16.21 55.82 3.71
C ILE H 161 -16.14 57.04 2.81
N ALA H 162 -15.12 57.88 3.02
CA ALA H 162 -14.99 59.13 2.29
C ALA H 162 -14.79 58.87 0.81
N THR H 163 -14.75 59.95 0.03
CA THR H 163 -14.66 59.80 -1.41
C THR H 163 -13.24 59.35 -1.75
N GLN H 164 -13.13 58.50 -2.78
CA GLN H 164 -11.91 57.89 -3.32
C GLN H 164 -11.33 56.80 -2.43
N MET H 165 -11.87 56.52 -1.24
CA MET H 165 -11.28 55.49 -0.40
C MET H 165 -12.07 54.17 -0.50
N LEU H 166 -11.61 53.17 0.25
CA LEU H 166 -11.93 51.77 0.00
C LEU H 166 -12.34 51.01 1.26
N LYS H 167 -13.39 50.20 1.13
CA LYS H 167 -13.71 49.19 2.12
C LYS H 167 -13.54 47.78 1.56
N GLU H 168 -12.92 46.92 2.35
CA GLU H 168 -12.74 45.52 2.01
C GLU H 168 -13.80 44.71 2.79
N TYR H 169 -14.89 44.37 2.11
CA TYR H 169 -15.87 43.46 2.68
C TYR H 169 -15.35 42.03 2.62
N ARG H 170 -15.22 41.39 3.77
CA ARG H 170 -14.91 39.97 3.83
C ARG H 170 -15.86 39.32 4.83
N TYR H 171 -16.42 38.17 4.44
CA TYR H 171 -17.13 37.34 5.41
C TYR H 171 -17.49 35.99 4.82
N LYS H 172 -17.67 35.02 5.69
CA LYS H 172 -18.13 33.68 5.34
C LYS H 172 -19.63 33.60 5.52
N VAL H 173 -20.35 33.24 4.46
CA VAL H 173 -21.80 33.15 4.56
C VAL H 173 -22.17 32.01 5.50
N ASN H 174 -23.00 32.31 6.51
CA ASN H 174 -23.48 31.29 7.45
C ASN H 174 -24.97 31.52 7.70
N GLN H 175 -25.79 31.17 6.70
CA GLN H 175 -27.23 31.35 6.83
C GLN H 175 -27.90 30.55 5.73
N ARG H 176 -29.15 30.18 5.97
CA ARG H 176 -29.94 29.45 4.99
C ARG H 176 -30.06 30.24 3.67
N ALA H 177 -30.32 29.49 2.59
CA ALA H 177 -30.57 30.08 1.28
C ALA H 177 -31.72 31.08 1.34
N GLY H 178 -31.72 31.99 0.38
CA GLY H 178 -32.85 32.86 0.15
C GLY H 178 -32.50 34.04 -0.73
N THR H 179 -33.48 34.92 -0.87
CA THR H 179 -33.42 36.08 -1.76
C THR H 179 -33.13 37.35 -0.95
N PHE H 180 -31.96 37.94 -1.17
CA PHE H 180 -31.49 39.10 -0.41
C PHE H 180 -31.20 40.24 -1.37
N TRP H 181 -30.71 41.37 -0.85
CA TRP H 181 -30.32 42.40 -1.81
C TRP H 181 -29.32 43.32 -1.15
N TYR H 182 -28.92 44.36 -1.87
CA TYR H 182 -27.87 45.24 -1.38
C TYR H 182 -28.11 46.64 -1.88
N HIS H 183 -27.80 47.60 -1.01
CA HIS H 183 -27.92 49.00 -1.39
C HIS H 183 -26.94 49.79 -0.55
N THR H 184 -26.73 51.03 -0.94
CA THR H 184 -25.98 51.91 -0.05
C THR H 184 -26.87 52.36 1.12
N HIS H 185 -26.23 52.78 2.21
CA HIS H 185 -26.96 53.11 3.43
C HIS H 185 -26.43 54.38 4.08
N PRO H 186 -26.30 55.49 3.35
CA PRO H 186 -25.79 56.69 3.99
C PRO H 186 -26.93 57.36 4.74
N HIS H 187 -26.60 57.94 5.90
CA HIS H 187 -27.62 58.57 6.73
C HIS H 187 -28.20 59.79 6.03
N GLY H 188 -29.48 59.72 5.72
CA GLY H 188 -30.16 60.88 5.19
C GLY H 188 -30.13 60.98 3.69
N ARG H 189 -29.47 60.03 3.05
CA ARG H 189 -29.38 60.03 1.60
C ARG H 189 -29.61 58.68 0.97
N THR H 190 -30.11 57.72 1.74
CA THR H 190 -30.30 56.38 1.23
C THR H 190 -31.31 56.33 0.10
N GLY H 191 -32.39 57.05 0.23
CA GLY H 191 -33.38 57.07 -0.80
C GLY H 191 -32.90 57.60 -2.11
N GLU H 192 -32.09 58.62 -2.06
CA GLU H 192 -31.54 59.17 -3.27
C GLU H 192 -30.60 58.27 -4.03
N GLU H 193 -29.68 57.63 -3.33
CA GLU H 193 -28.74 56.77 -3.99
C GLU H 193 -29.42 55.58 -4.61
N ILE H 194 -30.37 55.02 -3.91
CA ILE H 194 -31.13 53.92 -4.47
C ILE H 194 -31.93 54.40 -5.66
N TYR H 195 -32.51 55.58 -5.57
CA TYR H 195 -33.36 56.09 -6.63
C TYR H 195 -32.59 56.22 -7.92
N TYR H 196 -31.38 56.67 -7.82
CA TYR H 196 -30.58 56.87 -8.99
C TYR H 196 -29.84 55.61 -9.38
N GLY H 197 -30.02 54.54 -8.65
CA GLY H 197 -29.45 53.28 -9.04
C GLY H 197 -28.65 52.38 -8.16
N LEU H 198 -28.25 52.81 -6.99
CA LEU H 198 -27.36 51.99 -6.21
C LEU H 198 -28.01 50.87 -5.42
N ALA H 199 -28.54 49.88 -6.12
CA ALA H 199 -29.12 48.71 -5.49
C ALA H 199 -29.08 47.48 -6.42
N GLY H 200 -29.12 46.28 -5.85
CA GLY H 200 -29.13 45.09 -6.66
C GLY H 200 -29.55 43.87 -5.89
N LEU H 201 -29.77 42.75 -6.56
CA LEU H 201 -30.12 41.49 -5.90
C LEU H 201 -28.96 40.63 -5.45
N TYR H 202 -29.20 39.81 -4.44
CA TYR H 202 -28.15 38.98 -3.85
C TYR H 202 -28.73 37.67 -3.33
N ILE H 203 -28.38 36.60 -4.04
CA ILE H 203 -29.02 35.30 -3.91
C ILE H 203 -28.06 34.38 -3.17
N ILE H 204 -28.54 33.78 -2.09
CA ILE H 204 -27.84 32.72 -1.39
C ILE H 204 -28.55 31.43 -1.73
N GLU H 205 -27.77 30.44 -2.12
CA GLU H 205 -28.33 29.15 -2.43
C GLU H 205 -27.76 28.10 -1.49
N ASP H 206 -28.49 27.01 -1.30
CA ASP H 206 -28.04 25.90 -0.49
C ASP H 206 -28.46 24.55 -0.98
N ASP H 207 -27.90 23.50 -0.39
CA ASP H 207 -28.15 22.14 -0.85
C ASP H 207 -29.59 21.70 -0.77
N ASN H 208 -30.31 22.09 0.26
CA ASN H 208 -31.72 21.76 0.38
C ASN H 208 -32.50 22.33 -0.76
N GLU H 209 -32.24 23.58 -1.09
CA GLU H 209 -32.90 24.23 -2.19
C GLU H 209 -32.55 23.62 -3.52
N LYS H 210 -31.30 23.25 -3.69
CA LYS H 210 -30.87 22.65 -4.93
C LYS H 210 -31.53 21.30 -5.15
N ALA H 211 -31.72 20.55 -4.09
CA ALA H 211 -32.39 19.26 -4.17
C ALA H 211 -33.81 19.39 -4.59
N LEU H 212 -34.42 20.51 -4.27
CA LEU H 212 -35.81 20.71 -4.58
C LEU H 212 -36.10 20.69 -6.06
N ASN H 213 -35.10 20.98 -6.90
CA ASN H 213 -35.31 21.05 -8.32
C ASN H 213 -36.38 22.01 -8.72
N LEU H 214 -36.25 23.22 -8.22
CA LEU H 214 -37.18 24.26 -8.57
C LEU H 214 -36.82 24.74 -9.96
N PRO H 215 -37.73 25.44 -10.64
CA PRO H 215 -37.31 25.88 -11.94
C PRO H 215 -36.06 26.67 -11.88
N SER H 216 -35.13 26.34 -12.73
CA SER H 216 -33.82 26.95 -12.66
C SER H 216 -33.38 27.40 -14.01
N GLY H 217 -32.22 28.02 -14.04
CA GLY H 217 -31.70 28.50 -15.28
C GLY H 217 -32.58 29.55 -15.85
N GLU H 218 -32.93 29.41 -17.10
CA GLU H 218 -33.68 30.45 -17.74
C GLU H 218 -35.02 30.56 -17.11
N PHE H 219 -35.35 29.59 -16.29
CA PHE H 219 -36.63 29.62 -15.60
C PHE H 219 -36.56 30.28 -14.23
N GLU H 220 -35.44 30.90 -13.88
CA GLU H 220 -35.33 31.73 -12.69
C GLU H 220 -34.93 33.13 -13.13
N LEU H 221 -35.79 34.11 -12.85
CA LEU H 221 -35.63 35.47 -13.33
C LEU H 221 -35.64 36.45 -12.16
N PRO H 222 -34.64 37.30 -12.04
CA PRO H 222 -34.71 38.37 -11.04
C PRO H 222 -35.63 39.47 -11.54
N LEU H 223 -36.46 40.00 -10.61
CA LEU H 223 -37.34 41.13 -10.91
C LEU H 223 -37.18 42.18 -9.81
N ILE H 224 -36.56 43.29 -10.14
CA ILE H 224 -36.40 44.43 -9.23
C ILE H 224 -37.41 45.49 -9.63
N ILE H 225 -38.44 45.68 -8.81
CA ILE H 225 -39.56 46.55 -9.14
C ILE H 225 -39.34 47.90 -8.47
N GLN H 226 -39.35 48.97 -9.26
CA GLN H 226 -39.12 50.31 -8.72
C GLN H 226 -39.91 51.31 -9.53
N ASP H 227 -40.70 52.14 -8.86
CA ASP H 227 -41.46 53.20 -9.52
C ASP H 227 -40.62 54.47 -9.56
N ARG H 228 -40.86 55.28 -10.59
CA ARG H 228 -40.04 56.41 -10.94
C ARG H 228 -40.91 57.48 -11.59
N ARG H 229 -40.48 58.73 -11.43
CA ARG H 229 -41.05 59.88 -12.12
C ARG H 229 -40.06 60.40 -13.15
N PHE H 230 -40.49 60.54 -14.41
CA PHE H 230 -39.63 61.07 -15.46
C PHE H 230 -40.17 62.34 -16.09
N ASP H 231 -39.31 63.25 -16.48
CA ASP H 231 -39.75 64.47 -17.15
C ASP H 231 -39.88 64.25 -18.64
N LYS H 232 -40.34 65.25 -19.35
CA LYS H 232 -40.58 65.09 -20.79
C LYS H 232 -39.33 64.76 -21.52
N GLU H 233 -38.23 65.33 -21.09
CA GLU H 233 -36.96 64.99 -21.67
C GLU H 233 -36.57 63.53 -21.44
N GLY H 234 -37.01 62.92 -20.34
CA GLY H 234 -36.65 61.55 -20.03
C GLY H 234 -35.76 61.48 -18.82
N ASP H 235 -35.44 62.63 -18.24
CA ASP H 235 -34.67 62.65 -17.02
C ASP H 235 -35.49 62.29 -15.77
N LEU H 236 -34.83 61.74 -14.77
CA LEU H 236 -35.50 61.36 -13.54
C LEU H 236 -35.85 62.53 -12.71
N ILE H 237 -36.98 62.47 -12.03
CA ILE H 237 -37.32 63.52 -11.08
C ILE H 237 -37.45 62.81 -9.78
N TYR H 238 -36.79 63.29 -8.75
CA TYR H 238 -36.96 62.70 -7.45
C TYR H 238 -37.97 63.48 -6.61
N LYS H 239 -37.53 64.17 -5.58
CA LYS H 239 -38.45 64.86 -4.70
C LYS H 239 -38.82 66.20 -5.28
N GLU H 240 -40.11 66.49 -5.40
CA GLU H 240 -40.56 67.79 -5.92
C GLU H 240 -41.40 68.66 -4.99
N THR H 241 -41.98 68.09 -3.96
CA THR H 241 -42.88 68.81 -3.07
C THR H 241 -42.58 68.37 -1.69
N PRO H 242 -43.06 69.11 -0.71
CA PRO H 242 -42.89 68.65 0.67
C PRO H 242 -43.53 67.30 0.99
N GLN H 243 -44.70 66.99 0.45
CA GLN H 243 -45.36 65.72 0.70
C GLN H 243 -44.53 64.52 0.27
N ASP H 244 -43.49 64.75 -0.50
CA ASP H 244 -42.57 63.70 -0.89
C ASP H 244 -41.64 63.31 0.26
N ASN H 245 -41.59 64.08 1.32
CA ASN H 245 -40.99 63.59 2.54
C ASN H 245 -41.63 62.32 2.97
N ASN H 246 -42.91 62.18 2.60
CA ASN H 246 -43.70 61.06 3.10
C ASN H 246 -43.57 59.80 2.26
N GLY H 247 -42.92 59.91 1.11
CA GLY H 247 -42.60 58.78 0.27
C GLY H 247 -42.77 59.13 -1.19
N VAL H 248 -41.74 58.89 -2.00
CA VAL H 248 -41.78 59.30 -3.40
C VAL H 248 -42.47 58.20 -4.19
N LEU H 249 -43.75 58.41 -4.47
CA LEU H 249 -44.49 57.56 -5.38
C LEU H 249 -44.34 58.07 -6.81
N GLY H 250 -44.28 57.13 -7.76
CA GLY H 250 -44.04 57.47 -9.14
C GLY H 250 -45.17 57.01 -10.05
N ASP H 251 -45.10 57.46 -11.31
CA ASP H 251 -46.11 57.10 -12.31
C ASP H 251 -45.64 56.06 -13.31
N VAL H 252 -44.32 55.87 -13.47
CA VAL H 252 -43.78 54.83 -14.33
C VAL H 252 -43.14 53.76 -13.45
N VAL H 253 -43.21 52.50 -13.87
CA VAL H 253 -42.64 51.42 -13.07
C VAL H 253 -41.66 50.61 -13.91
N MET H 254 -40.45 50.46 -13.38
CA MET H 254 -39.39 49.74 -14.06
C MET H 254 -39.06 48.43 -13.39
N VAL H 255 -38.70 47.42 -14.16
CA VAL H 255 -38.25 46.19 -13.58
C VAL H 255 -36.88 45.97 -14.10
N ASN H 256 -35.92 45.70 -13.22
CA ASN H 256 -34.54 45.50 -13.59
C ASN H 256 -34.07 46.71 -14.35
N SER H 257 -34.46 47.88 -13.88
CA SER H 257 -34.11 49.14 -14.52
C SER H 257 -34.57 49.24 -15.98
N THR H 258 -35.72 48.65 -16.31
CA THR H 258 -36.27 48.74 -17.65
C THR H 258 -37.73 49.13 -17.59
N VAL H 259 -38.15 50.13 -18.37
CA VAL H 259 -39.51 50.63 -18.28
C VAL H 259 -40.54 49.76 -18.95
N HIS H 260 -41.55 49.34 -18.18
CA HIS H 260 -42.64 48.54 -18.70
C HIS H 260 -42.16 47.46 -19.57
N PRO H 261 -41.30 46.60 -19.05
CA PRO H 261 -40.69 45.65 -19.95
C PRO H 261 -41.43 44.40 -20.34
N TYR H 262 -40.88 43.67 -21.30
CA TYR H 262 -41.47 42.39 -21.69
C TYR H 262 -40.49 41.25 -21.51
N LYS H 263 -40.99 40.05 -21.33
CA LYS H 263 -40.10 38.88 -21.26
C LYS H 263 -40.66 37.78 -22.13
N ASN H 264 -39.88 37.31 -23.09
CA ASN H 264 -40.32 36.22 -23.92
C ASN H 264 -40.19 34.96 -23.14
N VAL H 265 -41.26 34.18 -23.06
CA VAL H 265 -41.25 32.97 -22.22
C VAL H 265 -41.80 31.73 -22.86
N LYS H 266 -41.37 30.57 -22.38
CA LYS H 266 -41.91 29.31 -22.86
C LYS H 266 -43.16 28.93 -22.07
N ASN H 267 -43.97 27.99 -22.54
CA ASN H 267 -45.22 27.72 -21.85
C ASN H 267 -45.09 26.78 -20.67
N THR H 268 -44.40 27.24 -19.64
CA THR H 268 -44.11 26.37 -18.54
C THR H 268 -43.87 27.13 -17.26
N LYS H 269 -43.58 26.41 -16.20
CA LYS H 269 -43.26 27.04 -14.93
C LYS H 269 -42.03 27.91 -14.91
N TYR H 270 -42.12 29.04 -14.23
CA TYR H 270 -41.00 29.93 -14.09
C TYR H 270 -40.90 30.35 -12.64
N ARG H 271 -39.70 30.39 -12.09
CA ARG H 271 -39.50 30.86 -10.74
C ARG H 271 -39.10 32.31 -10.79
N LEU H 272 -39.81 33.14 -10.08
CA LEU H 272 -39.55 34.57 -10.06
C LEU H 272 -39.04 34.99 -8.69
N ARG H 273 -38.04 35.86 -8.67
CA ARG H 273 -37.43 36.35 -7.44
C ARG H 273 -37.65 37.87 -7.42
N ILE H 274 -38.64 38.30 -6.64
CA ILE H 274 -39.18 39.65 -6.71
C ILE H 274 -38.64 40.43 -5.52
N LEU H 275 -38.08 41.59 -5.80
CA LEU H 275 -37.74 42.56 -4.79
C LEU H 275 -38.48 43.85 -5.09
N ASN H 276 -38.97 44.52 -4.06
CA ASN H 276 -39.55 45.84 -4.20
C ASN H 276 -38.43 46.77 -3.78
N GLY H 277 -37.84 47.46 -4.73
CA GLY H 277 -36.74 48.33 -4.46
C GLY H 277 -37.15 49.74 -4.60
N SER H 278 -38.44 49.97 -4.52
CA SER H 278 -38.99 51.28 -4.64
C SER H 278 -38.72 52.16 -3.43
N SER H 279 -38.98 53.45 -3.56
CA SER H 279 -38.87 54.32 -2.39
C SER H 279 -39.94 54.11 -1.30
N ALA H 280 -41.20 53.97 -1.71
CA ALA H 280 -42.28 53.82 -0.75
C ALA H 280 -43.44 52.94 -1.11
N ARG H 281 -43.73 52.81 -2.38
CA ARG H 281 -44.90 52.11 -2.77
C ARG H 281 -45.00 50.67 -2.38
N THR H 282 -46.18 50.26 -1.95
CA THR H 282 -46.39 48.89 -1.57
C THR H 282 -47.26 48.34 -2.64
N TYR H 283 -46.93 47.17 -3.15
CA TYR H 283 -47.63 46.64 -4.27
C TYR H 283 -48.47 45.45 -3.97
N LYS H 284 -49.59 45.33 -4.66
CA LYS H 284 -50.46 44.20 -4.52
C LYS H 284 -50.42 43.51 -5.86
N LEU H 285 -49.43 42.67 -6.07
CA LEU H 285 -49.22 42.03 -7.35
C LEU H 285 -50.06 40.86 -7.78
N ALA H 286 -50.50 40.89 -9.03
CA ALA H 286 -51.25 39.79 -9.59
C ALA H 286 -50.94 39.69 -11.05
N PHE H 287 -51.16 38.53 -11.61
CA PHE H 287 -50.91 38.32 -13.02
C PHE H 287 -52.18 38.05 -13.75
N GLU H 288 -52.54 38.85 -14.73
CA GLU H 288 -53.70 38.53 -15.53
C GLU H 288 -53.33 37.51 -16.54
N GLY H 289 -54.17 36.53 -16.75
CA GLY H 289 -53.86 35.45 -17.64
C GLY H 289 -53.70 34.17 -16.88
N ILE H 290 -53.42 34.24 -15.60
CA ILE H 290 -53.39 33.03 -14.81
C ILE H 290 -54.21 33.29 -13.57
N GLU H 291 -55.03 32.34 -13.19
CA GLU H 291 -55.75 32.50 -11.95
C GLU H 291 -54.90 32.46 -10.69
N ASP H 292 -53.92 31.58 -10.64
CA ASP H 292 -53.14 31.42 -9.42
C ASP H 292 -51.63 31.36 -9.55
N PHE H 293 -50.93 31.67 -8.48
CA PHE H 293 -49.47 31.55 -8.45
C PHE H 293 -49.01 31.09 -7.08
N MET H 294 -47.81 30.56 -6.98
CA MET H 294 -47.37 29.99 -5.72
C MET H 294 -46.29 30.68 -4.93
N LEU H 295 -46.59 31.11 -3.71
CA LEU H 295 -45.59 31.69 -2.83
C LEU H 295 -44.77 30.56 -2.21
N ILE H 296 -43.46 30.55 -2.49
CA ILE H 296 -42.57 29.55 -1.92
C ILE H 296 -41.45 30.15 -1.08
N GLY H 297 -41.18 31.45 -1.21
CA GLY H 297 -40.17 32.08 -0.36
C GLY H 297 -40.49 33.51 0.02
N THR H 298 -39.90 33.93 1.14
CA THR H 298 -39.94 35.28 1.65
C THR H 298 -38.51 35.79 1.86
N ASP H 299 -38.39 36.94 2.54
CA ASP H 299 -37.11 37.54 2.84
C ASP H 299 -36.07 36.51 3.28
N GLY H 300 -36.43 35.64 4.22
CA GLY H 300 -35.50 34.72 4.84
C GLY H 300 -35.30 33.39 4.13
N GLY H 301 -35.87 33.20 2.95
CA GLY H 301 -35.71 31.96 2.23
C GLY H 301 -37.04 31.26 1.99
N LEU H 302 -36.98 29.93 1.95
CA LEU H 302 -38.11 29.11 1.55
C LEU H 302 -39.12 28.96 2.69
N LEU H 303 -40.40 28.90 2.30
CA LEU H 303 -41.43 28.51 3.25
C LEU H 303 -41.38 27.00 3.48
N GLU H 304 -42.13 26.53 4.47
CA GLU H 304 -42.19 25.09 4.68
C GLU H 304 -42.85 24.40 3.49
N GLU H 305 -43.90 25.01 2.96
CA GLU H 305 -44.73 24.46 1.89
C GLU H 305 -45.19 25.61 1.03
N PRO H 306 -45.51 25.38 -0.23
CA PRO H 306 -46.09 26.46 -1.04
C PRO H 306 -47.40 26.93 -0.46
N ILE H 307 -47.73 28.20 -0.72
CA ILE H 307 -49.05 28.73 -0.45
C ILE H 307 -49.61 29.27 -1.76
N ILE H 308 -50.78 28.81 -2.13
CA ILE H 308 -51.37 29.20 -3.40
C ILE H 308 -52.04 30.55 -3.20
N VAL H 309 -51.88 31.48 -4.14
CA VAL H 309 -52.48 32.80 -3.98
C VAL H 309 -52.92 33.35 -5.35
N LYS H 310 -53.80 34.36 -5.28
CA LYS H 310 -54.29 35.11 -6.44
C LYS H 310 -53.76 36.53 -6.51
N ASP H 311 -53.40 37.13 -5.38
CA ASP H 311 -52.64 38.38 -5.33
C ASP H 311 -51.67 38.25 -4.17
N ILE H 312 -50.80 39.25 -3.99
CA ILE H 312 -49.83 39.17 -2.91
C ILE H 312 -49.29 40.57 -2.62
N LEU H 313 -49.03 40.83 -1.35
CA LEU H 313 -48.54 42.13 -0.89
C LEU H 313 -47.02 42.10 -0.74
N ILE H 314 -46.37 43.15 -1.25
CA ILE H 314 -44.92 43.28 -1.13
C ILE H 314 -44.58 44.76 -0.88
N ALA H 315 -43.98 45.04 0.27
CA ALA H 315 -43.62 46.41 0.66
C ALA H 315 -42.14 46.63 0.47
N VAL H 316 -41.74 47.91 0.46
CA VAL H 316 -40.36 48.25 0.12
C VAL H 316 -39.40 47.46 0.99
N ALA H 317 -38.40 46.87 0.34
CA ALA H 317 -37.29 46.06 0.86
C ALA H 317 -37.72 44.63 1.18
N GLU H 318 -38.94 44.25 0.88
CA GLU H 318 -39.35 42.87 1.08
C GLU H 318 -39.11 42.12 -0.18
N ARG H 319 -38.83 40.84 -0.03
CA ARG H 319 -38.61 40.01 -1.18
C ARG H 319 -39.49 38.78 -1.19
N ILE H 320 -40.03 38.42 -2.35
CA ILE H 320 -40.83 37.19 -2.48
C ILE H 320 -40.26 36.22 -3.52
N ASP H 321 -40.58 34.94 -3.42
CA ASP H 321 -40.05 33.89 -4.28
C ASP H 321 -41.27 33.10 -4.74
N ILE H 322 -41.70 33.32 -5.99
CA ILE H 322 -42.96 32.76 -6.47
C ILE H 322 -42.74 31.86 -7.69
N ILE H 323 -43.76 31.06 -8.00
CA ILE H 323 -43.77 30.15 -9.14
C ILE H 323 -44.99 30.45 -9.99
N VAL H 324 -44.79 30.90 -11.22
CA VAL H 324 -45.88 31.09 -12.17
C VAL H 324 -45.84 29.96 -13.20
N ASP H 325 -47.03 29.56 -13.66
CA ASP H 325 -47.18 28.44 -14.58
C ASP H 325 -47.86 28.92 -15.84
N PHE H 326 -47.18 28.80 -16.98
CA PHE H 326 -47.72 29.22 -18.26
C PHE H 326 -48.16 28.04 -19.11
N LYS H 327 -48.26 26.84 -18.53
CA LYS H 327 -48.57 25.63 -19.29
C LYS H 327 -49.87 25.74 -20.10
N ASP H 328 -50.78 26.64 -19.73
CA ASP H 328 -52.10 26.71 -20.35
C ASP H 328 -52.25 27.92 -21.26
N LYS H 329 -51.20 28.73 -21.41
CA LYS H 329 -51.22 29.85 -22.33
C LYS H 329 -50.56 29.43 -23.62
N LYS H 330 -51.04 29.99 -24.73
CA LYS H 330 -50.66 29.48 -26.03
C LYS H 330 -49.88 30.56 -26.76
N VAL H 331 -49.09 30.14 -27.76
CA VAL H 331 -48.21 31.09 -28.43
C VAL H 331 -49.01 32.29 -28.95
N GLY H 332 -48.51 33.50 -28.66
CA GLY H 332 -49.22 34.74 -28.92
C GLY H 332 -49.93 35.32 -27.72
N GLU H 333 -50.28 34.50 -26.74
CA GLU H 333 -51.05 34.98 -25.61
C GLU H 333 -50.15 35.69 -24.60
N SER H 334 -50.79 36.50 -23.76
CA SER H 334 -50.13 37.34 -22.76
C SER H 334 -50.31 36.75 -21.37
N VAL H 335 -49.37 37.08 -20.48
CA VAL H 335 -49.66 37.16 -19.05
C VAL H 335 -49.12 38.50 -18.56
N THR H 336 -49.94 39.26 -17.87
CA THR H 336 -49.57 40.62 -17.54
C THR H 336 -49.52 40.80 -16.02
N LEU H 337 -48.32 41.09 -15.52
CA LEU H 337 -48.10 41.35 -14.10
C LEU H 337 -48.38 42.81 -13.79
N LYS H 338 -49.07 43.03 -12.67
CA LYS H 338 -49.52 44.38 -12.35
C LYS H 338 -49.89 44.45 -10.87
N THR H 339 -50.03 45.68 -10.36
CA THR H 339 -50.47 45.92 -8.98
C THR H 339 -51.94 46.32 -8.96
N LEU H 340 -52.71 45.70 -8.10
CA LEU H 340 -54.13 45.95 -8.05
C LEU H 340 -54.45 47.09 -7.11
N GLY H 341 -53.45 47.58 -6.41
CA GLY H 341 -53.63 48.70 -5.51
C GLY H 341 -53.87 48.38 -4.06
N PHE H 342 -53.39 49.24 -3.18
CA PHE H 342 -53.54 49.04 -1.75
C PHE H 342 -53.72 50.35 -1.05
N LYS H 343 -54.92 50.91 -1.07
CA LYS H 343 -55.20 52.23 -0.48
C LYS H 343 -54.98 52.32 1.01
N GLU H 344 -55.26 51.27 1.75
CA GLU H 344 -55.18 51.28 3.20
C GLU H 344 -53.80 51.59 3.72
N ALA H 345 -52.80 51.40 2.89
CA ALA H 345 -51.45 51.71 3.26
C ALA H 345 -51.20 53.15 3.58
N ASN H 346 -51.84 54.06 2.85
CA ASN H 346 -51.68 55.48 3.12
C ASN H 346 -52.96 56.23 3.46
N ASN H 347 -52.99 56.89 4.60
CA ASN H 347 -54.12 57.70 4.95
C ASN H 347 -53.74 59.17 4.95
N PHE H 348 -52.47 59.47 4.68
CA PHE H 348 -52.01 60.85 4.57
C PHE H 348 -52.28 61.21 3.13
N VAL H 349 -51.74 62.32 2.68
CA VAL H 349 -51.92 62.63 1.26
C VAL H 349 -50.60 62.65 0.53
N THR H 350 -50.58 62.04 -0.66
CA THR H 350 -49.37 62.01 -1.46
C THR H 350 -49.28 63.15 -2.45
N ASN H 351 -48.39 63.01 -3.43
CA ASN H 351 -48.15 64.09 -4.36
C ASN H 351 -49.37 64.06 -5.26
N PRO H 352 -50.11 65.15 -5.45
CA PRO H 352 -51.29 65.05 -6.32
C PRO H 352 -50.93 64.73 -7.75
N ALA H 353 -49.65 64.87 -8.14
CA ALA H 353 -49.26 64.76 -9.55
C ALA H 353 -49.02 63.32 -9.99
N TYR H 354 -48.86 62.40 -9.05
CA TYR H 354 -48.58 61.01 -9.36
C TYR H 354 -49.54 60.11 -8.59
N PRO H 355 -49.83 58.91 -9.10
CA PRO H 355 -50.84 58.04 -8.49
C PRO H 355 -50.58 57.74 -7.02
N ASP H 356 -51.64 57.37 -6.30
CA ASP H 356 -51.52 57.05 -4.87
C ASP H 356 -51.57 55.54 -4.66
N SER H 357 -51.49 55.14 -3.38
CA SER H 357 -51.39 53.73 -3.01
C SER H 357 -52.54 52.89 -3.55
N GLY H 358 -53.63 53.51 -3.98
CA GLY H 358 -54.75 52.77 -4.53
C GLY H 358 -54.73 52.62 -6.03
N ALA H 359 -53.69 53.16 -6.68
CA ALA H 359 -53.61 53.11 -8.13
C ALA H 359 -53.39 51.69 -8.64
N LYS H 360 -54.19 51.34 -9.63
CA LYS H 360 -53.98 50.12 -10.39
C LYS H 360 -52.94 50.46 -11.47
N MET H 361 -51.91 49.61 -11.65
CA MET H 361 -50.85 49.95 -12.59
C MET H 361 -50.30 48.67 -13.20
N ASP H 362 -50.00 48.69 -14.50
CA ASP H 362 -49.30 47.58 -15.13
C ASP H 362 -47.82 47.58 -14.77
N ILE H 363 -47.27 46.39 -14.49
CA ILE H 363 -45.84 46.19 -14.23
C ILE H 363 -45.10 45.70 -15.47
N MET H 364 -45.49 44.54 -16.00
CA MET H 364 -44.82 44.01 -17.18
C MET H 364 -45.72 42.97 -17.85
N ARG H 365 -45.19 42.43 -18.94
CA ARG H 365 -45.91 41.39 -19.66
C ARG H 365 -45.00 40.23 -20.01
N PHE H 366 -45.48 39.01 -19.80
CA PHE H 366 -44.73 37.84 -20.17
C PHE H 366 -45.37 37.34 -21.44
N LYS H 367 -44.58 37.19 -22.50
CA LYS H 367 -45.14 36.80 -23.80
C LYS H 367 -44.80 35.40 -24.19
N VAL H 368 -45.81 34.55 -24.29
CA VAL H 368 -45.57 33.15 -24.67
C VAL H 368 -45.14 33.15 -26.12
N THR H 369 -43.88 32.79 -26.41
CA THR H 369 -43.41 32.76 -27.79
C THR H 369 -42.96 31.40 -28.26
N GLU H 370 -43.02 30.37 -27.42
CA GLU H 370 -42.53 29.06 -27.79
C GLU H 370 -43.24 28.06 -26.91
N LEU H 371 -43.27 26.81 -27.35
CA LEU H 371 -43.81 25.78 -26.49
C LEU H 371 -42.64 24.93 -26.00
N SER H 372 -42.82 24.28 -24.84
CA SER H 372 -41.73 23.55 -24.22
C SER H 372 -42.21 22.20 -23.72
N THR H 373 -41.36 21.20 -23.91
CA THR H 373 -41.50 19.89 -23.30
C THR H 373 -41.25 19.92 -21.80
N GLN H 374 -40.99 21.10 -21.22
CA GLN H 374 -40.47 21.20 -19.88
C GLN H 374 -41.53 20.84 -18.84
N ASN H 375 -41.20 19.90 -17.97
CA ASN H 375 -42.05 19.50 -16.86
C ASN H 375 -41.14 19.24 -15.66
N SER H 376 -41.23 20.09 -14.64
CA SER H 376 -40.65 19.81 -13.34
C SER H 376 -41.66 20.26 -12.30
N GLN H 377 -41.95 19.38 -11.34
CA GLN H 377 -42.93 19.67 -10.30
C GLN H 377 -42.31 20.45 -9.14
N ILE H 378 -43.14 21.24 -8.47
CA ILE H 378 -42.75 21.92 -7.24
C ILE H 378 -43.12 21.04 -6.05
N PRO H 379 -42.17 20.66 -5.20
CA PRO H 379 -42.45 19.69 -4.12
C PRO H 379 -43.45 20.21 -3.10
N LYS H 380 -43.96 19.28 -2.29
CA LYS H 380 -44.84 19.63 -1.17
C LYS H 380 -44.03 20.30 -0.07
N LYS H 381 -43.12 19.55 0.54
CA LYS H 381 -42.24 20.13 1.56
C LYS H 381 -41.07 20.83 0.88
N LEU H 382 -40.78 22.06 1.32
CA LEU H 382 -39.63 22.81 0.82
C LEU H 382 -38.50 22.89 1.84
N SER H 383 -38.82 23.09 3.11
CA SER H 383 -37.82 23.23 4.17
C SER H 383 -38.50 23.10 5.51
N THR H 384 -37.68 23.04 6.57
CA THR H 384 -38.18 22.98 7.93
C THR H 384 -37.90 24.28 8.66
N ILE H 385 -38.96 24.89 9.20
CA ILE H 385 -38.87 26.12 9.98
C ILE H 385 -39.45 25.82 11.37
N ALA H 386 -38.59 25.60 12.35
CA ALA H 386 -39.06 25.52 13.73
C ALA H 386 -39.59 26.88 14.15
N LYS H 387 -40.87 26.95 14.57
CA LYS H 387 -41.34 28.23 15.07
C LYS H 387 -40.70 28.52 16.40
N MET H 388 -40.33 29.77 16.60
CA MET H 388 -40.11 30.16 17.95
C MET H 388 -41.44 30.43 18.62
N LYS H 389 -41.47 30.09 19.88
CA LYS H 389 -42.65 30.14 20.69
C LYS H 389 -42.51 31.30 21.67
N ALA H 390 -43.65 31.94 22.00
CA ALA H 390 -43.57 33.14 22.83
C ALA H 390 -42.85 32.89 24.14
N SER H 391 -43.01 31.70 24.73
CA SER H 391 -42.32 31.31 25.95
C SER H 391 -40.80 31.15 25.78
N ASP H 392 -40.30 31.07 24.55
CA ASP H 392 -38.85 30.99 24.33
C ASP H 392 -38.19 32.34 24.61
N ALA H 393 -38.93 33.42 24.43
CA ALA H 393 -38.39 34.74 24.69
C ALA H 393 -38.20 34.96 26.18
N SER H 394 -37.20 35.77 26.52
CA SER H 394 -36.97 36.16 27.90
C SER H 394 -37.31 37.62 28.17
N LYS H 395 -37.62 38.41 27.14
CA LYS H 395 -37.97 39.81 27.34
C LYS H 395 -38.89 40.28 26.21
N SER H 396 -39.83 41.16 26.54
CA SER H 396 -40.58 41.91 25.56
C SER H 396 -40.17 43.38 25.60
N ARG H 397 -40.29 44.04 24.45
CA ARG H 397 -40.09 45.48 24.39
C ARG H 397 -40.91 46.03 23.23
N THR H 398 -41.02 47.36 23.20
CA THR H 398 -42.01 48.04 22.40
C THR H 398 -41.32 49.11 21.55
N ILE H 399 -41.60 49.09 20.26
CA ILE H 399 -41.15 50.12 19.34
C ILE H 399 -42.42 50.77 18.79
N THR H 400 -42.64 52.04 19.09
CA THR H 400 -43.72 52.78 18.47
C THR H 400 -43.16 53.55 17.29
N MET H 401 -43.91 53.60 16.20
CA MET H 401 -43.54 54.34 15.00
C MET H 401 -44.50 55.51 14.85
N GLU H 402 -43.95 56.73 14.72
CA GLU H 402 -44.76 57.94 14.71
C GLU H 402 -44.16 58.94 13.74
N ILE H 403 -44.86 60.05 13.60
CA ILE H 403 -44.31 61.30 13.06
C ILE H 403 -44.46 62.37 14.14
N ILE H 404 -43.40 63.15 14.37
CA ILE H 404 -43.48 64.26 15.30
C ILE H 404 -43.37 65.55 14.50
N GLU H 405 -43.42 66.70 15.19
CA GLU H 405 -43.43 67.95 14.45
C GLU H 405 -42.03 68.32 13.95
N GLY H 406 -42.02 69.21 12.96
CA GLY H 406 -40.99 69.26 11.94
C GLY H 406 -41.29 68.37 10.76
N GLY H 407 -42.30 67.51 10.89
CA GLY H 407 -42.54 66.43 9.95
C GLY H 407 -41.47 65.35 10.02
N VAL H 408 -41.06 64.96 11.22
CA VAL H 408 -39.91 64.06 11.40
C VAL H 408 -40.43 62.69 11.80
N TRP H 409 -40.23 61.71 10.93
CA TRP H 409 -40.61 60.33 11.22
C TRP H 409 -39.68 59.73 12.26
N THR H 410 -40.24 59.11 13.29
CA THR H 410 -39.45 58.64 14.41
C THR H 410 -39.91 57.25 14.82
N LEU H 411 -39.04 56.59 15.60
CA LEU H 411 -39.38 55.41 16.38
C LEU H 411 -39.17 55.75 17.85
N ASN H 412 -40.17 55.46 18.67
CA ASN H 412 -40.16 55.83 20.09
C ASN H 412 -39.95 57.34 20.27
N LYS H 413 -40.45 58.13 19.31
CA LYS H 413 -40.43 59.59 19.32
C LYS H 413 -39.01 60.15 19.39
N LYS H 414 -38.01 59.30 19.17
CA LYS H 414 -36.62 59.70 19.07
C LYS H 414 -36.23 59.76 17.60
N PRO H 415 -35.85 60.91 17.05
CA PRO H 415 -35.15 60.90 15.76
C PRO H 415 -33.86 60.09 15.86
N TYR H 416 -33.27 59.80 14.70
CA TYR H 416 -32.07 58.98 14.65
C TYR H 416 -30.83 59.81 15.03
N ASP H 417 -30.25 59.52 16.19
CA ASP H 417 -28.88 59.92 16.49
C ASP H 417 -27.98 58.72 16.21
N MET H 418 -27.01 58.91 15.33
CA MET H 418 -26.31 57.83 14.65
C MET H 418 -25.50 56.98 15.61
N HIS H 419 -25.41 57.39 16.87
CA HIS H 419 -24.33 56.90 17.72
C HIS H 419 -24.78 56.60 19.14
N ARG H 420 -26.04 56.90 19.46
CA ARG H 420 -26.59 56.59 20.76
C ARG H 420 -27.41 55.30 20.69
N VAL H 421 -27.28 54.49 21.74
CA VAL H 421 -27.89 53.17 21.81
C VAL H 421 -29.32 53.29 22.31
N ASP H 422 -30.29 52.97 21.47
CA ASP H 422 -31.68 52.94 21.90
C ASP H 422 -32.04 51.63 22.59
N GLU H 423 -31.46 50.49 22.20
CA GLU H 423 -31.80 49.24 22.89
C GLU H 423 -30.56 48.40 23.16
N LYS H 424 -30.33 48.02 24.42
CA LYS H 424 -29.29 47.04 24.72
C LYS H 424 -29.93 45.66 24.79
N VAL H 425 -29.31 44.70 24.09
CA VAL H 425 -29.88 43.37 23.91
C VAL H 425 -28.82 42.32 24.17
N LYS H 426 -29.22 41.27 24.87
CA LYS H 426 -28.34 40.20 25.30
C LYS H 426 -28.02 39.27 24.13
N LEU H 427 -26.73 39.07 23.87
CA LEU H 427 -26.34 38.12 22.84
C LEU H 427 -26.85 36.74 23.20
N GLY H 428 -27.42 36.04 22.21
CA GLY H 428 -27.93 34.70 22.39
C GLY H 428 -29.39 34.62 22.77
N SER H 429 -29.97 35.72 23.24
CA SER H 429 -31.32 35.68 23.79
C SER H 429 -32.36 35.86 22.70
N THR H 430 -33.57 35.39 23.00
CA THR H 430 -34.74 35.54 22.14
C THR H 430 -35.67 36.58 22.78
N GLU H 431 -36.18 37.52 21.98
CA GLU H 431 -36.97 38.63 22.49
C GLU H 431 -38.20 38.85 21.62
N ILE H 432 -39.26 39.36 22.23
CA ILE H 432 -40.44 39.78 21.48
C ILE H 432 -40.39 41.29 21.33
N TRP H 433 -40.41 41.74 20.09
CA TRP H 433 -40.53 43.15 19.77
C TRP H 433 -41.95 43.40 19.27
N GLU H 434 -42.66 44.32 19.93
CA GLU H 434 -43.98 44.75 19.50
C GLU H 434 -43.87 46.11 18.80
N ILE H 435 -44.19 46.12 17.52
CA ILE H 435 -44.14 47.31 16.69
C ILE H 435 -45.55 47.89 16.63
N LYS H 436 -45.68 49.11 17.12
CA LYS H 436 -46.96 49.79 17.14
C LYS H 436 -46.98 50.97 16.21
N ASN H 437 -48.02 51.10 15.42
CA ASN H 437 -48.05 52.14 14.41
C ASN H 437 -49.14 53.14 14.56
N SER H 438 -48.92 54.34 14.06
CA SER H 438 -49.89 55.39 14.06
C SER H 438 -50.82 55.21 12.91
N ALA H 439 -51.74 56.13 12.75
CA ALA H 439 -52.72 56.01 11.70
C ALA H 439 -52.31 56.56 10.37
N HIS H 440 -51.19 57.24 10.34
CA HIS H 440 -50.80 57.87 9.12
C HIS H 440 -50.47 57.00 7.97
N MET H 441 -49.68 55.95 8.20
CA MET H 441 -49.20 55.15 7.09
C MET H 441 -48.57 53.83 7.46
N ALA H 442 -48.75 52.81 6.63
CA ALA H 442 -48.09 51.54 6.84
C ALA H 442 -46.58 51.70 6.65
N HIS H 443 -45.82 50.93 7.43
CA HIS H 443 -44.37 51.03 7.41
C HIS H 443 -43.76 49.64 7.25
N PRO H 444 -42.75 49.48 6.39
CA PRO H 444 -41.97 48.24 6.45
C PRO H 444 -40.86 48.37 7.48
N PHE H 445 -40.96 47.62 8.57
CA PHE H 445 -39.99 47.63 9.65
C PHE H 445 -38.90 46.60 9.36
N HIS H 446 -37.64 47.01 9.48
CA HIS H 446 -36.52 46.15 9.10
C HIS H 446 -35.42 46.25 10.15
N MET H 447 -34.82 45.11 10.48
CA MET H 447 -33.76 45.04 11.47
C MET H 447 -32.51 44.46 10.83
N HIS H 448 -31.37 45.07 11.10
CA HIS H 448 -30.10 44.47 10.73
C HIS H 448 -29.70 43.42 11.76
N GLY H 449 -28.74 42.58 11.38
CA GLY H 449 -28.15 41.63 12.32
C GLY H 449 -28.95 40.38 12.61
N VAL H 450 -30.19 40.27 12.12
CA VAL H 450 -31.12 39.25 12.59
C VAL H 450 -32.08 38.85 11.47
N HIS H 451 -32.68 37.68 11.61
CA HIS H 451 -33.97 37.38 11.01
C HIS H 451 -34.97 37.14 12.12
N PHE H 452 -36.25 37.32 11.82
CA PHE H 452 -37.28 37.15 12.84
C PHE H 452 -38.48 36.42 12.24
N GLN H 453 -39.38 35.98 13.11
CA GLN H 453 -40.66 35.42 12.71
C GLN H 453 -41.78 36.28 13.28
N VAL H 454 -42.92 36.26 12.60
CA VAL H 454 -44.07 37.06 13.02
C VAL H 454 -44.93 36.19 13.94
N LEU H 455 -45.02 36.58 15.22
CA LEU H 455 -45.96 35.95 16.16
C LEU H 455 -47.40 36.33 15.85
N GLU H 456 -47.70 37.64 15.78
CA GLU H 456 -49.07 37.98 15.39
C GLU H 456 -49.16 39.39 14.84
N ARG H 457 -50.32 39.65 14.21
CA ARG H 457 -50.81 40.98 13.83
C ARG H 457 -52.13 41.26 14.52
N THR H 458 -52.42 42.56 14.75
CA THR H 458 -53.76 42.97 15.19
C THR H 458 -54.67 43.41 14.05
N SER H 459 -54.12 43.74 12.89
CA SER H 459 -54.96 44.03 11.73
C SER H 459 -55.44 42.72 11.11
N SER H 460 -56.33 42.86 10.13
CA SER H 460 -57.05 41.72 9.60
C SER H 460 -56.62 41.35 8.18
N ILE H 461 -55.71 42.11 7.59
CA ILE H 461 -55.26 41.79 6.25
C ILE H 461 -54.52 40.45 6.28
N ASP H 462 -54.69 39.66 5.21
CA ASP H 462 -54.01 38.38 5.11
C ASP H 462 -52.61 38.58 4.57
N PHE H 463 -51.62 38.03 5.28
CA PHE H 463 -50.21 38.25 4.98
C PHE H 463 -49.50 36.90 4.92
N PRO H 464 -49.71 36.12 3.85
CA PRO H 464 -49.05 34.80 3.76
C PRO H 464 -47.54 34.85 3.94
N THR H 465 -46.88 35.96 3.59
CA THR H 465 -45.45 36.10 3.86
C THR H 465 -45.12 36.02 5.35
N ASP H 466 -46.13 36.13 6.24
CA ASP H 466 -45.90 35.95 7.67
C ASP H 466 -45.46 34.55 8.01
N LYS H 467 -45.78 33.57 7.17
CA LYS H 467 -45.49 32.18 7.53
C LYS H 467 -44.12 31.72 7.04
N GLY H 468 -43.15 32.65 6.97
CA GLY H 468 -41.77 32.32 6.69
C GLY H 468 -40.85 33.33 7.37
N TRP H 469 -39.55 33.04 7.31
CA TRP H 469 -38.56 33.93 7.91
C TRP H 469 -38.61 35.29 7.23
N LYS H 470 -38.51 36.34 8.02
CA LYS H 470 -38.56 37.70 7.51
C LYS H 470 -37.44 38.50 8.13
N ASP H 471 -37.04 39.56 7.44
CA ASP H 471 -36.23 40.62 8.04
C ASP H 471 -36.93 41.96 7.95
N THR H 472 -38.01 42.06 7.18
CA THR H 472 -38.77 43.27 7.01
C THR H 472 -40.25 42.88 7.00
N VAL H 473 -41.05 43.66 7.71
CA VAL H 473 -42.45 43.31 7.97
C VAL H 473 -43.30 44.58 7.88
N LEU H 474 -44.36 44.53 7.07
CA LEU H 474 -45.24 45.68 6.89
C LEU H 474 -46.23 45.79 8.05
N VAL H 475 -46.29 46.98 8.66
CA VAL H 475 -47.15 47.26 9.80
C VAL H 475 -48.17 48.30 9.34
N MET H 476 -49.44 47.89 9.27
CA MET H 476 -50.52 48.75 8.83
C MET H 476 -50.74 49.90 9.83
N PRO H 477 -51.42 50.96 9.40
CA PRO H 477 -51.80 52.02 10.36
C PRO H 477 -52.59 51.46 11.53
N LEU H 478 -52.25 51.93 12.73
CA LEU H 478 -52.90 51.54 13.98
C LEU H 478 -52.73 50.07 14.31
N GLU H 479 -51.85 49.36 13.62
CA GLU H 479 -51.65 47.95 13.85
C GLU H 479 -50.47 47.71 14.79
N SER H 480 -50.58 46.67 15.60
CA SER H 480 -49.45 46.10 16.33
C SER H 480 -49.06 44.79 15.65
N VAL H 481 -47.81 44.74 15.18
CA VAL H 481 -47.19 43.49 14.76
C VAL H 481 -46.20 43.12 15.86
N ARG H 482 -46.29 41.91 16.39
CA ARG H 482 -45.29 41.50 17.37
C ARG H 482 -44.56 40.28 16.84
N ILE H 483 -43.22 40.42 16.80
CA ILE H 483 -42.28 39.50 16.15
C ILE H 483 -41.31 38.98 17.20
N ILE H 484 -40.91 37.72 17.07
CA ILE H 484 -39.95 37.12 18.00
C ILE H 484 -38.64 36.93 17.25
N VAL H 485 -37.53 37.28 17.89
CA VAL H 485 -36.25 37.45 17.21
C VAL H 485 -35.12 37.03 18.14
N LYS H 486 -34.23 36.18 17.64
CA LYS H 486 -33.04 35.74 18.36
C LYS H 486 -31.81 36.45 17.81
N PHE H 487 -31.04 37.07 18.70
CA PHE H 487 -29.90 37.92 18.34
C PHE H 487 -28.61 37.09 18.39
N THR H 488 -28.17 36.59 17.23
CA THR H 488 -27.03 35.68 17.16
C THR H 488 -25.70 36.36 16.84
N ILE H 489 -25.70 37.64 16.49
CA ILE H 489 -24.45 38.33 16.19
C ILE H 489 -24.31 39.51 17.13
N PRO H 490 -23.12 39.75 17.68
CA PRO H 490 -22.91 40.93 18.53
C PRO H 490 -22.59 42.18 17.73
N GLY H 491 -22.87 43.32 18.35
CA GLY H 491 -22.43 44.61 17.87
C GLY H 491 -23.58 45.59 17.73
N LEU H 492 -23.25 46.74 17.12
CA LEU H 492 -24.19 47.83 16.88
C LEU H 492 -24.86 47.64 15.53
N PHE H 493 -26.15 47.36 15.54
CA PHE H 493 -26.95 47.37 14.33
C PHE H 493 -28.03 48.43 14.45
N VAL H 494 -28.80 48.56 13.38
CA VAL H 494 -29.85 49.56 13.28
C VAL H 494 -31.14 48.90 12.81
N HIS H 495 -32.27 49.38 13.35
CA HIS H 495 -33.60 49.04 12.86
C HIS H 495 -34.30 50.30 12.36
N HIS H 496 -35.15 50.15 11.35
CA HIS H 496 -35.75 51.33 10.75
C HIS H 496 -36.97 50.98 9.91
N CYS H 497 -37.81 51.99 9.71
CA CYS H 497 -38.72 51.91 8.58
C CYS H 497 -37.89 51.87 7.31
N HIS H 498 -38.35 51.14 6.30
CA HIS H 498 -37.52 51.05 5.13
C HIS H 498 -38.15 51.80 3.96
N ILE H 499 -39.27 52.50 4.18
CA ILE H 499 -39.64 53.60 3.31
C ILE H 499 -38.51 54.61 3.35
N LEU H 500 -37.95 54.90 2.18
CA LEU H 500 -36.62 55.50 2.14
C LEU H 500 -36.64 56.95 2.63
N GLU H 501 -37.67 57.69 2.29
CA GLU H 501 -37.72 59.08 2.68
C GLU H 501 -37.88 59.19 4.19
N HIS H 502 -38.59 58.25 4.79
CA HIS H 502 -38.73 58.26 6.23
C HIS H 502 -37.48 58.00 6.97
N GLU H 503 -36.70 57.04 6.52
CA GLU H 503 -35.44 56.72 7.17
C GLU H 503 -34.51 57.87 7.01
N ASP H 504 -34.59 58.56 5.90
CA ASP H 504 -33.81 59.76 5.75
C ASP H 504 -34.23 60.81 6.75
N HIS H 505 -35.54 60.96 6.99
CA HIS H 505 -36.01 61.87 8.02
C HIS H 505 -36.10 61.24 9.35
N SER H 506 -35.06 60.53 9.74
CA SER H 506 -34.95 59.95 11.06
C SER H 506 -35.79 58.80 11.61
N MET H 507 -36.46 58.04 10.77
CA MET H 507 -37.18 56.87 11.28
C MET H 507 -36.22 55.75 11.33
N MET H 508 -35.29 55.82 12.26
CA MET H 508 -34.25 54.85 12.34
C MET H 508 -33.77 54.85 13.77
N ALA H 509 -33.27 53.73 14.27
CA ALA H 509 -32.81 53.63 15.62
C ALA H 509 -31.72 52.59 15.81
N ASN H 510 -31.02 52.59 16.92
CA ASN H 510 -29.85 51.74 17.12
C ASN H 510 -30.08 50.71 18.22
N PHE H 511 -29.74 49.45 17.94
CA PHE H 511 -29.66 48.45 19.00
C PHE H 511 -28.27 47.82 19.04
N LEU H 512 -27.90 47.33 20.22
CA LEU H 512 -26.56 46.83 20.47
C LEU H 512 -26.66 45.49 21.16
N VAL H 513 -26.08 44.46 20.53
CA VAL H 513 -26.10 43.09 21.02
C VAL H 513 -24.78 42.80 21.71
N GLU H 514 -24.83 42.40 22.99
CA GLU H 514 -23.61 42.20 23.76
C GLU H 514 -23.74 41.12 24.81
#